data_8IJN
#
_entry.id   8IJN
#
_cell.length_a   182.289
_cell.length_b   208.358
_cell.length_c   177.916
_cell.angle_alpha   90.00
_cell.angle_beta   90.00
_cell.angle_gamma   90.00
#
_symmetry.space_group_name_H-M   'P 21 21 21'
#
loop_
_entity.id
_entity.type
_entity.pdbx_description
1 polymer 'Cytochrome c oxidase subunit 1'
2 polymer 'Cytochrome c oxidase subunit 2'
3 polymer 'Cytochrome c oxidase subunit 3'
4 polymer 'Cytochrome c oxidase subunit 4 isoform 1, mitochondrial'
5 polymer 'Cytochrome c oxidase subunit 5A'
6 polymer 'Cytochrome c oxidase subunit 5B, mitochondrial'
7 polymer 'Cytochrome c oxidase subunit 6A2, mitochondrial'
8 polymer 'Cytochrome c oxidase subunit 6B1'
9 polymer 'Cytochrome c oxidase subunit 6C'
10 polymer 'Cytochrome c oxidase subunit 7A1'
11 polymer 'Cytochrome c oxidase subunit 7B, mitochondrial'
12 polymer 'Cytochrome c oxidase subunit 7C, mitochondrial'
13 polymer 'Cytochrome c oxidase subunit 8B, mitochondrial'
14 non-polymer HEME-A
15 non-polymer 'NITRIC OXIDE'
16 non-polymer 'COPPER (II) ION'
17 non-polymer 'MAGNESIUM ION'
18 non-polymer 'SODIUM ION'
19 non-polymer TRISTEAROYLGLYCEROL
20 non-polymer '(1R)-2-{[{[(2S)-2,3-DIHYDROXYPROPYL]OXY}(HYDROXY)PHOSPHORYL]OXY}-1-[(PALMITOYLOXY)METHYL]ETHYL (11E)-OCTADEC-11-ENOATE'
21 non-polymer 1,2-ETHANEDIOL
22 non-polymer 'DINUCLEAR COPPER ION'
23 non-polymer 'CHOLIC ACID'
24 non-polymer '(1S)-2-{[(2-AMINOETHOXY)(HYDROXY)PHOSPHORYL]OXY}-1-[(STEAROYLOXY)METHYL]ETHYL (5E,8E,11E,14E)-ICOSA-5,8,11,14-TETRAENOATE'
25 non-polymer CARDIOLIPIN
26 non-polymer DECYL-BETA-D-MALTOPYRANOSIDE
27 non-polymer '(7R,17E,20E)-4-HYDROXY-N,N,N-TRIMETHYL-9-OXO-7-[(PALMITOYLOXY)METHYL]-3,5,8-TRIOXA-4-PHOSPHAHEXACOSA-17,20-DIEN-1-AMINIUM 4-OXIDE'
28 non-polymer 'ZINC ION'
29 water water
#
loop_
_entity_poly.entity_id
_entity_poly.type
_entity_poly.pdbx_seq_one_letter_code
_entity_poly.pdbx_strand_id
1 'polypeptide(L)'
;(FME)FINRWLFSTNHKDIGTLYLLFGAWAGMVGTALSLLIRAELGQPGTLLGDDQIYNVVVTAHAFVMIFFMVMPIMIG
GFGNWLVPLMIGAPDMAFPRMNNMSFWLLPPSFLLLLASSMVEAGAGTGWTVYPPLAGNLAHAGASVDLTIFSLHLAGVS
SILGAINFITTIINMKPPAMSQYQTPLFVWSVMITAVLLLLSLPVLAAGITMLLTDRNLNTTFFDPAGGGDPILYQHLFW
FFGHPEVYILILPGFGMISHIVTYYSGKKEPFGYMGMVWAMMSIGFLGFIVWAHHMFTVGMDVDTRAYFTSATMIIAIPT
GVKVFSWLATLHGGNIKWSPAMMWALGFIFLFTVGGLTGIVLANSSLDIVLHDTYYVVAHFHYVLSMGAVFAIMGGFVHW
FPLFSGYTLNDTWAKIHFAIMFVGVNMTFFPQHFLGLSGMPRRYSDYPDAYTMWNTISSMGSFISLTAVMLMVFIIWEAF
ASKREVLTVDLTTTNLEWLNGCPPPYHTFEEPTYVNLK
;
A,N
2 'polypeptide(L)'
;(FME)AYPMQLGFQDATSPIMEELLHFHDHTLMIVFLISSLVLYIISLMLTTKLTHTSTMDAQEVETIWTILPAIILILI
ALPSLRILYMMDEINNPSLTVKTMGHQWYWSYEYTDYEDLSFDSYMIPTSELKPGELRLLEVDNRVVLPMEMTIRMLVSS
EDVLHSWAVPSLGLKTDAIPGRLNQTTLMSSRPGLYYGQCSEICGSNHSFMPIVLELVPLKYFEKWSASML
;
B,O
3 'polypeptide(L)'
;MTHQTHAYHMVNPSPWPLTGALSALLMTSGLTMWFHFNSMTLLMIGLTTNMLTMYQWWRDVIRESTFQGHHTPAVQKGLR
YGMILFIISEVLFFTGFFWAFYHSSLAPTPELGGCWPPTGIHPLNPLEVPLLNTSVLLASGVSITWAHHSLMEGDRKHML
QALFITITLGVYFTLLQASEYYEAPFTISDGVYGSTFFVATGFHGLHVIIGSTFLIVCFFRQLKFHFTSNHHFGFEAAAW
YWHFVDVVWLFLYVSIYWWGS
;
C,P
4 'polypeptide(L)'
;AHGSVVKSEDYALPSYVDRRDYPLPDVAHVKNLSASQKALKEKEKASWSSLSIDEKVELYRLKFKESFAEMNRSTNEWKT
VVGAAMFFIGFTALLLIWEKHYVYGPIPHTFEEEWVAKQTKRMLDMKVAPIQGFSAKWDYDKNEWKK
;
D,Q
5 'polypeptide(L)'
;SHGSHETDEEFDARWVTYFNKPDIDAWELRKGMNTLVGYDLVPEPKIIDAALRACRRLNDFASAVRILEVVKDKAGPHKE
IYPYVIQELRPTLNELGISTPEELGLDKV
;
E,R
6 'polypeptide(L)'
;ASGGGVPTDEEQATGLEREVMLAARKGQDPYNILAPKATSGTKEDPNLVPSITNKRIVGCICEEDNSTVIWFWLHKGEAQ
RCPSCGTHYKLVPHQLAH
;
F,S
7 'polypeptide(L)'
;ASAAKGDHGG(TPO)GARTWRFLTFGLALPSVALCTLNSWLHSGHRERPAFIPYHHLRIRTKPFSWGDGNHTFFHNPRVN
PLPTGYEKP
;
G,T
8 'polypeptide(L)'
;AEDIQAKIKNYQTAPFDSRFPNQNQTRNCWQNYLDFHRCEKAMTAKGGDVSVCEWYRRVYKSLCPISWVSTWDDRRAEGT
FPGKI
;
H,U
9 'polypeptide(L)' (SAC)TALAKPQMRGLLARRLRFHIVGAFMVSLGFATFYKFAVAEKRKKAYADFYRNYDSMKDFEEMRKAGIFQSAK I,V
10 'polypeptide(L)' FENRVAEKQKLFQEDNGLPVHLKGGATDNILYRVTMTLCLGGTLYSLYCLGWASFPHKK J,W
11 'polypeptide(L)' IHQKRAPDFHDKYGNAVLASGATFCVAVWVYMATQIGIEWNPSPVGRVTPKEWREQ K,X
12 'polypeptide(L)' SHYEEGPGKNIPFSVENKWRLLAMMTLFFGSGFAAPFFIVRHQLLKK L,Y
13 'polypeptide(L)' ITAKPAKTPTSPKEQAIGLSVTFLSFLLPAGWVLYHLDNYKKSSAA M,Z
#
loop_
_chem_comp.id
_chem_comp.type
_chem_comp.name
_chem_comp.formula
CDL non-polymer CARDIOLIPIN 'C81 H156 O17 P2 -2'
CHD non-polymer 'CHOLIC ACID' 'C24 H40 O5'
CU non-polymer 'COPPER (II) ION' 'Cu 2'
CUA non-polymer 'DINUCLEAR COPPER ION' Cu2
DMU D-saccharide DECYL-BETA-D-MALTOPYRANOSIDE 'C22 H42 O11'
EDO non-polymer 1,2-ETHANEDIOL 'C2 H6 O2'
HEA non-polymer HEME-A 'C49 H56 Fe N4 O6'
MG non-polymer 'MAGNESIUM ION' 'Mg 2'
NA non-polymer 'SODIUM ION' 'Na 1'
NO non-polymer 'NITRIC OXIDE' 'N O'
PEK non-polymer '(1S)-2-{[(2-AMINOETHOXY)(HYDROXY)PHOSPHORYL]OXY}-1-[(STEAROYLOXY)METHYL]ETHYL (5E,8E,11E,14E)-ICOSA-5,8,11,14-TETRAENOATE' 'C43 H78 N O8 P'
PGV non-polymer '(1R)-2-{[{[(2S)-2,3-DIHYDROXYPROPYL]OXY}(HYDROXY)PHOSPHORYL]OXY}-1-[(PALMITOYLOXY)METHYL]ETHYL (11E)-OCTADEC-11-ENOATE' 'C40 H77 O10 P'
PSC non-polymer '(7R,17E,20E)-4-HYDROXY-N,N,N-TRIMETHYL-9-OXO-7-[(PALMITOYLOXY)METHYL]-3,5,8-TRIOXA-4-PHOSPHAHEXACOSA-17,20-DIEN-1-AMINIUM 4-OXIDE' 'C42 H81 N O8 P 1'
TGL non-polymer TRISTEAROYLGLYCEROL 'C57 H110 O6'
ZN non-polymer 'ZINC ION' 'Zn 2'
#
# COMPACT_ATOMS: atom_id res chain seq x y z
N FME A 1 -10.14 42.19 32.00
CN FME A 1 -9.45 42.36 30.89
O1 FME A 1 -9.49 41.49 30.01
CA FME A 1 -10.46 40.84 32.44
CB FME A 1 -10.86 40.82 33.91
CG FME A 1 -10.14 39.69 34.62
SD FME A 1 -8.43 40.08 34.82
CE FME A 1 -7.56 39.13 33.60
C FME A 1 -11.58 40.20 31.62
O FME A 1 -11.52 39.00 31.34
N PHE A 2 -12.57 40.99 31.24
CA PHE A 2 -13.68 40.47 30.51
C PHE A 2 -13.22 39.93 29.15
N ILE A 3 -12.44 40.75 28.44
CA ILE A 3 -11.89 40.32 27.16
C ILE A 3 -10.98 39.10 27.34
N ASN A 4 -10.12 39.12 28.34
CA ASN A 4 -9.22 37.99 28.54
C ASN A 4 -10.02 36.72 28.75
N ARG A 5 -11.08 36.84 29.56
CA ARG A 5 -11.83 35.64 29.90
C ARG A 5 -12.68 35.14 28.71
N TRP A 6 -13.43 36.03 28.05
CA TRP A 6 -14.48 35.61 27.12
C TRP A 6 -14.09 35.70 25.66
N LEU A 7 -13.05 36.45 25.29
CA LEU A 7 -12.54 36.47 23.90
C LEU A 7 -11.22 35.72 23.70
N PHE A 8 -10.42 35.56 24.77
CA PHE A 8 -9.13 34.89 24.76
C PHE A 8 -9.18 33.59 25.53
N SER A 9 -10.36 33.02 25.71
CA SER A 9 -10.49 31.85 26.56
C SER A 9 -9.60 30.67 26.14
N THR A 10 -9.14 29.92 27.13
CA THR A 10 -8.51 28.62 26.94
C THR A 10 -9.13 27.65 27.92
N ASN A 11 -10.39 27.89 28.28
CA ASN A 11 -11.06 27.11 29.32
C ASN A 11 -12.25 26.33 28.73
N HIS A 12 -12.28 25.01 28.94
CA HIS A 12 -13.30 24.20 28.22
C HIS A 12 -14.74 24.55 28.64
N LYS A 13 -14.94 24.99 29.89
CA LYS A 13 -16.30 25.29 30.38
C LYS A 13 -16.81 26.60 29.82
N ASP A 14 -15.97 27.64 29.84
CA ASP A 14 -16.37 28.92 29.28
C ASP A 14 -16.59 28.80 27.78
N ILE A 15 -15.71 28.08 27.11
CA ILE A 15 -15.92 27.88 25.68
C ILE A 15 -17.21 27.11 25.44
N GLY A 16 -17.47 26.07 26.20
CA GLY A 16 -18.78 25.42 26.12
C GLY A 16 -19.96 26.37 26.32
N THR A 17 -19.85 27.28 27.31
CA THR A 17 -20.88 28.28 27.51
C THR A 17 -21.06 29.17 26.28
N LEU A 18 -19.96 29.63 25.70
CA LEU A 18 -20.07 30.41 24.47
C LEU A 18 -20.84 29.65 23.41
N TYR A 19 -20.51 28.36 23.21
CA TYR A 19 -21.20 27.61 22.17
C TYR A 19 -22.70 27.47 22.45
N LEU A 20 -23.05 27.30 23.73
CA LEU A 20 -24.47 27.17 24.09
C LEU A 20 -25.18 28.47 23.79
N LEU A 21 -24.56 29.61 24.14
CA LEU A 21 -25.18 30.90 23.86
C LEU A 21 -25.35 31.09 22.35
N PHE A 22 -24.28 30.83 21.60
CA PHE A 22 -24.31 30.94 20.15
C PHE A 22 -25.40 30.07 19.55
N GLY A 23 -25.43 28.79 19.95
CA GLY A 23 -26.41 27.87 19.40
C GLY A 23 -27.84 28.24 19.74
N ALA A 24 -28.06 28.77 20.95
CA ALA A 24 -29.40 29.23 21.34
C ALA A 24 -29.83 30.39 20.45
N TRP A 25 -28.93 31.33 20.21
CA TRP A 25 -29.27 32.47 19.36
C TRP A 25 -29.55 32.00 17.95
N ALA A 26 -28.71 31.06 17.45
CA ALA A 26 -28.95 30.49 16.11
C ALA A 26 -30.28 29.79 16.05
N GLY A 27 -30.65 29.07 17.12
CA GLY A 27 -31.94 28.41 17.18
C GLY A 27 -33.12 29.39 17.01
N MET A 28 -32.99 30.61 17.52
CA MET A 28 -34.03 31.61 17.27
C MET A 28 -34.11 31.96 15.79
N VAL A 29 -32.95 32.18 15.15
CA VAL A 29 -32.92 32.51 13.72
C VAL A 29 -33.56 31.37 12.92
N GLY A 30 -33.18 30.14 13.23
CA GLY A 30 -33.69 28.99 12.54
C GLY A 30 -35.18 28.79 12.72
N THR A 31 -35.68 29.06 13.93
CA THR A 31 -37.10 28.95 14.21
C THR A 31 -37.89 30.00 13.43
N ALA A 32 -37.41 31.25 13.44
CA ALA A 32 -38.05 32.30 12.66
C ALA A 32 -38.17 31.93 11.19
N LEU A 33 -37.07 31.41 10.62
CA LEU A 33 -37.12 30.98 9.22
C LEU A 33 -38.15 29.88 9.03
N SER A 34 -38.18 28.88 9.92
CA SER A 34 -39.19 27.81 9.84
C SER A 34 -40.63 28.37 9.90
N LEU A 35 -40.85 29.43 10.70
CA LEU A 35 -42.19 30.02 10.77
C LEU A 35 -42.51 30.76 9.49
N LEU A 36 -41.51 31.36 8.85
CA LEU A 36 -41.78 31.98 7.54
C LEU A 36 -42.16 30.92 6.50
N ILE A 37 -41.47 29.78 6.51
CA ILE A 37 -41.83 28.68 5.59
C ILE A 37 -43.30 28.33 5.76
N ARG A 38 -43.67 28.06 7.01
CA ARG A 38 -45.01 27.58 7.25
C ARG A 38 -46.05 28.69 7.14
N ALA A 39 -45.66 29.97 7.28
CA ALA A 39 -46.62 31.02 6.98
C ALA A 39 -46.91 31.07 5.47
N GLU A 40 -45.87 30.88 4.64
CA GLU A 40 -46.09 30.88 3.17
C GLU A 40 -47.03 29.75 2.78
N LEU A 41 -46.93 28.61 3.46
CA LEU A 41 -47.72 27.43 3.14
C LEU A 41 -49.03 27.33 3.91
N GLY A 42 -49.28 28.28 4.83
CA GLY A 42 -50.38 28.14 5.77
C GLY A 42 -51.74 28.32 5.13
N GLN A 43 -51.78 28.97 3.98
CA GLN A 43 -53.01 28.96 3.20
C GLN A 43 -52.62 28.94 1.71
N PRO A 44 -53.51 28.45 0.84
CA PRO A 44 -53.19 28.38 -0.59
C PRO A 44 -52.99 29.77 -1.17
N GLY A 45 -52.11 29.84 -2.19
CA GLY A 45 -51.76 31.12 -2.80
C GLY A 45 -50.35 31.54 -2.39
N THR A 46 -50.03 32.79 -2.62
CA THR A 46 -48.70 33.30 -2.27
C THR A 46 -48.79 34.29 -1.12
N LEU A 47 -47.82 34.22 -0.21
CA LEU A 47 -47.73 35.15 0.91
C LEU A 47 -46.65 36.19 0.64
N LEU A 48 -45.45 35.71 0.38
CA LEU A 48 -44.32 36.58 0.12
C LEU A 48 -44.36 37.18 -1.29
N GLY A 49 -45.10 36.58 -2.21
CA GLY A 49 -45.11 37.04 -3.61
C GLY A 49 -43.74 36.94 -4.29
N ASP A 50 -42.86 36.06 -3.82
CA ASP A 50 -41.48 36.06 -4.35
C ASP A 50 -40.89 34.70 -3.96
N ASP A 51 -40.93 33.76 -4.88
CA ASP A 51 -40.56 32.42 -4.56
C ASP A 51 -39.04 32.25 -4.50
N GLN A 52 -38.28 33.16 -5.14
CA GLN A 52 -36.86 33.15 -4.91
C GLN A 52 -36.60 33.43 -3.43
N ILE A 53 -37.35 34.35 -2.82
CA ILE A 53 -37.15 34.59 -1.39
C ILE A 53 -37.58 33.39 -0.58
N TYR A 54 -38.70 32.75 -0.94
CA TYR A 54 -39.12 31.52 -0.25
C TYR A 54 -37.98 30.47 -0.29
N ASN A 55 -37.35 30.28 -1.47
CA ASN A 55 -36.27 29.29 -1.56
C ASN A 55 -35.06 29.68 -0.69
N VAL A 56 -34.73 30.96 -0.62
CA VAL A 56 -33.62 31.42 0.25
C VAL A 56 -33.96 31.12 1.70
N VAL A 57 -35.21 31.34 2.08
CA VAL A 57 -35.61 31.09 3.48
C VAL A 57 -35.47 29.61 3.82
N VAL A 58 -35.96 28.73 2.93
CA VAL A 58 -35.83 27.28 3.14
C VAL A 58 -34.37 26.87 3.26
N THR A 59 -33.54 27.42 2.38
CA THR A 59 -32.12 27.05 2.36
C THR A 59 -31.45 27.51 3.66
N ALA A 60 -31.66 28.76 4.01
CA ALA A 60 -31.08 29.26 5.27
C ALA A 60 -31.60 28.51 6.50
N HIS A 61 -32.87 28.15 6.52
CA HIS A 61 -33.44 27.44 7.70
C HIS A 61 -32.63 26.20 7.99
N ALA A 62 -32.32 25.45 6.95
CA ALA A 62 -31.59 24.20 7.14
C ALA A 62 -30.16 24.46 7.56
N PHE A 63 -29.48 25.41 6.89
CA PHE A 63 -28.07 25.63 7.30
C PHE A 63 -27.98 26.12 8.73
N VAL A 64 -28.86 27.06 9.11
CA VAL A 64 -28.85 27.55 10.50
C VAL A 64 -29.11 26.41 11.48
N MET A 65 -30.20 25.65 11.27
CA MET A 65 -30.53 24.62 12.27
C MET A 65 -29.42 23.56 12.39
N ILE A 66 -28.77 23.21 11.28
CA ILE A 66 -27.79 22.11 11.28
C ILE A 66 -26.41 22.61 11.76
N PHE A 67 -25.86 23.62 11.06
CA PHE A 67 -24.48 24.05 11.31
C PHE A 67 -24.35 25.05 12.46
N PHE A 68 -25.42 25.82 12.76
CA PHE A 68 -25.31 26.85 13.80
C PHE A 68 -26.14 26.58 15.04
N MET A 69 -27.11 25.65 14.97
CA MET A 69 -27.83 25.29 16.21
C MET A 69 -27.41 23.91 16.72
N VAL A 70 -27.63 22.83 15.95
CA VAL A 70 -27.42 21.49 16.53
C VAL A 70 -25.95 21.22 16.81
N MET A 71 -25.09 21.35 15.80
CA MET A 71 -23.69 20.99 16.01
C MET A 71 -23.04 21.85 17.09
N PRO A 72 -23.15 23.17 17.08
CA PRO A 72 -22.55 23.95 18.19
C PRO A 72 -23.07 23.54 19.55
N ILE A 73 -24.38 23.31 19.71
CA ILE A 73 -24.92 22.98 21.02
C ILE A 73 -24.41 21.60 21.47
N MET A 74 -24.59 20.59 20.63
CA MET A 74 -24.25 19.24 21.07
C MET A 74 -22.75 19.08 21.27
N ILE A 75 -21.96 19.40 20.23
CA ILE A 75 -20.53 19.07 20.27
C ILE A 75 -19.73 20.20 20.92
N GLY A 76 -19.92 21.44 20.42
CA GLY A 76 -19.25 22.57 21.05
C GLY A 76 -19.73 22.83 22.49
N GLY A 77 -21.02 22.70 22.74
CA GLY A 77 -21.55 23.13 24.04
C GLY A 77 -21.47 21.99 25.03
N PHE A 78 -22.32 20.96 24.86
CA PHE A 78 -22.30 19.84 25.80
C PHE A 78 -20.96 19.11 25.74
N GLY A 79 -20.40 18.96 24.53
CA GLY A 79 -19.11 18.27 24.41
C GLY A 79 -18.04 18.95 25.26
N ASN A 80 -17.85 20.25 25.07
CA ASN A 80 -16.77 20.92 25.80
C ASN A 80 -17.04 20.94 27.30
N TRP A 81 -18.29 21.21 27.66
CA TRP A 81 -18.58 21.24 29.11
C TRP A 81 -18.36 19.89 29.75
N LEU A 82 -18.90 18.84 29.16
CA LEU A 82 -19.02 17.55 29.83
C LEU A 82 -17.84 16.59 29.60
N VAL A 83 -17.26 16.53 28.41
CA VAL A 83 -16.29 15.47 28.14
C VAL A 83 -15.10 15.57 29.09
N PRO A 84 -14.43 16.72 29.26
CA PRO A 84 -13.29 16.74 30.22
C PRO A 84 -13.72 16.37 31.62
N LEU A 85 -14.91 16.83 32.06
CA LEU A 85 -15.37 16.50 33.43
C LEU A 85 -15.63 15.00 33.56
N MET A 86 -16.20 14.38 32.51
CA MET A 86 -16.52 12.97 32.61
C MET A 86 -15.32 12.07 32.62
N ILE A 87 -14.17 12.54 32.17
CA ILE A 87 -12.98 11.72 32.22
C ILE A 87 -11.97 12.27 33.22
N GLY A 88 -12.35 13.26 34.03
CA GLY A 88 -11.44 13.74 35.07
C GLY A 88 -10.27 14.54 34.52
N ALA A 89 -10.39 15.07 33.29
CA ALA A 89 -9.30 15.78 32.62
C ALA A 89 -9.34 17.25 32.97
N PRO A 90 -8.15 17.91 33.00
CA PRO A 90 -8.11 19.31 33.43
C PRO A 90 -8.55 20.29 32.37
N ASP A 91 -8.58 19.88 31.08
CA ASP A 91 -9.17 20.70 30.04
C ASP A 91 -9.16 19.83 28.77
N MET A 92 -9.35 20.45 27.61
CA MET A 92 -9.17 19.75 26.32
C MET A 92 -7.66 19.65 26.01
N ALA A 93 -7.30 18.75 25.10
CA ALA A 93 -5.90 18.60 24.68
C ALA A 93 -5.31 19.89 24.12
N PHE A 94 -6.08 20.63 23.31
CA PHE A 94 -5.61 21.83 22.63
C PHE A 94 -6.53 22.99 23.03
N PRO A 95 -6.36 23.53 24.26
CA PRO A 95 -7.34 24.47 24.82
C PRO A 95 -7.41 25.77 24.10
N ARG A 96 -6.33 26.17 23.42
CA ARG A 96 -6.33 27.41 22.65
C ARG A 96 -6.90 27.17 21.22
N MET A 97 -6.51 26.06 20.55
CA MET A 97 -7.20 25.75 19.29
C MET A 97 -8.71 25.66 19.49
N ASN A 98 -9.13 25.09 20.63
CA ASN A 98 -10.54 24.94 20.98
C ASN A 98 -11.26 26.27 20.84
N ASN A 99 -10.59 27.35 21.32
CA ASN A 99 -11.21 28.67 21.24
C ASN A 99 -11.36 29.12 19.77
N MET A 100 -10.44 28.72 18.89
CA MET A 100 -10.63 29.15 17.47
C MET A 100 -11.81 28.39 16.82
N SER A 101 -12.04 27.14 17.21
CA SER A 101 -13.21 26.45 16.66
C SER A 101 -14.45 27.23 17.02
N PHE A 102 -14.48 27.80 18.25
CA PHE A 102 -15.64 28.59 18.58
C PHE A 102 -15.71 29.86 17.73
N TRP A 103 -14.63 30.64 17.72
CA TRP A 103 -14.69 31.95 17.08
C TRP A 103 -14.80 31.91 15.56
N LEU A 104 -14.55 30.77 14.94
CA LEU A 104 -14.84 30.68 13.49
C LEU A 104 -16.35 30.73 13.23
N LEU A 105 -17.19 30.44 14.24
CA LEU A 105 -18.63 30.29 13.93
C LEU A 105 -19.33 31.63 13.75
N PRO A 106 -19.08 32.69 14.55
CA PRO A 106 -19.77 33.95 14.24
C PRO A 106 -19.41 34.46 12.84
N PRO A 107 -18.14 34.43 12.39
CA PRO A 107 -17.88 34.82 10.98
C PRO A 107 -18.57 33.90 9.97
N SER A 108 -18.61 32.58 10.23
CA SER A 108 -19.32 31.68 9.29
C SER A 108 -20.78 32.10 9.20
N PHE A 109 -21.35 32.45 10.35
CA PHE A 109 -22.76 32.83 10.37
C PHE A 109 -22.96 34.16 9.68
N LEU A 110 -22.03 35.10 9.86
CA LEU A 110 -22.09 36.37 9.15
C LEU A 110 -22.05 36.18 7.63
N LEU A 111 -21.18 35.28 7.15
CA LEU A 111 -21.15 35.00 5.72
C LEU A 111 -22.50 34.47 5.24
N LEU A 112 -23.13 33.60 6.02
CA LEU A 112 -24.45 33.11 5.59
C LEU A 112 -25.47 34.24 5.56
N LEU A 113 -25.45 35.13 6.55
CA LEU A 113 -26.41 36.25 6.52
C LEU A 113 -26.06 37.21 5.37
N ALA A 114 -24.75 37.38 5.08
CA ALA A 114 -24.34 38.18 3.93
C ALA A 114 -24.92 37.58 2.63
N SER A 115 -24.82 36.24 2.47
CA SER A 115 -25.39 35.57 1.30
C SER A 115 -26.87 35.96 1.08
N SER A 116 -27.64 36.07 2.15
CA SER A 116 -29.08 36.31 1.99
C SER A 116 -29.42 37.79 1.79
N MET A 117 -28.47 38.69 2.08
CA MET A 117 -28.66 40.14 1.97
C MET A 117 -28.23 40.67 0.60
N VAL A 118 -27.20 40.04 -0.03
CA VAL A 118 -26.70 40.53 -1.33
C VAL A 118 -27.50 39.85 -2.42
N GLU A 119 -27.63 40.56 -3.57
CA GLU A 119 -28.32 40.03 -4.77
C GLU A 119 -29.69 39.51 -4.35
N ALA A 120 -30.04 38.27 -4.71
CA ALA A 120 -31.35 37.70 -4.43
C ALA A 120 -31.21 36.48 -3.55
N GLY A 121 -30.06 36.36 -2.84
CA GLY A 121 -29.87 35.26 -1.91
C GLY A 121 -29.49 33.99 -2.67
N ALA A 122 -29.19 32.93 -1.90
CA ALA A 122 -28.89 31.61 -2.46
C ALA A 122 -30.14 30.76 -2.25
N GLY A 123 -30.97 30.67 -3.29
CA GLY A 123 -32.23 29.95 -3.18
C GLY A 123 -32.04 28.58 -3.82
N THR A 124 -31.16 27.78 -3.18
CA THR A 124 -30.63 26.57 -3.82
C THR A 124 -31.10 25.28 -3.20
N GLY A 125 -31.69 25.33 -1.99
CA GLY A 125 -31.67 24.13 -1.16
C GLY A 125 -30.36 24.02 -0.38
N TRP A 126 -30.37 23.36 0.78
CA TRP A 126 -29.11 23.26 1.53
C TRP A 126 -28.12 22.29 0.87
N THR A 127 -28.60 21.53 -0.16
CA THR A 127 -27.74 20.69 -0.97
C THR A 127 -26.89 21.49 -1.97
N VAL A 128 -27.34 22.71 -2.36
CA VAL A 128 -26.55 23.59 -3.26
C VAL A 128 -26.13 22.86 -4.54
N TYR A 129 -27.05 22.07 -5.15
CA TYR A 129 -26.76 21.34 -6.40
C TYR A 129 -26.51 22.31 -7.55
N PRO A 130 -25.43 22.14 -8.29
CA PRO A 130 -25.35 22.71 -9.67
C PRO A 130 -26.22 21.90 -10.62
N PRO A 131 -26.67 22.51 -11.74
CA PRO A 131 -26.33 23.88 -12.15
C PRO A 131 -27.19 25.01 -11.50
N LEU A 132 -28.25 24.70 -10.76
CA LEU A 132 -29.01 25.79 -10.13
C LEU A 132 -28.08 26.66 -9.29
N ALA A 133 -27.09 26.05 -8.62
CA ALA A 133 -26.15 26.81 -7.76
C ALA A 133 -24.96 27.37 -8.55
N GLY A 134 -24.92 27.18 -9.85
CA GLY A 134 -23.78 27.62 -10.65
C GLY A 134 -23.91 29.11 -11.04
N ASN A 135 -22.95 29.59 -11.83
CA ASN A 135 -22.83 31.03 -12.03
C ASN A 135 -23.77 31.60 -13.11
N LEU A 136 -24.57 30.76 -13.75
CA LEU A 136 -25.60 31.22 -14.70
C LEU A 136 -26.97 31.29 -14.03
N ALA A 137 -27.37 30.24 -13.30
CA ALA A 137 -28.67 30.25 -12.64
C ALA A 137 -28.63 30.93 -11.27
N HIS A 138 -27.45 31.11 -10.68
CA HIS A 138 -27.29 31.90 -9.46
C HIS A 138 -26.06 32.81 -9.62
N ALA A 139 -26.11 33.71 -10.58
CA ALA A 139 -25.03 34.67 -10.78
C ALA A 139 -24.89 35.57 -9.55
N GLY A 140 -23.67 35.96 -9.26
CA GLY A 140 -23.41 36.93 -8.23
C GLY A 140 -22.92 36.26 -6.96
N ALA A 141 -22.77 37.07 -5.91
CA ALA A 141 -21.99 36.63 -4.74
C ALA A 141 -22.71 35.64 -3.82
N SER A 142 -24.05 35.51 -3.86
CA SER A 142 -24.71 34.81 -2.75
C SER A 142 -24.21 33.37 -2.57
N VAL A 143 -24.18 32.59 -3.64
CA VAL A 143 -23.74 31.18 -3.42
C VAL A 143 -22.28 31.12 -2.99
N ASP A 144 -21.42 32.01 -3.49
CA ASP A 144 -20.03 31.95 -3.04
C ASP A 144 -19.93 32.28 -1.53
N LEU A 145 -20.72 33.24 -1.07
CA LEU A 145 -20.72 33.54 0.37
C LEU A 145 -21.21 32.32 1.16
N THR A 146 -22.20 31.61 0.65
CA THR A 146 -22.65 30.37 1.29
C THR A 146 -21.54 29.31 1.33
N ILE A 147 -20.85 29.11 0.19
CA ILE A 147 -19.72 28.19 0.14
C ILE A 147 -18.69 28.57 1.20
N PHE A 148 -18.32 29.86 1.30
CA PHE A 148 -17.31 30.24 2.29
C PHE A 148 -17.84 30.05 3.70
N SER A 149 -19.12 30.30 3.92
CA SER A 149 -19.69 30.02 5.25
C SER A 149 -19.46 28.56 5.64
N LEU A 150 -19.74 27.63 4.70
CA LEU A 150 -19.51 26.20 4.96
C LEU A 150 -18.04 25.90 5.14
N HIS A 151 -17.15 26.57 4.38
CA HIS A 151 -15.73 26.36 4.61
C HIS A 151 -15.33 26.67 6.05
N LEU A 152 -15.81 27.81 6.56
CA LEU A 152 -15.37 28.17 7.91
C LEU A 152 -15.98 27.25 8.94
N ALA A 153 -17.25 26.91 8.75
CA ALA A 153 -17.88 25.97 9.65
C ALA A 153 -17.18 24.61 9.58
N GLY A 154 -16.80 24.18 8.38
CA GLY A 154 -16.04 22.90 8.26
C GLY A 154 -14.70 22.94 9.01
N VAL A 155 -13.92 24.01 8.84
CA VAL A 155 -12.63 24.08 9.54
C VAL A 155 -12.86 24.04 11.03
N SER A 156 -13.86 24.80 11.50
CA SER A 156 -14.17 24.82 12.95
C SER A 156 -14.39 23.39 13.46
N SER A 157 -15.23 22.62 12.73
CA SER A 157 -15.56 21.29 13.20
C SER A 157 -14.45 20.27 13.00
N ILE A 158 -13.67 20.37 11.92
CA ILE A 158 -12.53 19.47 11.75
C ILE A 158 -11.53 19.67 12.88
N LEU A 159 -11.18 20.92 13.15
CA LEU A 159 -10.28 21.15 14.30
C LEU A 159 -10.90 20.73 15.61
N GLY A 160 -12.22 20.95 15.80
CA GLY A 160 -12.84 20.45 17.04
C GLY A 160 -12.80 18.92 17.10
N ALA A 161 -13.00 18.24 15.95
CA ALA A 161 -12.92 16.78 15.92
C ALA A 161 -11.51 16.32 16.33
N ILE A 162 -10.47 16.94 15.79
CA ILE A 162 -9.09 16.60 16.19
C ILE A 162 -8.93 16.74 17.69
N ASN A 163 -9.41 17.86 18.21
CA ASN A 163 -9.30 18.12 19.65
C ASN A 163 -10.04 17.06 20.48
N PHE A 164 -11.31 16.78 20.14
CA PHE A 164 -12.03 15.78 20.93
C PHE A 164 -11.42 14.39 20.82
N ILE A 165 -11.04 13.93 19.60
CA ILE A 165 -10.43 12.59 19.55
C ILE A 165 -9.18 12.56 20.44
N THR A 166 -8.32 13.57 20.29
CA THR A 166 -7.06 13.55 21.03
C THR A 166 -7.32 13.56 22.52
N THR A 167 -8.27 14.41 22.96
CA THR A 167 -8.58 14.52 24.40
C THR A 167 -9.06 13.18 24.94
N ILE A 168 -9.97 12.55 24.21
CA ILE A 168 -10.61 11.34 24.72
C ILE A 168 -9.65 10.15 24.70
N ILE A 169 -8.77 10.11 23.71
CA ILE A 169 -7.79 9.03 23.66
C ILE A 169 -6.70 9.26 24.68
N ASN A 170 -6.27 10.51 24.86
CA ASN A 170 -4.98 10.73 25.54
C ASN A 170 -5.15 11.17 26.98
N MET A 171 -6.33 11.69 27.38
CA MET A 171 -6.37 12.42 28.66
C MET A 171 -7.27 11.78 29.72
N LYS A 172 -7.50 10.49 29.65
CA LYS A 172 -8.20 9.73 30.67
C LYS A 172 -7.25 9.39 31.82
N PRO A 173 -7.78 9.06 32.99
CA PRO A 173 -6.90 8.55 34.07
C PRO A 173 -6.19 7.29 33.56
N PRO A 174 -4.94 7.10 33.98
CA PRO A 174 -4.14 5.99 33.40
C PRO A 174 -4.77 4.63 33.62
N ALA A 175 -5.58 4.45 34.67
CA ALA A 175 -6.25 3.16 34.87
C ALA A 175 -7.52 3.02 34.05
N MET A 176 -8.05 4.09 33.50
CA MET A 176 -9.36 4.05 32.83
C MET A 176 -9.14 3.62 31.38
N SER A 177 -9.64 2.45 30.96
CA SER A 177 -9.57 2.09 29.55
C SER A 177 -10.70 2.77 28.77
N GLN A 178 -10.69 2.58 27.44
CA GLN A 178 -11.79 3.17 26.69
C GLN A 178 -13.12 2.53 27.10
N TYR A 179 -13.10 1.31 27.66
CA TYR A 179 -14.35 0.63 28.00
C TYR A 179 -14.77 0.94 29.45
N GLN A 180 -14.14 1.95 30.05
CA GLN A 180 -14.58 2.53 31.32
C GLN A 180 -14.98 3.96 31.15
N THR A 181 -15.15 4.43 29.86
CA THR A 181 -15.56 5.82 29.73
C THR A 181 -17.07 5.91 29.51
N PRO A 182 -17.71 7.00 29.92
CA PRO A 182 -19.17 7.07 29.83
C PRO A 182 -19.63 7.09 28.36
N LEU A 183 -20.89 6.68 28.16
CA LEU A 183 -21.39 6.61 26.77
C LEU A 183 -21.45 7.97 26.09
N PHE A 184 -21.67 9.08 26.82
CA PHE A 184 -21.67 10.37 26.11
C PHE A 184 -20.28 10.64 25.53
N VAL A 185 -19.23 10.28 26.27
CA VAL A 185 -17.86 10.47 25.76
C VAL A 185 -17.63 9.62 24.52
N TRP A 186 -18.08 8.35 24.55
CA TRP A 186 -18.02 7.55 23.33
C TRP A 186 -18.76 8.21 22.18
N SER A 187 -19.97 8.75 22.44
CA SER A 187 -20.77 9.29 21.34
C SER A 187 -20.05 10.50 20.73
N VAL A 188 -19.31 11.26 21.55
CA VAL A 188 -18.59 12.41 21.01
C VAL A 188 -17.35 11.97 20.23
N MET A 189 -16.63 10.96 20.72
CA MET A 189 -15.50 10.41 19.97
C MET A 189 -15.92 9.94 18.58
N ILE A 190 -17.02 9.19 18.53
CA ILE A 190 -17.42 8.61 17.26
C ILE A 190 -17.93 9.71 16.32
N THR A 191 -18.66 10.68 16.87
CA THR A 191 -19.07 11.85 16.05
C THR A 191 -17.86 12.55 15.49
N ALA A 192 -16.83 12.76 16.32
CA ALA A 192 -15.63 13.44 15.82
C ALA A 192 -14.94 12.66 14.70
N VAL A 193 -14.86 11.34 14.83
CA VAL A 193 -14.24 10.56 13.74
C VAL A 193 -15.05 10.75 12.45
N LEU A 194 -16.37 10.74 12.56
CA LEU A 194 -17.20 11.00 11.36
C LEU A 194 -16.93 12.39 10.75
N LEU A 195 -16.83 13.43 11.61
CA LEU A 195 -16.54 14.79 11.15
C LEU A 195 -15.21 14.85 10.43
N LEU A 196 -14.21 14.25 11.05
CA LEU A 196 -12.84 14.23 10.50
C LEU A 196 -12.79 13.68 9.10
N LEU A 197 -13.52 12.60 8.83
CA LEU A 197 -13.43 11.95 7.51
C LEU A 197 -14.41 12.55 6.52
N SER A 198 -15.53 13.08 6.99
CA SER A 198 -16.58 13.47 6.00
C SER A 198 -16.46 14.93 5.57
N LEU A 199 -16.13 15.84 6.50
CA LEU A 199 -16.08 17.26 6.12
C LEU A 199 -15.02 17.56 5.07
N PRO A 200 -13.86 16.89 5.01
CA PRO A 200 -12.92 17.21 3.93
C PRO A 200 -13.50 16.90 2.57
N VAL A 201 -14.37 15.88 2.48
CA VAL A 201 -14.94 15.59 1.16
C VAL A 201 -15.93 16.67 0.75
N LEU A 202 -16.78 17.07 1.67
CA LEU A 202 -17.63 18.24 1.41
C LEU A 202 -16.78 19.43 1.00
N ALA A 203 -15.66 19.68 1.73
CA ALA A 203 -14.82 20.84 1.37
C ALA A 203 -14.28 20.70 -0.07
N ALA A 204 -13.83 19.49 -0.44
CA ALA A 204 -13.43 19.28 -1.84
C ALA A 204 -14.57 19.63 -2.81
N GLY A 205 -15.76 19.08 -2.56
CA GLY A 205 -16.88 19.30 -3.49
C GLY A 205 -17.29 20.76 -3.62
N ILE A 206 -17.40 21.46 -2.50
CA ILE A 206 -17.86 22.84 -2.62
C ILE A 206 -16.75 23.73 -3.12
N THR A 207 -15.50 23.33 -2.96
CA THR A 207 -14.41 24.07 -3.60
C THR A 207 -14.46 23.91 -5.11
N MET A 208 -14.76 22.70 -5.55
CA MET A 208 -14.97 22.53 -7.01
C MET A 208 -16.15 23.37 -7.50
N LEU A 209 -17.20 23.48 -6.70
CA LEU A 209 -18.31 24.34 -7.11
C LEU A 209 -17.84 25.79 -7.20
N LEU A 210 -17.04 26.20 -6.20
CA LEU A 210 -16.48 27.55 -6.23
C LEU A 210 -15.63 27.81 -7.48
N THR A 211 -14.77 26.85 -7.89
CA THR A 211 -13.93 27.09 -9.06
C THR A 211 -14.78 27.00 -10.32
N ASP A 212 -15.81 26.13 -10.34
CA ASP A 212 -16.70 26.18 -11.52
C ASP A 212 -17.35 27.56 -11.66
N ARG A 213 -17.70 28.17 -10.53
CA ARG A 213 -18.39 29.46 -10.58
C ARG A 213 -17.46 30.62 -10.88
N ASN A 214 -16.14 30.51 -10.56
CA ASN A 214 -15.26 31.69 -10.62
C ASN A 214 -13.98 31.49 -11.39
N LEU A 215 -13.52 30.26 -11.62
CA LEU A 215 -12.24 30.06 -12.30
C LEU A 215 -12.38 29.33 -13.62
N ASN A 216 -13.62 29.19 -14.11
CA ASN A 216 -13.93 28.53 -15.38
C ASN A 216 -13.51 27.05 -15.40
N THR A 217 -13.49 26.38 -14.22
CA THR A 217 -13.42 24.93 -14.25
C THR A 217 -14.77 24.39 -14.68
N THR A 218 -14.82 23.09 -14.94
CA THR A 218 -16.10 22.49 -15.40
C THR A 218 -16.29 21.10 -14.76
N PHE A 219 -15.93 20.94 -13.48
CA PHE A 219 -16.18 19.64 -12.84
C PHE A 219 -17.62 19.18 -12.99
N PHE A 220 -18.56 20.12 -12.88
CA PHE A 220 -20.00 19.80 -12.80
C PHE A 220 -20.75 20.28 -14.04
N ASP A 221 -20.02 20.77 -15.05
CA ASP A 221 -20.61 21.37 -16.25
C ASP A 221 -20.41 20.41 -17.43
N PRO A 222 -21.50 19.80 -17.96
CA PRO A 222 -21.35 18.88 -19.12
C PRO A 222 -20.65 19.49 -20.35
N ALA A 223 -20.77 20.80 -20.61
CA ALA A 223 -20.05 21.41 -21.73
C ALA A 223 -18.53 21.18 -21.69
N GLY A 224 -17.95 21.12 -20.49
CA GLY A 224 -16.53 20.81 -20.37
C GLY A 224 -16.25 19.35 -20.12
N GLY A 225 -17.27 18.48 -20.17
CA GLY A 225 -17.09 17.08 -19.81
C GLY A 225 -17.35 16.76 -18.35
N GLY A 226 -17.91 17.71 -17.58
CA GLY A 226 -18.23 17.50 -16.16
C GLY A 226 -19.61 16.88 -16.04
N ASP A 227 -20.06 16.75 -14.82
CA ASP A 227 -21.24 15.99 -14.48
C ASP A 227 -21.85 16.52 -13.18
N PRO A 228 -23.07 17.07 -13.23
CA PRO A 228 -23.75 17.51 -12.01
C PRO A 228 -23.89 16.40 -11.00
N ILE A 229 -23.98 15.14 -11.44
CA ILE A 229 -24.17 14.05 -10.47
C ILE A 229 -22.91 13.84 -9.62
N LEU A 230 -21.72 14.17 -10.17
CA LEU A 230 -20.49 14.04 -9.35
C LEU A 230 -20.60 14.91 -8.10
N TYR A 231 -21.14 16.13 -8.24
CA TYR A 231 -21.30 16.96 -7.05
C TYR A 231 -22.18 16.25 -6.03
N GLN A 232 -23.30 15.63 -6.49
CA GLN A 232 -24.22 15.00 -5.55
C GLN A 232 -23.54 13.88 -4.78
N HIS A 233 -22.72 13.05 -5.47
CA HIS A 233 -21.97 12.01 -4.77
C HIS A 233 -21.04 12.61 -3.70
N LEU A 234 -20.32 13.71 -4.02
CA LEU A 234 -19.38 14.25 -3.02
C LEU A 234 -20.15 14.88 -1.86
N PHE A 235 -21.26 15.55 -2.19
CA PHE A 235 -22.07 16.17 -1.16
C PHE A 235 -22.63 15.11 -0.21
N TRP A 236 -23.26 14.07 -0.77
CA TRP A 236 -23.91 13.09 0.10
C TRP A 236 -22.93 12.13 0.74
N PHE A 237 -21.74 11.96 0.16
CA PHE A 237 -20.71 11.19 0.89
C PHE A 237 -20.43 11.85 2.24
N PHE A 238 -20.47 13.17 2.26
CA PHE A 238 -20.46 13.92 3.55
C PHE A 238 -21.82 13.88 4.22
N GLY A 239 -22.87 14.04 3.44
CA GLY A 239 -24.19 14.37 3.99
C GLY A 239 -24.83 13.23 4.76
N HIS A 240 -24.61 11.97 4.33
CA HIS A 240 -25.16 10.93 5.23
C HIS A 240 -24.35 10.86 6.55
N PRO A 241 -23.01 10.74 6.56
CA PRO A 241 -22.31 10.86 7.89
C PRO A 241 -22.82 12.05 8.70
N GLU A 242 -23.08 13.20 8.04
CA GLU A 242 -23.58 14.37 8.77
C GLU A 242 -24.90 14.08 9.55
N VAL A 243 -25.84 13.29 8.98
CA VAL A 243 -27.06 13.11 9.78
C VAL A 243 -26.78 12.24 10.98
N TYR A 244 -25.82 11.30 10.88
CA TYR A 244 -25.46 10.54 12.09
C TYR A 244 -24.67 11.41 13.08
N ILE A 245 -23.82 12.29 12.56
CA ILE A 245 -23.14 13.30 13.40
C ILE A 245 -24.17 14.12 14.19
N LEU A 246 -25.31 14.45 13.54
CA LEU A 246 -26.33 15.28 14.23
C LEU A 246 -27.01 14.51 15.35
N ILE A 247 -27.11 13.19 15.25
CA ILE A 247 -27.91 12.46 16.24
C ILE A 247 -27.00 11.80 17.31
N LEU A 248 -25.75 11.43 16.95
CA LEU A 248 -24.97 10.57 17.86
C LEU A 248 -24.73 11.18 19.25
N PRO A 249 -24.40 12.46 19.37
CA PRO A 249 -24.23 13.03 20.73
C PRO A 249 -25.56 13.13 21.46
N GLY A 250 -26.67 13.20 20.69
CA GLY A 250 -28.00 13.06 21.27
C GLY A 250 -28.20 11.67 21.85
N PHE A 251 -27.82 10.61 21.11
CA PHE A 251 -27.88 9.24 21.67
C PHE A 251 -27.07 9.19 22.99
N GLY A 252 -25.88 9.79 22.97
CA GLY A 252 -25.06 9.79 24.21
C GLY A 252 -25.80 10.45 25.36
N MET A 253 -26.40 11.63 25.12
CA MET A 253 -27.06 12.29 26.24
C MET A 253 -28.27 11.53 26.70
N ILE A 254 -29.01 10.95 25.75
CA ILE A 254 -30.18 10.15 26.11
C ILE A 254 -29.77 8.97 27.01
N SER A 255 -28.67 8.26 26.66
CA SER A 255 -28.21 7.17 27.55
C SER A 255 -27.99 7.69 28.97
N HIS A 256 -27.36 8.84 29.11
CA HIS A 256 -27.13 9.37 30.48
C HIS A 256 -28.43 9.79 31.17
N ILE A 257 -29.34 10.45 30.44
CA ILE A 257 -30.56 10.96 31.07
C ILE A 257 -31.46 9.79 31.49
N VAL A 258 -31.63 8.83 30.61
CA VAL A 258 -32.47 7.69 30.96
C VAL A 258 -31.87 6.92 32.13
N THR A 259 -30.57 6.72 32.13
CA THR A 259 -29.93 6.02 33.27
C THR A 259 -30.18 6.79 34.55
N TYR A 260 -29.95 8.08 34.51
CA TYR A 260 -30.03 8.93 35.69
C TYR A 260 -31.44 8.93 36.29
N TYR A 261 -32.46 9.19 35.45
CA TYR A 261 -33.81 9.36 36.01
C TYR A 261 -34.49 8.02 36.21
N SER A 262 -33.85 6.92 35.82
CA SER A 262 -34.32 5.59 36.21
C SER A 262 -33.70 5.16 37.54
N GLY A 263 -32.84 6.01 38.09
CA GLY A 263 -32.21 5.69 39.36
C GLY A 263 -31.20 4.58 39.23
N LYS A 264 -30.64 4.38 38.04
CA LYS A 264 -29.69 3.31 37.77
C LYS A 264 -28.26 3.82 37.89
N LYS A 265 -27.35 2.92 38.28
CA LYS A 265 -25.93 3.27 38.27
C LYS A 265 -25.32 3.18 36.88
N GLU A 266 -26.01 2.56 35.92
CA GLU A 266 -25.36 2.31 34.63
C GLU A 266 -26.42 2.02 33.59
N PRO A 267 -26.15 2.33 32.31
CA PRO A 267 -27.10 1.97 31.24
C PRO A 267 -27.09 0.46 31.06
N PHE A 268 -28.20 -0.10 30.61
CA PHE A 268 -28.21 -1.51 30.26
C PHE A 268 -27.29 -1.79 29.09
N GLY A 269 -26.50 -2.86 29.18
CA GLY A 269 -25.75 -3.33 27.98
C GLY A 269 -24.73 -2.32 27.42
N TYR A 270 -23.84 -1.86 28.30
CA TYR A 270 -22.86 -0.83 27.93
C TYR A 270 -22.09 -1.19 26.66
N MET A 271 -21.57 -2.43 26.57
CA MET A 271 -20.70 -2.72 25.42
C MET A 271 -21.55 -2.84 24.17
N GLY A 272 -22.80 -3.29 24.31
CA GLY A 272 -23.71 -3.27 23.15
C GLY A 272 -23.98 -1.85 22.65
N MET A 273 -24.07 -0.89 23.58
CA MET A 273 -24.28 0.50 23.19
C MET A 273 -23.06 1.07 22.48
N VAL A 274 -21.86 0.74 22.97
CA VAL A 274 -20.62 1.10 22.28
C VAL A 274 -20.58 0.46 20.89
N TRP A 275 -20.79 -0.85 20.83
CA TRP A 275 -20.85 -1.53 19.54
C TRP A 275 -21.85 -0.86 18.60
N ALA A 276 -23.01 -0.50 19.11
CA ALA A 276 -24.05 0.01 18.22
C ALA A 276 -23.67 1.36 17.65
N MET A 277 -23.11 2.25 18.49
CA MET A 277 -22.67 3.54 17.94
C MET A 277 -21.54 3.38 16.93
N MET A 278 -20.56 2.49 17.22
CA MET A 278 -19.48 2.30 16.25
C MET A 278 -20.03 1.73 14.95
N SER A 279 -20.97 0.77 15.05
CA SER A 279 -21.54 0.16 13.84
C SER A 279 -22.32 1.19 13.01
N ILE A 280 -23.09 2.04 13.68
CA ILE A 280 -23.82 3.09 12.99
C ILE A 280 -22.83 4.03 12.32
N GLY A 281 -21.77 4.39 13.03
CA GLY A 281 -20.80 5.28 12.42
C GLY A 281 -20.16 4.67 11.17
N PHE A 282 -19.81 3.39 11.22
CA PHE A 282 -19.20 2.69 10.09
C PHE A 282 -20.18 2.56 8.90
N LEU A 283 -21.41 2.03 9.16
CA LEU A 283 -22.42 1.89 8.11
C LEU A 283 -22.81 3.24 7.55
N GLY A 284 -22.66 4.30 8.33
CA GLY A 284 -22.98 5.64 7.87
C GLY A 284 -22.16 6.12 6.68
N PHE A 285 -21.04 5.46 6.36
CA PHE A 285 -20.21 5.87 5.23
C PHE A 285 -20.50 5.09 3.94
N ILE A 286 -21.37 4.09 3.97
CA ILE A 286 -21.52 3.22 2.81
C ILE A 286 -22.96 3.22 2.30
N VAL A 287 -23.75 4.25 2.63
CA VAL A 287 -25.17 4.28 2.28
C VAL A 287 -25.60 5.52 1.51
N TRP A 288 -24.69 6.45 1.17
CA TRP A 288 -25.10 7.81 0.81
C TRP A 288 -25.97 7.87 -0.42
N ALA A 289 -25.87 6.90 -1.33
CA ALA A 289 -26.59 7.10 -2.59
C ALA A 289 -28.07 6.80 -2.45
N HIS A 290 -28.57 6.45 -1.24
CA HIS A 290 -30.01 6.49 -1.07
C HIS A 290 -30.57 7.91 -1.15
N HIS A 291 -29.70 8.95 -1.20
CA HIS A 291 -30.17 10.30 -1.50
C HIS A 291 -30.25 10.55 -3.00
N MET A 292 -30.01 9.53 -3.82
CA MET A 292 -29.90 9.71 -5.26
C MET A 292 -30.62 8.60 -6.05
N PHE A 293 -31.62 7.98 -5.46
CA PHE A 293 -32.31 6.87 -6.14
C PHE A 293 -33.04 7.29 -7.42
N THR A 294 -33.33 8.59 -7.65
CA THR A 294 -34.03 9.01 -8.86
C THR A 294 -33.10 9.69 -9.89
N VAL A 295 -31.76 9.61 -9.73
CA VAL A 295 -30.90 10.31 -10.69
C VAL A 295 -30.59 9.48 -11.94
N GLY A 296 -31.03 8.24 -11.97
CA GLY A 296 -30.78 7.39 -13.14
C GLY A 296 -29.71 6.36 -12.78
N MET A 297 -29.93 5.57 -11.74
CA MET A 297 -28.91 4.71 -11.14
C MET A 297 -29.21 3.28 -11.55
N ASP A 298 -28.15 2.50 -11.78
CA ASP A 298 -28.35 1.09 -12.23
C ASP A 298 -29.05 0.29 -11.13
N VAL A 299 -29.76 -0.74 -11.56
CA VAL A 299 -30.60 -1.49 -10.63
C VAL A 299 -29.76 -2.20 -9.56
N ASP A 300 -28.57 -2.73 -9.92
CA ASP A 300 -27.80 -3.44 -8.88
C ASP A 300 -27.27 -2.47 -7.81
N THR A 301 -26.90 -1.27 -8.21
CA THR A 301 -26.53 -0.24 -7.26
C THR A 301 -27.70 0.16 -6.33
N ARG A 302 -28.90 0.30 -6.87
CA ARG A 302 -30.08 0.55 -6.02
C ARG A 302 -30.34 -0.59 -5.05
N ALA A 303 -30.17 -1.85 -5.50
CA ALA A 303 -30.35 -2.98 -4.60
C ALA A 303 -29.35 -2.94 -3.43
N TYR A 304 -28.10 -2.66 -3.74
CA TYR A 304 -27.07 -2.59 -2.70
C TYR A 304 -27.41 -1.47 -1.73
N PHE A 305 -27.69 -0.28 -2.25
CA PHE A 305 -27.89 0.81 -1.28
C PHE A 305 -29.16 0.64 -0.45
N THR A 306 -30.18 0.05 -1.03
CA THR A 306 -31.37 -0.32 -0.25
C THR A 306 -30.99 -1.24 0.90
N SER A 307 -30.23 -2.30 0.61
CA SER A 307 -29.96 -3.32 1.64
C SER A 307 -29.00 -2.79 2.70
N ALA A 308 -27.94 -2.10 2.28
CA ALA A 308 -26.97 -1.58 3.26
C ALA A 308 -27.63 -0.55 4.18
N THR A 309 -28.51 0.29 3.62
CA THR A 309 -29.23 1.27 4.44
C THR A 309 -30.09 0.57 5.50
N MET A 310 -30.81 -0.48 5.11
CA MET A 310 -31.72 -1.07 6.09
C MET A 310 -30.98 -1.72 7.27
N ILE A 311 -29.78 -2.24 7.02
CA ILE A 311 -28.95 -2.87 8.07
C ILE A 311 -28.73 -1.94 9.23
N ILE A 312 -28.69 -0.62 8.99
CA ILE A 312 -28.49 0.31 10.11
C ILE A 312 -29.56 0.13 11.18
N ALA A 313 -30.75 -0.36 10.81
CA ALA A 313 -31.79 -0.56 11.82
C ALA A 313 -31.35 -1.52 12.93
N ILE A 314 -30.45 -2.46 12.65
CA ILE A 314 -30.10 -3.47 13.67
C ILE A 314 -29.36 -2.85 14.83
N PRO A 315 -28.19 -2.18 14.63
CA PRO A 315 -27.56 -1.54 15.78
C PRO A 315 -28.44 -0.45 16.40
N THR A 316 -29.24 0.27 15.59
CA THR A 316 -30.06 1.31 16.20
C THR A 316 -31.11 0.69 17.09
N GLY A 317 -31.68 -0.43 16.68
CA GLY A 317 -32.66 -1.10 17.52
C GLY A 317 -32.06 -1.59 18.84
N VAL A 318 -30.83 -2.07 18.80
CA VAL A 318 -30.17 -2.44 20.07
C VAL A 318 -30.14 -1.23 21.02
N LYS A 319 -29.85 -0.02 20.52
CA LYS A 319 -29.85 1.13 21.45
C LYS A 319 -31.25 1.41 21.97
N VAL A 320 -32.28 1.38 21.07
CA VAL A 320 -33.64 1.66 21.53
C VAL A 320 -34.06 0.66 22.62
N PHE A 321 -33.92 -0.63 22.32
CA PHE A 321 -34.29 -1.61 23.31
C PHE A 321 -33.45 -1.49 24.56
N SER A 322 -32.16 -1.15 24.43
CA SER A 322 -31.33 -1.02 25.64
C SER A 322 -31.76 0.18 26.50
N TRP A 323 -32.25 1.27 25.88
CA TRP A 323 -32.82 2.35 26.70
C TRP A 323 -34.07 1.87 27.43
N LEU A 324 -34.94 1.12 26.74
CA LEU A 324 -36.11 0.56 27.41
C LEU A 324 -35.68 -0.34 28.55
N ALA A 325 -34.67 -1.17 28.33
CA ALA A 325 -34.20 -2.07 29.40
C ALA A 325 -33.52 -1.31 30.52
N THR A 326 -33.06 -0.07 30.28
CA THR A 326 -32.52 0.75 31.36
C THR A 326 -33.66 1.29 32.24
N LEU A 327 -34.77 1.74 31.61
CA LEU A 327 -36.00 2.07 32.37
C LEU A 327 -36.49 0.89 33.22
N HIS A 328 -36.41 -0.33 32.67
CA HIS A 328 -36.95 -1.55 33.28
C HIS A 328 -36.45 -1.74 34.70
N GLY A 329 -37.37 -1.80 35.68
CA GLY A 329 -36.95 -1.95 37.09
C GLY A 329 -36.51 -0.66 37.76
N GLY A 330 -36.59 0.49 37.07
CA GLY A 330 -36.08 1.73 37.64
C GLY A 330 -37.05 2.27 38.67
N ASN A 331 -36.52 3.05 39.60
CA ASN A 331 -37.33 3.95 40.41
C ASN A 331 -37.44 5.22 39.59
N ILE A 332 -38.50 5.32 38.79
CA ILE A 332 -38.57 6.36 37.77
C ILE A 332 -38.79 7.71 38.41
N LYS A 333 -37.92 8.68 38.14
CA LYS A 333 -38.19 10.06 38.51
C LYS A 333 -38.73 10.82 37.28
N TRP A 334 -39.98 11.29 37.35
CA TRP A 334 -40.62 11.96 36.20
C TRP A 334 -40.23 13.43 36.12
N SER A 335 -38.91 13.66 35.99
CA SER A 335 -38.39 15.00 35.86
C SER A 335 -38.65 15.51 34.43
N PRO A 336 -38.59 16.82 34.23
CA PRO A 336 -38.74 17.29 32.84
C PRO A 336 -37.69 16.67 31.93
N ALA A 337 -36.44 16.51 32.35
CA ALA A 337 -35.47 15.92 31.40
C ALA A 337 -35.87 14.51 31.01
N MET A 338 -36.47 13.76 31.95
CA MET A 338 -36.93 12.40 31.64
C MET A 338 -38.03 12.44 30.59
N MET A 339 -38.94 13.41 30.69
CA MET A 339 -40.01 13.51 29.69
C MET A 339 -39.43 13.75 28.31
N TRP A 340 -38.43 14.63 28.21
CA TRP A 340 -37.79 14.90 26.91
C TRP A 340 -37.17 13.62 26.37
N ALA A 341 -36.56 12.82 27.24
CA ALA A 341 -35.89 11.62 26.74
C ALA A 341 -36.89 10.56 26.34
N LEU A 342 -38.00 10.48 27.05
CA LEU A 342 -38.97 9.46 26.65
C LEU A 342 -39.63 9.89 25.35
N GLY A 343 -39.93 11.19 25.23
CA GLY A 343 -40.40 11.68 23.93
C GLY A 343 -39.39 11.39 22.83
N PHE A 344 -38.13 11.63 23.09
CA PHE A 344 -37.08 11.26 22.12
C PHE A 344 -37.23 9.82 21.70
N ILE A 345 -37.28 8.90 22.67
CA ILE A 345 -37.22 7.49 22.29
C ILE A 345 -38.36 7.15 21.32
N PHE A 346 -39.57 7.62 21.63
CA PHE A 346 -40.72 7.31 20.77
C PHE A 346 -40.62 8.02 19.41
N LEU A 347 -40.35 9.32 19.42
CA LEU A 347 -40.42 10.08 18.16
C LEU A 347 -39.23 9.78 17.25
N PHE A 348 -38.05 9.54 17.83
CA PHE A 348 -36.92 9.05 17.03
C PHE A 348 -37.26 7.73 16.38
N THR A 349 -37.98 6.85 17.11
CA THR A 349 -38.29 5.56 16.53
C THR A 349 -39.24 5.72 15.33
N VAL A 350 -40.26 6.60 15.47
CA VAL A 350 -41.15 6.86 14.33
C VAL A 350 -40.36 7.34 13.11
N GLY A 351 -39.49 8.30 13.32
CA GLY A 351 -38.72 8.84 12.22
C GLY A 351 -37.76 7.82 11.63
N GLY A 352 -37.15 7.01 12.48
CA GLY A 352 -36.26 5.98 11.97
C GLY A 352 -37.02 4.99 11.10
N LEU A 353 -38.24 4.67 11.49
CA LEU A 353 -39.02 3.71 10.72
C LEU A 353 -39.42 4.28 9.36
N THR A 354 -39.77 5.57 9.31
CA THR A 354 -40.09 6.13 7.99
C THR A 354 -38.83 6.23 7.13
N GLY A 355 -37.66 6.32 7.76
CA GLY A 355 -36.42 6.19 7.01
C GLY A 355 -36.27 4.83 6.37
N ILE A 356 -36.65 3.77 7.09
CA ILE A 356 -36.62 2.41 6.53
C ILE A 356 -37.57 2.27 5.36
N VAL A 357 -38.75 2.90 5.41
CA VAL A 357 -39.61 2.96 4.22
C VAL A 357 -38.87 3.59 3.06
N LEU A 358 -38.24 4.77 3.26
CA LEU A 358 -37.53 5.46 2.17
C LEU A 358 -36.34 4.66 1.63
N ALA A 359 -35.75 3.80 2.46
CA ALA A 359 -34.59 3.01 2.03
C ALA A 359 -34.92 2.07 0.92
N ASN A 360 -36.18 1.71 0.79
CA ASN A 360 -36.62 0.83 -0.29
C ASN A 360 -36.73 1.66 -1.56
N SER A 361 -35.73 1.54 -2.43
CA SER A 361 -35.64 2.48 -3.54
C SER A 361 -36.88 2.41 -4.41
N SER A 362 -37.56 1.25 -4.49
CA SER A 362 -38.77 1.24 -5.34
C SER A 362 -39.84 2.18 -4.79
N LEU A 363 -40.06 2.18 -3.48
CA LEU A 363 -40.99 3.17 -2.90
C LEU A 363 -40.41 4.57 -2.91
N ASP A 364 -39.09 4.69 -2.78
CA ASP A 364 -38.51 6.03 -2.79
C ASP A 364 -38.70 6.72 -4.14
N ILE A 365 -38.83 5.98 -5.25
CA ILE A 365 -39.12 6.70 -6.50
C ILE A 365 -40.33 7.64 -6.32
N VAL A 366 -41.38 7.14 -5.68
CA VAL A 366 -42.60 7.94 -5.52
C VAL A 366 -42.49 8.92 -4.34
N LEU A 367 -41.66 8.60 -3.35
CA LEU A 367 -41.60 9.42 -2.13
C LEU A 367 -40.46 10.44 -2.15
N HIS A 368 -39.45 10.25 -2.98
CA HIS A 368 -38.30 11.17 -3.08
C HIS A 368 -38.77 12.58 -3.46
N ASP A 369 -38.16 13.61 -2.80
CA ASP A 369 -38.52 15.00 -3.11
C ASP A 369 -40.01 15.30 -2.87
N THR A 370 -40.62 14.60 -1.90
CA THR A 370 -41.96 14.92 -1.41
C THR A 370 -41.89 15.19 0.10
N TYR A 371 -43.03 15.63 0.65
CA TYR A 371 -43.08 15.86 2.09
C TYR A 371 -42.95 14.59 2.90
N TYR A 372 -42.93 13.39 2.29
CA TYR A 372 -42.69 12.24 3.16
C TYR A 372 -41.25 12.28 3.68
N VAL A 373 -40.31 12.74 2.84
CA VAL A 373 -38.92 12.87 3.28
C VAL A 373 -38.84 13.93 4.36
N VAL A 374 -39.57 15.05 4.17
CA VAL A 374 -39.54 16.13 5.17
C VAL A 374 -40.06 15.62 6.49
N ALA A 375 -41.14 14.80 6.44
CA ALA A 375 -41.67 14.23 7.69
C ALA A 375 -40.66 13.29 8.33
N HIS A 376 -40.02 12.41 7.53
CA HIS A 376 -38.95 11.55 8.07
C HIS A 376 -37.94 12.36 8.86
N PHE A 377 -37.34 13.37 8.23
CA PHE A 377 -36.20 13.95 8.97
C PHE A 377 -36.61 14.99 10.02
N HIS A 378 -37.82 15.57 9.94
CA HIS A 378 -38.18 16.38 11.10
C HIS A 378 -38.56 15.51 12.31
N TYR A 379 -38.98 14.26 12.11
CA TYR A 379 -39.11 13.38 13.29
C TYR A 379 -37.70 13.01 13.82
N VAL A 380 -36.86 12.35 12.99
N VAL A 380 -36.72 12.76 12.97
CA VAL A 380 -35.62 11.76 13.56
CA VAL A 380 -35.42 12.47 13.63
C VAL A 380 -34.62 12.83 13.91
C VAL A 380 -34.66 13.72 14.09
N LEU A 381 -34.43 13.79 13.01
N LEU A 381 -34.90 14.90 13.53
CA LEU A 381 -33.45 14.87 13.16
CA LEU A 381 -34.13 16.08 13.91
C LEU A 381 -34.06 16.03 13.93
C LEU A 381 -34.90 17.01 14.87
N SER A 382 -35.07 16.69 13.38
N SER A 382 -36.17 17.30 14.56
CA SER A 382 -35.54 17.91 14.05
CA SER A 382 -36.89 18.23 15.39
C SER A 382 -36.03 17.62 15.48
C SER A 382 -37.53 17.56 16.60
N MET A 383 -36.96 16.68 15.64
N MET A 383 -37.70 16.24 16.55
CA MET A 383 -37.40 16.28 16.98
CA MET A 383 -38.11 15.48 17.73
C MET A 383 -36.34 15.49 17.75
C MET A 383 -37.04 14.51 18.22
N GLY A 384 -35.74 14.48 17.12
N GLY A 384 -35.92 14.41 17.51
CA GLY A 384 -34.76 13.67 17.84
CA GLY A 384 -34.76 13.66 18.01
C GLY A 384 -33.68 14.55 18.44
C GLY A 384 -33.67 14.58 18.48
N ALA A 385 -33.03 15.33 17.59
CA ALA A 385 -31.94 16.19 18.06
C ALA A 385 -32.44 17.25 19.04
N VAL A 386 -33.58 17.88 18.74
CA VAL A 386 -34.07 18.96 19.60
C VAL A 386 -34.52 18.40 20.97
N PHE A 387 -35.16 17.25 20.97
CA PHE A 387 -35.60 16.71 22.26
C PHE A 387 -34.39 16.26 23.08
N ALA A 388 -33.38 15.71 22.43
CA ALA A 388 -32.16 15.37 23.22
C ALA A 388 -31.49 16.64 23.74
N ILE A 389 -31.40 17.67 22.91
CA ILE A 389 -30.85 18.95 23.36
C ILE A 389 -31.65 19.51 24.54
N MET A 390 -32.97 19.56 24.40
CA MET A 390 -33.76 20.11 25.54
C MET A 390 -33.61 19.26 26.77
N GLY A 391 -33.55 17.93 26.61
CA GLY A 391 -33.43 17.11 27.80
C GLY A 391 -32.09 17.31 28.46
N GLY A 392 -31.02 17.38 27.66
CA GLY A 392 -29.71 17.68 28.19
C GLY A 392 -29.64 19.05 28.85
N PHE A 393 -30.25 20.03 28.21
CA PHE A 393 -30.23 21.39 28.71
C PHE A 393 -30.90 21.44 30.08
N VAL A 394 -32.10 20.87 30.19
CA VAL A 394 -32.81 20.94 31.49
C VAL A 394 -32.04 20.12 32.52
N HIS A 395 -31.52 18.95 32.11
CA HIS A 395 -30.76 18.10 33.06
C HIS A 395 -29.51 18.80 33.63
N TRP A 396 -28.70 19.44 32.75
CA TRP A 396 -27.39 19.93 33.15
C TRP A 396 -27.39 21.43 33.40
N PHE A 397 -28.49 22.13 33.15
CA PHE A 397 -28.50 23.56 33.46
C PHE A 397 -28.07 23.86 34.92
N PRO A 398 -28.47 23.08 35.94
CA PRO A 398 -28.02 23.42 37.30
C PRO A 398 -26.52 23.16 37.47
N LEU A 399 -25.94 22.20 36.72
CA LEU A 399 -24.48 22.01 36.76
C LEU A 399 -23.77 23.22 36.18
N PHE A 400 -24.22 23.69 35.01
CA PHE A 400 -23.53 24.77 34.33
C PHE A 400 -23.73 26.10 35.03
N SER A 401 -24.92 26.32 35.60
CA SER A 401 -25.25 27.64 36.13
C SER A 401 -25.16 27.70 37.66
N GLY A 402 -25.29 26.55 38.35
CA GLY A 402 -25.46 26.62 39.81
C GLY A 402 -26.87 26.91 40.28
N TYR A 403 -27.83 27.10 39.37
CA TYR A 403 -29.20 27.48 39.73
C TYR A 403 -30.17 26.41 39.26
N THR A 404 -31.32 26.28 39.93
CA THR A 404 -32.34 25.37 39.42
C THR A 404 -33.41 26.05 38.56
N LEU A 405 -33.98 25.27 37.63
CA LEU A 405 -35.20 25.65 36.91
C LEU A 405 -36.42 25.38 37.76
N ASN A 406 -37.53 26.03 37.39
CA ASN A 406 -38.82 25.65 37.94
C ASN A 406 -39.29 24.41 37.21
N ASP A 407 -39.41 23.25 37.89
CA ASP A 407 -39.71 22.01 37.15
C ASP A 407 -41.12 22.04 36.58
N THR A 408 -42.06 22.69 37.26
CA THR A 408 -43.43 22.70 36.73
C THR A 408 -43.47 23.44 35.38
N TRP A 409 -42.82 24.60 35.33
CA TRP A 409 -42.76 25.35 34.08
C TRP A 409 -42.09 24.52 33.01
N ALA A 410 -41.06 23.76 33.40
CA ALA A 410 -40.35 22.97 32.38
C ALA A 410 -41.22 21.85 31.85
N LYS A 411 -42.07 21.26 32.71
CA LYS A 411 -43.00 20.24 32.23
C LYS A 411 -44.03 20.86 31.30
N ILE A 412 -44.49 22.08 31.61
CA ILE A 412 -45.45 22.77 30.73
C ILE A 412 -44.82 22.98 29.35
N HIS A 413 -43.58 23.42 29.35
CA HIS A 413 -42.84 23.64 28.12
C HIS A 413 -42.78 22.36 27.29
N PHE A 414 -42.32 21.24 27.90
CA PHE A 414 -42.36 19.93 27.23
C PHE A 414 -43.74 19.65 26.61
N ALA A 415 -44.81 19.83 27.39
CA ALA A 415 -46.13 19.43 26.88
C ALA A 415 -46.48 20.25 25.65
N ILE A 416 -46.23 21.56 25.72
CA ILE A 416 -46.58 22.41 24.58
C ILE A 416 -45.76 21.99 23.36
N MET A 417 -44.44 21.83 23.56
CA MET A 417 -43.58 21.45 22.44
C MET A 417 -44.04 20.13 21.83
N PHE A 418 -44.40 19.15 22.67
CA PHE A 418 -44.77 17.84 22.17
C PHE A 418 -45.99 17.94 21.25
N VAL A 419 -47.01 18.69 21.69
CA VAL A 419 -48.20 18.91 20.84
C VAL A 419 -47.80 19.60 19.55
N GLY A 420 -47.03 20.68 19.67
CA GLY A 420 -46.68 21.47 18.48
C GLY A 420 -45.97 20.67 17.40
N VAL A 421 -44.90 19.94 17.78
CA VAL A 421 -44.12 19.30 16.72
C VAL A 421 -44.95 18.22 16.09
N ASN A 422 -45.78 17.52 16.87
CA ASN A 422 -46.55 16.44 16.26
C ASN A 422 -47.65 16.98 15.35
N MET A 423 -48.29 18.10 15.76
CA MET A 423 -49.30 18.69 14.88
C MET A 423 -48.64 19.22 13.60
N THR A 424 -47.42 19.75 13.74
CA THR A 424 -46.72 20.30 12.57
C THR A 424 -46.35 19.18 11.58
N PHE A 425 -45.71 18.11 12.06
CA PHE A 425 -45.07 17.19 11.12
C PHE A 425 -45.87 15.94 10.82
N PHE A 426 -46.72 15.46 11.73
CA PHE A 426 -47.42 14.22 11.41
C PHE A 426 -48.25 14.31 10.13
N PRO A 427 -48.97 15.40 9.85
CA PRO A 427 -49.74 15.43 8.58
C PRO A 427 -48.87 15.49 7.36
N GLN A 428 -47.61 15.89 7.48
CA GLN A 428 -46.74 15.89 6.29
C GLN A 428 -46.54 14.50 5.71
N HIS A 429 -46.69 13.43 6.51
CA HIS A 429 -46.69 12.08 5.92
C HIS A 429 -47.78 11.95 4.86
N PHE A 430 -49.02 12.39 5.17
CA PHE A 430 -50.12 12.32 4.20
C PHE A 430 -49.80 13.12 2.96
N LEU A 431 -49.30 14.34 3.17
CA LEU A 431 -48.91 15.19 2.04
C LEU A 431 -47.91 14.47 1.14
N GLY A 432 -46.93 13.78 1.75
CA GLY A 432 -45.93 13.11 0.93
C GLY A 432 -46.48 11.90 0.19
N LEU A 433 -47.21 11.04 0.91
CA LEU A 433 -47.81 9.87 0.25
C LEU A 433 -48.71 10.28 -0.90
N SER A 434 -49.45 11.37 -0.73
CA SER A 434 -50.37 11.79 -1.78
C SER A 434 -49.69 12.66 -2.84
N GLY A 435 -48.38 12.87 -2.71
CA GLY A 435 -47.57 13.39 -3.80
C GLY A 435 -47.24 14.88 -3.78
N MET A 436 -47.40 15.54 -2.65
CA MET A 436 -46.98 16.96 -2.62
C MET A 436 -45.45 17.08 -2.64
N PRO A 437 -44.86 17.84 -3.58
CA PRO A 437 -43.40 17.96 -3.63
C PRO A 437 -42.88 18.81 -2.48
N ARG A 438 -41.64 18.53 -2.10
CA ARG A 438 -41.00 19.45 -1.14
C ARG A 438 -40.46 20.63 -1.92
N ARG A 439 -40.07 21.67 -1.19
CA ARG A 439 -39.43 22.86 -1.72
C ARG A 439 -40.38 23.66 -2.61
N TYR A 440 -41.69 23.55 -2.34
CA TYR A 440 -42.72 24.29 -3.06
C TYR A 440 -43.21 25.47 -2.22
N SER A 441 -43.50 26.59 -2.89
CA SER A 441 -44.08 27.73 -2.17
C SER A 441 -45.60 27.72 -2.16
N ASP A 442 -46.22 26.82 -2.92
CA ASP A 442 -47.68 26.74 -3.01
C ASP A 442 -47.99 25.35 -3.57
N TYR A 443 -49.23 24.92 -3.40
CA TYR A 443 -49.60 23.54 -3.69
C TYR A 443 -50.97 23.48 -4.36
N PRO A 444 -51.22 22.44 -5.16
CA PRO A 444 -52.58 22.18 -5.63
C PRO A 444 -53.57 22.15 -4.47
N ASP A 445 -54.82 22.56 -4.78
CA ASP A 445 -55.81 22.86 -3.75
C ASP A 445 -56.10 21.67 -2.87
N ALA A 446 -56.04 20.45 -3.44
CA ALA A 446 -56.33 19.24 -2.66
C ALA A 446 -55.43 19.14 -1.43
N TYR A 447 -54.22 19.71 -1.47
CA TYR A 447 -53.30 19.59 -0.30
C TYR A 447 -53.56 20.66 0.82
N THR A 448 -54.63 21.42 0.76
CA THR A 448 -54.82 22.56 1.67
C THR A 448 -55.00 22.11 3.12
N MET A 449 -55.89 21.16 3.38
CA MET A 449 -56.18 20.77 4.76
C MET A 449 -54.90 20.42 5.57
N TRP A 450 -54.06 19.53 5.06
CA TRP A 450 -52.91 19.14 5.91
C TRP A 450 -51.89 20.27 6.03
N ASN A 451 -51.71 21.07 4.96
CA ASN A 451 -50.84 22.23 5.07
C ASN A 451 -51.34 23.21 6.12
N THR A 452 -52.66 23.39 6.18
CA THR A 452 -53.24 24.33 7.13
C THR A 452 -52.98 23.87 8.55
N ILE A 453 -53.23 22.57 8.81
CA ILE A 453 -52.97 22.04 10.16
C ILE A 453 -51.49 22.12 10.50
N SER A 454 -50.60 21.80 9.53
CA SER A 454 -49.15 21.79 9.80
C SER A 454 -48.69 23.19 10.21
N SER A 455 -49.21 24.22 9.52
CA SER A 455 -48.81 25.59 9.83
C SER A 455 -49.35 26.04 11.19
N MET A 456 -50.59 25.65 11.53
CA MET A 456 -51.07 25.94 12.89
C MET A 456 -50.18 25.28 13.94
N GLY A 457 -49.78 24.02 13.70
CA GLY A 457 -48.82 23.37 14.61
C GLY A 457 -47.56 24.17 14.81
N SER A 458 -47.06 24.83 13.76
CA SER A 458 -45.77 25.50 13.90
C SER A 458 -45.85 26.68 14.87
N PHE A 459 -47.03 27.32 14.95
CA PHE A 459 -47.25 28.39 15.94
C PHE A 459 -47.24 27.86 17.38
N ILE A 460 -47.74 26.64 17.61
CA ILE A 460 -47.71 26.06 18.96
C ILE A 460 -46.25 25.88 19.43
N SER A 461 -45.37 25.40 18.51
CA SER A 461 -43.96 25.25 18.88
C SER A 461 -43.33 26.62 19.08
N LEU A 462 -43.82 27.64 18.35
CA LEU A 462 -43.33 28.98 18.65
C LEU A 462 -43.65 29.37 20.08
N THR A 463 -44.89 29.16 20.51
CA THR A 463 -45.24 29.52 21.89
C THR A 463 -44.34 28.80 22.87
N ALA A 464 -44.02 27.52 22.58
CA ALA A 464 -43.08 26.78 23.46
C ALA A 464 -41.70 27.43 23.51
N VAL A 465 -41.19 27.90 22.38
CA VAL A 465 -39.86 28.53 22.33
C VAL A 465 -39.86 29.81 23.14
N MET A 466 -40.90 30.62 23.00
CA MET A 466 -40.96 31.84 23.81
C MET A 466 -41.01 31.49 25.28
N LEU A 467 -41.78 30.46 25.62
CA LEU A 467 -41.87 30.05 27.02
C LEU A 467 -40.51 29.60 27.55
N MET A 468 -39.76 28.88 26.71
CA MET A 468 -38.44 28.42 27.16
C MET A 468 -37.53 29.60 27.54
N VAL A 469 -37.57 30.70 26.75
CA VAL A 469 -36.74 31.85 27.09
C VAL A 469 -37.18 32.44 28.44
N PHE A 470 -38.48 32.48 28.67
CA PHE A 470 -38.95 32.98 29.96
C PHE A 470 -38.49 32.09 31.13
N ILE A 471 -38.52 30.77 30.93
CA ILE A 471 -38.14 29.81 31.97
C ILE A 471 -36.68 29.94 32.35
N ILE A 472 -35.81 30.16 31.34
CA ILE A 472 -34.40 30.45 31.64
C ILE A 472 -34.27 31.76 32.39
N TRP A 473 -34.99 32.79 31.92
CA TRP A 473 -34.97 34.06 32.65
C TRP A 473 -35.37 33.83 34.12
N GLU A 474 -36.46 33.08 34.34
CA GLU A 474 -36.99 32.97 35.70
C GLU A 474 -35.97 32.30 36.60
N ALA A 475 -35.23 31.33 36.05
CA ALA A 475 -34.24 30.64 36.86
C ALA A 475 -33.12 31.61 37.27
N PHE A 476 -32.59 32.37 36.29
CA PHE A 476 -31.56 33.36 36.62
C PHE A 476 -32.12 34.51 37.46
N ALA A 477 -33.38 34.82 37.31
CA ALA A 477 -34.04 35.87 38.10
C ALA A 477 -34.20 35.48 39.57
N SER A 478 -34.52 34.23 39.85
CA SER A 478 -34.85 33.80 41.21
C SER A 478 -33.64 33.33 42.01
N LYS A 479 -32.63 32.74 41.36
CA LYS A 479 -31.35 32.38 42.01
C LYS A 479 -31.53 31.39 43.17
N ARG A 480 -32.16 30.26 42.87
CA ARG A 480 -32.20 29.09 43.75
C ARG A 480 -30.89 28.35 43.56
N GLU A 481 -29.98 28.42 44.55
CA GLU A 481 -28.70 27.72 44.37
C GLU A 481 -28.75 26.23 44.76
N VAL A 482 -28.11 25.41 43.94
CA VAL A 482 -28.05 23.96 44.15
C VAL A 482 -27.40 23.62 45.50
N LEU A 483 -27.95 22.62 46.19
CA LEU A 483 -27.29 22.16 47.41
C LEU A 483 -26.76 20.73 47.33
N THR A 484 -27.58 19.84 46.81
CA THR A 484 -27.31 18.41 46.80
C THR A 484 -27.77 17.84 45.46
N VAL A 485 -27.05 16.84 44.97
CA VAL A 485 -27.39 16.18 43.71
C VAL A 485 -27.21 14.69 43.93
N ASP A 486 -28.19 13.87 43.53
CA ASP A 486 -28.14 12.40 43.66
C ASP A 486 -27.23 11.74 42.62
N LEU A 487 -26.77 10.50 42.93
CA LEU A 487 -26.06 9.61 41.96
C LEU A 487 -24.73 10.22 41.49
N THR A 488 -24.09 11.04 42.33
CA THR A 488 -22.78 11.51 41.90
C THR A 488 -21.78 10.37 41.77
N THR A 489 -22.01 9.22 42.43
CA THR A 489 -21.02 8.14 42.34
C THR A 489 -20.93 7.59 40.91
N THR A 490 -21.97 7.80 40.08
CA THR A 490 -21.89 7.36 38.68
C THR A 490 -22.14 8.51 37.69
N ASN A 491 -21.88 9.74 38.11
CA ASN A 491 -22.08 10.94 37.25
C ASN A 491 -20.99 11.94 37.69
N LEU A 492 -19.75 11.63 37.30
CA LEU A 492 -18.56 12.38 37.74
C LEU A 492 -18.65 13.87 37.44
N GLU A 493 -19.38 14.28 36.38
CA GLU A 493 -19.37 15.69 36.04
C GLU A 493 -20.02 16.54 37.12
N TRP A 494 -20.84 15.95 38.03
CA TRP A 494 -21.48 16.71 39.09
C TRP A 494 -20.64 16.84 40.37
N LEU A 495 -19.55 16.04 40.48
CA LEU A 495 -18.87 15.84 41.78
C LEU A 495 -18.01 17.03 42.21
N ASN A 496 -17.73 17.97 41.31
CA ASN A 496 -17.03 19.20 41.68
C ASN A 496 -17.96 20.35 42.02
N GLY A 497 -19.25 20.08 42.22
CA GLY A 497 -20.20 21.13 42.61
C GLY A 497 -20.77 21.91 41.42
N CYS A 498 -21.65 22.92 41.74
CA CYS A 498 -22.45 23.59 40.69
C CYS A 498 -22.45 25.10 40.85
N PRO A 499 -21.83 25.85 39.96
CA PRO A 499 -21.01 25.36 38.86
C PRO A 499 -19.64 24.88 39.37
N PRO A 500 -18.94 24.01 38.65
CA PRO A 500 -17.59 23.63 39.11
C PRO A 500 -16.64 24.81 39.03
N PRO A 501 -15.56 24.79 39.80
CA PRO A 501 -14.56 25.85 39.71
C PRO A 501 -14.01 25.97 38.30
N TYR A 502 -13.59 27.19 37.95
CA TYR A 502 -12.89 27.43 36.69
C TYR A 502 -11.90 26.30 36.31
N HIS A 503 -10.94 26.00 37.20
CA HIS A 503 -10.05 24.85 37.04
C HIS A 503 -10.58 23.67 37.84
N THR A 504 -10.87 22.57 37.17
CA THR A 504 -11.18 21.35 37.88
C THR A 504 -10.13 20.31 37.57
N PHE A 505 -10.00 19.38 38.49
CA PHE A 505 -9.05 18.25 38.37
C PHE A 505 -7.63 18.77 38.22
N GLU A 506 -7.32 19.89 38.87
CA GLU A 506 -5.92 20.27 38.99
C GLU A 506 -5.12 19.18 39.68
N GLU A 507 -5.69 18.56 40.72
CA GLU A 507 -5.23 17.28 41.18
C GLU A 507 -6.09 16.22 40.51
N PRO A 508 -5.52 15.27 39.79
CA PRO A 508 -6.34 14.29 39.05
C PRO A 508 -6.98 13.32 40.03
N THR A 509 -8.01 12.63 39.55
CA THR A 509 -8.64 11.56 40.32
C THR A 509 -7.62 10.44 40.54
N TYR A 510 -7.86 9.66 41.60
CA TYR A 510 -7.09 8.48 41.91
C TYR A 510 -7.93 7.29 41.46
N VAL A 511 -7.40 6.49 40.54
CA VAL A 511 -8.06 5.28 40.12
C VAL A 511 -7.00 4.19 40.09
N ASN A 512 -7.22 3.12 40.88
CA ASN A 512 -6.36 1.93 41.02
C ASN A 512 -6.49 1.01 39.83
N LEU A 513 -5.42 0.23 39.60
CA LEU A 513 -5.61 -0.85 38.63
C LEU A 513 -6.03 -2.17 39.26
N LYS A 514 -5.40 -2.58 40.37
CA LYS A 514 -5.72 -3.88 40.96
C LYS A 514 -5.16 -4.98 40.08
N FME B 1 -54.52 12.45 -10.19
CN FME B 1 -53.59 12.49 -11.31
O1 FME B 1 -53.27 11.46 -11.81
CA FME B 1 -54.28 13.45 -9.08
CB FME B 1 -54.98 14.77 -9.47
CG FME B 1 -56.49 14.39 -9.43
SD FME B 1 -57.41 15.74 -9.88
CE FME B 1 -56.98 16.89 -8.61
C FME B 1 -54.69 13.20 -7.59
O FME B 1 -55.56 12.42 -7.30
N ALA B 2 -54.08 13.92 -6.66
CA ALA B 2 -54.54 13.85 -5.27
C ALA B 2 -55.91 14.51 -5.08
N TYR B 3 -56.68 14.08 -4.07
CA TYR B 3 -57.98 14.65 -3.72
C TYR B 3 -57.93 15.12 -2.26
N PRO B 4 -58.85 16.00 -1.87
CA PRO B 4 -58.74 16.64 -0.57
C PRO B 4 -58.83 15.62 0.56
N MET B 5 -58.04 15.85 1.60
CA MET B 5 -57.94 15.01 2.77
C MET B 5 -57.34 13.65 2.48
N GLN B 6 -56.67 13.50 1.36
CA GLN B 6 -56.07 12.20 1.07
C GLN B 6 -55.00 11.83 2.09
N LEU B 7 -54.98 10.57 2.48
CA LEU B 7 -54.04 10.03 3.48
C LEU B 7 -52.93 9.22 2.86
N GLY B 8 -53.26 8.40 1.83
CA GLY B 8 -52.31 7.50 1.25
C GLY B 8 -51.94 7.85 -0.19
N PHE B 9 -51.48 6.84 -0.89
CA PHE B 9 -51.03 7.03 -2.28
C PHE B 9 -52.24 7.29 -3.19
N GLN B 10 -52.01 8.04 -4.26
CA GLN B 10 -53.00 8.07 -5.37
C GLN B 10 -53.30 6.67 -5.87
N ASP B 11 -54.55 6.44 -6.35
CA ASP B 11 -54.85 5.11 -6.88
C ASP B 11 -53.87 4.77 -8.00
N ALA B 12 -53.52 3.49 -8.10
CA ALA B 12 -52.55 3.07 -9.10
C ALA B 12 -53.16 3.13 -10.53
N THR B 13 -52.39 3.71 -11.46
CA THR B 13 -52.72 3.75 -12.91
C THR B 13 -51.93 2.69 -13.72
N SER B 14 -50.82 2.20 -13.18
CA SER B 14 -49.98 1.20 -13.85
C SER B 14 -49.82 -0.02 -12.96
N PRO B 15 -49.52 -1.20 -13.54
CA PRO B 15 -49.33 -2.40 -12.69
C PRO B 15 -48.15 -2.27 -11.73
N ILE B 16 -47.07 -1.56 -12.10
CA ILE B 16 -45.99 -1.32 -11.14
C ILE B 16 -46.51 -0.55 -9.97
N MET B 17 -47.37 0.46 -10.22
CA MET B 17 -47.84 1.22 -9.07
C MET B 17 -48.75 0.35 -8.18
N GLU B 18 -49.52 -0.60 -8.75
CA GLU B 18 -50.31 -1.45 -7.85
C GLU B 18 -49.40 -2.32 -6.97
N GLU B 19 -48.33 -2.85 -7.57
CA GLU B 19 -47.29 -3.54 -6.80
C GLU B 19 -46.80 -2.69 -5.65
N LEU B 20 -46.48 -1.41 -5.93
CA LEU B 20 -45.95 -0.59 -4.87
C LEU B 20 -46.97 -0.40 -3.76
N LEU B 21 -48.25 -0.28 -4.13
CA LEU B 21 -49.28 -0.13 -3.09
C LEU B 21 -49.29 -1.32 -2.16
N HIS B 22 -49.28 -2.54 -2.72
CA HIS B 22 -49.27 -3.73 -1.84
C HIS B 22 -47.99 -3.80 -1.03
N PHE B 23 -46.85 -3.50 -1.64
CA PHE B 23 -45.61 -3.46 -0.84
C PHE B 23 -45.65 -2.40 0.25
N HIS B 24 -46.19 -1.21 -0.05
CA HIS B 24 -46.32 -0.21 1.03
C HIS B 24 -47.26 -0.68 2.13
N ASP B 25 -48.39 -1.29 1.78
CA ASP B 25 -49.27 -1.83 2.83
C ASP B 25 -48.51 -2.79 3.77
N HIS B 26 -47.72 -3.69 3.18
CA HIS B 26 -46.92 -4.65 3.96
C HIS B 26 -45.92 -3.94 4.86
N THR B 27 -45.18 -2.97 4.29
CA THR B 27 -44.17 -2.26 5.07
C THR B 27 -44.82 -1.39 6.14
N LEU B 28 -45.98 -0.79 5.85
CA LEU B 28 -46.59 0.09 6.83
C LEU B 28 -47.16 -0.70 7.99
N MET B 29 -47.63 -1.93 7.73
CA MET B 29 -48.08 -2.75 8.84
C MET B 29 -46.94 -2.98 9.83
N ILE B 30 -45.75 -3.26 9.28
CA ILE B 30 -44.56 -3.51 10.11
C ILE B 30 -44.18 -2.25 10.87
N VAL B 31 -44.17 -1.10 10.19
CA VAL B 31 -43.88 0.20 10.84
C VAL B 31 -44.84 0.47 12.00
N PHE B 32 -46.14 0.28 11.78
CA PHE B 32 -47.13 0.51 12.82
C PHE B 32 -46.90 -0.42 14.00
N LEU B 33 -46.67 -1.70 13.72
CA LEU B 33 -46.45 -2.67 14.79
C LEU B 33 -45.24 -2.30 15.63
N ILE B 34 -44.13 -1.99 14.98
CA ILE B 34 -42.90 -1.70 15.76
C ILE B 34 -43.07 -0.42 16.56
N SER B 35 -43.58 0.65 15.92
CA SER B 35 -43.75 1.90 16.66
C SER B 35 -44.72 1.74 17.81
N SER B 36 -45.80 0.97 17.60
CA SER B 36 -46.74 0.75 18.72
C SER B 36 -46.11 -0.13 19.81
N LEU B 37 -45.32 -1.12 19.41
CA LEU B 37 -44.65 -1.95 20.41
C LEU B 37 -43.72 -1.12 21.27
N VAL B 38 -42.97 -0.22 20.64
CA VAL B 38 -42.05 0.61 21.40
C VAL B 38 -42.84 1.51 22.35
N LEU B 39 -43.93 2.11 21.87
CA LEU B 39 -44.75 2.96 22.76
C LEU B 39 -45.36 2.13 23.90
N TYR B 40 -45.80 0.92 23.58
CA TYR B 40 -46.42 0.10 24.63
C TYR B 40 -45.37 -0.27 25.68
N ILE B 41 -44.19 -0.70 25.25
CA ILE B 41 -43.14 -1.08 26.22
C ILE B 41 -42.75 0.10 27.04
N ILE B 42 -42.62 1.27 26.43
CA ILE B 42 -42.41 2.47 27.24
C ILE B 42 -43.46 2.56 28.34
N SER B 43 -44.74 2.48 27.98
CA SER B 43 -45.77 2.60 29.03
C SER B 43 -45.62 1.48 30.06
N LEU B 44 -45.23 0.29 29.62
CA LEU B 44 -45.08 -0.84 30.55
C LEU B 44 -43.92 -0.62 31.54
N MET B 45 -42.79 -0.12 31.03
CA MET B 45 -41.64 0.17 31.88
C MET B 45 -41.96 1.20 32.93
N LEU B 46 -42.92 2.07 32.67
CA LEU B 46 -43.17 3.23 33.49
C LEU B 46 -44.35 3.06 34.42
N THR B 47 -45.00 1.89 34.43
CA THR B 47 -46.23 1.82 35.21
C THR B 47 -46.18 0.82 36.37
N THR B 48 -45.02 0.62 36.99
CA THR B 48 -44.98 -0.29 38.13
C THR B 48 -44.09 0.27 39.22
N LYS B 49 -44.48 0.06 40.46
CA LYS B 49 -43.62 0.39 41.60
C LYS B 49 -42.54 -0.66 41.86
N LEU B 50 -42.66 -1.82 41.24
CA LEU B 50 -41.66 -2.87 41.42
C LEU B 50 -40.32 -2.39 40.87
N THR B 51 -39.22 -2.75 41.55
CA THR B 51 -37.92 -2.28 41.10
C THR B 51 -36.91 -3.41 40.98
N HIS B 52 -35.91 -3.16 40.16
CA HIS B 52 -34.77 -4.08 40.00
C HIS B 52 -33.64 -3.24 39.43
N THR B 53 -32.66 -2.93 40.25
CA THR B 53 -31.68 -1.89 39.89
C THR B 53 -30.27 -2.40 39.95
N SER B 54 -30.09 -3.65 40.30
CA SER B 54 -28.77 -4.20 40.27
C SER B 54 -28.39 -4.42 38.83
N THR B 55 -27.12 -4.75 38.62
CA THR B 55 -26.61 -4.96 37.26
C THR B 55 -27.37 -6.08 36.56
N MET B 56 -27.78 -5.82 35.31
CA MET B 56 -28.52 -6.81 34.52
C MET B 56 -27.63 -7.38 33.41
N ASP B 57 -27.70 -8.70 33.23
CA ASP B 57 -26.95 -9.38 32.19
C ASP B 57 -27.66 -9.24 30.85
N ALA B 58 -26.91 -8.88 29.81
CA ALA B 58 -27.50 -8.41 28.57
C ALA B 58 -27.39 -9.39 27.40
N GLN B 59 -26.57 -10.45 27.47
CA GLN B 59 -26.26 -11.11 26.20
C GLN B 59 -27.43 -11.97 25.69
N GLU B 60 -28.20 -12.60 26.57
CA GLU B 60 -29.36 -13.37 26.08
C GLU B 60 -30.32 -12.47 25.31
N VAL B 61 -30.65 -11.33 25.90
CA VAL B 61 -31.69 -10.57 25.25
C VAL B 61 -31.17 -9.87 24.01
N GLU B 62 -29.85 -9.62 23.93
CA GLU B 62 -29.36 -8.95 22.73
C GLU B 62 -29.39 -9.87 21.51
N THR B 63 -29.39 -11.19 21.72
CA THR B 63 -29.62 -12.10 20.60
C THR B 63 -31.02 -11.90 19.98
N ILE B 64 -32.04 -11.80 20.83
CA ILE B 64 -33.41 -11.58 20.34
C ILE B 64 -33.50 -10.24 19.63
N TRP B 65 -32.91 -9.21 20.19
CA TRP B 65 -33.24 -7.98 19.53
C TRP B 65 -32.18 -7.59 18.45
N THR B 66 -31.35 -8.54 18.05
CA THR B 66 -30.69 -8.45 16.74
C THR B 66 -31.27 -9.41 15.73
N ILE B 67 -31.52 -10.66 16.12
CA ILE B 67 -32.06 -11.64 15.16
C ILE B 67 -33.46 -11.26 14.68
N LEU B 68 -34.35 -10.89 15.61
CA LEU B 68 -35.71 -10.59 15.15
C LEU B 68 -35.74 -9.36 14.23
N PRO B 69 -35.06 -8.25 14.54
CA PRO B 69 -34.98 -7.17 13.53
C PRO B 69 -34.33 -7.60 12.24
N ALA B 70 -33.29 -8.45 12.26
CA ALA B 70 -32.73 -8.91 10.99
C ALA B 70 -33.76 -9.68 10.15
N ILE B 71 -34.55 -10.53 10.81
CA ILE B 71 -35.61 -11.25 10.09
C ILE B 71 -36.63 -10.27 9.54
N ILE B 72 -37.02 -9.26 10.32
CA ILE B 72 -38.02 -8.32 9.79
C ILE B 72 -37.49 -7.58 8.56
N LEU B 73 -36.20 -7.16 8.60
CA LEU B 73 -35.62 -6.50 7.43
C LEU B 73 -35.64 -7.42 6.21
N ILE B 74 -35.29 -8.69 6.38
CA ILE B 74 -35.33 -9.59 5.22
C ILE B 74 -36.76 -9.71 4.70
N LEU B 75 -37.74 -9.71 5.61
CA LEU B 75 -39.14 -9.79 5.17
C LEU B 75 -39.61 -8.53 4.47
N ILE B 76 -38.95 -7.39 4.68
CA ILE B 76 -39.19 -6.21 3.85
C ILE B 76 -38.37 -6.28 2.56
N ALA B 77 -37.08 -6.63 2.68
CA ALA B 77 -36.18 -6.60 1.51
C ALA B 77 -36.62 -7.54 0.41
N LEU B 78 -37.18 -8.69 0.75
CA LEU B 78 -37.52 -9.68 -0.28
C LEU B 78 -38.56 -9.13 -1.26
N PRO B 79 -39.75 -8.67 -0.83
CA PRO B 79 -40.69 -8.10 -1.83
C PRO B 79 -40.17 -6.80 -2.43
N SER B 80 -39.37 -6.07 -1.66
CA SER B 80 -38.84 -4.79 -2.13
C SER B 80 -37.97 -4.99 -3.36
N LEU B 81 -37.02 -5.95 -3.28
CA LEU B 81 -36.12 -6.20 -4.38
C LEU B 81 -36.86 -6.91 -5.52
N ARG B 82 -37.85 -7.72 -5.19
CA ARG B 82 -38.60 -8.33 -6.30
C ARG B 82 -39.21 -7.24 -7.20
N ILE B 83 -39.76 -6.19 -6.61
CA ILE B 83 -40.35 -5.11 -7.40
C ILE B 83 -39.27 -4.37 -8.15
N LEU B 84 -38.20 -4.04 -7.44
CA LEU B 84 -37.09 -3.38 -8.10
C LEU B 84 -36.68 -4.11 -9.37
N TYR B 85 -36.47 -5.43 -9.30
CA TYR B 85 -35.93 -6.09 -10.51
C TYR B 85 -37.01 -6.30 -11.58
N MET B 86 -38.26 -6.45 -11.14
CA MET B 86 -39.38 -6.56 -12.07
C MET B 86 -39.52 -5.28 -12.91
N MET B 87 -39.39 -4.12 -12.27
CA MET B 87 -39.41 -2.83 -13.01
C MET B 87 -38.28 -2.78 -14.03
N ASP B 88 -37.09 -3.25 -13.63
CA ASP B 88 -35.94 -3.13 -14.52
C ASP B 88 -35.99 -4.09 -15.71
N GLU B 89 -36.89 -5.09 -15.70
CA GLU B 89 -36.83 -6.19 -16.67
C GLU B 89 -37.13 -5.67 -18.08
N ILE B 90 -36.62 -6.40 -19.09
CA ILE B 90 -36.71 -5.96 -20.50
C ILE B 90 -38.18 -5.90 -20.90
N ASN B 91 -38.57 -4.77 -21.49
CA ASN B 91 -39.99 -4.49 -21.78
C ASN B 91 -40.30 -4.36 -23.28
N ASN B 92 -39.32 -3.98 -24.09
CA ASN B 92 -39.54 -3.46 -25.45
C ASN B 92 -40.76 -2.54 -25.59
N PRO B 93 -40.50 -1.25 -25.57
CA PRO B 93 -41.55 -0.26 -25.84
C PRO B 93 -41.93 -0.21 -27.31
N SER B 94 -43.13 0.30 -27.54
CA SER B 94 -43.63 0.54 -28.90
C SER B 94 -43.41 1.97 -29.36
N LEU B 95 -43.00 2.87 -28.46
CA LEU B 95 -42.97 4.31 -28.68
C LEU B 95 -41.86 4.86 -27.77
N THR B 96 -41.09 5.83 -28.28
CA THR B 96 -40.19 6.61 -27.42
C THR B 96 -40.62 8.07 -27.45
N VAL B 97 -40.72 8.67 -26.27
CA VAL B 97 -41.00 10.10 -26.17
C VAL B 97 -39.91 10.72 -25.29
N LYS B 98 -39.37 11.88 -25.69
CA LYS B 98 -38.40 12.62 -24.90
C LYS B 98 -39.10 13.79 -24.20
N THR B 99 -38.67 14.11 -22.98
CA THR B 99 -39.08 15.37 -22.39
C THR B 99 -37.84 16.12 -21.93
N MET B 100 -37.81 17.43 -22.14
CA MET B 100 -36.69 18.27 -21.74
C MET B 100 -37.22 19.26 -20.71
N GLY B 101 -36.57 19.35 -19.55
CA GLY B 101 -36.93 20.38 -18.61
C GLY B 101 -36.28 21.69 -18.99
N HIS B 102 -36.97 22.75 -18.60
CA HIS B 102 -36.52 24.13 -18.72
C HIS B 102 -37.02 24.89 -17.51
N GLN B 103 -36.35 26.02 -17.22
CA GLN B 103 -36.91 27.02 -16.32
C GLN B 103 -37.93 27.88 -17.09
N TRP B 104 -39.23 27.75 -16.86
CA TRP B 104 -39.90 26.75 -16.00
C TRP B 104 -41.11 26.19 -16.77
N TYR B 105 -40.84 25.14 -17.52
CA TYR B 105 -41.84 24.46 -18.35
C TYR B 105 -41.14 23.24 -18.93
N TRP B 106 -41.94 22.36 -19.52
CA TRP B 106 -41.44 21.13 -20.10
C TRP B 106 -41.64 21.20 -21.59
N SER B 107 -40.68 20.64 -22.34
CA SER B 107 -40.97 20.38 -23.74
C SER B 107 -40.98 18.87 -24.00
N TYR B 108 -41.65 18.48 -25.08
CA TYR B 108 -41.79 17.07 -25.45
C TYR B 108 -41.43 16.87 -26.93
N GLU B 109 -40.81 15.75 -27.21
CA GLU B 109 -40.38 15.42 -28.57
C GLU B 109 -40.81 14.00 -28.85
N TYR B 110 -41.49 13.79 -29.98
CA TYR B 110 -41.93 12.47 -30.35
C TYR B 110 -41.31 12.33 -31.73
N THR B 111 -40.13 11.71 -31.80
CA THR B 111 -39.43 11.75 -33.10
C THR B 111 -39.14 10.35 -33.64
N ASP B 112 -39.98 9.36 -33.28
CA ASP B 112 -39.85 8.02 -33.87
C ASP B 112 -40.08 8.03 -35.37
N TYR B 113 -40.94 8.92 -35.83
CA TYR B 113 -41.40 8.93 -37.23
C TYR B 113 -41.34 10.32 -37.86
N GLU B 114 -42.05 11.27 -37.29
CA GLU B 114 -42.10 12.63 -37.81
C GLU B 114 -41.41 13.56 -36.82
N ASP B 115 -41.18 14.80 -37.20
CA ASP B 115 -40.55 15.65 -36.17
C ASP B 115 -41.65 16.45 -35.44
N LEU B 116 -42.14 15.89 -34.34
CA LEU B 116 -43.19 16.50 -33.55
C LEU B 116 -42.59 16.98 -32.24
N SER B 117 -42.75 18.26 -31.91
CA SER B 117 -42.29 18.71 -30.58
C SER B 117 -43.11 19.93 -30.17
N PHE B 118 -43.25 20.13 -28.87
CA PHE B 118 -43.99 21.31 -28.42
C PHE B 118 -43.61 21.62 -26.97
N ASP B 119 -44.01 22.80 -26.55
CA ASP B 119 -43.75 23.19 -25.16
C ASP B 119 -45.03 23.05 -24.36
N SER B 120 -44.87 22.87 -23.04
CA SER B 120 -46.00 22.58 -22.17
C SER B 120 -45.85 23.45 -20.90
N TYR B 121 -46.75 24.45 -20.77
CA TYR B 121 -46.70 25.43 -19.66
C TYR B 121 -47.91 25.27 -18.75
N MET B 122 -47.71 25.60 -17.47
CA MET B 122 -48.82 25.72 -16.54
C MET B 122 -49.83 26.77 -17.03
N ILE B 123 -51.11 26.46 -16.89
CA ILE B 123 -52.17 27.46 -17.07
C ILE B 123 -52.20 28.41 -15.87
N PRO B 124 -52.05 29.71 -16.09
CA PRO B 124 -52.10 30.65 -14.95
C PRO B 124 -53.48 30.60 -14.32
N THR B 125 -53.49 30.80 -13.00
CA THR B 125 -54.72 30.67 -12.24
C THR B 125 -55.81 31.57 -12.82
N SER B 126 -55.42 32.77 -13.25
CA SER B 126 -56.40 33.72 -13.78
C SER B 126 -56.97 33.24 -15.10
N GLU B 127 -56.34 32.26 -15.75
CA GLU B 127 -56.79 31.81 -17.06
C GLU B 127 -57.46 30.45 -17.03
N LEU B 128 -57.58 29.84 -15.86
CA LEU B 128 -58.22 28.54 -15.75
C LEU B 128 -59.67 28.57 -16.25
N LYS B 129 -60.06 27.51 -16.95
CA LYS B 129 -61.44 27.39 -17.37
C LYS B 129 -62.23 26.77 -16.21
N PRO B 130 -63.52 27.02 -16.12
CA PRO B 130 -64.29 26.56 -14.96
C PRO B 130 -64.09 25.08 -14.71
N GLY B 131 -63.76 24.75 -13.45
CA GLY B 131 -63.51 23.42 -12.99
C GLY B 131 -62.10 22.92 -13.24
N GLU B 132 -61.25 23.68 -13.91
CA GLU B 132 -59.87 23.22 -14.05
C GLU B 132 -59.08 23.45 -12.77
N LEU B 133 -57.94 22.76 -12.67
CA LEU B 133 -57.26 22.57 -11.40
C LEU B 133 -56.10 23.56 -11.28
N ARG B 134 -56.11 24.34 -10.21
CA ARG B 134 -55.07 25.33 -9.96
C ARG B 134 -53.71 24.66 -9.80
N LEU B 135 -52.71 25.22 -10.49
CA LEU B 135 -51.28 24.81 -10.56
C LEU B 135 -51.03 23.48 -11.25
N LEU B 136 -52.03 22.85 -11.85
CA LEU B 136 -51.84 21.51 -12.39
C LEU B 136 -52.09 21.45 -13.90
N GLU B 137 -53.01 22.24 -14.41
CA GLU B 137 -53.30 22.13 -15.88
C GLU B 137 -52.16 22.72 -16.69
N VAL B 138 -51.99 22.20 -17.92
CA VAL B 138 -51.07 22.77 -18.89
C VAL B 138 -51.85 23.11 -20.15
N ASP B 139 -51.20 23.94 -20.99
CA ASP B 139 -51.83 24.28 -22.27
C ASP B 139 -51.78 23.10 -23.26
N ASN B 140 -50.65 22.35 -23.31
CA ASN B 140 -50.45 21.21 -24.22
C ASN B 140 -50.11 19.97 -23.41
N ARG B 141 -51.02 19.00 -23.38
CA ARG B 141 -50.82 17.81 -22.59
C ARG B 141 -49.95 16.82 -23.36
N VAL B 142 -49.39 15.85 -22.64
CA VAL B 142 -48.54 14.78 -23.19
C VAL B 142 -49.53 13.68 -23.58
N VAL B 143 -49.98 13.70 -24.84
CA VAL B 143 -50.88 12.66 -25.29
C VAL B 143 -50.11 11.40 -25.62
N LEU B 144 -50.64 10.27 -25.18
CA LEU B 144 -49.96 8.99 -25.19
C LEU B 144 -50.99 7.90 -25.43
N PRO B 145 -50.60 6.80 -26.08
CA PRO B 145 -51.54 5.67 -26.27
C PRO B 145 -51.63 4.84 -24.99
N MET B 146 -52.87 4.55 -24.60
CA MET B 146 -53.08 3.73 -23.41
C MET B 146 -52.76 2.25 -23.72
N GLU B 147 -52.56 1.48 -22.64
CA GLU B 147 -52.31 0.04 -22.72
C GLU B 147 -51.11 -0.30 -23.60
N MET B 148 -50.08 0.56 -23.62
CA MET B 148 -48.89 0.33 -24.42
C MET B 148 -47.65 0.72 -23.62
N THR B 149 -46.56 -0.02 -23.82
CA THR B 149 -45.31 0.23 -23.10
C THR B 149 -44.58 1.33 -23.83
N ILE B 150 -44.31 2.43 -23.12
CA ILE B 150 -43.74 3.63 -23.70
C ILE B 150 -42.40 3.87 -23.02
N ARG B 151 -41.38 4.17 -23.81
CA ARG B 151 -40.10 4.59 -23.26
C ARG B 151 -40.08 6.11 -23.15
N MET B 152 -39.96 6.65 -21.93
CA MET B 152 -39.75 8.10 -21.74
C MET B 152 -38.25 8.34 -21.54
N LEU B 153 -37.69 9.31 -22.25
CA LEU B 153 -36.30 9.71 -22.04
C LEU B 153 -36.36 11.12 -21.50
N VAL B 154 -35.59 11.41 -20.47
CA VAL B 154 -35.73 12.67 -19.72
C VAL B 154 -34.40 13.39 -19.67
N SER B 155 -34.41 14.68 -20.01
CA SER B 155 -33.17 15.45 -19.88
C SER B 155 -33.52 16.90 -19.56
N SER B 156 -32.52 17.78 -19.63
CA SER B 156 -32.80 19.17 -19.32
C SER B 156 -31.96 20.02 -20.24
N GLU B 157 -32.46 21.23 -20.54
CA GLU B 157 -31.64 22.19 -21.25
C GLU B 157 -31.09 23.27 -20.32
N ASP B 158 -31.27 23.17 -19.01
CA ASP B 158 -30.64 24.21 -18.19
C ASP B 158 -30.27 23.61 -16.85
N VAL B 159 -31.07 23.77 -15.79
CA VAL B 159 -30.67 23.25 -14.46
C VAL B 159 -31.28 21.86 -14.24
N LEU B 160 -31.15 21.28 -13.04
CA LEU B 160 -31.83 20.00 -12.79
C LEU B 160 -33.32 20.22 -12.68
N HIS B 161 -34.13 19.28 -13.24
CA HIS B 161 -35.56 19.22 -12.94
C HIS B 161 -35.82 17.77 -12.60
N SER B 162 -37.08 17.41 -12.36
CA SER B 162 -37.36 15.98 -12.23
C SER B 162 -38.78 15.74 -12.69
N TRP B 163 -38.94 14.72 -13.55
CA TRP B 163 -40.19 14.48 -14.23
C TRP B 163 -40.93 13.38 -13.49
N ALA B 164 -42.08 13.73 -12.92
CA ALA B 164 -42.76 12.85 -12.00
C ALA B 164 -44.24 12.72 -12.33
N VAL B 165 -44.75 11.50 -12.22
CA VAL B 165 -46.20 11.25 -12.32
C VAL B 165 -46.56 10.26 -11.23
N PRO B 166 -46.99 10.71 -10.06
CA PRO B 166 -47.15 9.77 -8.92
C PRO B 166 -48.10 8.61 -9.18
N SER B 167 -49.20 8.80 -9.94
CA SER B 167 -50.11 7.66 -10.03
C SER B 167 -49.56 6.59 -10.96
N LEU B 168 -48.53 6.89 -11.77
CA LEU B 168 -47.86 5.87 -12.55
C LEU B 168 -46.58 5.39 -11.91
N GLY B 169 -46.25 5.91 -10.71
CA GLY B 169 -45.07 5.52 -9.96
C GLY B 169 -43.82 6.03 -10.60
N LEU B 170 -43.85 7.19 -11.25
CA LEU B 170 -42.72 7.66 -12.05
C LEU B 170 -42.05 8.84 -11.39
N LYS B 171 -40.72 8.81 -11.34
CA LYS B 171 -39.99 10.04 -11.03
C LYS B 171 -38.58 9.84 -11.54
N THR B 172 -38.18 10.66 -12.53
CA THR B 172 -36.87 10.50 -13.14
C THR B 172 -36.23 11.87 -13.23
N ASP B 173 -35.06 12.07 -12.62
CA ASP B 173 -34.45 13.39 -12.68
C ASP B 173 -34.04 13.77 -14.10
N ALA B 174 -34.11 15.07 -14.38
CA ALA B 174 -33.83 15.69 -15.68
C ALA B 174 -32.52 16.46 -15.52
N ILE B 175 -31.44 15.96 -16.13
CA ILE B 175 -30.07 16.39 -15.86
C ILE B 175 -29.49 16.78 -17.20
N PRO B 176 -28.97 18.02 -17.36
CA PRO B 176 -28.44 18.43 -18.67
C PRO B 176 -27.23 17.55 -19.00
N GLY B 177 -27.13 17.16 -20.30
CA GLY B 177 -26.01 16.32 -20.72
C GLY B 177 -26.19 14.84 -20.44
N ARG B 178 -27.33 14.43 -19.89
CA ARG B 178 -27.63 13.04 -19.55
C ARG B 178 -29.01 12.72 -20.12
N LEU B 179 -29.27 11.48 -20.51
CA LEU B 179 -30.53 11.05 -21.13
C LEU B 179 -31.07 9.92 -20.27
N ASN B 180 -31.95 10.22 -19.31
CA ASN B 180 -32.38 9.18 -18.38
C ASN B 180 -33.61 8.48 -18.93
N GLN B 181 -33.66 7.18 -18.82
CA GLN B 181 -34.75 6.40 -19.39
C GLN B 181 -35.67 5.86 -18.30
N THR B 182 -36.98 5.84 -18.56
CA THR B 182 -37.90 5.13 -17.67
C THR B 182 -38.99 4.59 -18.58
N THR B 183 -39.77 3.63 -18.13
CA THR B 183 -40.88 3.14 -18.94
C THR B 183 -42.20 3.43 -18.25
N LEU B 184 -43.25 3.53 -19.04
CA LEU B 184 -44.54 3.97 -18.55
C LEU B 184 -45.56 3.07 -19.23
N MET B 185 -46.59 2.65 -18.51
CA MET B 185 -47.69 1.90 -19.17
C MET B 185 -48.94 2.19 -18.38
N SER B 186 -49.96 2.77 -19.00
CA SER B 186 -51.21 3.02 -18.28
C SER B 186 -52.21 1.93 -18.59
N SER B 187 -52.83 1.37 -17.56
CA SER B 187 -53.92 0.41 -17.73
C SER B 187 -55.21 1.08 -18.21
N ARG B 188 -55.31 2.40 -18.10
CA ARG B 188 -56.58 3.13 -18.28
C ARG B 188 -56.39 4.40 -19.10
N PRO B 189 -57.43 4.82 -19.82
CA PRO B 189 -57.43 6.17 -20.39
C PRO B 189 -57.55 7.14 -19.25
N GLY B 190 -57.34 8.44 -19.56
CA GLY B 190 -57.62 9.47 -18.58
C GLY B 190 -56.55 10.55 -18.58
N LEU B 191 -56.54 11.34 -17.50
CA LEU B 191 -55.61 12.46 -17.31
C LEU B 191 -54.84 12.18 -16.04
N TYR B 192 -53.51 12.16 -16.14
CA TYR B 192 -52.65 11.80 -15.00
C TYR B 192 -51.65 12.94 -14.80
N TYR B 193 -51.55 13.44 -13.56
CA TYR B 193 -50.87 14.69 -13.28
C TYR B 193 -49.62 14.44 -12.47
N GLY B 194 -48.60 15.29 -12.66
CA GLY B 194 -47.41 15.30 -11.83
C GLY B 194 -46.79 16.70 -11.82
N GLN B 195 -45.72 16.85 -11.03
CA GLN B 195 -45.13 18.15 -10.81
C GLN B 195 -43.61 18.05 -10.76
N CYS B 196 -42.96 19.14 -11.16
CA CYS B 196 -41.49 19.11 -11.16
C CYS B 196 -40.95 18.80 -9.75
N SER B 197 -39.99 17.85 -9.69
CA SER B 197 -39.62 17.26 -8.38
C SER B 197 -38.14 17.38 -8.13
N GLU B 198 -37.47 18.40 -8.69
CA GLU B 198 -36.12 18.76 -8.21
C GLU B 198 -36.03 20.27 -8.25
N ILE B 199 -35.66 20.88 -7.10
CA ILE B 199 -35.72 22.33 -7.01
C ILE B 199 -34.85 22.94 -8.10
N CYS B 200 -35.49 23.82 -8.91
CA CYS B 200 -34.94 24.38 -10.16
C CYS B 200 -35.10 25.91 -10.18
N GLY B 201 -35.35 26.53 -9.01
CA GLY B 201 -35.36 27.96 -8.96
C GLY B 201 -36.72 28.52 -8.62
N SER B 202 -36.96 29.77 -9.01
CA SER B 202 -38.10 30.48 -8.40
C SER B 202 -39.48 29.96 -8.86
N ASN B 203 -39.59 29.24 -10.00
CA ASN B 203 -40.92 28.70 -10.36
C ASN B 203 -40.98 27.19 -10.38
N HIS B 204 -40.16 26.57 -9.52
CA HIS B 204 -40.19 25.14 -9.29
C HIS B 204 -41.61 24.63 -9.04
N SER B 205 -42.42 25.42 -8.31
CA SER B 205 -43.75 24.96 -7.93
C SER B 205 -44.73 24.97 -9.11
N PHE B 206 -44.32 25.51 -10.25
CA PHE B 206 -45.26 25.97 -11.29
C PHE B 206 -44.89 25.43 -12.68
N MET B 207 -44.40 24.19 -12.77
CA MET B 207 -44.20 23.57 -14.10
C MET B 207 -44.68 22.12 -14.07
N PRO B 208 -45.99 21.92 -14.07
CA PRO B 208 -46.57 20.58 -13.93
C PRO B 208 -46.51 19.79 -15.22
N ILE B 209 -46.88 18.52 -15.05
CA ILE B 209 -46.90 17.50 -16.11
C ILE B 209 -48.33 16.96 -16.20
N VAL B 210 -48.89 16.86 -17.42
CA VAL B 210 -50.20 16.25 -17.55
C VAL B 210 -50.12 15.25 -18.69
N LEU B 211 -50.40 13.99 -18.40
CA LEU B 211 -50.50 12.97 -19.43
C LEU B 211 -51.95 12.78 -19.76
N GLU B 212 -52.21 12.57 -21.05
CA GLU B 212 -53.54 12.32 -21.57
C GLU B 212 -53.45 10.97 -22.29
N LEU B 213 -54.10 9.96 -21.74
CA LEU B 213 -53.96 8.57 -22.19
C LEU B 213 -55.20 8.21 -23.01
N VAL B 214 -55.02 7.82 -24.28
CA VAL B 214 -56.18 7.61 -25.16
C VAL B 214 -55.90 6.39 -26.03
N PRO B 215 -56.89 5.88 -26.77
CA PRO B 215 -56.58 4.78 -27.70
C PRO B 215 -55.58 5.17 -28.79
N LEU B 216 -54.79 4.20 -29.21
CA LEU B 216 -53.78 4.41 -30.24
C LEU B 216 -54.29 5.24 -31.44
N LYS B 217 -55.51 4.95 -31.91
CA LYS B 217 -55.91 5.65 -33.15
C LYS B 217 -56.14 7.13 -32.89
N TYR B 218 -56.58 7.51 -31.68
CA TYR B 218 -56.67 8.93 -31.35
C TYR B 218 -55.28 9.54 -31.23
N PHE B 219 -54.39 8.81 -30.57
CA PHE B 219 -53.01 9.28 -30.46
C PHE B 219 -52.36 9.49 -31.83
N GLU B 220 -52.60 8.58 -32.79
CA GLU B 220 -52.06 8.76 -34.14
C GLU B 220 -52.55 10.03 -34.79
N LYS B 221 -53.86 10.28 -34.71
CA LYS B 221 -54.42 11.44 -35.38
C LYS B 221 -54.02 12.73 -34.68
N TRP B 222 -54.00 12.71 -33.34
CA TRP B 222 -53.48 13.85 -32.60
C TRP B 222 -52.04 14.15 -33.01
N SER B 223 -51.21 13.10 -33.15
CA SER B 223 -49.80 13.31 -33.53
C SER B 223 -49.72 13.99 -34.90
N ALA B 224 -50.45 13.44 -35.87
CA ALA B 224 -50.46 14.02 -37.20
C ALA B 224 -50.87 15.48 -37.18
N SER B 225 -51.87 15.83 -36.35
CA SER B 225 -52.39 17.19 -36.30
C SER B 225 -51.45 18.15 -35.58
N MET B 226 -50.42 17.63 -34.91
CA MET B 226 -49.50 18.49 -34.16
C MET B 226 -48.23 18.80 -34.94
N LEU B 227 -48.11 18.33 -36.18
CA LEU B 227 -46.92 18.58 -36.99
C LEU B 227 -46.82 20.01 -37.46
N HIS C 3 -1.50 24.70 42.37
CA HIS C 3 -0.46 23.94 41.67
C HIS C 3 -1.00 22.58 41.18
N GLN C 4 -0.88 22.34 39.88
CA GLN C 4 -1.41 21.12 39.34
C GLN C 4 -0.54 19.95 39.67
N THR C 5 -1.14 18.77 39.76
CA THR C 5 -0.34 17.57 39.88
C THR C 5 -0.68 16.58 38.77
N HIS C 6 -1.16 17.08 37.61
CA HIS C 6 -1.15 16.29 36.39
C HIS C 6 -0.04 16.84 35.49
N ALA C 7 0.18 16.20 34.34
CA ALA C 7 1.25 16.58 33.44
C ALA C 7 0.79 17.39 32.23
N TYR C 8 -0.48 17.82 32.18
CA TYR C 8 -1.02 18.45 30.96
C TYR C 8 -0.85 19.97 30.98
N HIS C 9 -1.04 20.60 29.83
CA HIS C 9 -0.66 21.99 29.66
C HIS C 9 -1.90 22.89 29.71
N MET C 10 -2.01 23.71 30.76
CA MET C 10 -3.03 24.78 30.81
C MET C 10 -2.45 26.01 30.11
N VAL C 11 -3.06 26.41 29.01
CA VAL C 11 -2.47 27.43 28.13
C VAL C 11 -2.91 28.80 28.60
N ASN C 12 -1.99 29.77 28.55
CA ASN C 12 -2.33 31.16 28.86
C ASN C 12 -3.43 31.67 27.93
N PRO C 13 -4.38 32.49 28.45
CA PRO C 13 -5.38 33.12 27.57
C PRO C 13 -4.69 33.80 26.42
N SER C 14 -5.23 33.60 25.19
CA SER C 14 -4.48 33.97 23.99
C SER C 14 -5.40 34.68 23.00
N PRO C 15 -4.90 35.72 22.31
CA PRO C 15 -5.72 36.38 21.29
C PRO C 15 -5.64 35.71 19.94
N TRP C 16 -4.73 34.72 19.74
CA TRP C 16 -4.56 34.23 18.35
C TRP C 16 -5.74 33.44 17.82
N PRO C 17 -6.50 32.70 18.63
CA PRO C 17 -7.73 32.10 18.04
C PRO C 17 -8.67 33.13 17.42
N LEU C 18 -8.92 34.24 18.12
CA LEU C 18 -9.80 35.27 17.58
C LEU C 18 -9.19 35.92 16.36
N THR C 19 -7.89 36.27 16.40
CA THR C 19 -7.30 36.90 15.21
C THR C 19 -7.29 35.91 14.04
N GLY C 20 -7.06 34.62 14.32
CA GLY C 20 -7.14 33.63 13.25
C GLY C 20 -8.55 33.48 12.68
N ALA C 21 -9.58 33.46 13.55
CA ALA C 21 -10.96 33.42 13.03
C ALA C 21 -11.29 34.66 12.21
N LEU C 22 -10.86 35.82 12.66
CA LEU C 22 -11.14 37.02 11.88
C LEU C 22 -10.35 37.02 10.59
N SER C 23 -9.10 36.52 10.62
CA SER C 23 -8.37 36.43 9.35
C SER C 23 -9.13 35.52 8.36
N ALA C 24 -9.79 34.49 8.86
CA ALA C 24 -10.60 33.64 8.00
C ALA C 24 -11.78 34.43 7.38
N LEU C 25 -12.46 35.23 8.19
CA LEU C 25 -13.51 36.09 7.66
C LEU C 25 -12.97 37.03 6.60
N LEU C 26 -11.79 37.62 6.85
CA LEU C 26 -11.26 38.59 5.88
C LEU C 26 -10.81 37.90 4.59
N MET C 27 -10.20 36.71 4.69
CA MET C 27 -9.78 36.02 3.47
C MET C 27 -10.97 35.62 2.63
N THR C 28 -12.04 35.13 3.27
CA THR C 28 -13.20 34.64 2.49
C THR C 28 -14.02 35.80 1.92
N SER C 29 -14.33 36.78 2.78
CA SER C 29 -14.90 38.07 2.36
C SER C 29 -14.07 38.68 1.24
N GLY C 30 -12.76 38.62 1.42
CA GLY C 30 -11.85 39.19 0.42
C GLY C 30 -11.86 38.46 -0.92
N LEU C 31 -11.90 37.13 -0.90
CA LEU C 31 -12.03 36.39 -2.16
C LEU C 31 -13.36 36.71 -2.82
N THR C 32 -14.42 36.87 -2.02
CA THR C 32 -15.69 37.29 -2.58
C THR C 32 -15.56 38.66 -3.24
N MET C 33 -14.88 39.59 -2.56
CA MET C 33 -14.73 40.94 -3.10
C MET C 33 -13.87 40.92 -4.36
N TRP C 34 -12.88 40.02 -4.41
CA TRP C 34 -12.03 39.90 -5.58
C TRP C 34 -12.79 39.29 -6.76
N PHE C 35 -13.54 38.22 -6.49
CA PHE C 35 -14.30 37.56 -7.55
C PHE C 35 -15.46 38.41 -8.07
N HIS C 36 -16.07 39.26 -7.24
CA HIS C 36 -17.30 39.96 -7.63
C HIS C 36 -17.28 41.49 -7.61
N PHE C 37 -16.35 42.11 -6.92
CA PHE C 37 -16.43 43.56 -6.79
C PHE C 37 -15.09 44.17 -7.18
N ASN C 38 -14.34 43.44 -8.00
CA ASN C 38 -13.10 43.87 -8.59
C ASN C 38 -12.14 44.54 -7.59
N SER C 39 -11.86 43.88 -6.47
CA SER C 39 -11.00 44.53 -5.49
C SER C 39 -10.27 43.51 -4.64
N MET C 40 -8.98 43.75 -4.40
CA MET C 40 -8.11 42.83 -3.65
C MET C 40 -7.88 43.26 -2.21
N THR C 41 -8.51 44.35 -1.81
CA THR C 41 -8.17 45.00 -0.56
C THR C 41 -8.42 44.12 0.67
N LEU C 42 -9.65 43.62 0.83
CA LEU C 42 -9.96 42.78 1.98
C LEU C 42 -9.10 41.52 1.99
N LEU C 43 -8.90 40.90 0.80
CA LEU C 43 -8.11 39.67 0.73
C LEU C 43 -6.67 39.89 1.18
N MET C 44 -6.06 41.02 0.79
CA MET C 44 -4.68 41.27 1.22
C MET C 44 -4.59 41.50 2.73
N ILE C 45 -5.59 42.16 3.34
CA ILE C 45 -5.62 42.31 4.79
C ILE C 45 -5.73 40.94 5.45
N GLY C 46 -6.64 40.10 4.93
CA GLY C 46 -6.83 38.78 5.51
C GLY C 46 -5.60 37.88 5.39
N LEU C 47 -4.92 37.93 4.24
CA LEU C 47 -3.72 37.12 4.11
C LEU C 47 -2.66 37.61 5.09
N THR C 48 -2.59 38.93 5.28
CA THR C 48 -1.58 39.49 6.19
C THR C 48 -1.89 39.11 7.63
N THR C 49 -3.15 39.25 8.04
CA THR C 49 -3.47 38.85 9.41
C THR C 49 -3.37 37.34 9.60
N ASN C 50 -3.63 36.56 8.54
CA ASN C 50 -3.47 35.12 8.69
C ASN C 50 -2.01 34.77 8.97
N MET C 51 -1.10 35.38 8.24
CA MET C 51 0.32 35.13 8.41
C MET C 51 0.79 35.60 9.78
N LEU C 52 0.37 36.79 10.21
CA LEU C 52 0.72 37.26 11.56
C LEU C 52 0.23 36.28 12.62
N THR C 53 -1.01 35.80 12.47
CA THR C 53 -1.60 34.90 13.44
C THR C 53 -0.76 33.61 13.55
N MET C 54 -0.45 33.01 12.41
CA MET C 54 0.32 31.76 12.39
C MET C 54 1.67 31.96 13.02
N TYR C 55 2.34 33.06 12.63
CA TYR C 55 3.66 33.34 13.18
C TYR C 55 3.59 33.43 14.69
N GLN C 56 2.65 34.22 15.22
CA GLN C 56 2.66 34.44 16.68
C GLN C 56 2.20 33.21 17.46
N TRP C 57 1.20 32.50 16.91
CA TRP C 57 0.70 31.30 17.56
C TRP C 57 1.79 30.25 17.66
N TRP C 58 2.44 29.96 16.54
CA TRP C 58 3.47 28.91 16.60
C TRP C 58 4.73 29.39 17.31
N ARG C 59 5.05 30.67 17.21
CA ARG C 59 6.07 31.25 18.09
C ARG C 59 5.76 30.91 19.55
N ASP C 60 4.52 31.12 19.96
CA ASP C 60 4.18 30.86 21.37
C ASP C 60 4.28 29.39 21.72
N VAL C 61 3.95 28.49 20.80
CA VAL C 61 4.11 27.06 21.09
C VAL C 61 5.58 26.74 21.34
N ILE C 62 6.49 27.33 20.53
CA ILE C 62 7.92 27.17 20.78
C ILE C 62 8.31 27.75 22.15
N ARG C 63 7.80 28.93 22.48
CA ARG C 63 8.07 29.49 23.83
C ARG C 63 7.60 28.56 24.93
N GLU C 64 6.41 27.97 24.76
CA GLU C 64 5.86 27.08 25.78
C GLU C 64 6.67 25.81 25.97
N SER C 65 7.31 25.34 24.90
CA SER C 65 7.92 24.01 24.94
C SER C 65 9.43 24.14 25.15
N THR C 66 10.12 24.68 24.14
CA THR C 66 11.58 24.81 24.25
C THR C 66 11.94 25.71 25.44
N PHE C 67 11.22 26.81 25.60
CA PHE C 67 11.68 27.78 26.59
C PHE C 67 11.05 27.62 27.98
N GLN C 68 9.81 27.12 28.07
CA GLN C 68 9.12 27.01 29.36
C GLN C 68 8.95 25.58 29.84
N GLY C 69 9.21 24.59 29.01
CA GLY C 69 9.19 23.22 29.46
C GLY C 69 7.81 22.59 29.63
N HIS C 70 6.77 23.12 28.97
CA HIS C 70 5.42 22.55 29.16
C HIS C 70 5.15 21.28 28.40
N HIS C 71 6.03 20.84 27.51
CA HIS C 71 5.73 19.63 26.71
C HIS C 71 6.36 18.42 27.40
N THR C 72 5.65 17.94 28.41
CA THR C 72 5.83 16.63 29.03
C THR C 72 5.54 15.52 28.04
N PRO C 73 5.91 14.28 28.35
CA PRO C 73 5.63 13.20 27.40
C PRO C 73 4.15 13.08 27.10
N ALA C 74 3.27 13.32 28.09
CA ALA C 74 1.82 13.24 27.82
C ALA C 74 1.38 14.31 26.81
N VAL C 75 1.90 15.55 26.96
CA VAL C 75 1.55 16.63 26.04
C VAL C 75 2.07 16.31 24.65
N GLN C 76 3.29 15.79 24.59
CA GLN C 76 3.85 15.44 23.28
C GLN C 76 3.04 14.34 22.62
N LYS C 77 2.61 13.35 23.40
CA LYS C 77 1.79 12.29 22.82
C LYS C 77 0.49 12.84 22.22
N GLY C 78 -0.15 13.78 22.91
CA GLY C 78 -1.34 14.42 22.36
C GLY C 78 -1.07 15.17 21.05
N LEU C 79 0.06 15.85 20.97
CA LEU C 79 0.42 16.50 19.69
C LEU C 79 0.68 15.51 18.56
N ARG C 80 1.23 14.35 18.88
CA ARG C 80 1.38 13.31 17.87
C ARG C 80 0.04 12.90 17.32
N TYR C 81 -0.89 12.56 18.21
CA TYR C 81 -2.25 12.26 17.71
C TYR C 81 -2.81 13.39 16.90
N GLY C 82 -2.67 14.62 17.38
CA GLY C 82 -3.30 15.72 16.65
C GLY C 82 -2.75 15.85 15.25
N MET C 83 -1.42 15.72 15.10
CA MET C 83 -0.82 15.81 13.74
C MET C 83 -1.28 14.65 12.85
N ILE C 84 -1.34 13.43 13.39
CA ILE C 84 -1.81 12.30 12.59
C ILE C 84 -3.24 12.54 12.11
N LEU C 85 -4.11 12.97 13.01
CA LEU C 85 -5.52 13.21 12.62
C LEU C 85 -5.61 14.33 11.59
N PHE C 86 -4.80 15.39 11.76
CA PHE C 86 -4.78 16.45 10.75
C PHE C 86 -4.40 15.92 9.37
N ILE C 87 -3.33 15.11 9.31
CA ILE C 87 -2.94 14.54 8.03
C ILE C 87 -4.04 13.65 7.47
N ILE C 88 -4.71 12.84 8.31
CA ILE C 88 -5.87 12.06 7.79
C ILE C 88 -6.92 12.98 7.15
N SER C 89 -7.24 14.09 7.81
CA SER C 89 -8.25 14.99 7.20
C SER C 89 -7.78 15.51 5.83
N GLU C 90 -6.48 15.78 5.69
CA GLU C 90 -5.94 16.24 4.40
C GLU C 90 -5.97 15.14 3.35
N VAL C 91 -5.78 13.90 3.78
CA VAL C 91 -5.90 12.76 2.84
C VAL C 91 -7.31 12.70 2.29
N LEU C 92 -8.32 12.83 3.17
CA LEU C 92 -9.71 12.78 2.71
C LEU C 92 -10.02 13.95 1.79
N PHE C 93 -9.41 15.11 2.05
CA PHE C 93 -9.61 16.27 1.13
C PHE C 93 -9.11 15.94 -0.28
N PHE C 94 -7.90 15.40 -0.39
CA PHE C 94 -7.40 15.02 -1.71
C PHE C 94 -8.23 13.90 -2.32
N THR C 95 -8.74 12.99 -1.50
CA THR C 95 -9.60 11.90 -2.02
C THR C 95 -10.80 12.45 -2.81
N GLY C 96 -11.40 13.55 -2.37
CA GLY C 96 -12.47 14.17 -3.17
C GLY C 96 -11.99 14.55 -4.56
N PHE C 97 -10.75 15.04 -4.66
CA PHE C 97 -10.28 15.45 -6.00
C PHE C 97 -9.93 14.22 -6.85
N PHE C 98 -9.38 13.16 -6.25
CA PHE C 98 -9.14 11.92 -7.01
C PHE C 98 -10.46 11.31 -7.46
N TRP C 99 -11.46 11.33 -6.59
CA TRP C 99 -12.80 10.90 -7.01
C TRP C 99 -13.28 11.69 -8.23
N ALA C 100 -13.17 13.02 -8.17
CA ALA C 100 -13.59 13.81 -9.33
C ALA C 100 -12.82 13.41 -10.59
N PHE C 101 -11.49 13.24 -10.45
CA PHE C 101 -10.68 12.84 -11.59
C PHE C 101 -11.12 11.47 -12.18
N TYR C 102 -11.24 10.43 -11.35
CA TYR C 102 -11.64 9.13 -11.91
C TYR C 102 -13.06 9.15 -12.47
N HIS C 103 -13.99 9.85 -11.80
CA HIS C 103 -15.37 9.95 -12.32
C HIS C 103 -15.38 10.49 -13.74
N SER C 104 -14.60 11.55 -13.99
CA SER C 104 -14.64 12.21 -15.31
C SER C 104 -13.87 11.43 -16.36
N SER C 105 -12.77 10.79 -15.97
CA SER C 105 -11.89 10.12 -16.94
C SER C 105 -12.32 8.69 -17.24
N LEU C 106 -12.96 8.00 -16.30
CA LEU C 106 -13.45 6.64 -16.59
C LEU C 106 -14.72 6.65 -17.42
N ALA C 107 -15.44 7.74 -17.51
CA ALA C 107 -16.69 7.75 -18.26
C ALA C 107 -16.75 9.01 -19.10
N PRO C 108 -15.81 9.21 -20.02
CA PRO C 108 -15.70 10.52 -20.69
C PRO C 108 -16.98 10.81 -21.49
N THR C 109 -17.47 12.03 -21.42
CA THR C 109 -18.78 12.30 -22.03
C THR C 109 -18.65 12.64 -23.51
N PRO C 110 -19.78 12.72 -24.22
CA PRO C 110 -19.68 13.06 -25.67
C PRO C 110 -19.02 14.39 -25.94
N GLU C 111 -19.18 15.38 -25.03
CA GLU C 111 -18.60 16.72 -25.27
C GLU C 111 -17.08 16.64 -25.40
N LEU C 112 -16.47 15.64 -24.75
CA LEU C 112 -15.03 15.39 -24.80
C LEU C 112 -14.64 14.67 -26.07
N GLY C 113 -15.61 14.14 -26.81
CA GLY C 113 -15.35 13.18 -27.86
C GLY C 113 -15.51 11.77 -27.39
N GLY C 114 -16.01 11.56 -26.17
CA GLY C 114 -16.20 10.25 -25.61
C GLY C 114 -14.95 9.46 -25.38
N CYS C 115 -13.80 10.14 -25.19
CA CYS C 115 -12.50 9.55 -25.02
C CYS C 115 -11.76 10.32 -23.94
N TRP C 116 -10.77 9.65 -23.34
CA TRP C 116 -9.86 10.31 -22.42
C TRP C 116 -8.46 9.96 -22.88
N PRO C 117 -7.54 10.92 -22.97
CA PRO C 117 -7.79 12.37 -22.80
C PRO C 117 -8.74 12.94 -23.85
N PRO C 118 -9.42 14.04 -23.55
CA PRO C 118 -10.38 14.61 -24.49
C PRO C 118 -9.71 14.94 -25.81
N THR C 119 -10.54 14.99 -26.86
CA THR C 119 -10.10 15.53 -28.15
C THR C 119 -9.54 16.93 -27.94
N GLY C 120 -8.40 17.23 -28.55
CA GLY C 120 -7.83 18.56 -28.40
C GLY C 120 -6.92 18.75 -27.19
N ILE C 121 -6.79 17.75 -26.32
CA ILE C 121 -5.89 17.81 -25.16
C ILE C 121 -4.63 17.07 -25.57
N HIS C 122 -3.48 17.73 -25.41
CA HIS C 122 -2.16 17.10 -25.55
C HIS C 122 -1.44 16.99 -24.21
N PRO C 123 -1.55 15.87 -23.53
CA PRO C 123 -0.98 15.75 -22.16
C PRO C 123 0.52 15.93 -22.17
N LEU C 124 1.04 16.36 -21.01
CA LEU C 124 2.48 16.34 -20.82
C LEU C 124 3.00 14.90 -20.94
N ASN C 125 4.25 14.75 -21.34
CA ASN C 125 4.90 13.44 -21.34
C ASN C 125 5.32 13.05 -19.91
N PRO C 126 4.71 12.01 -19.31
CA PRO C 126 5.01 11.69 -17.91
C PRO C 126 6.46 11.29 -17.68
N LEU C 127 7.21 10.99 -18.74
CA LEU C 127 8.61 10.60 -18.59
C LEU C 127 9.52 11.81 -18.66
N GLU C 128 8.98 12.99 -18.80
CA GLU C 128 9.89 14.14 -18.86
C GLU C 128 9.90 14.85 -17.51
N VAL C 129 9.47 16.10 -17.41
CA VAL C 129 9.53 16.78 -16.10
C VAL C 129 8.71 16.07 -15.03
N PRO C 130 7.54 15.49 -15.32
CA PRO C 130 6.82 14.79 -14.23
C PRO C 130 7.64 13.66 -13.60
N LEU C 131 8.45 12.94 -14.40
CA LEU C 131 9.33 11.91 -13.86
C LEU C 131 10.43 12.54 -13.00
N LEU C 132 11.03 13.62 -13.49
CA LEU C 132 12.03 14.34 -12.70
C LEU C 132 11.43 14.79 -11.37
N ASN C 133 10.24 15.40 -11.39
CA ASN C 133 9.59 15.80 -10.15
C ASN C 133 9.41 14.62 -9.20
N THR C 134 9.06 13.45 -9.74
CA THR C 134 8.93 12.25 -8.91
C THR C 134 10.25 11.89 -8.25
N SER C 135 11.35 11.84 -9.03
CA SER C 135 12.63 11.51 -8.44
C SER C 135 13.02 12.54 -7.39
N VAL C 136 12.66 13.80 -7.61
CA VAL C 136 13.03 14.88 -6.67
C VAL C 136 12.32 14.68 -5.33
N LEU C 137 11.01 14.39 -5.35
CA LEU C 137 10.34 14.24 -4.06
C LEU C 137 10.73 12.93 -3.37
N LEU C 138 10.87 11.83 -4.14
CA LEU C 138 11.36 10.61 -3.51
C LEU C 138 12.74 10.86 -2.85
N ALA C 139 13.63 11.53 -3.59
CA ALA C 139 14.97 11.81 -3.02
C ALA C 139 14.86 12.62 -1.74
N SER C 140 13.92 13.56 -1.69
CA SER C 140 13.77 14.37 -0.49
C SER C 140 13.23 13.54 0.67
N GLY C 141 12.49 12.47 0.39
CA GLY C 141 12.08 11.55 1.46
C GLY C 141 13.26 10.79 2.03
N VAL C 142 14.27 10.51 1.19
CA VAL C 142 15.47 9.85 1.67
C VAL C 142 16.30 10.85 2.49
N SER C 143 16.50 12.06 1.98
CA SER C 143 17.33 13.01 2.76
C SER C 143 16.66 13.42 4.07
N ILE C 144 15.34 13.54 4.13
CA ILE C 144 14.74 13.95 5.41
C ILE C 144 14.88 12.83 6.43
N THR C 145 14.91 11.59 5.96
CA THR C 145 15.17 10.46 6.86
C THR C 145 16.62 10.47 7.34
N TRP C 146 17.56 10.78 6.44
CA TRP C 146 18.93 11.04 6.92
C TRP C 146 18.93 12.15 7.97
N ALA C 147 18.20 13.26 7.72
CA ALA C 147 18.19 14.34 8.74
C ALA C 147 17.67 13.84 10.09
N HIS C 148 16.59 13.06 10.06
CA HIS C 148 16.01 12.57 11.30
C HIS C 148 16.99 11.71 12.07
N HIS C 149 17.66 10.79 11.40
CA HIS C 149 18.63 9.93 12.09
C HIS C 149 19.84 10.71 12.61
N SER C 150 20.34 11.68 11.83
CA SER C 150 21.42 12.54 12.35
C SER C 150 21.01 13.26 13.63
N LEU C 151 19.78 13.77 13.66
CA LEU C 151 19.30 14.44 14.87
C LEU C 151 19.27 13.49 16.08
N MET C 152 18.65 12.31 15.91
CA MET C 152 18.60 11.32 17.00
C MET C 152 20.00 10.91 17.46
N GLU C 153 20.96 10.91 16.54
CA GLU C 153 22.32 10.51 16.89
C GLU C 153 23.15 11.68 17.38
N GLY C 154 22.55 12.86 17.49
CA GLY C 154 23.23 14.00 18.09
C GLY C 154 24.17 14.77 17.18
N ASP C 155 24.05 14.60 15.87
CA ASP C 155 24.95 15.18 14.87
C ASP C 155 24.34 16.47 14.28
N ARG C 156 24.77 17.60 14.79
CA ARG C 156 24.22 18.88 14.39
C ARG C 156 24.50 19.20 12.92
N LYS C 157 25.76 19.08 12.52
CA LYS C 157 26.13 19.52 11.17
C LYS C 157 25.43 18.67 10.11
N HIS C 158 25.35 17.35 10.33
CA HIS C 158 24.78 16.54 9.26
C HIS C 158 23.26 16.65 9.27
N MET C 159 22.64 16.90 10.45
CA MET C 159 21.22 17.18 10.44
C MET C 159 20.92 18.41 9.56
N LEU C 160 21.70 19.48 9.74
CA LEU C 160 21.54 20.71 8.98
C LEU C 160 21.78 20.49 7.50
N GLN C 161 22.84 19.76 7.15
CA GLN C 161 23.09 19.49 5.75
C GLN C 161 21.94 18.70 5.11
N ALA C 162 21.46 17.65 5.79
CA ALA C 162 20.43 16.80 5.21
C ALA C 162 19.12 17.57 5.08
N LEU C 163 18.80 18.37 6.10
CA LEU C 163 17.57 19.17 6.05
C LEU C 163 17.67 20.23 4.97
N PHE C 164 18.83 20.86 4.82
CA PHE C 164 19.01 21.82 3.74
C PHE C 164 18.79 21.17 2.36
N ILE C 165 19.36 19.99 2.18
CA ILE C 165 19.16 19.25 0.92
C ILE C 165 17.69 18.95 0.71
N THR C 166 17.00 18.54 1.77
CA THR C 166 15.57 18.26 1.65
C THR C 166 14.80 19.51 1.18
N ILE C 167 15.07 20.65 1.81
CA ILE C 167 14.39 21.90 1.45
C ILE C 167 14.73 22.30 0.01
N THR C 168 16.03 22.20 -0.36
CA THR C 168 16.44 22.51 -1.74
C THR C 168 15.65 21.69 -2.76
N LEU C 169 15.42 20.41 -2.46
CA LEU C 169 14.62 19.55 -3.34
C LEU C 169 13.17 20.01 -3.41
N GLY C 170 12.61 20.40 -2.28
CA GLY C 170 11.25 20.91 -2.31
C GLY C 170 11.14 22.17 -3.15
N VAL C 171 12.08 23.07 -2.99
CA VAL C 171 12.14 24.26 -3.85
C VAL C 171 12.28 23.87 -5.31
N TYR C 172 13.20 22.96 -5.61
CA TYR C 172 13.36 22.51 -7.00
C TYR C 172 12.05 21.98 -7.56
N PHE C 173 11.34 21.16 -6.76
CA PHE C 173 10.04 20.65 -7.23
C PHE C 173 9.10 21.81 -7.56
N THR C 174 9.04 22.80 -6.65
CA THR C 174 8.13 23.95 -6.84
C THR C 174 8.47 24.73 -8.10
N LEU C 175 9.76 24.99 -8.34
CA LEU C 175 10.16 25.72 -9.54
C LEU C 175 9.89 24.92 -10.80
N LEU C 176 10.13 23.61 -10.74
CA LEU C 176 9.82 22.76 -11.88
C LEU C 176 8.35 22.80 -12.21
N GLN C 177 7.53 22.70 -11.18
CA GLN C 177 6.08 22.68 -11.40
C GLN C 177 5.59 24.04 -11.88
N ALA C 178 6.19 25.13 -11.38
CA ALA C 178 5.85 26.45 -11.90
C ALA C 178 6.18 26.57 -13.38
N SER C 179 7.36 26.07 -13.78
CA SER C 179 7.73 26.05 -15.18
C SER C 179 6.78 25.19 -16.01
N GLU C 180 6.45 24.01 -15.50
CA GLU C 180 5.49 23.15 -16.21
C GLU C 180 4.13 23.84 -16.41
N TYR C 181 3.65 24.53 -15.39
CA TYR C 181 2.39 25.24 -15.51
C TYR C 181 2.45 26.24 -16.66
N TYR C 182 3.53 27.03 -16.71
CA TYR C 182 3.68 28.04 -17.76
C TYR C 182 3.78 27.39 -19.13
N GLU C 183 4.55 26.29 -19.23
CA GLU C 183 4.76 25.67 -20.52
C GLU C 183 3.57 24.85 -20.97
N ALA C 184 2.65 24.52 -20.06
CA ALA C 184 1.58 23.58 -20.43
C ALA C 184 0.72 24.17 -21.55
N PRO C 185 0.41 23.41 -22.62
CA PRO C 185 -0.46 23.95 -23.68
C PRO C 185 -1.95 23.92 -23.34
N PHE C 186 -2.34 23.26 -22.27
CA PHE C 186 -3.72 23.28 -21.79
C PHE C 186 -3.76 24.11 -20.50
N THR C 187 -4.97 24.58 -20.14
CA THR C 187 -5.18 25.50 -19.02
C THR C 187 -6.28 24.95 -18.12
N ILE C 188 -6.52 25.66 -17.01
CA ILE C 188 -7.56 25.26 -16.09
C ILE C 188 -8.92 25.38 -16.75
N SER C 189 -9.05 26.24 -17.79
CA SER C 189 -10.32 26.41 -18.49
C SER C 189 -10.48 25.37 -19.61
N ASP C 190 -9.54 24.42 -19.75
CA ASP C 190 -9.72 23.44 -20.84
C ASP C 190 -10.52 22.23 -20.37
N GLY C 191 -11.77 22.50 -20.07
CA GLY C 191 -12.69 21.46 -19.66
C GLY C 191 -12.26 20.71 -18.40
N VAL C 192 -12.84 19.53 -18.26
CA VAL C 192 -12.60 18.79 -17.00
C VAL C 192 -11.18 18.20 -16.96
N TYR C 193 -10.52 18.05 -18.13
CA TYR C 193 -9.10 17.67 -18.11
C TYR C 193 -8.28 18.74 -17.41
N GLY C 194 -8.44 20.01 -17.83
CA GLY C 194 -7.67 21.07 -17.19
C GLY C 194 -8.11 21.32 -15.76
N SER C 195 -9.41 21.12 -15.49
CA SER C 195 -9.96 21.37 -14.16
C SER C 195 -9.35 20.40 -13.15
N THR C 196 -9.40 19.10 -13.45
CA THR C 196 -8.86 18.11 -12.52
C THR C 196 -7.37 18.24 -12.43
N PHE C 197 -6.68 18.44 -13.58
CA PHE C 197 -5.22 18.56 -13.56
C PHE C 197 -4.77 19.71 -12.66
N PHE C 198 -5.23 20.92 -12.95
CA PHE C 198 -4.67 22.07 -12.23
C PHE C 198 -5.20 22.18 -10.80
N VAL C 199 -6.46 21.84 -10.55
CA VAL C 199 -6.90 21.99 -9.15
C VAL C 199 -6.22 20.92 -8.28
N ALA C 200 -6.13 19.66 -8.77
CA ALA C 200 -5.51 18.61 -7.93
C ALA C 200 -3.99 18.84 -7.76
N THR C 201 -3.26 19.10 -8.85
CA THR C 201 -1.82 19.38 -8.69
C THR C 201 -1.60 20.74 -8.07
N GLY C 202 -2.54 21.66 -8.24
CA GLY C 202 -2.37 22.97 -7.61
C GLY C 202 -2.48 22.90 -6.10
N PHE C 203 -3.49 22.19 -5.60
CA PHE C 203 -3.55 22.00 -4.15
C PHE C 203 -2.35 21.21 -3.68
N HIS C 204 -1.91 20.23 -4.46
CA HIS C 204 -0.71 19.51 -4.02
C HIS C 204 0.48 20.47 -3.95
N GLY C 205 0.63 21.34 -4.96
CA GLY C 205 1.75 22.29 -4.94
C GLY C 205 1.67 23.26 -3.76
N LEU C 206 0.45 23.69 -3.42
CA LEU C 206 0.30 24.50 -2.22
C LEU C 206 0.81 23.76 -0.97
N HIS C 207 0.49 22.46 -0.86
CA HIS C 207 0.97 21.66 0.27
C HIS C 207 2.48 21.47 0.23
N VAL C 208 3.10 21.47 -0.96
CA VAL C 208 4.56 21.39 -1.02
C VAL C 208 5.16 22.69 -0.49
N ILE C 209 4.53 23.80 -0.80
CA ILE C 209 5.04 25.08 -0.30
C ILE C 209 4.87 25.16 1.21
N ILE C 210 3.71 24.74 1.72
CA ILE C 210 3.49 24.68 3.16
C ILE C 210 4.50 23.78 3.83
N GLY C 211 4.69 22.58 3.29
CA GLY C 211 5.62 21.66 3.95
C GLY C 211 7.05 22.15 3.86
N SER C 212 7.41 22.76 2.73
CA SER C 212 8.75 23.36 2.60
C SER C 212 8.95 24.45 3.66
N THR C 213 7.91 25.27 3.85
CA THR C 213 7.98 26.33 4.86
C THR C 213 8.16 25.72 6.25
N PHE C 214 7.42 24.65 6.52
CA PHE C 214 7.55 23.97 7.81
C PHE C 214 8.98 23.43 7.99
N LEU C 215 9.58 22.85 6.94
CA LEU C 215 10.95 22.37 7.07
C LEU C 215 11.91 23.54 7.31
N ILE C 216 11.63 24.67 6.69
CA ILE C 216 12.47 25.85 6.88
C ILE C 216 12.38 26.36 8.32
N VAL C 217 11.16 26.38 8.89
CA VAL C 217 11.06 26.68 10.32
C VAL C 217 11.93 25.71 11.12
N CYS C 218 11.84 24.41 10.83
CA CYS C 218 12.67 23.45 11.59
C CYS C 218 14.16 23.73 11.38
N PHE C 219 14.56 24.12 10.17
CA PHE C 219 15.95 24.42 9.92
C PHE C 219 16.43 25.56 10.82
N PHE C 220 15.65 26.63 10.91
CA PHE C 220 16.08 27.74 11.76
C PHE C 220 16.00 27.39 13.24
N ARG C 221 15.02 26.59 13.67
CA ARG C 221 15.01 26.15 15.07
C ARG C 221 16.22 25.26 15.36
N GLN C 222 16.59 24.41 14.41
CA GLN C 222 17.79 23.60 14.59
C GLN C 222 19.02 24.50 14.69
N LEU C 223 19.13 25.50 13.79
CA LEU C 223 20.28 26.42 13.90
C LEU C 223 20.38 27.07 15.28
N LYS C 224 19.24 27.32 15.93
CA LYS C 224 19.19 27.92 17.27
C LYS C 224 19.21 26.90 18.39
N PHE C 225 19.52 25.64 18.07
CA PHE C 225 19.69 24.57 19.07
C PHE C 225 18.40 24.24 19.83
N HIS C 226 17.21 24.48 19.23
CA HIS C 226 15.97 24.20 19.97
C HIS C 226 15.80 22.70 20.21
N PHE C 227 16.20 21.88 19.24
CA PHE C 227 15.90 20.46 19.30
C PHE C 227 16.91 19.73 20.16
N THR C 228 16.45 18.78 20.98
CA THR C 228 17.38 17.84 21.60
C THR C 228 17.39 16.55 20.77
N SER C 229 18.34 15.67 21.08
CA SER C 229 18.40 14.40 20.36
C SER C 229 17.19 13.53 20.64
N ASN C 230 16.48 13.78 21.71
CA ASN C 230 15.28 12.99 22.01
C ASN C 230 13.96 13.71 21.93
N HIS C 231 13.96 15.03 21.89
CA HIS C 231 12.72 15.80 21.91
C HIS C 231 12.76 16.79 20.76
N HIS C 232 11.95 16.57 19.73
CA HIS C 232 11.98 17.41 18.54
C HIS C 232 10.71 17.15 17.75
N PHE C 233 9.57 17.29 18.40
CA PHE C 233 8.32 16.91 17.74
C PHE C 233 8.01 17.78 16.50
N GLY C 234 8.39 19.06 16.51
CA GLY C 234 8.10 19.85 15.33
C GLY C 234 8.81 19.32 14.10
N PHE C 235 10.01 18.75 14.30
CA PHE C 235 10.70 18.14 13.19
C PHE C 235 9.99 16.85 12.77
N GLU C 236 9.56 16.02 13.75
CA GLU C 236 8.82 14.81 13.38
C GLU C 236 7.54 15.12 12.62
N ALA C 237 6.77 16.09 13.11
CA ALA C 237 5.53 16.51 12.44
C ALA C 237 5.81 17.00 11.02
N ALA C 238 6.86 17.80 10.85
CA ALA C 238 7.21 18.29 9.51
C ALA C 238 7.62 17.14 8.59
N ALA C 239 8.28 16.13 9.13
CA ALA C 239 8.68 14.97 8.32
C ALA C 239 7.46 14.15 7.95
N TRP C 240 6.54 13.91 8.90
CA TRP C 240 5.30 13.19 8.56
C TRP C 240 4.52 13.91 7.48
N TYR C 241 4.41 15.21 7.61
CA TYR C 241 3.72 16.01 6.60
C TYR C 241 4.43 15.93 5.26
N TRP C 242 5.75 15.97 5.29
CA TRP C 242 6.53 15.88 4.07
C TRP C 242 6.34 14.53 3.39
N HIS C 243 6.31 13.42 4.16
CA HIS C 243 6.05 12.13 3.54
C HIS C 243 4.63 12.09 2.95
N PHE C 244 3.67 12.71 3.65
CA PHE C 244 2.31 12.83 3.11
C PHE C 244 2.32 13.53 1.76
N VAL C 245 3.01 14.65 1.65
CA VAL C 245 3.11 15.38 0.39
C VAL C 245 3.74 14.49 -0.71
N ASP C 246 4.78 13.72 -0.36
CA ASP C 246 5.40 12.78 -1.30
C ASP C 246 4.42 11.71 -1.77
N VAL C 247 3.69 11.12 -0.83
CA VAL C 247 2.76 10.05 -1.21
C VAL C 247 1.62 10.60 -2.09
N VAL C 248 1.09 11.78 -1.77
CA VAL C 248 0.07 12.38 -2.64
C VAL C 248 0.61 12.59 -4.04
N TRP C 249 1.85 13.06 -4.15
CA TRP C 249 2.44 13.21 -5.48
C TRP C 249 2.47 11.88 -6.23
N LEU C 250 2.92 10.79 -5.56
CA LEU C 250 2.97 9.50 -6.26
C LEU C 250 1.58 9.11 -6.79
N PHE C 251 0.52 9.31 -5.98
CA PHE C 251 -0.83 9.02 -6.49
C PHE C 251 -1.21 9.95 -7.65
N LEU C 252 -0.86 11.23 -7.58
CA LEU C 252 -1.12 12.11 -8.72
C LEU C 252 -0.39 11.66 -9.96
N TYR C 253 0.89 11.35 -9.82
CA TYR C 253 1.72 10.94 -10.93
C TYR C 253 1.12 9.72 -11.60
N VAL C 254 0.84 8.68 -10.82
CA VAL C 254 0.29 7.46 -11.41
C VAL C 254 -1.09 7.70 -12.05
N SER C 255 -1.95 8.46 -11.37
CA SER C 255 -3.35 8.61 -11.80
C SER C 255 -3.50 9.63 -12.92
N ILE C 256 -3.02 10.84 -12.70
CA ILE C 256 -3.33 11.93 -13.65
C ILE C 256 -2.29 11.99 -14.76
N TYR C 257 -1.02 11.86 -14.42
CA TYR C 257 0.01 12.07 -15.44
C TYR C 257 0.22 10.82 -16.28
N TRP C 258 0.10 9.67 -15.65
CA TRP C 258 0.53 8.44 -16.33
C TRP C 258 -0.70 7.73 -16.88
N TRP C 259 -1.49 7.14 -15.98
CA TRP C 259 -2.73 6.48 -16.39
C TRP C 259 -3.66 7.40 -17.18
N GLY C 260 -3.76 8.67 -16.79
CA GLY C 260 -4.63 9.61 -17.49
C GLY C 260 -4.04 10.21 -18.75
N SER C 261 -2.88 9.77 -19.19
CA SER C 261 -2.30 10.38 -20.40
C SER C 261 -2.72 9.64 -21.67
N SER D 4 -28.61 21.62 61.33
CA SER D 4 -29.53 21.07 60.33
C SER D 4 -29.36 21.81 58.98
N VAL D 5 -28.96 23.11 58.94
CA VAL D 5 -28.82 23.85 57.67
C VAL D 5 -27.78 23.21 56.73
N VAL D 6 -28.18 22.93 55.48
CA VAL D 6 -27.25 22.39 54.48
C VAL D 6 -26.62 23.54 53.71
N LYS D 7 -25.31 23.54 53.60
CA LYS D 7 -24.64 24.68 52.99
C LYS D 7 -23.95 24.25 51.70
N SER D 8 -23.68 25.25 50.84
CA SER D 8 -23.00 24.98 49.60
C SER D 8 -21.62 24.38 49.85
N GLU D 9 -20.95 24.81 50.92
CA GLU D 9 -19.58 24.37 51.11
C GLU D 9 -19.52 22.94 51.64
N ASP D 10 -20.67 22.30 51.91
CA ASP D 10 -20.73 20.88 52.25
C ASP D 10 -20.90 19.92 51.04
N TYR D 11 -20.70 20.38 49.80
CA TYR D 11 -21.04 19.56 48.61
C TYR D 11 -20.22 18.28 48.55
N ALA D 12 -18.98 18.30 49.04
CA ALA D 12 -18.11 17.12 48.93
C ALA D 12 -18.36 16.07 50.04
N LEU D 13 -19.24 16.33 51.00
CA LEU D 13 -19.52 15.41 52.10
C LEU D 13 -20.74 14.52 51.79
N PRO D 14 -20.77 13.31 52.37
CA PRO D 14 -22.00 12.50 52.29
C PRO D 14 -23.19 13.33 52.78
N SER D 15 -24.31 13.16 52.13
CA SER D 15 -25.51 13.97 52.42
C SER D 15 -26.70 13.05 52.69
N TYR D 16 -27.79 13.63 53.19
CA TYR D 16 -29.04 12.90 53.42
C TYR D 16 -29.91 12.90 52.17
N VAL D 17 -30.56 11.75 51.87
CA VAL D 17 -31.57 11.69 50.80
C VAL D 17 -32.72 10.80 51.25
N ASP D 18 -33.93 11.15 50.84
CA ASP D 18 -35.09 10.27 50.97
C ASP D 18 -35.36 9.64 49.61
N ARG D 19 -35.02 8.35 49.47
CA ARG D 19 -35.22 7.60 48.22
C ARG D 19 -35.68 6.19 48.55
N ARG D 20 -36.79 5.74 47.95
CA ARG D 20 -37.33 4.42 48.31
C ARG D 20 -36.31 3.33 48.01
N ASP D 21 -35.50 3.54 46.97
CA ASP D 21 -34.48 2.59 46.55
C ASP D 21 -33.12 2.85 47.22
N TYR D 22 -33.03 3.78 48.18
CA TYR D 22 -31.82 3.94 49.00
C TYR D 22 -32.28 4.15 50.44
N PRO D 23 -32.89 3.13 51.04
CA PRO D 23 -33.63 3.38 52.28
C PRO D 23 -32.80 3.83 53.47
N LEU D 24 -31.51 3.47 53.54
CA LEU D 24 -30.69 3.85 54.70
C LEU D 24 -29.61 4.84 54.24
N PRO D 25 -29.88 6.15 54.31
CA PRO D 25 -28.95 7.13 53.74
C PRO D 25 -27.69 7.24 54.56
N ASP D 26 -26.73 7.98 54.01
CA ASP D 26 -25.35 7.99 54.53
C ASP D 26 -25.20 8.74 55.84
N VAL D 27 -26.13 9.62 56.19
CA VAL D 27 -26.04 10.36 57.45
C VAL D 27 -27.43 10.42 58.06
N ALA D 28 -27.50 10.77 59.35
CA ALA D 28 -28.78 10.95 59.99
C ALA D 28 -29.41 12.26 59.56
N HIS D 29 -30.73 12.30 59.55
CA HIS D 29 -31.45 13.55 59.25
C HIS D 29 -31.04 14.68 60.23
N VAL D 30 -31.00 14.36 61.51
CA VAL D 30 -30.68 15.34 62.58
C VAL D 30 -29.30 15.03 63.11
N LYS D 31 -28.39 15.96 62.94
CA LYS D 31 -27.06 15.73 63.48
C LYS D 31 -26.81 16.34 64.87
N ASN D 32 -27.41 17.48 65.21
CA ASN D 32 -27.22 18.03 66.55
C ASN D 32 -28.48 17.80 67.38
N LEU D 33 -28.32 17.08 68.49
CA LEU D 33 -29.42 16.66 69.35
C LEU D 33 -29.56 17.60 70.52
N SER D 34 -30.81 17.84 70.89
CA SER D 34 -31.17 18.45 72.18
C SER D 34 -30.78 17.53 73.34
N ALA D 35 -30.85 18.06 74.58
CA ALA D 35 -30.56 17.21 75.73
C ALA D 35 -31.58 16.08 75.87
N SER D 36 -32.89 16.33 75.63
CA SER D 36 -33.84 15.20 75.69
C SER D 36 -33.58 14.19 74.57
N GLN D 37 -33.25 14.69 73.38
CA GLN D 37 -32.95 13.78 72.27
C GLN D 37 -31.73 12.93 72.59
N LYS D 38 -30.71 13.52 73.24
CA LYS D 38 -29.54 12.75 73.67
C LYS D 38 -29.91 11.68 74.67
N ALA D 39 -30.81 12.02 75.59
CA ALA D 39 -31.21 11.05 76.62
C ALA D 39 -32.06 9.93 76.01
N LEU D 40 -32.93 10.30 75.09
CA LEU D 40 -33.67 9.34 74.26
C LEU D 40 -32.71 8.36 73.57
N LYS D 41 -31.63 8.86 72.97
CA LYS D 41 -30.60 7.99 72.38
C LYS D 41 -29.94 7.09 73.40
N GLU D 42 -29.79 7.54 74.64
CA GLU D 42 -29.28 6.63 75.64
C GLU D 42 -30.33 5.56 75.98
N LYS D 43 -31.58 5.98 76.19
CA LYS D 43 -32.63 5.01 76.45
C LYS D 43 -32.72 3.96 75.33
N GLU D 44 -32.44 4.36 74.10
CA GLU D 44 -32.48 3.41 72.98
C GLU D 44 -31.52 2.25 73.15
N LYS D 45 -30.50 2.41 73.99
CA LYS D 45 -29.62 1.28 74.22
C LYS D 45 -30.23 0.27 75.16
N ALA D 46 -31.35 0.57 75.81
CA ALA D 46 -32.06 -0.44 76.60
C ALA D 46 -33.20 -1.02 75.76
N SER D 47 -34.00 -1.91 76.36
CA SER D 47 -35.06 -2.60 75.61
C SER D 47 -36.00 -1.64 74.89
N TRP D 48 -36.24 -1.86 73.58
CA TRP D 48 -37.15 -0.96 72.89
C TRP D 48 -38.57 -1.12 73.39
N SER D 49 -38.88 -2.23 74.06
CA SER D 49 -40.21 -2.38 74.66
C SER D 49 -40.48 -1.31 75.72
N SER D 50 -39.43 -0.71 76.31
CA SER D 50 -39.63 0.33 77.31
C SER D 50 -39.77 1.72 76.72
N LEU D 51 -39.49 1.88 75.44
CA LEU D 51 -39.76 3.13 74.76
C LEU D 51 -41.25 3.33 74.57
N SER D 52 -41.70 4.57 74.69
CA SER D 52 -43.08 4.86 74.32
C SER D 52 -43.22 5.03 72.80
N ILE D 53 -44.48 5.02 72.35
CA ILE D 53 -44.78 5.29 70.94
C ILE D 53 -44.22 6.65 70.52
N ASP D 54 -44.45 7.70 71.32
CA ASP D 54 -43.94 9.02 70.97
C ASP D 54 -42.42 9.00 70.88
N GLU D 55 -41.78 8.27 71.78
CA GLU D 55 -40.32 8.18 71.77
C GLU D 55 -39.83 7.41 70.54
N LYS D 56 -40.51 6.33 70.18
CA LYS D 56 -40.17 5.63 68.93
C LYS D 56 -40.32 6.54 67.72
N VAL D 57 -41.39 7.33 67.69
CA VAL D 57 -41.59 8.24 66.59
C VAL D 57 -40.48 9.27 66.54
N GLU D 58 -40.09 9.78 67.70
CA GLU D 58 -39.01 10.75 67.72
C GLU D 58 -37.69 10.14 67.26
N LEU D 59 -37.37 8.92 67.71
CA LEU D 59 -36.18 8.26 67.20
C LEU D 59 -36.21 8.14 65.67
N TYR D 60 -37.37 7.78 65.11
CA TYR D 60 -37.49 7.71 63.65
C TYR D 60 -37.21 9.06 63.01
N ARG D 61 -37.81 10.13 63.54
CA ARG D 61 -37.65 11.45 62.93
C ARG D 61 -36.25 12.04 63.17
N LEU D 62 -35.50 11.54 64.17
CA LEU D 62 -34.10 11.96 64.25
C LEU D 62 -33.30 11.34 63.12
N LYS D 63 -33.63 10.10 62.76
CA LYS D 63 -32.82 9.41 61.73
C LYS D 63 -33.22 9.81 60.32
N PHE D 64 -34.54 10.01 60.10
CA PHE D 64 -35.12 10.17 58.79
C PHE D 64 -35.91 11.46 58.68
N LYS D 65 -35.95 12.02 57.48
CA LYS D 65 -36.75 13.24 57.35
C LYS D 65 -38.21 12.89 57.07
N GLU D 66 -38.46 12.24 55.94
CA GLU D 66 -39.80 11.79 55.56
C GLU D 66 -39.90 10.27 55.65
N SER D 67 -41.09 9.79 56.01
CA SER D 67 -41.37 8.36 55.94
C SER D 67 -41.58 7.94 54.48
N PHE D 68 -41.65 6.62 54.23
CA PHE D 68 -41.92 6.16 52.86
C PHE D 68 -43.27 6.69 52.36
N ALA D 69 -44.31 6.62 53.21
CA ALA D 69 -45.60 7.11 52.79
C ALA D 69 -45.52 8.57 52.38
N GLU D 70 -44.79 9.39 53.14
CA GLU D 70 -44.68 10.81 52.84
C GLU D 70 -43.90 11.05 51.56
N MET D 71 -42.74 10.39 51.42
CA MET D 71 -41.91 10.68 50.27
C MET D 71 -42.56 10.16 49.00
N ASN D 72 -43.42 9.18 49.11
CA ASN D 72 -44.02 8.59 47.92
C ASN D 72 -45.35 9.23 47.53
N ARG D 73 -45.76 10.32 48.15
CA ARG D 73 -47.14 10.77 47.95
C ARG D 73 -47.35 11.38 46.58
N SER D 74 -48.55 11.24 46.07
CA SER D 74 -48.88 11.87 44.79
C SER D 74 -49.23 13.36 45.00
N THR D 75 -49.21 14.15 43.92
CA THR D 75 -49.47 15.57 44.03
C THR D 75 -50.49 15.98 42.95
N ASN D 76 -50.96 17.22 43.09
CA ASN D 76 -51.86 17.86 42.12
C ASN D 76 -51.12 18.60 41.00
N GLU D 77 -49.80 18.44 40.93
CA GLU D 77 -49.05 19.18 39.92
C GLU D 77 -49.57 18.93 38.50
N TRP D 78 -50.05 17.70 38.21
CA TRP D 78 -50.50 17.41 36.85
C TRP D 78 -51.61 18.36 36.42
N LYS D 79 -52.44 18.83 37.35
CA LYS D 79 -53.52 19.75 37.00
C LYS D 79 -52.97 21.10 36.54
N THR D 80 -51.98 21.60 37.25
CA THR D 80 -51.30 22.83 36.86
C THR D 80 -50.60 22.66 35.50
N VAL D 81 -49.91 21.52 35.30
CA VAL D 81 -49.16 21.33 34.04
C VAL D 81 -50.12 21.26 32.85
N VAL D 82 -51.15 20.41 32.97
CA VAL D 82 -52.06 20.21 31.84
C VAL D 82 -52.88 21.48 31.58
N GLY D 83 -53.36 22.12 32.65
CA GLY D 83 -54.11 23.36 32.47
C GLY D 83 -53.29 24.48 31.88
N ALA D 84 -52.06 24.67 32.37
CA ALA D 84 -51.22 25.72 31.83
C ALA D 84 -50.89 25.43 30.36
N ALA D 85 -50.61 24.17 30.05
CA ALA D 85 -50.28 23.84 28.65
C ALA D 85 -51.48 24.19 27.75
N MET D 86 -52.69 23.84 28.20
CA MET D 86 -53.89 24.20 27.44
C MET D 86 -54.05 25.70 27.31
N PHE D 87 -53.76 26.44 28.38
CA PHE D 87 -53.82 27.90 28.28
C PHE D 87 -52.89 28.42 27.20
N PHE D 88 -51.66 27.93 27.18
CA PHE D 88 -50.72 28.45 26.19
C PHE D 88 -51.07 27.94 24.80
N ILE D 89 -51.62 26.74 24.69
CA ILE D 89 -52.11 26.31 23.38
C ILE D 89 -53.30 27.17 22.92
N GLY D 90 -54.17 27.54 23.87
CA GLY D 90 -55.25 28.49 23.55
C GLY D 90 -54.72 29.85 23.11
N PHE D 91 -53.69 30.35 23.78
CA PHE D 91 -53.04 31.59 23.40
C PHE D 91 -52.50 31.51 21.98
N THR D 92 -51.98 30.35 21.60
CA THR D 92 -51.49 30.19 20.24
C THR D 92 -52.60 30.46 19.22
N ALA D 93 -53.80 30.02 19.52
CA ALA D 93 -54.89 30.28 18.56
C ALA D 93 -55.17 31.78 18.43
N LEU D 94 -54.97 32.56 19.50
CA LEU D 94 -55.09 34.02 19.36
C LEU D 94 -54.08 34.55 18.33
N LEU D 95 -52.83 34.02 18.35
CA LEU D 95 -51.84 34.42 17.36
C LEU D 95 -52.35 34.08 15.95
N LEU D 96 -52.94 32.90 15.80
CA LEU D 96 -53.42 32.44 14.50
C LEU D 96 -54.61 33.27 14.02
N ILE D 97 -55.49 33.70 14.94
CA ILE D 97 -56.57 34.62 14.56
C ILE D 97 -55.97 35.94 14.07
N TRP D 98 -54.98 36.47 14.80
CA TRP D 98 -54.34 37.72 14.37
C TRP D 98 -53.73 37.57 12.97
N GLU D 99 -53.02 36.46 12.76
CA GLU D 99 -52.40 36.20 11.46
C GLU D 99 -53.45 36.15 10.35
N LYS D 100 -54.55 35.42 10.58
CA LYS D 100 -55.57 35.35 9.53
C LYS D 100 -56.16 36.73 9.24
N HIS D 101 -56.34 37.53 10.26
CA HIS D 101 -57.01 38.82 10.10
C HIS D 101 -56.10 39.83 9.43
N TYR D 102 -54.84 39.84 9.81
CA TYR D 102 -53.97 40.95 9.44
C TYR D 102 -52.94 40.60 8.40
N VAL D 103 -52.62 39.32 8.22
CA VAL D 103 -51.50 38.92 7.36
C VAL D 103 -51.99 38.31 6.06
N TYR D 104 -52.92 37.36 6.16
CA TYR D 104 -53.40 36.61 5.00
C TYR D 104 -54.44 37.42 4.24
N GLY D 105 -54.27 37.50 2.95
CA GLY D 105 -55.28 38.03 2.04
C GLY D 105 -56.20 36.90 1.59
N PRO D 106 -57.02 37.19 0.56
CA PRO D 106 -57.98 36.19 0.08
C PRO D 106 -57.29 34.97 -0.53
N ILE D 107 -57.95 33.82 -0.38
CA ILE D 107 -57.42 32.66 -1.08
C ILE D 107 -57.89 32.65 -2.53
N PRO D 108 -57.32 31.78 -3.38
CA PRO D 108 -57.68 31.79 -4.80
C PRO D 108 -59.14 31.51 -5.06
N HIS D 109 -59.57 31.98 -6.24
CA HIS D 109 -60.98 31.85 -6.60
C HIS D 109 -61.42 30.40 -6.82
N THR D 110 -60.47 29.47 -7.01
CA THR D 110 -60.75 28.05 -7.17
C THR D 110 -61.38 27.42 -5.95
N PHE D 111 -61.41 28.12 -4.79
CA PHE D 111 -62.07 27.58 -3.60
C PHE D 111 -63.53 28.05 -3.47
N GLU D 112 -63.99 28.87 -4.39
CA GLU D 112 -65.38 29.31 -4.35
C GLU D 112 -66.30 28.10 -4.52
N GLU D 113 -67.46 28.15 -3.87
CA GLU D 113 -68.36 26.99 -3.90
C GLU D 113 -68.69 26.53 -5.31
N GLU D 114 -69.01 27.47 -6.20
CA GLU D 114 -69.39 27.05 -7.56
C GLU D 114 -68.19 26.44 -8.31
N TRP D 115 -66.98 26.96 -8.09
CA TRP D 115 -65.80 26.35 -8.73
C TRP D 115 -65.62 24.92 -8.24
N VAL D 116 -65.72 24.71 -6.93
CA VAL D 116 -65.51 23.39 -6.36
C VAL D 116 -66.54 22.40 -6.90
N ALA D 117 -67.80 22.80 -6.99
CA ALA D 117 -68.84 21.95 -7.57
C ALA D 117 -68.51 21.57 -8.99
N LYS D 118 -68.04 22.52 -9.80
CA LYS D 118 -67.68 22.19 -11.19
C LYS D 118 -66.42 21.32 -11.24
N GLN D 119 -65.42 21.71 -10.47
CA GLN D 119 -64.18 20.94 -10.43
C GLN D 119 -64.47 19.51 -9.97
N THR D 120 -65.38 19.34 -9.00
CA THR D 120 -65.74 18.01 -8.55
C THR D 120 -66.39 17.20 -9.67
N LYS D 121 -67.32 17.81 -10.40
CA LYS D 121 -67.87 17.07 -11.53
C LYS D 121 -66.78 16.66 -12.52
N ARG D 122 -65.86 17.58 -12.84
CA ARG D 122 -64.82 17.25 -13.80
C ARG D 122 -63.91 16.13 -13.28
N MET D 123 -63.63 16.10 -11.95
CA MET D 123 -62.85 14.98 -11.40
C MET D 123 -63.59 13.65 -11.58
N LEU D 124 -64.91 13.66 -11.37
CA LEU D 124 -65.68 12.44 -11.57
C LEU D 124 -65.76 12.07 -13.06
N ASP D 125 -65.85 13.09 -13.95
CA ASP D 125 -65.81 12.82 -15.39
C ASP D 125 -64.47 12.21 -15.82
N MET D 126 -63.37 12.65 -15.21
CA MET D 126 -62.13 11.98 -15.58
C MET D 126 -61.86 10.77 -14.68
N LYS D 127 -62.82 10.37 -13.84
CA LYS D 127 -62.68 9.20 -12.96
C LYS D 127 -61.39 9.24 -12.12
N VAL D 128 -61.14 10.38 -11.50
CA VAL D 128 -60.02 10.45 -10.51
C VAL D 128 -60.22 9.38 -9.43
N ALA D 129 -59.14 8.61 -9.13
CA ALA D 129 -59.08 7.56 -8.11
C ALA D 129 -60.34 6.70 -8.18
N PRO D 130 -60.51 5.96 -9.29
CA PRO D 130 -61.75 5.20 -9.49
C PRO D 130 -61.80 3.87 -8.76
N ILE D 131 -60.69 3.41 -8.20
CA ILE D 131 -60.69 2.09 -7.59
C ILE D 131 -61.06 2.18 -6.12
N GLN D 132 -60.53 3.20 -5.42
CA GLN D 132 -60.80 3.39 -4.01
C GLN D 132 -61.01 4.84 -3.63
N GLY D 133 -60.19 5.76 -4.12
CA GLY D 133 -60.02 7.03 -3.43
C GLY D 133 -61.08 8.10 -3.57
N PHE D 134 -61.70 8.22 -4.76
CA PHE D 134 -62.55 9.38 -5.00
C PHE D 134 -63.73 8.96 -5.89
N SER D 135 -63.51 8.75 -7.18
CA SER D 135 -64.66 8.37 -8.03
C SER D 135 -65.29 7.06 -7.60
N ALA D 136 -64.50 6.20 -6.94
CA ALA D 136 -65.02 4.95 -6.36
C ALA D 136 -66.17 5.20 -5.40
N LYS D 137 -66.27 6.41 -4.85
CA LYS D 137 -67.29 6.74 -3.86
C LYS D 137 -68.51 7.41 -4.46
N TRP D 138 -68.51 7.60 -5.77
CA TRP D 138 -69.60 8.19 -6.52
C TRP D 138 -70.38 7.05 -7.18
N ASP D 139 -71.71 7.13 -7.16
CA ASP D 139 -72.56 6.14 -7.85
C ASP D 139 -72.91 6.72 -9.22
N TYR D 140 -72.26 6.19 -10.25
CA TYR D 140 -72.47 6.70 -11.58
C TYR D 140 -73.82 6.28 -12.12
N ASP D 141 -74.40 5.19 -11.61
CA ASP D 141 -75.73 4.83 -12.09
C ASP D 141 -76.80 5.72 -11.46
N LYS D 142 -76.73 5.94 -10.16
CA LYS D 142 -77.75 6.72 -9.46
C LYS D 142 -77.41 8.21 -9.38
N ASN D 143 -76.25 8.63 -9.88
CA ASN D 143 -75.92 10.05 -9.97
C ASN D 143 -75.85 10.72 -8.60
N GLU D 144 -75.24 10.02 -7.63
CA GLU D 144 -75.18 10.51 -6.27
C GLU D 144 -73.98 9.86 -5.60
N TRP D 145 -73.57 10.45 -4.49
CA TRP D 145 -72.54 9.83 -3.66
C TRP D 145 -73.06 8.53 -3.09
N LYS D 146 -72.24 7.50 -3.11
CA LYS D 146 -72.64 6.22 -2.53
C LYS D 146 -72.93 6.39 -1.05
N LYS D 147 -73.95 5.68 -0.57
CA LYS D 147 -74.35 5.76 0.83
C LYS D 147 -73.32 5.03 1.66
N HIS E 5 -25.40 -18.33 38.92
CA HIS E 5 -25.43 -17.99 40.33
C HIS E 5 -25.85 -19.18 41.21
N GLU E 6 -26.95 -19.03 41.96
CA GLU E 6 -27.22 -19.88 43.11
C GLU E 6 -28.72 -20.16 43.23
N THR E 7 -29.05 -21.15 44.07
CA THR E 7 -30.43 -21.42 44.41
C THR E 7 -31.01 -20.31 45.31
N ASP E 8 -32.33 -20.32 45.44
CA ASP E 8 -32.98 -19.39 46.36
C ASP E 8 -32.47 -19.61 47.77
N GLU E 9 -32.31 -20.87 48.17
CA GLU E 9 -31.90 -21.21 49.53
C GLU E 9 -30.48 -20.71 49.82
N GLU E 10 -29.56 -20.91 48.88
CA GLU E 10 -28.21 -20.40 49.06
C GLU E 10 -28.20 -18.89 49.18
N PHE E 11 -28.97 -18.21 48.32
CA PHE E 11 -29.06 -16.76 48.36
C PHE E 11 -29.55 -16.30 49.72
N ASP E 12 -30.66 -16.86 50.19
CA ASP E 12 -31.18 -16.42 51.48
C ASP E 12 -30.18 -16.67 52.60
N ALA E 13 -29.51 -17.84 52.60
CA ALA E 13 -28.57 -18.14 53.68
C ALA E 13 -27.39 -17.17 53.72
N ARG E 14 -26.87 -16.84 52.54
CA ARG E 14 -25.79 -15.86 52.44
C ARG E 14 -26.21 -14.51 53.07
N TRP E 15 -27.43 -14.06 52.79
CA TRP E 15 -27.90 -12.81 53.37
C TRP E 15 -28.20 -12.94 54.87
N VAL E 16 -28.82 -14.05 55.32
CA VAL E 16 -28.89 -14.33 56.76
C VAL E 16 -27.51 -14.24 57.40
N THR E 17 -26.52 -14.89 56.80
CA THR E 17 -25.19 -14.89 57.43
C THR E 17 -24.63 -13.47 57.49
N TYR E 18 -24.85 -12.69 56.41
CA TYR E 18 -24.36 -11.32 56.36
C TYR E 18 -24.87 -10.51 57.54
N PHE E 19 -26.19 -10.48 57.74
CA PHE E 19 -26.71 -9.64 58.80
C PHE E 19 -26.49 -10.23 60.19
N ASN E 20 -26.23 -11.53 60.27
CA ASN E 20 -26.04 -12.18 61.60
C ASN E 20 -24.65 -12.00 62.17
N LYS E 21 -23.72 -11.43 61.40
CA LYS E 21 -22.37 -11.21 61.91
C LYS E 21 -22.44 -10.40 63.21
N PRO E 22 -21.90 -10.92 64.33
CA PRO E 22 -22.12 -10.22 65.60
C PRO E 22 -21.65 -8.76 65.60
N ASP E 23 -20.46 -8.49 65.09
CA ASP E 23 -19.92 -7.14 65.13
C ASP E 23 -20.13 -6.41 63.80
N ILE E 24 -21.21 -6.71 63.08
CA ILE E 24 -21.53 -5.91 61.91
C ILE E 24 -21.63 -4.43 62.32
N ASP E 25 -21.06 -3.53 61.48
CA ASP E 25 -21.06 -2.12 61.86
C ASP E 25 -22.14 -1.37 61.11
N ALA E 26 -22.30 -0.07 61.42
CA ALA E 26 -23.44 0.66 60.85
C ALA E 26 -23.31 0.78 59.34
N TRP E 27 -22.09 1.01 58.85
CA TRP E 27 -21.87 1.08 57.41
C TRP E 27 -22.34 -0.22 56.71
N GLU E 28 -22.01 -1.37 57.31
CA GLU E 28 -22.33 -2.68 56.73
C GLU E 28 -23.82 -2.99 56.78
N LEU E 29 -24.49 -2.57 57.86
CA LEU E 29 -25.97 -2.63 57.88
C LEU E 29 -26.57 -1.88 56.70
N ARG E 30 -26.18 -0.63 56.52
CA ARG E 30 -26.73 0.18 55.42
C ARG E 30 -26.39 -0.43 54.06
N LYS E 31 -25.11 -0.77 53.87
CA LYS E 31 -24.69 -1.35 52.62
C LYS E 31 -25.52 -2.58 52.28
N GLY E 32 -25.75 -3.42 53.28
CA GLY E 32 -26.54 -4.62 53.06
C GLY E 32 -27.96 -4.29 52.62
N MET E 33 -28.66 -3.44 53.37
CA MET E 33 -30.06 -3.18 53.01
C MET E 33 -30.14 -2.45 51.69
N ASN E 34 -29.22 -1.51 51.47
CA ASN E 34 -29.31 -0.74 50.23
C ASN E 34 -28.96 -1.61 49.03
N THR E 35 -28.13 -2.64 49.23
CA THR E 35 -27.86 -3.56 48.13
C THR E 35 -29.01 -4.52 47.91
N LEU E 36 -29.52 -5.07 49.01
CA LEU E 36 -30.59 -6.08 48.94
C LEU E 36 -31.83 -5.55 48.20
N VAL E 37 -32.18 -4.27 48.41
CA VAL E 37 -33.41 -3.79 47.79
C VAL E 37 -33.22 -3.52 46.31
N GLY E 38 -32.00 -3.66 45.79
CA GLY E 38 -31.80 -3.59 44.33
C GLY E 38 -32.29 -4.80 43.58
N TYR E 39 -32.53 -5.90 44.25
CA TYR E 39 -32.87 -7.17 43.61
C TYR E 39 -34.35 -7.29 43.34
N ASP E 40 -34.69 -8.15 42.34
CA ASP E 40 -36.10 -8.41 42.03
C ASP E 40 -36.66 -9.46 42.97
N LEU E 41 -36.92 -9.04 44.22
CA LEU E 41 -37.55 -9.90 45.21
C LEU E 41 -37.91 -9.07 46.44
N VAL E 42 -38.87 -9.56 47.21
CA VAL E 42 -39.09 -9.06 48.57
C VAL E 42 -38.33 -10.01 49.50
N PRO E 43 -37.45 -9.51 50.35
CA PRO E 43 -36.60 -10.42 51.13
C PRO E 43 -37.42 -11.35 52.02
N GLU E 44 -36.98 -12.61 52.10
CA GLU E 44 -37.60 -13.59 53.00
C GLU E 44 -37.62 -13.10 54.46
N PRO E 45 -38.68 -13.46 55.22
CA PRO E 45 -38.71 -13.10 56.65
C PRO E 45 -37.43 -13.41 57.39
N LYS E 46 -36.78 -14.54 57.08
CA LYS E 46 -35.57 -14.90 57.81
C LYS E 46 -34.46 -13.91 57.54
N ILE E 47 -34.39 -13.34 56.35
CA ILE E 47 -33.38 -12.31 56.07
C ILE E 47 -33.70 -11.05 56.86
N ILE E 48 -34.98 -10.64 56.84
CA ILE E 48 -35.40 -9.43 57.54
C ILE E 48 -35.17 -9.60 59.03
N ASP E 49 -35.52 -10.78 59.55
CA ASP E 49 -35.26 -11.11 60.95
C ASP E 49 -33.80 -10.84 61.31
N ALA E 50 -32.87 -11.35 60.50
CA ALA E 50 -31.46 -11.15 60.83
C ALA E 50 -31.08 -9.67 60.75
N ALA E 51 -31.63 -8.92 59.78
CA ALA E 51 -31.32 -7.49 59.67
C ALA E 51 -31.88 -6.70 60.86
N LEU E 52 -33.08 -7.04 61.33
CA LEU E 52 -33.61 -6.31 62.48
C LEU E 52 -32.81 -6.60 63.73
N ARG E 53 -32.32 -7.82 63.86
CA ARG E 53 -31.47 -8.12 65.02
C ARG E 53 -30.12 -7.42 64.92
N ALA E 54 -29.58 -7.26 63.71
CA ALA E 54 -28.41 -6.39 63.51
C ALA E 54 -28.71 -4.97 63.99
N CYS E 55 -29.89 -4.43 63.64
CA CYS E 55 -30.31 -3.12 64.17
C CYS E 55 -30.26 -3.09 65.67
N ARG E 56 -30.79 -4.13 66.31
CA ARG E 56 -30.74 -4.20 67.78
C ARG E 56 -29.30 -4.15 68.28
N ARG E 57 -28.42 -4.94 67.69
CA ARG E 57 -27.04 -4.93 68.20
C ARG E 57 -26.36 -3.60 67.93
N LEU E 58 -26.85 -2.85 66.94
CA LEU E 58 -26.33 -1.52 66.65
C LEU E 58 -27.11 -0.41 67.35
N ASN E 59 -28.02 -0.76 68.27
CA ASN E 59 -28.82 0.24 69.01
C ASN E 59 -29.53 1.21 68.09
N ASP E 60 -30.10 0.69 67.00
CA ASP E 60 -30.72 1.54 65.99
C ASP E 60 -32.16 1.11 65.73
N PHE E 61 -33.07 1.72 66.51
CA PHE E 61 -34.50 1.43 66.38
C PHE E 61 -35.06 2.00 65.08
N ALA E 62 -34.62 3.21 64.72
CA ALA E 62 -35.14 3.88 63.53
C ALA E 62 -34.90 3.02 62.28
N SER E 63 -33.71 2.45 62.14
CA SER E 63 -33.44 1.69 60.92
C SER E 63 -34.29 0.41 60.88
N ALA E 64 -34.64 -0.13 62.05
CA ALA E 64 -35.48 -1.32 62.05
C ALA E 64 -36.84 -1.00 61.46
N VAL E 65 -37.42 0.15 61.81
CA VAL E 65 -38.69 0.55 61.26
C VAL E 65 -38.57 0.79 59.76
N ARG E 66 -37.50 1.44 59.35
CA ARG E 66 -37.30 1.76 57.95
C ARG E 66 -37.22 0.50 57.07
N ILE E 67 -36.62 -0.54 57.65
CA ILE E 67 -36.48 -1.83 56.97
C ILE E 67 -37.85 -2.42 56.74
N LEU E 68 -38.73 -2.36 57.74
CA LEU E 68 -40.11 -2.78 57.52
C LEU E 68 -40.78 -1.95 56.44
N GLU E 69 -40.53 -0.65 56.40
CA GLU E 69 -41.12 0.15 55.31
C GLU E 69 -40.61 -0.32 53.95
N VAL E 70 -39.34 -0.70 53.86
CA VAL E 70 -38.90 -0.96 52.50
C VAL E 70 -39.37 -2.36 52.05
N VAL E 71 -39.64 -3.27 52.97
CA VAL E 71 -40.28 -4.53 52.61
C VAL E 71 -41.63 -4.27 51.98
N LYS E 72 -42.45 -3.45 52.65
CA LYS E 72 -43.71 -3.04 52.04
C LYS E 72 -43.50 -2.40 50.67
N ASP E 73 -42.52 -1.51 50.56
CA ASP E 73 -42.32 -0.82 49.28
C ASP E 73 -41.90 -1.78 48.17
N LYS E 74 -41.04 -2.76 48.49
CA LYS E 74 -40.56 -3.68 47.46
C LYS E 74 -41.66 -4.58 46.91
N ALA E 75 -42.76 -4.75 47.64
CA ALA E 75 -43.90 -5.56 47.18
C ALA E 75 -44.73 -4.86 46.14
N GLY E 76 -44.63 -3.54 46.03
CA GLY E 76 -45.35 -2.81 44.99
C GLY E 76 -46.85 -3.01 45.13
N PRO E 77 -47.54 -3.40 44.05
CA PRO E 77 -48.99 -3.55 44.14
C PRO E 77 -49.41 -4.86 44.77
N HIS E 78 -48.48 -5.76 45.10
CA HIS E 78 -48.86 -7.05 45.70
C HIS E 78 -49.10 -6.83 47.20
N LYS E 79 -50.31 -6.40 47.51
CA LYS E 79 -50.67 -6.00 48.87
C LYS E 79 -50.69 -7.12 49.89
N GLU E 80 -50.64 -8.38 49.45
CA GLU E 80 -50.66 -9.51 50.38
C GLU E 80 -49.28 -9.82 50.96
N ILE E 81 -48.21 -9.28 50.38
CA ILE E 81 -46.88 -9.71 50.80
C ILE E 81 -46.52 -9.09 52.15
N TYR E 82 -46.68 -7.77 52.29
CA TYR E 82 -46.26 -7.13 53.54
C TYR E 82 -46.97 -7.67 54.77
N PRO E 83 -48.30 -7.78 54.82
CA PRO E 83 -48.92 -8.40 56.01
C PRO E 83 -48.42 -9.81 56.27
N TYR E 84 -48.11 -10.60 55.23
CA TYR E 84 -47.55 -11.93 55.47
C TYR E 84 -46.19 -11.81 56.16
N VAL E 85 -45.35 -10.90 55.68
CA VAL E 85 -44.03 -10.78 56.28
C VAL E 85 -44.15 -10.31 57.72
N ILE E 86 -45.03 -9.34 57.98
CA ILE E 86 -45.20 -8.86 59.35
C ILE E 86 -45.67 -10.00 60.25
N GLN E 87 -46.65 -10.77 59.76
CA GLN E 87 -47.15 -11.94 60.47
C GLN E 87 -46.00 -12.85 60.89
N GLU E 88 -45.12 -13.17 59.94
CA GLU E 88 -44.01 -14.08 60.19
C GLU E 88 -42.98 -13.50 61.15
N LEU E 89 -42.83 -12.18 61.20
CA LEU E 89 -41.86 -11.53 62.08
C LEU E 89 -42.40 -11.22 63.47
N ARG E 90 -43.69 -11.43 63.68
CA ARG E 90 -44.33 -10.95 64.91
C ARG E 90 -43.63 -11.44 66.18
N PRO E 91 -43.17 -12.69 66.28
CA PRO E 91 -42.39 -13.06 67.50
C PRO E 91 -41.13 -12.24 67.66
N THR E 92 -40.42 -11.98 66.56
CA THR E 92 -39.24 -11.12 66.64
C THR E 92 -39.61 -9.68 67.03
N LEU E 93 -40.64 -9.11 66.37
CA LEU E 93 -41.09 -7.75 66.73
C LEU E 93 -41.42 -7.66 68.22
N ASN E 94 -42.12 -8.67 68.73
CA ASN E 94 -42.48 -8.69 70.14
C ASN E 94 -41.23 -8.82 71.01
N GLU E 95 -40.35 -9.76 70.67
CA GLU E 95 -39.16 -9.96 71.49
C GLU E 95 -38.33 -8.67 71.54
N LEU E 96 -38.13 -8.02 70.40
CA LEU E 96 -37.27 -6.84 70.35
C LEU E 96 -37.99 -5.54 70.66
N GLY E 97 -39.31 -5.56 70.85
CA GLY E 97 -40.09 -4.32 71.00
C GLY E 97 -40.05 -3.40 69.79
N ILE E 98 -40.03 -3.95 68.59
CA ILE E 98 -40.06 -3.13 67.37
C ILE E 98 -41.52 -2.86 67.04
N SER E 99 -41.89 -1.59 66.95
CA SER E 99 -43.23 -1.22 66.49
C SER E 99 -43.22 -1.14 64.97
N THR E 100 -44.32 -1.53 64.34
CA THR E 100 -44.43 -1.43 62.89
C THR E 100 -44.60 0.04 62.48
N PRO E 101 -44.28 0.37 61.22
CA PRO E 101 -44.65 1.71 60.72
C PRO E 101 -46.11 2.06 60.93
N GLU E 102 -47.01 1.08 60.78
CA GLU E 102 -48.43 1.36 61.00
C GLU E 102 -48.72 1.67 62.47
N GLU E 103 -48.12 0.91 63.39
CA GLU E 103 -48.35 1.16 64.80
C GLU E 103 -47.81 2.53 65.20
N LEU E 104 -46.89 3.10 64.45
CA LEU E 104 -46.32 4.40 64.75
C LEU E 104 -46.96 5.53 63.97
N GLY E 105 -47.96 5.22 63.14
CA GLY E 105 -48.58 6.24 62.29
C GLY E 105 -47.74 6.68 61.10
N LEU E 106 -46.62 6.02 60.82
CA LEU E 106 -45.78 6.50 59.71
C LEU E 106 -46.25 6.02 58.36
N ASP E 107 -47.34 5.28 58.30
CA ASP E 107 -47.92 4.95 57.01
C ASP E 107 -48.92 6.01 56.55
N LYS E 108 -49.16 7.08 57.31
CA LYS E 108 -50.13 8.06 56.85
C LYS E 108 -49.36 9.20 56.19
N VAL E 109 -49.91 9.70 55.09
CA VAL E 109 -49.17 10.56 54.16
C VAL E 109 -49.15 12.00 54.62
N ALA F 1 32.00 12.51 8.42
CA ALA F 1 31.05 11.67 9.14
C ALA F 1 31.04 11.96 10.66
N SER F 2 30.01 11.42 11.33
CA SER F 2 29.65 11.55 12.75
C SER F 2 30.33 12.65 13.57
N GLY F 3 29.53 13.59 14.08
CA GLY F 3 29.96 14.66 14.97
C GLY F 3 28.87 14.87 16.02
N GLY F 4 28.98 15.92 16.85
CA GLY F 4 28.00 16.26 17.91
C GLY F 4 27.30 17.62 17.76
N GLY F 5 27.05 18.33 18.89
CA GLY F 5 26.46 19.66 18.86
C GLY F 5 24.93 19.75 19.03
N VAL F 6 24.26 18.65 19.27
CA VAL F 6 22.82 18.64 19.56
C VAL F 6 22.67 18.51 21.07
N PRO F 7 21.96 19.39 21.74
CA PRO F 7 21.81 19.23 23.20
C PRO F 7 21.00 17.99 23.54
N THR F 8 21.18 17.51 24.77
CA THR F 8 20.36 16.42 25.29
C THR F 8 19.27 16.98 26.20
N ASP F 9 18.26 16.15 26.44
CA ASP F 9 17.27 16.51 27.45
C ASP F 9 17.92 16.76 28.81
N GLU F 10 18.92 15.94 29.16
CA GLU F 10 19.61 16.16 30.46
C GLU F 10 20.18 17.57 30.54
N GLU F 11 20.72 18.07 29.44
CA GLU F 11 21.29 19.40 29.41
C GLU F 11 20.24 20.47 29.35
N GLN F 12 19.15 20.24 28.60
CA GLN F 12 18.33 21.38 28.16
C GLN F 12 16.84 21.28 28.50
N ALA F 13 16.30 20.12 28.83
CA ALA F 13 14.90 20.09 29.27
C ALA F 13 14.71 21.01 30.46
N THR F 14 13.55 21.65 30.54
CA THR F 14 13.32 22.66 31.60
C THR F 14 11.90 22.53 32.12
N GLY F 15 11.53 23.39 33.09
CA GLY F 15 10.18 23.44 33.62
C GLY F 15 9.59 22.09 33.99
N LEU F 16 8.32 21.88 33.64
CA LEU F 16 7.64 20.68 34.09
C LEU F 16 8.20 19.44 33.41
N GLU F 17 8.59 19.56 32.14
CA GLU F 17 9.19 18.44 31.44
C GLU F 17 10.40 17.91 32.22
N ARG F 18 11.27 18.82 32.63
CA ARG F 18 12.43 18.39 33.44
C ARG F 18 12.03 17.78 34.79
N GLU F 19 11.03 18.35 35.49
CA GLU F 19 10.58 17.76 36.75
C GLU F 19 10.14 16.32 36.55
N VAL F 20 9.34 16.07 35.52
CA VAL F 20 8.88 14.71 35.23
C VAL F 20 10.08 13.78 34.95
N MET F 21 11.01 14.25 34.14
CA MET F 21 12.16 13.43 33.77
C MET F 21 12.96 13.07 35.03
N LEU F 22 13.24 14.06 35.88
CA LEU F 22 14.09 13.80 37.05
C LEU F 22 13.36 12.94 38.07
N ALA F 23 12.05 13.19 38.27
CA ALA F 23 11.28 12.29 39.14
C ALA F 23 11.25 10.84 38.62
N ALA F 24 11.04 10.66 37.31
CA ALA F 24 11.02 9.31 36.75
C ALA F 24 12.34 8.60 37.02
N ARG F 25 13.44 9.32 36.87
CA ARG F 25 14.77 8.80 37.24
C ARG F 25 14.80 8.21 38.66
N LYS F 26 14.22 8.90 39.62
CA LYS F 26 14.13 8.42 41.00
C LYS F 26 13.01 7.39 41.21
N GLY F 27 12.32 6.98 40.16
CA GLY F 27 11.16 6.11 40.30
C GLY F 27 9.99 6.72 41.04
N GLN F 28 9.87 8.05 41.06
CA GLN F 28 8.73 8.73 41.66
C GLN F 28 7.76 9.23 40.58
N ASP F 29 6.51 9.53 40.98
CA ASP F 29 5.45 9.92 40.03
C ASP F 29 4.63 11.06 40.61
N PRO F 30 5.25 12.22 40.84
CA PRO F 30 4.50 13.33 41.47
C PRO F 30 3.43 13.91 40.54
N TYR F 31 3.51 13.64 39.24
CA TYR F 31 2.51 14.19 38.32
C TYR F 31 1.55 13.13 37.78
N ASN F 32 1.43 12.00 38.51
CA ASN F 32 0.28 11.10 38.32
C ASN F 32 0.25 10.53 36.90
N ILE F 33 1.42 10.16 36.39
CA ILE F 33 1.45 9.59 35.05
C ILE F 33 1.13 8.10 35.06
N LEU F 34 1.35 7.41 36.17
CA LEU F 34 1.13 5.98 36.23
C LEU F 34 -0.16 5.67 36.99
N ALA F 35 -0.77 4.57 36.66
CA ALA F 35 -1.89 4.03 37.47
C ALA F 35 -1.36 3.41 38.76
N PRO F 36 -1.86 3.81 39.94
CA PRO F 36 -1.45 3.12 41.16
C PRO F 36 -1.92 1.68 41.22
N LYS F 37 -1.16 0.84 41.92
CA LYS F 37 -1.53 -0.55 42.05
C LYS F 37 -2.30 -0.75 43.36
N ALA F 38 -3.39 -1.52 43.31
CA ALA F 38 -4.25 -1.66 44.47
C ALA F 38 -3.59 -2.49 45.56
N THR F 39 -3.94 -2.22 46.81
CA THR F 39 -3.55 -3.14 47.90
C THR F 39 -4.67 -4.15 48.02
N SER F 40 -4.66 -4.98 49.08
CA SER F 40 -5.80 -5.87 49.30
C SER F 40 -7.08 -5.09 49.62
N GLY F 41 -6.95 -3.84 50.10
CA GLY F 41 -8.04 -2.93 50.39
C GLY F 41 -8.86 -3.23 51.61
N THR F 42 -8.36 -4.07 52.52
CA THR F 42 -9.03 -4.32 53.79
C THR F 42 -8.87 -3.12 54.71
N LYS F 43 -9.54 -3.20 55.89
CA LYS F 43 -9.39 -2.13 56.87
C LYS F 43 -7.95 -2.06 57.37
N GLU F 44 -7.27 -3.21 57.45
CA GLU F 44 -5.87 -3.24 57.89
C GLU F 44 -4.89 -2.85 56.79
N ASP F 45 -5.28 -2.98 55.52
CA ASP F 45 -4.38 -2.75 54.39
C ASP F 45 -5.11 -1.91 53.34
N PRO F 46 -5.50 -0.70 53.71
CA PRO F 46 -6.31 0.14 52.79
C PRO F 46 -5.45 0.66 51.66
N ASN F 47 -6.10 0.98 50.54
CA ASN F 47 -5.42 1.68 49.48
C ASN F 47 -5.01 3.05 49.97
N LEU F 48 -3.75 3.42 49.72
CA LEU F 48 -3.19 4.68 50.22
C LEU F 48 -3.26 5.67 49.07
N VAL F 49 -3.97 6.78 49.29
CA VAL F 49 -4.28 7.74 48.23
C VAL F 49 -3.56 9.03 48.56
N PRO F 50 -2.48 9.37 47.87
CA PRO F 50 -1.78 10.63 48.18
C PRO F 50 -2.58 11.82 47.73
N SER F 51 -2.46 12.92 48.46
CA SER F 51 -3.07 14.18 48.02
C SER F 51 -2.20 15.35 48.47
N ILE F 52 -2.21 16.42 47.66
CA ILE F 52 -1.66 17.68 48.15
C ILE F 52 -2.66 18.54 48.91
N THR F 53 -3.91 18.08 49.07
CA THR F 53 -4.90 18.75 49.92
C THR F 53 -5.58 17.75 50.84
N ASN F 54 -6.73 18.14 51.42
CA ASN F 54 -7.39 17.31 52.42
C ASN F 54 -8.51 16.46 51.86
N LYS F 55 -8.69 16.45 50.52
CA LYS F 55 -9.66 15.51 50.00
C LYS F 55 -9.28 15.30 48.54
N ARG F 56 -9.62 14.13 48.01
CA ARG F 56 -9.28 13.81 46.63
C ARG F 56 -10.36 12.89 46.07
N ILE F 57 -10.70 13.06 44.77
CA ILE F 57 -11.70 12.17 44.19
C ILE F 57 -11.08 10.79 43.89
N VAL F 58 -11.76 9.74 44.33
CA VAL F 58 -11.37 8.38 43.98
C VAL F 58 -12.37 7.84 42.97
N GLY F 59 -11.91 7.15 41.93
CA GLY F 59 -12.78 6.28 41.11
C GLY F 59 -12.41 4.84 41.39
N CYS F 60 -13.41 4.03 41.68
CA CYS F 60 -13.18 2.63 42.00
C CYS F 60 -13.74 1.75 40.89
N ILE F 61 -12.86 1.00 40.25
CA ILE F 61 -13.27 -0.02 39.26
C ILE F 61 -13.37 -1.31 40.07
N CYS F 62 -14.58 -1.63 40.55
CA CYS F 62 -14.72 -2.58 41.66
C CYS F 62 -14.22 -3.98 41.30
N GLU F 63 -14.44 -4.37 40.06
CA GLU F 63 -14.07 -5.66 39.52
C GLU F 63 -13.44 -5.42 38.17
N GLU F 64 -12.49 -6.27 37.83
CA GLU F 64 -11.80 -6.11 36.57
C GLU F 64 -12.79 -6.07 35.41
N ASP F 65 -12.56 -5.15 34.52
CA ASP F 65 -13.43 -5.02 33.32
C ASP F 65 -14.84 -4.48 33.60
N ASN F 66 -15.21 -4.16 34.84
CA ASN F 66 -16.40 -3.32 35.04
C ASN F 66 -16.29 -2.11 34.12
N SER F 67 -17.39 -1.75 33.46
CA SER F 67 -17.34 -0.52 32.73
C SER F 67 -17.80 0.66 33.56
N THR F 68 -18.56 0.40 34.61
CA THR F 68 -18.99 1.45 35.52
C THR F 68 -17.90 1.77 36.53
N VAL F 69 -17.51 3.05 36.64
CA VAL F 69 -16.56 3.51 37.66
C VAL F 69 -17.36 4.21 38.75
N ILE F 70 -17.00 3.91 40.00
CA ILE F 70 -17.71 4.48 41.15
C ILE F 70 -16.85 5.61 41.72
N TRP F 71 -17.39 6.85 41.75
CA TRP F 71 -16.61 8.05 42.06
C TRP F 71 -17.05 8.64 43.40
N PHE F 72 -16.08 9.06 44.21
CA PHE F 72 -16.43 9.70 45.49
C PHE F 72 -15.24 10.47 46.04
N TRP F 73 -15.56 11.51 46.82
CA TRP F 73 -14.56 12.22 47.58
C TRP F 73 -14.05 11.38 48.75
N LEU F 74 -12.73 11.29 48.81
CA LEU F 74 -12.03 10.66 49.96
C LEU F 74 -11.44 11.79 50.81
N HIS F 75 -11.85 11.86 52.09
CA HIS F 75 -11.45 12.96 52.95
C HIS F 75 -10.34 12.50 53.89
N LYS F 76 -9.50 13.44 54.26
CA LYS F 76 -8.49 13.12 55.29
C LYS F 76 -9.16 12.62 56.56
N GLY F 77 -8.56 11.59 57.17
CA GLY F 77 -9.15 11.01 58.36
C GLY F 77 -9.31 9.52 58.31
N GLU F 78 -10.34 9.02 58.97
CA GLU F 78 -10.62 7.58 58.98
C GLU F 78 -10.80 7.08 57.56
N ALA F 79 -10.34 5.85 57.29
CA ALA F 79 -10.47 5.30 55.94
C ALA F 79 -11.93 5.18 55.53
N GLN F 80 -12.21 5.38 54.24
CA GLN F 80 -13.57 5.26 53.76
C GLN F 80 -13.65 4.06 52.84
N ARG F 81 -14.88 3.65 52.55
CA ARG F 81 -15.11 2.46 51.73
C ARG F 81 -15.82 2.83 50.45
N CYS F 82 -15.41 2.22 49.35
CA CYS F 82 -16.20 2.33 48.10
C CYS F 82 -17.66 1.99 48.37
N PRO F 83 -18.62 2.81 47.91
CA PRO F 83 -20.04 2.54 48.21
C PRO F 83 -20.62 1.40 47.44
N SER F 84 -19.89 0.88 46.46
CA SER F 84 -20.31 -0.29 45.71
C SER F 84 -19.68 -1.59 46.22
N CYS F 85 -18.38 -1.61 46.44
CA CYS F 85 -17.69 -2.89 46.73
C CYS F 85 -17.14 -2.95 48.14
N GLY F 86 -17.12 -1.83 48.85
CA GLY F 86 -16.59 -1.82 50.21
C GLY F 86 -15.07 -1.76 50.33
N THR F 87 -14.33 -1.69 49.24
CA THR F 87 -12.88 -1.72 49.44
C THR F 87 -12.45 -0.41 50.09
N HIS F 88 -11.41 -0.50 50.93
CA HIS F 88 -11.04 0.62 51.77
C HIS F 88 -10.01 1.52 51.10
N TYR F 89 -10.11 2.81 51.37
CA TYR F 89 -9.18 3.82 50.89
C TYR F 89 -8.86 4.77 52.04
N LYS F 90 -7.61 5.23 52.12
CA LYS F 90 -7.23 6.20 53.15
C LYS F 90 -6.38 7.27 52.53
N LEU F 91 -6.70 8.52 52.83
CA LEU F 91 -5.96 9.63 52.25
C LEU F 91 -4.62 9.81 52.97
N VAL F 92 -3.56 10.06 52.20
CA VAL F 92 -2.25 10.32 52.82
C VAL F 92 -1.85 11.69 52.27
N PRO F 93 -2.17 12.79 52.94
CA PRO F 93 -1.97 14.10 52.29
C PRO F 93 -0.54 14.64 52.42
N HIS F 94 -0.10 15.30 51.33
CA HIS F 94 0.55 16.61 51.25
C HIS F 94 1.93 16.66 50.61
N GLN F 95 2.29 17.88 50.16
CA GLN F 95 3.62 18.44 49.88
C GLN F 95 3.91 18.68 48.41
N LEU F 96 4.68 17.78 47.78
CA LEU F 96 5.25 17.86 46.42
C LEU F 96 6.50 18.74 46.41
N ALA F 97 6.48 19.85 45.66
CA ALA F 97 7.64 20.71 45.48
C ALA F 97 8.22 21.16 46.82
N HIS F 98 9.43 20.69 47.13
CA HIS F 98 10.08 20.91 48.42
C HIS F 98 10.31 22.40 48.75
N ALA G 1 9.46 -6.89 -2.00
CA ALA G 1 10.77 -6.77 -2.62
C ALA G 1 11.87 -6.37 -1.61
N SER G 2 13.12 -6.55 -2.01
CA SER G 2 14.29 -6.11 -1.25
C SER G 2 15.15 -5.11 -2.03
N ALA G 3 14.63 -4.56 -3.14
CA ALA G 3 15.33 -3.66 -4.06
C ALA G 3 16.37 -4.37 -4.93
N ALA G 4 17.57 -4.58 -4.37
CA ALA G 4 18.69 -5.38 -4.90
C ALA G 4 19.98 -4.93 -4.23
N LYS G 5 19.85 -4.19 -3.15
CA LYS G 5 21.00 -3.71 -2.39
C LYS G 5 21.21 -4.65 -1.20
N GLY G 6 21.43 -4.17 0.03
CA GLY G 6 21.78 -5.11 1.10
C GLY G 6 21.70 -4.67 2.56
N ASP G 7 22.40 -3.59 2.93
CA ASP G 7 22.82 -3.22 4.29
C ASP G 7 22.12 -3.93 5.46
N HIS G 8 21.09 -3.29 6.06
CA HIS G 8 20.28 -3.76 7.18
C HIS G 8 21.00 -4.23 8.45
N GLY G 9 22.33 -4.13 8.51
CA GLY G 9 22.99 -4.27 9.80
C GLY G 9 22.62 -3.16 10.77
N GLY G 10 22.12 -2.04 10.23
CA GLY G 10 21.63 -0.90 10.98
C GLY G 10 21.24 0.20 10.01
N TPO G 11 20.01 0.71 10.11
CA TPO G 11 19.57 1.78 9.23
CB TPO G 11 18.22 1.34 8.60
CG2 TPO G 11 16.88 1.79 9.23
OG1 TPO G 11 18.19 1.65 7.20
P TPO G 11 17.58 0.63 6.08
O1P TPO G 11 17.54 1.30 4.63
O2P TPO G 11 18.47 -0.69 5.99
O3P TPO G 11 16.08 0.26 6.48
C TPO G 11 19.59 3.10 10.03
O TPO G 11 18.57 3.65 10.44
N GLY G 12 20.81 3.61 10.24
CA GLY G 12 21.09 4.86 10.94
C GLY G 12 21.50 5.98 10.01
N ALA G 13 22.13 7.01 10.57
CA ALA G 13 22.36 8.22 9.78
C ALA G 13 23.33 7.93 8.64
N ARG G 14 24.34 7.11 8.91
CA ARG G 14 25.35 6.83 7.90
C ARG G 14 24.74 6.10 6.72
N THR G 15 23.83 5.16 6.99
CA THR G 15 23.14 4.45 5.92
C THR G 15 22.22 5.38 5.13
N TRP G 16 21.47 6.25 5.82
CA TRP G 16 20.57 7.10 5.03
C TRP G 16 21.35 8.17 4.24
N ARG G 17 22.47 8.63 4.76
CA ARG G 17 23.31 9.53 3.96
C ARG G 17 23.86 8.78 2.74
N PHE G 18 24.25 7.52 2.91
CA PHE G 18 24.71 6.65 1.81
C PHE G 18 23.64 6.54 0.73
N LEU G 19 22.40 6.27 1.14
CA LEU G 19 21.30 6.26 0.19
C LEU G 19 21.08 7.62 -0.46
N THR G 20 21.19 8.71 0.32
CA THR G 20 20.95 10.04 -0.23
C THR G 20 21.93 10.33 -1.36
N PHE G 21 23.24 10.15 -1.10
CA PHE G 21 24.22 10.49 -2.13
C PHE G 21 24.49 9.37 -3.11
N GLY G 22 24.19 8.11 -2.77
CA GLY G 22 24.56 6.96 -3.61
C GLY G 22 23.45 6.52 -4.58
N LEU G 23 22.20 6.77 -4.20
CA LEU G 23 21.03 6.40 -4.97
C LEU G 23 20.13 7.58 -5.31
N ALA G 24 19.70 8.33 -4.29
CA ALA G 24 18.65 9.35 -4.47
C ALA G 24 19.15 10.46 -5.39
N LEU G 25 20.25 11.10 -5.03
CA LEU G 25 20.68 12.27 -5.82
C LEU G 25 21.21 11.85 -7.21
N PRO G 26 21.91 10.72 -7.34
CA PRO G 26 22.21 10.23 -8.71
C PRO G 26 20.96 10.05 -9.54
N SER G 27 19.88 9.53 -8.95
CA SER G 27 18.62 9.39 -9.69
C SER G 27 18.11 10.72 -10.17
N VAL G 28 18.15 11.72 -9.30
CA VAL G 28 17.72 13.07 -9.68
C VAL G 28 18.61 13.59 -10.81
N ALA G 29 19.93 13.37 -10.69
CA ALA G 29 20.86 13.80 -11.74
C ALA G 29 20.54 13.15 -13.08
N LEU G 30 20.28 11.84 -13.08
CA LEU G 30 19.87 11.16 -14.32
C LEU G 30 18.56 11.72 -14.88
N CYS G 31 17.53 11.88 -14.03
CA CYS G 31 16.27 12.38 -14.59
C CYS G 31 16.45 13.82 -15.06
N THR G 32 17.30 14.60 -14.39
CA THR G 32 17.55 15.96 -14.84
C THR G 32 18.16 15.94 -16.24
N LEU G 33 19.10 15.03 -16.48
CA LEU G 33 19.68 14.82 -17.82
C LEU G 33 18.62 14.40 -18.85
N ASN G 34 17.86 13.34 -18.55
CA ASN G 34 16.76 12.92 -19.41
C ASN G 34 15.83 14.09 -19.77
N SER G 35 15.43 14.90 -18.79
CA SER G 35 14.49 15.99 -19.06
C SER G 35 15.12 17.05 -19.95
N TRP G 36 16.32 17.52 -19.58
CA TRP G 36 16.92 18.68 -20.22
C TRP G 36 17.74 18.24 -21.41
N LEU G 37 17.03 17.46 -22.21
CA LEU G 37 17.53 16.70 -23.35
C LEU G 37 16.33 16.35 -24.23
N HIS G 38 15.19 16.07 -23.60
CA HIS G 38 13.89 16.10 -24.25
C HIS G 38 13.21 17.46 -24.11
N SER G 39 13.97 18.51 -23.83
CA SER G 39 13.36 19.84 -23.79
C SER G 39 13.33 20.37 -25.22
N GLY G 40 13.35 21.68 -25.39
CA GLY G 40 13.22 22.22 -26.73
C GLY G 40 11.77 22.24 -27.17
N HIS G 41 11.31 23.42 -27.60
CA HIS G 41 9.89 23.63 -27.90
C HIS G 41 9.45 22.74 -29.07
N ARG G 42 8.27 22.15 -28.93
CA ARG G 42 7.67 21.38 -30.01
C ARG G 42 6.65 22.23 -30.76
N GLU G 43 6.39 21.84 -32.00
CA GLU G 43 5.57 22.63 -32.91
C GLU G 43 4.12 22.63 -32.43
N ARG G 44 3.56 23.81 -32.19
CA ARG G 44 2.22 23.92 -31.63
C ARG G 44 1.15 23.49 -32.63
N PRO G 45 0.07 22.88 -32.17
CA PRO G 45 -0.93 22.30 -33.08
C PRO G 45 -1.90 23.36 -33.62
N ALA G 46 -2.49 23.02 -34.76
CA ALA G 46 -3.49 23.87 -35.36
C ALA G 46 -4.57 24.24 -34.33
N PHE G 47 -5.05 25.48 -34.39
CA PHE G 47 -6.09 25.90 -33.47
C PHE G 47 -7.43 25.41 -33.98
N ILE G 48 -8.25 24.86 -33.09
CA ILE G 48 -9.61 24.45 -33.43
C ILE G 48 -10.49 24.94 -32.29
N PRO G 49 -11.53 25.72 -32.54
CA PRO G 49 -12.31 26.31 -31.44
C PRO G 49 -13.32 25.34 -30.85
N TYR G 50 -12.82 24.18 -30.37
CA TYR G 50 -13.62 23.20 -29.65
C TYR G 50 -14.37 23.86 -28.51
N HIS G 51 -15.64 23.46 -28.32
CA HIS G 51 -16.49 24.10 -27.32
C HIS G 51 -16.29 23.53 -25.91
N HIS G 52 -15.61 22.39 -25.78
CA HIS G 52 -15.29 21.88 -24.45
C HIS G 52 -13.98 22.41 -23.92
N LEU G 53 -13.29 23.28 -24.67
CA LEU G 53 -12.01 23.86 -24.25
C LEU G 53 -12.12 25.38 -24.21
N ARG G 54 -11.14 26.07 -23.59
CA ARG G 54 -11.17 27.54 -23.51
C ARG G 54 -12.51 28.02 -22.96
N ILE G 55 -12.93 27.38 -21.88
CA ILE G 55 -14.23 27.65 -21.29
C ILE G 55 -14.24 29.06 -20.72
N ARG G 56 -15.31 29.78 -20.96
CA ARG G 56 -15.51 31.11 -20.37
C ARG G 56 -16.99 31.21 -19.93
N THR G 57 -17.28 30.88 -18.67
CA THR G 57 -18.62 31.12 -18.14
C THR G 57 -18.66 32.38 -17.31
N LYS G 58 -17.50 32.87 -16.92
CA LYS G 58 -17.41 34.14 -16.17
C LYS G 58 -16.04 34.71 -16.49
N PRO G 59 -15.89 36.01 -16.63
CA PRO G 59 -14.53 36.55 -16.86
C PRO G 59 -13.64 36.25 -15.66
N PHE G 60 -12.37 35.98 -15.94
CA PHE G 60 -11.42 35.83 -14.83
C PHE G 60 -11.25 37.15 -14.08
N SER G 61 -10.85 37.05 -12.80
CA SER G 61 -10.78 38.22 -11.94
C SER G 61 -9.45 38.97 -12.08
N TRP G 62 -8.78 38.89 -13.22
CA TRP G 62 -7.51 39.59 -13.37
C TRP G 62 -7.39 39.91 -14.85
N GLY G 63 -6.43 40.79 -15.19
CA GLY G 63 -6.15 41.11 -16.61
C GLY G 63 -7.39 41.61 -17.32
N ASP G 64 -7.57 41.18 -18.57
CA ASP G 64 -8.75 41.58 -19.33
C ASP G 64 -9.91 40.59 -19.15
N GLY G 65 -9.82 39.67 -18.18
CA GLY G 65 -10.89 38.69 -17.98
C GLY G 65 -10.82 37.49 -18.88
N ASN G 66 -9.92 37.47 -19.86
CA ASN G 66 -9.97 36.45 -20.89
C ASN G 66 -8.68 35.65 -20.99
N HIS G 67 -7.70 35.92 -20.11
CA HIS G 67 -6.40 35.24 -20.09
C HIS G 67 -6.27 34.40 -18.82
N THR G 68 -5.89 33.13 -18.98
CA THR G 68 -5.71 32.31 -17.78
C THR G 68 -4.53 32.80 -16.96
N PHE G 69 -4.38 32.29 -15.71
CA PHE G 69 -3.46 32.89 -14.76
C PHE G 69 -2.00 32.77 -15.18
N PHE G 70 -1.62 31.63 -15.76
CA PHE G 70 -0.28 31.35 -16.27
C PHE G 70 -0.30 31.25 -17.81
N HIS G 71 -1.07 32.15 -18.39
CA HIS G 71 -1.20 32.24 -19.85
C HIS G 71 0.18 32.31 -20.51
N ASN G 72 0.38 31.46 -21.50
CA ASN G 72 1.60 31.43 -22.30
C ASN G 72 1.22 31.67 -23.77
N PRO G 73 1.53 32.85 -24.32
CA PRO G 73 1.04 33.17 -25.68
C PRO G 73 1.51 32.20 -26.75
N ARG G 74 2.65 31.54 -26.54
CA ARG G 74 3.16 30.57 -27.49
C ARG G 74 2.22 29.38 -27.66
N VAL G 75 1.66 28.87 -26.55
CA VAL G 75 0.97 27.58 -26.62
C VAL G 75 -0.48 27.62 -26.12
N ASN G 76 -0.93 28.75 -25.56
CA ASN G 76 -2.31 28.81 -25.04
C ASN G 76 -3.12 29.75 -25.91
N PRO G 77 -3.93 29.24 -26.82
CA PRO G 77 -4.80 30.12 -27.61
C PRO G 77 -5.93 30.65 -26.75
N LEU G 78 -6.42 31.82 -27.12
CA LEU G 78 -7.68 32.32 -26.55
C LEU G 78 -8.87 31.63 -27.22
N PRO G 79 -10.10 31.84 -26.72
CA PRO G 79 -11.29 31.29 -27.40
C PRO G 79 -11.30 31.62 -28.89
N THR G 80 -10.78 32.77 -29.29
CA THR G 80 -10.77 33.15 -30.73
C THR G 80 -9.50 32.73 -31.43
N GLY G 81 -8.57 32.00 -30.77
CA GLY G 81 -7.37 31.50 -31.40
C GLY G 81 -6.10 32.07 -30.79
N TYR G 82 -4.96 31.74 -31.42
CA TYR G 82 -3.65 32.15 -30.88
C TYR G 82 -3.45 33.64 -31.01
N GLU G 83 -2.71 34.21 -30.05
CA GLU G 83 -2.45 35.64 -30.03
C GLU G 83 -1.40 36.06 -31.05
N LYS G 84 -1.50 37.32 -31.47
CA LYS G 84 -0.68 37.93 -32.52
C LYS G 84 0.81 37.85 -32.24
N LYS H 7 -37.02 -3.21 -46.88
CA LYS H 7 -36.04 -4.26 -46.67
C LYS H 7 -35.65 -4.38 -45.21
N ILE H 8 -36.43 -5.18 -44.47
CA ILE H 8 -36.22 -5.59 -43.07
C ILE H 8 -36.74 -4.52 -42.11
N LYS H 9 -37.67 -3.68 -42.59
CA LYS H 9 -38.23 -2.56 -41.82
C LYS H 9 -39.37 -2.95 -40.87
N ASN H 10 -40.45 -2.15 -40.87
CA ASN H 10 -41.52 -2.12 -39.85
C ASN H 10 -41.03 -1.46 -38.55
N TYR H 11 -40.22 -0.39 -38.66
CA TYR H 11 -39.67 0.28 -37.48
C TYR H 11 -40.78 0.87 -36.63
N GLN H 12 -40.76 0.61 -35.33
CA GLN H 12 -41.64 1.34 -34.43
C GLN H 12 -40.84 2.31 -33.55
N THR H 13 -39.92 1.78 -32.76
CA THR H 13 -39.02 2.65 -32.00
C THR H 13 -37.72 1.87 -31.84
N ALA H 14 -36.72 2.50 -31.25
CA ALA H 14 -35.43 1.86 -31.09
C ALA H 14 -35.57 0.68 -30.13
N PRO H 15 -35.13 -0.51 -30.52
CA PRO H 15 -35.23 -1.64 -29.60
C PRO H 15 -34.21 -1.57 -28.47
N PHE H 16 -34.49 -2.34 -27.43
CA PHE H 16 -33.52 -2.62 -26.40
C PHE H 16 -32.19 -2.97 -27.02
N ASP H 17 -31.10 -2.46 -26.45
CA ASP H 17 -29.76 -2.72 -27.00
C ASP H 17 -28.90 -3.17 -25.82
N SER H 18 -28.38 -4.40 -25.88
CA SER H 18 -27.69 -4.93 -24.68
C SER H 18 -26.40 -4.18 -24.38
N ARG H 19 -25.82 -3.49 -25.36
CA ARG H 19 -24.68 -2.62 -25.03
C ARG H 19 -25.05 -1.46 -24.09
N PHE H 20 -26.33 -1.09 -24.02
CA PHE H 20 -26.77 0.08 -23.23
C PHE H 20 -27.99 -0.31 -22.41
N PRO H 21 -27.83 -1.13 -21.38
CA PRO H 21 -28.99 -1.71 -20.68
C PRO H 21 -29.53 -0.87 -19.54
N ASN H 22 -28.89 0.23 -19.19
CA ASN H 22 -29.26 0.92 -17.95
C ASN H 22 -30.01 2.23 -18.21
N GLN H 23 -30.16 3.01 -17.15
CA GLN H 23 -31.02 4.19 -17.17
C GLN H 23 -30.42 5.31 -18.01
N ASN H 24 -29.10 5.51 -17.94
CA ASN H 24 -28.47 6.56 -18.76
C ASN H 24 -28.29 6.09 -20.18
N GLN H 25 -28.99 6.73 -21.14
CA GLN H 25 -28.99 6.34 -22.53
C GLN H 25 -28.16 7.29 -23.37
N THR H 26 -27.37 8.17 -22.69
CA THR H 26 -26.62 9.20 -23.44
C THR H 26 -25.73 8.54 -24.50
N ARG H 27 -25.03 7.48 -24.09
CA ARG H 27 -24.06 6.84 -25.00
C ARG H 27 -24.78 6.11 -26.14
N ASN H 28 -26.00 5.63 -25.90
CA ASN H 28 -26.78 5.00 -27.00
C ASN H 28 -27.12 6.00 -28.09
N CYS H 29 -27.62 7.17 -27.69
CA CYS H 29 -27.85 8.26 -28.64
C CYS H 29 -26.57 8.60 -29.37
N TRP H 30 -25.50 8.81 -28.63
CA TRP H 30 -24.21 9.20 -29.19
C TRP H 30 -23.68 8.17 -30.17
N GLN H 31 -23.69 6.90 -29.78
CA GLN H 31 -23.12 5.85 -30.63
C GLN H 31 -23.87 5.75 -31.96
N ASN H 32 -25.19 5.89 -31.94
CA ASN H 32 -25.94 5.78 -33.18
C ASN H 32 -25.81 7.02 -34.04
N TYR H 33 -25.70 8.20 -33.43
CA TYR H 33 -25.37 9.38 -34.22
C TYR H 33 -24.03 9.19 -34.93
N LEU H 34 -23.00 8.79 -34.18
CA LEU H 34 -21.70 8.50 -34.79
C LEU H 34 -21.81 7.46 -35.90
N ASP H 35 -22.42 6.32 -35.61
CA ASP H 35 -22.57 5.27 -36.62
C ASP H 35 -23.23 5.79 -37.87
N PHE H 36 -24.28 6.58 -37.72
CA PHE H 36 -24.95 7.09 -38.91
C PHE H 36 -24.02 7.93 -39.79
N HIS H 37 -23.37 8.90 -39.18
CA HIS H 37 -22.53 9.78 -39.98
C HIS H 37 -21.26 9.09 -40.46
N ARG H 38 -20.75 8.11 -39.70
CA ARG H 38 -19.59 7.36 -40.19
C ARG H 38 -20.00 6.61 -41.44
N CYS H 39 -21.15 5.93 -41.35
CA CYS H 39 -21.68 5.19 -42.50
C CYS H 39 -21.95 6.09 -43.68
N GLU H 40 -22.63 7.20 -43.44
CA GLU H 40 -22.93 8.11 -44.52
C GLU H 40 -21.63 8.60 -45.18
N LYS H 41 -20.61 8.85 -44.37
CA LYS H 41 -19.32 9.27 -44.91
C LYS H 41 -18.71 8.18 -45.78
N ALA H 42 -18.63 6.95 -45.25
CA ALA H 42 -18.12 5.83 -46.04
C ALA H 42 -18.90 5.62 -47.34
N MET H 43 -20.24 5.69 -47.28
CA MET H 43 -21.03 5.50 -48.50
C MET H 43 -20.81 6.63 -49.49
N THR H 44 -21.01 7.88 -49.06
CA THR H 44 -20.85 9.02 -49.97
C THR H 44 -19.46 9.02 -50.60
N ALA H 45 -18.44 8.67 -49.83
CA ALA H 45 -17.10 8.55 -50.38
C ALA H 45 -17.08 7.43 -51.41
N LYS H 46 -17.06 6.18 -50.95
CA LYS H 46 -16.78 5.02 -51.80
C LYS H 46 -17.82 4.82 -52.90
N GLY H 47 -18.62 5.85 -53.20
CA GLY H 47 -19.60 5.78 -54.26
C GLY H 47 -20.60 4.68 -54.04
N GLY H 48 -21.28 4.73 -52.89
CA GLY H 48 -22.36 3.81 -52.58
C GLY H 48 -23.65 4.58 -52.32
N ASP H 49 -24.58 3.99 -51.57
CA ASP H 49 -25.88 4.59 -51.34
C ASP H 49 -26.15 4.68 -49.83
N VAL H 50 -26.44 5.89 -49.34
CA VAL H 50 -26.67 6.15 -47.92
C VAL H 50 -27.84 5.35 -47.35
N SER H 51 -28.68 4.77 -48.21
CA SER H 51 -29.82 3.99 -47.75
C SER H 51 -29.42 2.89 -46.79
N VAL H 52 -28.20 2.36 -46.92
CA VAL H 52 -27.78 1.30 -46.04
C VAL H 52 -27.54 1.82 -44.62
N CYS H 53 -27.50 3.13 -44.46
CA CYS H 53 -27.23 3.77 -43.16
C CYS H 53 -28.50 3.98 -42.34
N GLU H 54 -29.65 3.64 -42.91
CA GLU H 54 -30.95 4.11 -42.44
C GLU H 54 -31.25 3.67 -41.01
N TRP H 55 -30.85 2.45 -40.63
CA TRP H 55 -31.14 1.97 -39.31
C TRP H 55 -30.56 2.90 -38.25
N TYR H 56 -29.27 3.27 -38.37
CA TYR H 56 -28.65 4.17 -37.41
C TYR H 56 -29.35 5.53 -37.39
N ARG H 57 -29.72 6.03 -38.57
CA ARG H 57 -30.46 7.28 -38.66
C ARG H 57 -31.75 7.19 -37.84
N ARG H 58 -32.52 6.08 -38.00
CA ARG H 58 -33.81 6.00 -37.33
C ARG H 58 -33.62 5.92 -35.82
N VAL H 59 -32.61 5.15 -35.38
CA VAL H 59 -32.38 4.96 -33.96
C VAL H 59 -31.97 6.26 -33.31
N TYR H 60 -31.04 7.01 -33.92
CA TYR H 60 -30.58 8.22 -33.25
C TYR H 60 -31.65 9.30 -33.31
N LYS H 61 -32.46 9.32 -34.38
CA LYS H 61 -33.55 10.29 -34.36
C LYS H 61 -34.55 9.97 -33.28
N SER H 62 -34.83 8.67 -33.04
CA SER H 62 -35.78 8.31 -31.99
C SER H 62 -35.23 8.71 -30.62
N LEU H 63 -33.96 8.49 -30.38
CA LEU H 63 -33.43 8.61 -29.00
C LEU H 63 -32.88 9.98 -28.66
N CYS H 64 -32.25 10.68 -29.61
CA CYS H 64 -31.47 11.89 -29.29
C CYS H 64 -32.38 13.12 -29.17
N PRO H 65 -32.21 13.92 -28.12
CA PRO H 65 -32.87 15.22 -28.04
C PRO H 65 -32.55 16.03 -29.29
N ILE H 66 -33.58 16.73 -29.78
CA ILE H 66 -33.41 17.55 -30.97
C ILE H 66 -32.25 18.51 -30.83
N SER H 67 -32.08 19.10 -29.64
CA SER H 67 -31.05 20.13 -29.48
C SER H 67 -29.67 19.52 -29.48
N TRP H 68 -29.54 18.29 -29.00
CA TRP H 68 -28.25 17.60 -29.12
C TRP H 68 -27.89 17.38 -30.60
N VAL H 69 -28.84 16.84 -31.35
CA VAL H 69 -28.59 16.58 -32.77
C VAL H 69 -28.20 17.89 -33.47
N SER H 70 -28.93 18.95 -33.19
CA SER H 70 -28.71 20.22 -33.87
C SER H 70 -27.36 20.84 -33.47
N THR H 71 -26.99 20.75 -32.18
CA THR H 71 -25.65 21.20 -31.79
C THR H 71 -24.56 20.37 -32.46
N TRP H 72 -24.70 19.05 -32.44
CA TRP H 72 -23.68 18.22 -33.05
C TRP H 72 -23.56 18.52 -34.56
N ASP H 73 -24.71 18.66 -35.25
CA ASP H 73 -24.67 19.02 -36.69
C ASP H 73 -23.94 20.34 -36.93
N ASP H 74 -24.23 21.36 -36.10
CA ASP H 74 -23.55 22.64 -36.24
C ASP H 74 -22.04 22.47 -36.05
N ARG H 75 -21.63 21.67 -35.06
CA ARG H 75 -20.20 21.55 -34.79
C ARG H 75 -19.51 20.72 -35.89
N ARG H 76 -20.21 19.73 -36.47
CA ARG H 76 -19.64 19.10 -37.66
C ARG H 76 -19.43 20.15 -38.77
N ALA H 77 -20.41 21.02 -39.00
CA ALA H 77 -20.24 22.01 -40.07
C ALA H 77 -19.15 23.02 -39.72
N GLU H 78 -18.99 23.32 -38.44
CA GLU H 78 -17.96 24.25 -37.99
C GLU H 78 -16.57 23.62 -37.99
N GLY H 79 -16.47 22.30 -37.96
CA GLY H 79 -15.20 21.65 -37.79
C GLY H 79 -14.79 21.53 -36.32
N THR H 80 -15.73 21.58 -35.39
CA THR H 80 -15.39 21.45 -33.95
C THR H 80 -16.07 20.26 -33.30
N PHE H 81 -16.59 19.33 -34.08
CA PHE H 81 -17.21 18.13 -33.51
C PHE H 81 -16.12 17.22 -32.95
N PRO H 82 -16.17 16.85 -31.65
CA PRO H 82 -15.02 16.15 -31.03
C PRO H 82 -15.02 14.64 -31.21
N GLY H 83 -16.08 14.01 -31.73
CA GLY H 83 -15.97 12.61 -32.05
C GLY H 83 -15.30 12.38 -33.41
N LYS H 84 -14.84 11.16 -33.62
CA LYS H 84 -14.21 10.82 -34.89
C LYS H 84 -15.26 10.32 -35.89
N ILE H 85 -15.33 11.00 -37.02
CA ILE H 85 -16.16 10.58 -38.14
C ILE H 85 -15.25 10.40 -39.35
C1A SAC I 1 -60.08 -15.60 64.11
C2A SAC I 1 -61.03 -15.29 65.23
OAC SAC I 1 -60.46 -16.00 63.00
N SAC I 1 -58.79 -15.41 64.39
CA SAC I 1 -57.84 -15.02 63.37
C SAC I 1 -57.39 -16.20 62.55
O SAC I 1 -57.57 -17.38 62.90
CB SAC I 1 -56.62 -14.33 63.98
OG SAC I 1 -56.41 -14.83 65.29
N THR I 2 -56.77 -15.87 61.43
CA THR I 2 -56.31 -16.86 60.46
C THR I 2 -54.95 -16.37 59.96
N ALA I 3 -53.95 -17.25 59.97
CA ALA I 3 -52.69 -16.93 59.32
C ALA I 3 -52.91 -16.67 57.84
N LEU I 4 -52.03 -15.87 57.28
CA LEU I 4 -52.00 -15.63 55.86
C LEU I 4 -51.10 -16.66 55.21
N ALA I 5 -51.51 -17.14 54.03
CA ALA I 5 -50.67 -18.05 53.27
C ALA I 5 -49.46 -17.29 52.73
N LYS I 6 -48.36 -18.02 52.54
CA LYS I 6 -47.14 -17.43 52.00
C LYS I 6 -47.32 -17.10 50.52
N PRO I 7 -47.06 -15.88 50.10
CA PRO I 7 -47.21 -15.57 48.68
C PRO I 7 -45.91 -15.68 47.89
N GLN I 8 -46.02 -15.57 46.57
CA GLN I 8 -44.83 -15.46 45.76
C GLN I 8 -44.16 -14.16 46.13
N MET I 9 -42.87 -14.22 46.42
CA MET I 9 -42.12 -13.06 46.83
C MET I 9 -40.98 -12.74 45.90
N ARG I 10 -40.64 -13.62 44.94
CA ARG I 10 -39.42 -13.45 44.18
C ARG I 10 -39.78 -13.25 42.71
N GLY I 11 -38.98 -12.43 42.03
CA GLY I 11 -39.11 -12.29 40.59
C GLY I 11 -40.42 -11.66 40.13
N LEU I 12 -40.99 -10.79 40.96
CA LEU I 12 -42.27 -10.20 40.60
C LEU I 12 -42.16 -9.29 39.38
N LEU I 13 -41.07 -8.53 39.28
CA LEU I 13 -40.91 -7.67 38.11
C LEU I 13 -40.76 -8.51 36.84
N ALA I 14 -39.93 -9.57 36.94
CA ALA I 14 -39.72 -10.42 35.76
C ALA I 14 -41.00 -11.12 35.35
N ARG I 15 -41.77 -11.57 36.32
CA ARG I 15 -43.05 -12.20 36.06
C ARG I 15 -43.99 -11.26 35.31
N ARG I 16 -44.10 -10.03 35.79
CA ARG I 16 -44.93 -9.02 35.14
C ARG I 16 -44.48 -8.78 33.69
N LEU I 17 -43.17 -8.70 33.49
CA LEU I 17 -42.62 -8.44 32.17
C LEU I 17 -42.99 -9.57 31.20
N ARG I 18 -42.78 -10.82 31.64
CA ARG I 18 -43.05 -11.94 30.73
C ARG I 18 -44.52 -12.02 30.38
N PHE I 19 -45.39 -11.84 31.39
CA PHE I 19 -46.83 -11.82 31.13
C PHE I 19 -47.18 -10.79 30.05
N HIS I 20 -46.61 -9.59 30.13
CA HIS I 20 -47.06 -8.52 29.25
C HIS I 20 -46.37 -8.56 27.89
N ILE I 21 -45.15 -9.08 27.83
CA ILE I 21 -44.54 -9.28 26.52
C ILE I 21 -45.31 -10.34 25.73
N VAL I 22 -45.75 -11.42 26.40
CA VAL I 22 -46.62 -12.41 25.75
C VAL I 22 -47.92 -11.77 25.30
N GLY I 23 -48.56 -11.04 26.20
CA GLY I 23 -49.73 -10.28 25.83
C GLY I 23 -49.51 -9.37 24.63
N ALA I 24 -48.37 -8.68 24.58
CA ALA I 24 -48.10 -7.80 23.45
C ALA I 24 -47.94 -8.57 22.15
N PHE I 25 -47.25 -9.71 22.22
CA PHE I 25 -47.16 -10.60 21.06
C PHE I 25 -48.54 -11.03 20.56
N MET I 26 -49.43 -11.44 21.47
CA MET I 26 -50.79 -11.86 21.08
C MET I 26 -51.54 -10.71 20.41
N VAL I 27 -51.45 -9.52 21.00
CA VAL I 27 -52.13 -8.37 20.42
C VAL I 27 -51.56 -8.06 19.04
N SER I 28 -50.24 -8.21 18.88
CA SER I 28 -49.61 -7.95 17.59
C SER I 28 -50.11 -8.91 16.52
N LEU I 29 -50.27 -10.18 16.89
CA LEU I 29 -50.92 -11.17 16.03
C LEU I 29 -52.34 -10.74 15.67
N GLY I 30 -53.12 -10.34 16.66
CA GLY I 30 -54.47 -9.86 16.38
C GLY I 30 -54.48 -8.70 15.40
N PHE I 31 -53.64 -7.70 15.66
CA PHE I 31 -53.58 -6.54 14.76
C PHE I 31 -53.19 -6.93 13.33
N ALA I 32 -52.16 -7.78 13.19
CA ALA I 32 -51.76 -8.23 11.85
C ALA I 32 -52.93 -8.86 11.11
N THR I 33 -53.75 -9.62 11.83
CA THR I 33 -54.91 -10.27 11.21
C THR I 33 -55.98 -9.24 10.85
N PHE I 34 -56.33 -8.37 11.79
CA PHE I 34 -57.19 -7.24 11.46
C PHE I 34 -56.69 -6.47 10.23
N TYR I 35 -55.38 -6.16 10.20
CA TYR I 35 -54.87 -5.27 9.17
C TYR I 35 -54.88 -5.92 7.80
N LYS I 36 -54.57 -7.20 7.75
CA LYS I 36 -54.50 -7.85 6.46
C LYS I 36 -55.87 -8.06 5.87
N PHE I 37 -56.89 -8.08 6.70
CA PHE I 37 -58.28 -8.10 6.25
C PHE I 37 -58.83 -6.69 6.01
N ALA I 38 -58.53 -5.73 6.87
CA ALA I 38 -59.15 -4.42 6.68
C ALA I 38 -58.41 -3.51 5.72
N VAL I 39 -57.20 -3.86 5.33
CA VAL I 39 -56.39 -2.97 4.51
C VAL I 39 -55.85 -3.74 3.33
N ALA I 40 -55.06 -4.77 3.62
CA ALA I 40 -54.21 -5.35 2.60
C ALA I 40 -55.03 -6.22 1.64
N GLU I 41 -55.85 -7.13 2.18
CA GLU I 41 -56.74 -7.91 1.33
C GLU I 41 -57.85 -7.05 0.75
N LYS I 42 -58.35 -6.10 1.54
CA LYS I 42 -59.33 -5.16 1.02
C LYS I 42 -58.81 -4.49 -0.26
N ARG I 43 -57.53 -4.09 -0.26
CA ARG I 43 -56.93 -3.44 -1.42
C ARG I 43 -56.79 -4.39 -2.58
N LYS I 44 -56.21 -5.57 -2.34
CA LYS I 44 -56.12 -6.53 -3.44
C LYS I 44 -57.48 -6.80 -4.06
N LYS I 45 -58.52 -6.90 -3.22
CA LYS I 45 -59.83 -7.25 -3.76
C LYS I 45 -60.47 -6.07 -4.51
N ALA I 46 -60.27 -4.84 -4.03
CA ALA I 46 -60.76 -3.68 -4.77
C ALA I 46 -60.16 -3.62 -6.17
N TYR I 47 -58.83 -3.74 -6.31
CA TYR I 47 -58.21 -3.73 -7.63
C TYR I 47 -58.68 -4.91 -8.50
N ALA I 48 -58.71 -6.11 -7.92
CA ALA I 48 -59.16 -7.29 -8.66
C ALA I 48 -60.61 -7.15 -9.14
N ASP I 49 -61.51 -6.67 -8.27
CA ASP I 49 -62.91 -6.51 -8.69
C ASP I 49 -63.06 -5.43 -9.74
N PHE I 50 -62.30 -4.34 -9.59
CA PHE I 50 -62.34 -3.25 -10.56
C PHE I 50 -61.97 -3.74 -11.94
N TYR I 51 -60.86 -4.47 -12.05
CA TYR I 51 -60.39 -4.82 -13.36
C TYR I 51 -61.01 -6.09 -13.92
N ARG I 52 -61.76 -6.86 -13.13
CA ARG I 52 -62.21 -8.18 -13.57
C ARG I 52 -63.05 -8.09 -14.84
N ASN I 53 -64.02 -7.19 -14.88
CA ASN I 53 -64.80 -6.95 -16.10
C ASN I 53 -64.62 -5.54 -16.68
N TYR I 54 -63.47 -4.90 -16.42
CA TYR I 54 -63.20 -3.54 -16.84
C TYR I 54 -63.09 -3.43 -18.36
N ASP I 55 -63.74 -2.39 -18.92
CA ASP I 55 -63.74 -2.17 -20.37
C ASP I 55 -63.05 -0.82 -20.62
N SER I 56 -61.77 -0.84 -20.97
CA SER I 56 -61.03 0.41 -21.09
C SER I 56 -61.59 1.30 -22.22
N MET I 57 -62.09 0.68 -23.27
CA MET I 57 -62.66 1.48 -24.38
C MET I 57 -63.96 2.16 -23.97
N LYS I 58 -64.79 1.45 -23.22
CA LYS I 58 -66.00 2.08 -22.72
C LYS I 58 -65.66 3.24 -21.79
N ASP I 59 -64.71 3.01 -20.87
CA ASP I 59 -64.23 4.07 -19.98
C ASP I 59 -63.79 5.30 -20.79
N PHE I 60 -62.99 5.08 -21.82
CA PHE I 60 -62.52 6.17 -22.68
C PHE I 60 -63.69 6.88 -23.35
N GLU I 61 -64.66 6.11 -23.86
CA GLU I 61 -65.78 6.72 -24.57
C GLU I 61 -66.56 7.64 -23.64
N GLU I 62 -66.75 7.20 -22.39
CA GLU I 62 -67.42 8.04 -21.41
C GLU I 62 -66.63 9.32 -21.14
N MET I 63 -65.31 9.19 -20.98
CA MET I 63 -64.49 10.38 -20.74
C MET I 63 -64.53 11.31 -21.94
N ARG I 64 -64.49 10.75 -23.13
CA ARG I 64 -64.52 11.55 -24.36
C ARG I 64 -65.83 12.31 -24.46
N LYS I 65 -66.95 11.62 -24.21
CA LYS I 65 -68.24 12.26 -24.36
C LYS I 65 -68.44 13.35 -23.30
N ALA I 66 -67.80 13.21 -22.13
CA ALA I 66 -67.89 14.26 -21.11
C ALA I 66 -67.02 15.47 -21.43
N GLY I 67 -66.19 15.41 -22.46
CA GLY I 67 -65.42 16.54 -22.91
C GLY I 67 -64.06 16.68 -22.25
N ILE I 68 -63.52 15.62 -21.65
CA ILE I 68 -62.29 15.91 -20.89
C ILE I 68 -61.00 16.01 -21.73
N PHE I 69 -60.97 15.48 -22.97
CA PHE I 69 -59.70 15.33 -23.68
C PHE I 69 -59.41 16.47 -24.65
N GLN I 70 -58.11 16.78 -24.79
CA GLN I 70 -57.60 17.60 -25.90
C GLN I 70 -57.58 16.83 -27.21
N SER I 71 -57.28 15.54 -27.19
CA SER I 71 -57.05 14.81 -28.42
C SER I 71 -58.30 14.09 -28.93
N ALA I 72 -59.39 14.10 -28.19
CA ALA I 72 -60.57 13.34 -28.62
C ALA I 72 -61.81 14.13 -28.24
N LYS I 73 -62.67 14.41 -29.21
CA LYS I 73 -63.90 15.16 -28.92
C LYS I 73 -65.13 14.26 -29.13
N PHE J 1 27.39 29.22 15.31
CA PHE J 1 26.38 29.83 16.19
C PHE J 1 26.53 29.21 17.54
N GLU J 2 25.97 29.84 18.57
CA GLU J 2 26.10 29.35 19.93
C GLU J 2 24.71 29.08 20.49
N ASN J 3 24.67 28.16 21.46
CA ASN J 3 23.41 27.73 22.02
C ASN J 3 23.01 28.73 23.09
N ARG J 4 22.02 29.56 22.80
CA ARG J 4 21.55 30.54 23.77
C ARG J 4 20.16 30.19 24.31
N VAL J 5 19.77 28.92 24.27
CA VAL J 5 18.44 28.55 24.73
C VAL J 5 18.28 28.85 26.23
N ALA J 6 19.36 28.68 27.01
CA ALA J 6 19.23 28.89 28.45
C ALA J 6 18.82 30.34 28.76
N GLU J 7 19.36 31.31 28.03
CA GLU J 7 18.95 32.71 28.22
C GLU J 7 17.47 32.88 27.94
N LYS J 8 16.97 32.24 26.88
CA LYS J 8 15.57 32.36 26.57
C LYS J 8 14.73 31.67 27.62
N GLN J 9 15.22 30.53 28.14
CA GLN J 9 14.45 29.86 29.19
C GLN J 9 14.32 30.78 30.41
N LYS J 10 15.43 31.42 30.82
CA LYS J 10 15.34 32.39 31.91
C LYS J 10 14.34 33.51 31.62
N LEU J 11 14.41 34.12 30.42
CA LEU J 11 13.46 35.17 30.04
C LEU J 11 12.02 34.70 30.16
N PHE J 12 11.67 33.60 29.47
CA PHE J 12 10.26 33.23 29.43
C PHE J 12 9.77 32.56 30.70
N GLN J 13 10.65 32.25 31.64
CA GLN J 13 10.21 31.74 32.94
C GLN J 13 10.24 32.82 34.02
N GLU J 14 10.61 34.04 33.68
CA GLU J 14 10.62 35.12 34.68
C GLU J 14 9.23 35.30 35.31
N ASP J 15 9.20 35.47 36.63
CA ASP J 15 7.93 35.43 37.37
C ASP J 15 7.29 36.82 37.37
N ASN J 16 6.85 37.25 36.20
CA ASN J 16 6.31 38.59 36.04
C ASN J 16 4.82 38.60 35.67
N GLY J 17 4.16 37.45 35.70
CA GLY J 17 2.74 37.45 35.42
C GLY J 17 2.36 37.71 33.96
N LEU J 18 3.34 37.89 33.03
CA LEU J 18 2.90 38.14 31.65
C LEU J 18 2.45 36.85 30.98
N PRO J 19 1.40 36.91 30.15
CA PRO J 19 1.04 35.74 29.33
C PRO J 19 2.10 35.50 28.25
N VAL J 20 2.16 34.24 27.76
CA VAL J 20 3.30 33.87 26.90
C VAL J 20 3.39 34.77 25.66
N HIS J 21 2.25 35.24 25.12
CA HIS J 21 2.31 36.00 23.87
C HIS J 21 2.86 37.42 24.05
N LEU J 22 3.07 37.86 25.29
CA LEU J 22 3.67 39.16 25.55
C LEU J 22 4.97 39.05 26.31
N LYS J 23 5.42 37.85 26.64
CA LYS J 23 6.51 37.71 27.60
C LYS J 23 7.88 38.01 26.98
N GLY J 24 7.98 38.10 25.67
CA GLY J 24 9.22 38.50 25.03
C GLY J 24 9.54 39.98 25.13
N GLY J 25 8.62 40.80 25.53
CA GLY J 25 8.92 42.20 25.73
C GLY J 25 8.11 43.09 24.80
N ALA J 26 8.57 44.33 24.70
CA ALA J 26 7.78 45.39 24.08
C ALA J 26 7.46 45.10 22.63
N THR J 27 8.34 44.41 21.91
CA THR J 27 8.02 44.14 20.51
C THR J 27 6.85 43.16 20.38
N ASP J 28 6.63 42.27 21.35
CA ASP J 28 5.41 41.46 21.37
C ASP J 28 4.17 42.35 21.38
N ASN J 29 4.16 43.37 22.26
CA ASN J 29 2.99 44.23 22.35
C ASN J 29 2.75 44.95 21.04
N ILE J 30 3.81 45.41 20.39
CA ILE J 30 3.64 46.11 19.13
C ILE J 30 3.05 45.17 18.07
N LEU J 31 3.60 43.98 17.97
CA LEU J 31 3.10 43.03 16.96
C LEU J 31 1.64 42.65 17.24
N TYR J 32 1.31 42.46 18.52
CA TYR J 32 -0.07 42.16 18.91
C TYR J 32 -0.99 43.32 18.49
N ARG J 33 -0.56 44.56 18.76
CA ARG J 33 -1.43 45.71 18.43
C ARG J 33 -1.59 45.88 16.93
N VAL J 34 -0.52 45.65 16.17
CA VAL J 34 -0.65 45.64 14.72
C VAL J 34 -1.65 44.56 14.26
N THR J 35 -1.48 43.34 14.77
CA THR J 35 -2.35 42.24 14.34
C THR J 35 -3.81 42.56 14.68
N MET J 36 -4.06 42.95 15.93
CA MET J 36 -5.45 43.15 16.33
C MET J 36 -6.08 44.35 15.63
N THR J 37 -5.30 45.43 15.38
CA THR J 37 -5.82 46.59 14.65
C THR J 37 -6.22 46.22 13.22
N LEU J 38 -5.36 45.49 12.51
CA LEU J 38 -5.70 45.02 11.17
C LEU J 38 -6.92 44.09 11.16
N CYS J 39 -6.98 43.15 12.11
CA CYS J 39 -8.16 42.27 12.21
C CYS J 39 -9.44 43.07 12.46
N LEU J 40 -9.43 43.97 13.47
CA LEU J 40 -10.68 44.65 13.82
C LEU J 40 -11.05 45.69 12.78
N GLY J 41 -10.06 46.44 12.32
CA GLY J 41 -10.32 47.39 11.26
C GLY J 41 -10.77 46.70 9.98
N GLY J 42 -10.15 45.56 9.64
CA GLY J 42 -10.58 44.84 8.45
C GLY J 42 -11.99 44.30 8.59
N THR J 43 -12.35 43.86 9.81
CA THR J 43 -13.70 43.36 10.06
C THR J 43 -14.72 44.48 9.92
N LEU J 44 -14.40 45.66 10.43
CA LEU J 44 -15.29 46.80 10.23
C LEU J 44 -15.39 47.14 8.76
N TYR J 45 -14.27 47.10 8.05
CA TYR J 45 -14.33 47.36 6.62
C TYR J 45 -15.18 46.31 5.89
N SER J 46 -15.11 45.03 6.32
CA SER J 46 -15.92 44.01 5.62
C SER J 46 -17.44 44.23 5.87
N LEU J 47 -17.79 44.78 7.04
CA LEU J 47 -19.19 45.12 7.34
C LEU J 47 -19.64 46.28 6.48
N TYR J 48 -18.77 47.28 6.32
CA TYR J 48 -19.09 48.35 5.39
C TYR J 48 -19.34 47.78 3.99
N CYS J 49 -18.51 46.84 3.56
CA CYS J 49 -18.64 46.28 2.21
C CYS J 49 -19.93 45.49 2.08
N LEU J 50 -20.35 44.79 3.14
CA LEU J 50 -21.65 44.12 3.13
C LEU J 50 -22.76 45.13 2.94
N GLY J 51 -22.69 46.23 3.70
CA GLY J 51 -23.69 47.27 3.59
C GLY J 51 -23.78 47.78 2.17
N TRP J 52 -22.62 48.02 1.55
CA TRP J 52 -22.57 48.48 0.17
C TRP J 52 -23.16 47.43 -0.76
N ALA J 53 -22.74 46.18 -0.61
CA ALA J 53 -23.15 45.10 -1.50
C ALA J 53 -24.59 44.62 -1.28
N SER J 54 -25.25 45.06 -0.21
CA SER J 54 -26.61 44.62 0.10
C SER J 54 -27.66 45.35 -0.73
N PHE J 55 -27.27 46.38 -1.45
CA PHE J 55 -28.22 47.17 -2.21
C PHE J 55 -27.78 47.27 -3.64
N PRO J 56 -28.75 47.36 -4.58
CA PRO J 56 -28.42 47.49 -5.99
C PRO J 56 -27.79 48.85 -6.26
N HIS J 57 -26.90 48.88 -7.23
CA HIS J 57 -26.40 50.16 -7.75
C HIS J 57 -26.64 50.31 -9.24
N LYS J 58 -27.58 49.53 -9.78
CA LYS J 58 -28.13 49.67 -11.13
C LYS J 58 -27.07 49.83 -12.21
N ALA K 6 -49.44 21.43 54.73
CA ALA K 6 -49.50 22.77 54.14
C ALA K 6 -49.71 22.75 52.59
N PRO K 7 -50.83 23.32 52.12
CA PRO K 7 -51.14 23.30 50.67
C PRO K 7 -50.13 24.07 49.82
N ASP K 8 -49.66 23.43 48.75
CA ASP K 8 -48.80 24.16 47.83
C ASP K 8 -49.64 24.85 46.75
N PHE K 9 -48.95 25.41 45.75
CA PHE K 9 -49.64 26.07 44.63
C PHE K 9 -50.65 25.16 43.96
N HIS K 10 -50.30 23.87 43.77
CA HIS K 10 -51.15 22.95 43.01
C HIS K 10 -52.40 22.55 43.78
N ASP K 11 -52.26 22.37 45.10
CA ASP K 11 -53.44 22.12 45.93
C ASP K 11 -54.41 23.28 45.89
N LYS K 12 -53.89 24.52 45.88
CA LYS K 12 -54.75 25.70 45.96
C LYS K 12 -55.33 26.08 44.61
N TYR K 13 -54.52 26.04 43.54
CA TYR K 13 -54.95 26.59 42.24
C TYR K 13 -55.09 25.56 41.12
N GLY K 14 -54.72 24.30 41.36
CA GLY K 14 -54.66 23.35 40.25
C GLY K 14 -55.99 23.09 39.59
N ASN K 15 -57.05 22.96 40.40
CA ASN K 15 -58.38 22.71 39.80
C ASN K 15 -58.81 23.86 38.91
N ALA K 16 -58.59 25.10 39.39
CA ALA K 16 -58.90 26.29 38.60
C ALA K 16 -58.06 26.35 37.33
N VAL K 17 -56.75 26.08 37.44
CA VAL K 17 -55.88 26.17 36.26
C VAL K 17 -56.31 25.16 35.23
N LEU K 18 -56.61 23.95 35.67
CA LEU K 18 -57.06 22.91 34.76
C LEU K 18 -58.38 23.29 34.10
N ALA K 19 -59.36 23.71 34.90
CA ALA K 19 -60.67 23.98 34.33
C ALA K 19 -60.64 25.20 33.43
N SER K 20 -59.99 26.28 33.90
CA SER K 20 -59.98 27.49 33.08
C SER K 20 -59.15 27.28 31.81
N GLY K 21 -58.00 26.62 31.94
CA GLY K 21 -57.16 26.39 30.76
C GLY K 21 -57.88 25.57 29.70
N ALA K 22 -58.53 24.47 30.11
CA ALA K 22 -59.23 23.66 29.10
C ALA K 22 -60.38 24.44 28.47
N THR K 23 -61.18 25.13 29.30
CA THR K 23 -62.29 25.89 28.74
C THR K 23 -61.81 26.90 27.72
N PHE K 24 -60.77 27.66 28.09
CA PHE K 24 -60.25 28.71 27.22
C PHE K 24 -59.68 28.12 25.94
N CYS K 25 -58.88 27.05 26.07
CA CYS K 25 -58.25 26.41 24.92
C CYS K 25 -59.32 25.95 23.90
N VAL K 26 -60.33 25.21 24.38
CA VAL K 26 -61.40 24.74 23.47
C VAL K 26 -62.14 25.93 22.83
N ALA K 27 -62.47 26.94 23.62
CA ALA K 27 -63.25 28.05 23.09
C ALA K 27 -62.51 28.78 21.97
N VAL K 28 -61.24 29.08 22.20
CA VAL K 28 -60.55 29.90 21.19
C VAL K 28 -60.23 29.06 19.93
N TRP K 29 -59.92 27.79 20.08
CA TRP K 29 -59.65 26.99 18.89
C TRP K 29 -60.96 26.78 18.12
N VAL K 30 -62.07 26.60 18.83
CA VAL K 30 -63.33 26.43 18.06
C VAL K 30 -63.64 27.71 17.31
N TYR K 31 -63.47 28.85 17.97
CA TYR K 31 -63.71 30.14 17.30
C TYR K 31 -62.76 30.29 16.10
N MET K 32 -61.47 30.09 16.30
CA MET K 32 -60.52 30.17 15.18
C MET K 32 -60.92 29.22 14.03
N ALA K 33 -61.36 28.01 14.35
CA ALA K 33 -61.62 27.05 13.27
C ALA K 33 -62.93 27.31 12.51
N THR K 34 -63.87 28.03 13.12
CA THR K 34 -65.21 28.10 12.54
C THR K 34 -65.70 29.49 12.23
N GLN K 35 -65.08 30.55 12.75
CA GLN K 35 -65.71 31.86 12.69
C GLN K 35 -64.91 32.89 11.92
N ILE K 36 -63.75 32.54 11.39
CA ILE K 36 -62.93 33.63 10.88
C ILE K 36 -62.58 33.44 9.40
N GLY K 37 -63.24 32.52 8.73
CA GLY K 37 -63.12 32.37 7.29
C GLY K 37 -62.01 31.44 6.83
N ILE K 38 -61.45 30.63 7.73
CA ILE K 38 -60.43 29.68 7.29
C ILE K 38 -61.10 28.66 6.35
N GLU K 39 -60.45 28.35 5.23
CA GLU K 39 -61.00 27.38 4.27
C GLU K 39 -60.23 26.08 4.50
N TRP K 40 -60.90 25.10 5.10
CA TRP K 40 -60.21 23.85 5.37
C TRP K 40 -60.13 22.96 4.13
N ASN K 41 -61.00 23.21 3.15
CA ASN K 41 -61.10 22.41 1.93
C ASN K 41 -61.30 20.93 2.25
N PRO K 42 -62.38 20.57 2.94
CA PRO K 42 -62.58 19.15 3.27
C PRO K 42 -63.00 18.40 2.03
N SER K 43 -63.12 17.09 2.12
CA SER K 43 -63.48 16.27 0.97
C SER K 43 -64.85 16.67 0.41
N PRO K 44 -65.00 16.68 -0.92
CA PRO K 44 -66.33 16.86 -1.53
C PRO K 44 -67.26 15.67 -1.30
N VAL K 45 -66.70 14.50 -0.99
CA VAL K 45 -67.48 13.28 -0.91
C VAL K 45 -68.60 13.46 0.10
N GLY K 46 -69.83 13.21 -0.32
CA GLY K 46 -70.97 13.32 0.56
C GLY K 46 -71.36 14.73 0.91
N ARG K 47 -70.65 15.73 0.40
CA ARG K 47 -70.99 17.10 0.75
C ARG K 47 -71.25 18.00 -0.46
N VAL K 48 -70.59 17.78 -1.60
CA VAL K 48 -70.68 18.68 -2.75
C VAL K 48 -71.59 18.05 -3.80
N THR K 49 -72.55 18.82 -4.34
CA THR K 49 -73.35 18.40 -5.50
C THR K 49 -72.61 18.78 -6.77
N PRO K 50 -72.16 17.81 -7.58
CA PRO K 50 -71.35 18.17 -8.76
C PRO K 50 -72.17 18.99 -9.73
N LYS K 51 -71.49 19.89 -10.44
CA LYS K 51 -72.20 20.81 -11.33
C LYS K 51 -71.54 20.82 -12.70
N GLU K 52 -72.35 20.93 -13.76
CA GLU K 52 -71.81 20.97 -15.12
C GLU K 52 -70.72 22.01 -15.25
N TRP K 53 -69.63 21.64 -15.90
CA TRP K 53 -68.48 22.52 -16.01
C TRP K 53 -68.13 22.84 -17.46
N ARG K 54 -68.46 21.97 -18.41
CA ARG K 54 -67.95 22.21 -19.75
C ARG K 54 -68.79 23.35 -20.43
N HIS L 2 -7.78 36.33 40.63
CA HIS L 2 -8.24 35.41 39.59
C HIS L 2 -9.65 35.79 39.12
N TYR L 3 -10.24 34.94 38.28
CA TYR L 3 -11.60 35.14 37.77
C TYR L 3 -12.65 34.83 38.83
N GLU L 4 -13.83 35.39 38.64
CA GLU L 4 -14.92 35.17 39.59
C GLU L 4 -15.45 33.77 39.38
N GLU L 5 -15.83 33.12 40.46
CA GLU L 5 -16.33 31.77 40.31
C GLU L 5 -17.69 31.74 41.00
N GLY L 6 -18.46 30.69 40.79
CA GLY L 6 -19.68 30.68 41.56
C GLY L 6 -20.86 31.02 40.66
N PRO L 7 -22.06 30.70 41.14
CA PRO L 7 -23.28 30.97 40.37
C PRO L 7 -23.40 32.45 40.02
N GLY L 8 -23.77 32.71 38.78
CA GLY L 8 -23.95 34.07 38.35
C GLY L 8 -22.68 34.74 37.89
N LYS L 9 -21.53 34.09 38.03
CA LYS L 9 -20.24 34.70 37.74
C LYS L 9 -19.48 34.00 36.65
N ASN L 10 -19.89 32.79 36.25
CA ASN L 10 -19.19 32.00 35.24
C ASN L 10 -19.81 32.23 33.88
N ILE L 11 -20.30 33.44 33.63
CA ILE L 11 -21.08 33.74 32.41
C ILE L 11 -20.66 35.09 31.91
N PRO L 12 -20.78 35.34 30.60
CA PRO L 12 -20.38 36.64 30.07
C PRO L 12 -21.44 37.73 30.19
N PHE L 13 -22.59 37.44 30.80
CA PHE L 13 -23.60 38.49 31.02
C PHE L 13 -23.92 38.60 32.52
N SER L 14 -24.40 39.77 32.93
CA SER L 14 -24.74 39.97 34.35
C SER L 14 -26.13 39.42 34.70
N VAL L 15 -26.24 38.74 35.84
CA VAL L 15 -27.55 38.45 36.40
C VAL L 15 -27.77 39.21 37.72
N GLU L 16 -27.07 40.31 37.90
CA GLU L 16 -27.12 41.01 39.21
C GLU L 16 -28.49 41.65 39.40
N ASN L 17 -29.12 42.09 38.31
CA ASN L 17 -30.45 42.67 38.39
C ASN L 17 -31.38 41.98 37.38
N LYS L 18 -32.50 41.45 37.88
CA LYS L 18 -33.31 40.57 37.01
C LYS L 18 -34.03 41.34 35.93
N TRP L 19 -34.22 42.66 36.12
CA TRP L 19 -34.91 43.42 35.07
C TRP L 19 -33.93 43.85 33.98
N ARG L 20 -32.73 44.24 34.36
CA ARG L 20 -31.72 44.47 33.36
C ARG L 20 -31.41 43.18 32.58
N LEU L 21 -31.38 42.05 33.29
CA LEU L 21 -31.22 40.76 32.63
C LEU L 21 -32.36 40.49 31.63
N LEU L 22 -33.61 40.79 32.01
CA LEU L 22 -34.75 40.58 31.12
C LEU L 22 -34.55 41.38 29.83
N ALA L 23 -34.09 42.60 29.98
CA ALA L 23 -33.86 43.46 28.81
C ALA L 23 -32.74 42.91 27.95
N MET L 24 -31.66 42.43 28.57
CA MET L 24 -30.57 41.85 27.79
C MET L 24 -31.03 40.58 27.07
N MET L 25 -31.78 39.72 27.76
CA MET L 25 -32.20 38.46 27.12
C MET L 25 -33.21 38.72 26.00
N THR L 26 -34.13 39.67 26.22
CA THR L 26 -35.06 40.16 25.19
C THR L 26 -34.35 40.63 23.93
N LEU L 27 -33.33 41.45 24.11
CA LEU L 27 -32.58 41.96 22.96
C LEU L 27 -31.81 40.85 22.28
N PHE L 28 -31.21 39.97 23.07
CA PHE L 28 -30.44 38.84 22.57
C PHE L 28 -31.32 37.89 21.77
N PHE L 29 -32.28 37.24 22.42
CA PHE L 29 -33.09 36.26 21.69
C PHE L 29 -34.01 36.94 20.67
N GLY L 30 -34.51 38.13 21.01
CA GLY L 30 -35.39 38.86 20.10
C GLY L 30 -34.69 39.33 18.83
N SER L 31 -33.40 39.70 18.94
CA SER L 31 -32.69 40.08 17.72
C SER L 31 -32.49 38.86 16.78
N GLY L 32 -32.15 37.69 17.33
CA GLY L 32 -32.03 36.49 16.49
C GLY L 32 -33.35 36.15 15.83
N PHE L 33 -34.45 36.19 16.60
CA PHE L 33 -35.76 35.85 16.04
C PHE L 33 -36.23 36.86 15.01
N ALA L 34 -35.92 38.13 15.23
CA ALA L 34 -36.39 39.18 14.32
C ALA L 34 -35.61 39.21 13.01
N ALA L 35 -34.33 38.78 13.02
CA ALA L 35 -33.48 39.00 11.85
C ALA L 35 -34.08 38.43 10.55
N PRO L 36 -34.58 37.20 10.51
CA PRO L 36 -35.09 36.70 9.22
C PRO L 36 -36.27 37.51 8.69
N PHE L 37 -37.14 37.98 9.58
CA PHE L 37 -38.24 38.82 9.13
C PHE L 37 -37.72 40.05 8.45
N PHE L 38 -36.68 40.64 9.03
CA PHE L 38 -36.15 41.87 8.41
C PHE L 38 -35.31 41.60 7.17
N ILE L 39 -34.71 40.41 7.08
CA ILE L 39 -34.02 40.08 5.83
C ILE L 39 -35.02 39.88 4.71
N VAL L 40 -36.13 39.18 5.00
CA VAL L 40 -37.20 39.06 3.99
C VAL L 40 -37.71 40.45 3.58
N ARG L 41 -37.97 41.31 4.57
CA ARG L 41 -38.42 42.65 4.23
C ARG L 41 -37.44 43.34 3.29
N HIS L 42 -36.14 43.23 3.60
CA HIS L 42 -35.09 43.84 2.79
C HIS L 42 -35.10 43.31 1.36
N GLN L 43 -35.22 41.98 1.19
CA GLN L 43 -35.23 41.41 -0.15
C GLN L 43 -36.48 41.82 -0.90
N LEU L 44 -37.64 41.91 -0.21
CA LEU L 44 -38.87 42.35 -0.89
C LEU L 44 -38.76 43.81 -1.34
N LEU L 45 -38.10 44.65 -0.53
CA LEU L 45 -38.00 46.07 -0.88
C LEU L 45 -37.00 46.36 -2.00
N LYS L 46 -36.14 45.41 -2.37
CA LYS L 46 -35.18 45.63 -3.45
C LYS L 46 -35.77 45.50 -4.86
N LYS L 47 -36.96 44.89 -4.95
CA LYS L 47 -37.72 44.48 -6.14
C LYS L 47 -38.09 43.01 -5.87
N ILE M 1 -32.72 16.64 42.86
CA ILE M 1 -31.79 17.71 43.31
C ILE M 1 -32.43 18.51 44.48
N THR M 2 -31.63 18.99 45.43
CA THR M 2 -32.14 19.96 46.40
C THR M 2 -31.45 21.30 46.19
N ALA M 3 -32.11 22.36 46.61
CA ALA M 3 -31.61 23.72 46.38
C ALA M 3 -32.04 24.58 47.55
N LYS M 4 -31.34 25.70 47.70
CA LYS M 4 -31.76 26.73 48.60
C LYS M 4 -33.01 27.42 48.10
N PRO M 5 -33.78 28.01 49.01
CA PRO M 5 -34.80 28.97 48.58
C PRO M 5 -34.16 30.07 47.77
N ALA M 6 -34.95 30.63 46.84
CA ALA M 6 -34.49 31.69 45.94
C ALA M 6 -33.86 32.85 46.72
N LYS M 7 -32.71 33.33 46.24
CA LYS M 7 -32.10 34.51 46.88
C LYS M 7 -32.85 35.78 46.53
N THR M 8 -33.54 35.79 45.37
CA THR M 8 -34.29 36.96 44.88
C THR M 8 -35.63 36.49 44.30
N PRO M 9 -36.55 36.05 45.17
CA PRO M 9 -37.78 35.39 44.71
C PRO M 9 -38.48 36.20 43.64
N THR M 10 -39.05 35.49 42.66
CA THR M 10 -39.79 36.08 41.55
C THR M 10 -41.27 35.72 41.76
N SER M 11 -42.04 36.71 42.22
CA SER M 11 -43.44 36.55 42.58
C SER M 11 -44.29 36.26 41.33
N PRO M 12 -45.53 35.78 41.51
CA PRO M 12 -46.38 35.59 40.31
C PRO M 12 -46.50 36.85 39.48
N LYS M 13 -46.59 38.03 40.11
CA LYS M 13 -46.71 39.24 39.31
C LYS M 13 -45.43 39.49 38.51
N GLU M 14 -44.27 39.34 39.16
CA GLU M 14 -43.03 39.49 38.44
C GLU M 14 -42.93 38.47 37.30
N GLN M 15 -43.40 37.24 37.52
CA GLN M 15 -43.37 36.26 36.44
C GLN M 15 -44.24 36.70 35.28
N ALA M 16 -45.42 37.28 35.58
CA ALA M 16 -46.30 37.71 34.51
C ALA M 16 -45.64 38.81 33.72
N ILE M 17 -44.92 39.69 34.39
CA ILE M 17 -44.19 40.73 33.68
C ILE M 17 -43.10 40.12 32.78
N GLY M 18 -42.28 39.23 33.34
CA GLY M 18 -41.19 38.63 32.57
C GLY M 18 -41.72 37.86 31.37
N LEU M 19 -42.80 37.11 31.56
CA LEU M 19 -43.39 36.31 30.45
C LEU M 19 -43.94 37.24 29.38
N SER M 20 -44.65 38.30 29.81
CA SER M 20 -45.27 39.23 28.85
C SER M 20 -44.22 39.94 28.02
N VAL M 21 -43.18 40.44 28.68
CA VAL M 21 -42.09 41.10 27.94
C VAL M 21 -41.39 40.10 26.99
N THR M 22 -41.08 38.90 27.48
CA THR M 22 -40.46 37.89 26.61
C THR M 22 -41.32 37.67 25.37
N PHE M 23 -42.62 37.44 25.56
CA PHE M 23 -43.48 37.15 24.42
C PHE M 23 -43.57 38.32 23.46
N LEU M 24 -43.74 39.55 23.98
CA LEU M 24 -43.78 40.71 23.09
C LEU M 24 -42.48 40.90 22.33
N SER M 25 -41.34 40.53 22.93
CA SER M 25 -40.08 40.75 22.22
C SER M 25 -39.98 39.87 20.98
N PHE M 26 -40.62 38.69 21.00
CA PHE M 26 -40.70 37.83 19.79
C PHE M 26 -41.83 38.27 18.85
N LEU M 27 -43.00 38.64 19.41
CA LEU M 27 -44.19 38.85 18.59
C LEU M 27 -44.24 40.22 17.92
N LEU M 28 -43.77 41.26 18.55
CA LEU M 28 -44.02 42.60 17.99
C LEU M 28 -43.20 42.88 16.74
N PRO M 29 -41.86 42.60 16.68
CA PRO M 29 -41.11 42.97 15.49
C PRO M 29 -41.58 42.13 14.30
N ALA M 30 -41.71 40.80 14.47
CA ALA M 30 -42.22 39.96 13.37
C ALA M 30 -43.64 40.40 12.98
N GLY M 31 -44.49 40.62 13.96
CA GLY M 31 -45.83 41.14 13.67
C GLY M 31 -45.80 42.39 12.82
N TRP M 32 -44.90 43.33 13.14
CA TRP M 32 -44.83 44.56 12.36
C TRP M 32 -44.43 44.28 10.92
N VAL M 33 -43.41 43.43 10.73
CA VAL M 33 -43.01 43.07 9.36
C VAL M 33 -44.16 42.40 8.63
N LEU M 34 -44.83 41.44 9.27
CA LEU M 34 -45.86 40.69 8.56
C LEU M 34 -47.08 41.56 8.27
N TYR M 35 -47.47 42.40 9.22
CA TYR M 35 -48.59 43.33 9.01
C TYR M 35 -48.38 44.21 7.76
N HIS M 36 -47.13 44.60 7.49
CA HIS M 36 -46.76 45.53 6.44
C HIS M 36 -46.28 44.83 5.15
N LEU M 37 -46.40 43.49 5.05
CA LEU M 37 -45.85 42.77 3.89
C LEU M 37 -46.32 43.39 2.60
N ASP M 38 -47.60 43.74 2.53
CA ASP M 38 -48.12 44.28 1.28
C ASP M 38 -47.51 45.65 0.96
N ASN M 39 -47.22 46.46 1.99
CA ASN M 39 -46.47 47.71 1.81
C ASN M 39 -45.08 47.46 1.23
N TYR M 40 -44.48 46.29 1.51
CA TYR M 40 -43.20 45.89 0.90
C TYR M 40 -43.45 45.30 -0.49
N LYS M 41 -44.42 44.38 -0.60
CA LYS M 41 -44.62 43.60 -1.83
C LYS M 41 -44.85 44.51 -3.04
N LYS M 42 -45.43 45.69 -2.84
CA LYS M 42 -45.53 46.68 -3.90
C LYS M 42 -45.03 48.04 -3.38
N SER M 43 -43.75 48.10 -3.05
CA SER M 43 -43.08 49.36 -2.74
C SER M 43 -42.09 49.72 -3.83
N FME N 1 30.75 -42.63 12.11
CN FME N 1 29.43 -42.77 11.88
O1 FME N 1 28.83 -42.01 11.11
CA FME N 1 31.38 -41.32 12.13
CB FME N 1 32.79 -41.42 12.69
CG FME N 1 32.98 -40.69 14.02
SD FME N 1 31.52 -40.81 15.01
CE FME N 1 31.35 -39.25 15.80
C FME N 1 31.43 -40.66 10.77
O FME N 1 31.17 -39.47 10.64
N PHE N 2 31.82 -41.42 9.76
CA PHE N 2 31.90 -40.92 8.40
C PHE N 2 30.54 -40.39 7.94
N ILE N 3 29.50 -41.22 8.06
CA ILE N 3 28.18 -40.77 7.64
C ILE N 3 27.73 -39.57 8.45
N ASN N 4 27.97 -39.60 9.76
CA ASN N 4 27.56 -38.46 10.60
C ASN N 4 28.22 -37.19 10.13
N ARG N 5 29.52 -37.27 9.85
CA ARG N 5 30.28 -36.07 9.49
C ARG N 5 29.90 -35.56 8.10
N TRP N 6 29.82 -36.47 7.11
CA TRP N 6 29.80 -36.02 5.72
C TRP N 6 28.44 -36.11 5.05
N LEU N 7 27.50 -36.87 5.60
CA LEU N 7 26.13 -36.86 5.08
C LEU N 7 25.16 -36.10 6.00
N PHE N 8 25.47 -36.00 7.30
CA PHE N 8 24.60 -35.31 8.28
C PHE N 8 25.20 -34.01 8.77
N SER N 9 26.10 -33.41 8.00
CA SER N 9 26.87 -32.29 8.50
C SER N 9 25.99 -31.14 8.93
N THR N 10 26.44 -30.45 9.97
CA THR N 10 25.90 -29.12 10.32
C THR N 10 27.06 -28.17 10.47
N ASN N 11 28.15 -28.38 9.73
CA ASN N 11 29.37 -27.60 9.91
C ASN N 11 29.71 -26.82 8.62
N HIS N 12 29.87 -25.49 8.77
CA HIS N 12 30.01 -24.61 7.58
C HIS N 12 31.26 -24.95 6.76
N LYS N 13 32.33 -25.45 7.38
CA LYS N 13 33.56 -25.76 6.64
C LYS N 13 33.44 -27.08 5.88
N ASP N 14 32.93 -28.13 6.55
CA ASP N 14 32.74 -29.40 5.85
C ASP N 14 31.73 -29.24 4.74
N ILE N 15 30.67 -28.45 4.96
CA ILE N 15 29.70 -28.25 3.88
C ILE N 15 30.34 -27.47 2.75
N GLY N 16 31.13 -26.45 3.07
CA GLY N 16 31.91 -25.75 2.03
C GLY N 16 32.84 -26.69 1.25
N THR N 17 33.49 -27.64 1.95
CA THR N 17 34.31 -28.64 1.26
C THR N 17 33.48 -29.51 0.31
N LEU N 18 32.32 -29.99 0.78
CA LEU N 18 31.41 -30.76 -0.08
C LEU N 18 31.08 -29.97 -1.35
N TYR N 19 30.77 -28.68 -1.19
CA TYR N 19 30.45 -27.87 -2.36
C TYR N 19 31.66 -27.73 -3.27
N LEU N 20 32.86 -27.55 -2.72
CA LEU N 20 34.03 -27.46 -3.60
C LEU N 20 34.23 -28.76 -4.40
N LEU N 21 34.11 -29.92 -3.74
CA LEU N 21 34.28 -31.20 -4.45
C LEU N 21 33.24 -31.32 -5.57
N PHE N 22 31.99 -31.04 -5.23
CA PHE N 22 30.89 -31.12 -6.18
C PHE N 22 31.13 -30.23 -7.39
N GLY N 23 31.45 -28.95 -7.15
CA GLY N 23 31.68 -28.06 -8.28
C GLY N 23 32.89 -28.42 -9.11
N ALA N 24 33.94 -28.97 -8.48
CA ALA N 24 35.09 -29.40 -9.28
C ALA N 24 34.71 -30.57 -10.19
N TRP N 25 33.91 -31.50 -9.67
CA TRP N 25 33.44 -32.62 -10.48
C TRP N 25 32.56 -32.12 -11.64
N ALA N 26 31.59 -31.25 -11.32
CA ALA N 26 30.74 -30.61 -12.35
C ALA N 26 31.60 -29.87 -13.38
N GLY N 27 32.65 -29.20 -12.92
CA GLY N 27 33.57 -28.55 -13.85
C GLY N 27 34.16 -29.51 -14.88
N MET N 28 34.47 -30.75 -14.47
CA MET N 28 34.95 -31.72 -15.45
C MET N 28 33.87 -32.04 -16.47
N VAL N 29 32.63 -32.24 -16.00
CA VAL N 29 31.50 -32.54 -16.88
C VAL N 29 31.31 -31.40 -17.88
N GLY N 30 31.29 -30.18 -17.37
CA GLY N 30 31.06 -29.02 -18.23
C GLY N 30 32.18 -28.82 -19.21
N THR N 31 33.41 -29.13 -18.80
CA THR N 31 34.57 -29.03 -19.69
C THR N 31 34.49 -30.05 -20.82
N ALA N 32 34.22 -31.31 -20.49
CA ALA N 32 34.00 -32.34 -21.52
C ALA N 32 32.92 -31.91 -22.53
N LEU N 33 31.79 -31.35 -22.01
CA LEU N 33 30.75 -30.91 -22.92
C LEU N 33 31.28 -29.83 -23.84
N SER N 34 32.03 -28.87 -23.29
CA SER N 34 32.58 -27.78 -24.12
C SER N 34 33.55 -28.30 -25.17
N LEU N 35 34.29 -29.37 -24.86
CA LEU N 35 35.19 -29.96 -25.85
C LEU N 35 34.41 -30.63 -26.98
N LEU N 36 33.28 -31.27 -26.65
CA LEU N 36 32.45 -31.90 -27.66
C LEU N 36 31.87 -30.85 -28.61
N ILE N 37 31.48 -29.70 -28.07
CA ILE N 37 31.04 -28.57 -28.87
C ILE N 37 32.10 -28.19 -29.88
N ARG N 38 33.31 -27.95 -29.39
CA ARG N 38 34.37 -27.43 -30.23
C ARG N 38 34.90 -28.51 -31.17
N ALA N 39 34.69 -29.77 -30.81
CA ALA N 39 35.11 -30.80 -31.74
C ALA N 39 34.13 -30.88 -32.92
N GLU N 40 32.83 -30.74 -32.66
CA GLU N 40 31.84 -30.68 -33.77
C GLU N 40 32.16 -29.54 -34.72
N LEU N 41 32.63 -28.42 -34.16
CA LEU N 41 32.92 -27.21 -34.92
C LEU N 41 34.36 -27.14 -35.45
N GLY N 42 35.21 -28.09 -35.09
CA GLY N 42 36.63 -27.92 -35.37
C GLY N 42 37.01 -28.19 -36.79
N GLN N 43 36.14 -28.80 -37.58
CA GLN N 43 36.30 -28.77 -39.02
C GLN N 43 34.91 -28.66 -39.65
N PRO N 44 34.83 -28.17 -40.88
CA PRO N 44 33.51 -28.11 -41.56
C PRO N 44 32.90 -29.48 -41.76
N GLY N 45 31.57 -29.51 -41.77
CA GLY N 45 30.86 -30.78 -41.92
C GLY N 45 30.31 -31.25 -40.59
N THR N 46 30.03 -32.53 -40.50
CA THR N 46 29.41 -33.04 -39.28
C THR N 46 30.35 -34.04 -38.61
N LEU N 47 30.44 -33.95 -37.28
CA LEU N 47 31.21 -34.92 -36.52
C LEU N 47 30.32 -35.96 -35.87
N LEU N 48 29.31 -35.51 -35.12
CA LEU N 48 28.39 -36.38 -34.42
C LEU N 48 27.36 -36.97 -35.37
N GLY N 49 27.08 -36.31 -36.48
CA GLY N 49 26.04 -36.81 -37.35
C GLY N 49 24.67 -36.74 -36.74
N ASP N 50 24.46 -35.88 -35.73
CA ASP N 50 23.15 -35.81 -35.08
C ASP N 50 23.06 -34.44 -34.41
N ASP N 51 22.33 -33.53 -35.05
CA ASP N 51 22.38 -32.16 -34.53
C ASP N 51 21.49 -31.99 -33.32
N GLN N 52 20.50 -32.89 -33.15
CA GLN N 52 19.77 -32.89 -31.89
C GLN N 52 20.74 -33.14 -30.74
N ILE N 53 21.62 -34.14 -30.90
CA ILE N 53 22.61 -34.40 -29.85
C ILE N 53 23.50 -33.18 -29.64
N TYR N 54 23.96 -32.56 -30.73
CA TYR N 54 24.75 -31.33 -30.58
C TYR N 54 24.00 -30.29 -29.72
N ASN N 55 22.70 -30.12 -30.00
CA ASN N 55 21.96 -29.09 -29.29
C ASN N 55 21.83 -29.43 -27.82
N VAL N 56 21.66 -30.73 -27.54
CA VAL N 56 21.64 -31.24 -26.16
C VAL N 56 22.95 -30.96 -25.46
N VAL N 57 24.08 -31.19 -26.17
CA VAL N 57 25.40 -30.92 -25.60
C VAL N 57 25.55 -29.45 -25.22
N VAL N 58 25.18 -28.56 -26.12
CA VAL N 58 25.29 -27.12 -25.87
C VAL N 58 24.47 -26.74 -24.65
N THR N 59 23.23 -27.28 -24.59
CA THR N 59 22.31 -26.92 -23.52
C THR N 59 22.85 -27.41 -22.19
N ALA N 60 23.26 -28.69 -22.15
CA ALA N 60 23.84 -29.25 -20.91
C ALA N 60 25.12 -28.52 -20.50
N HIS N 61 25.96 -28.17 -21.46
CA HIS N 61 27.21 -27.45 -21.12
C HIS N 61 26.90 -26.22 -20.28
N ALA N 62 25.95 -25.41 -20.73
CA ALA N 62 25.61 -24.16 -20.04
C ALA N 62 25.03 -24.43 -18.66
N PHE N 63 24.06 -25.37 -18.55
CA PHE N 63 23.46 -25.62 -17.22
C PHE N 63 24.52 -26.14 -16.25
N VAL N 64 25.39 -27.04 -16.70
CA VAL N 64 26.40 -27.60 -15.79
C VAL N 64 27.35 -26.50 -15.32
N MET N 65 27.87 -25.70 -16.25
CA MET N 65 28.86 -24.69 -15.86
C MET N 65 28.23 -23.63 -14.94
N ILE N 66 26.98 -23.23 -15.22
CA ILE N 66 26.37 -22.17 -14.42
C ILE N 66 25.87 -22.72 -13.10
N PHE N 67 25.00 -23.72 -13.16
CA PHE N 67 24.32 -24.11 -11.91
C PHE N 67 25.10 -25.12 -11.07
N PHE N 68 25.97 -25.93 -11.68
CA PHE N 68 26.69 -26.97 -10.95
C PHE N 68 28.17 -26.69 -10.75
N MET N 69 28.78 -25.79 -11.54
CA MET N 69 30.18 -25.43 -11.30
C MET N 69 30.29 -24.07 -10.62
N VAL N 70 29.88 -22.98 -11.29
CA VAL N 70 30.21 -21.66 -10.72
C VAL N 70 29.47 -21.40 -9.41
N MET N 71 28.14 -21.50 -9.43
CA MET N 71 27.41 -21.11 -8.21
C MET N 71 27.77 -22.02 -7.03
N PRO N 72 27.88 -23.35 -7.17
CA PRO N 72 28.29 -24.11 -5.98
C PRO N 72 29.70 -23.78 -5.53
N ILE N 73 30.64 -23.54 -6.43
CA ILE N 73 32.00 -23.20 -5.96
C ILE N 73 32.02 -21.85 -5.24
N MET N 74 31.52 -20.81 -5.90
CA MET N 74 31.63 -19.47 -5.35
C MET N 74 30.80 -19.29 -4.08
N ILE N 75 29.53 -19.64 -4.12
CA ILE N 75 28.62 -19.32 -3.01
C ILE N 75 28.61 -20.43 -1.98
N GLY N 76 28.37 -21.67 -2.43
CA GLY N 76 28.34 -22.80 -1.52
C GLY N 76 29.73 -23.13 -0.98
N GLY N 77 30.77 -23.01 -1.82
CA GLY N 77 32.10 -23.45 -1.39
C GLY N 77 32.86 -22.34 -0.67
N PHE N 78 33.31 -21.34 -1.45
CA PHE N 78 34.00 -20.21 -0.81
C PHE N 78 33.10 -19.48 0.16
N GLY N 79 31.80 -19.35 -0.18
CA GLY N 79 30.92 -18.62 0.75
C GLY N 79 30.80 -19.28 2.11
N ASN N 80 30.53 -20.59 2.13
CA ASN N 80 30.40 -21.31 3.41
C ASN N 80 31.73 -21.36 4.16
N TRP N 81 32.82 -21.67 3.47
CA TRP N 81 34.14 -21.67 4.13
C TRP N 81 34.46 -20.32 4.75
N LEU N 82 34.29 -19.23 4.00
CA LEU N 82 34.96 -17.98 4.35
C LEU N 82 34.06 -16.99 5.10
N VAL N 83 32.76 -16.95 4.78
CA VAL N 83 31.93 -15.91 5.37
C VAL N 83 31.90 -16.03 6.88
N PRO N 84 31.55 -17.19 7.49
CA PRO N 84 31.58 -17.25 8.97
C PRO N 84 32.93 -16.91 9.55
N LEU N 85 34.03 -17.38 8.94
CA LEU N 85 35.36 -17.00 9.47
C LEU N 85 35.58 -15.50 9.39
N MET N 86 35.16 -14.87 8.29
CA MET N 86 35.51 -13.45 8.11
C MET N 86 34.74 -12.55 9.07
N ILE N 87 33.62 -13.02 9.61
CA ILE N 87 32.92 -12.22 10.60
C ILE N 87 33.04 -12.81 11.99
N GLY N 88 33.94 -13.78 12.19
CA GLY N 88 34.15 -14.32 13.55
C GLY N 88 32.96 -15.09 14.10
N ALA N 89 32.10 -15.62 13.18
CA ALA N 89 30.87 -16.28 13.63
C ALA N 89 31.12 -17.77 13.81
N PRO N 90 30.38 -18.46 14.68
CA PRO N 90 30.75 -19.88 14.95
C PRO N 90 30.19 -20.84 13.92
N ASP N 91 29.21 -20.43 13.10
CA ASP N 91 28.75 -21.24 11.96
C ASP N 91 27.79 -20.34 11.17
N MET N 92 27.05 -20.95 10.22
CA MET N 92 25.94 -20.24 9.57
C MET N 92 24.71 -20.13 10.52
N ALA N 93 23.78 -19.21 10.20
CA ALA N 93 22.56 -19.06 11.00
C ALA N 93 21.79 -20.36 11.09
N PHE N 94 21.65 -21.09 9.95
CA PHE N 94 20.76 -22.27 9.84
C PHE N 94 21.66 -23.41 9.40
N PRO N 95 22.45 -23.94 10.33
CA PRO N 95 23.51 -24.90 9.94
C PRO N 95 22.99 -26.20 9.34
N ARG N 96 21.80 -26.60 9.71
CA ARG N 96 21.20 -27.83 9.21
C ARG N 96 20.48 -27.56 7.87
N MET N 97 19.73 -26.46 7.75
CA MET N 97 19.22 -26.10 6.42
C MET N 97 20.35 -25.93 5.41
N ASN N 98 21.50 -25.40 5.84
CA ASN N 98 22.69 -25.31 4.98
C ASN N 98 23.01 -26.66 4.34
N ASN N 99 22.93 -27.73 5.11
CA ASN N 99 23.26 -29.03 4.59
C ASN N 99 22.23 -29.45 3.55
N MET N 100 20.99 -28.93 3.65
CA MET N 100 20.03 -29.36 2.63
C MET N 100 20.27 -28.61 1.32
N SER N 101 20.70 -27.35 1.41
CA SER N 101 21.10 -26.66 0.19
C SER N 101 22.17 -27.47 -0.56
N PHE N 102 23.15 -28.00 0.18
CA PHE N 102 24.12 -28.86 -0.52
C PHE N 102 23.45 -30.11 -1.13
N TRP N 103 22.70 -30.87 -0.30
CA TRP N 103 22.30 -32.21 -0.78
C TRP N 103 21.20 -32.16 -1.83
N LEU N 104 20.56 -31.02 -2.04
CA LEU N 104 19.66 -30.88 -3.21
C LEU N 104 20.42 -30.87 -4.55
N LEU N 105 21.76 -30.57 -4.54
CA LEU N 105 22.45 -30.48 -5.85
C LEU N 105 22.74 -31.81 -6.54
N PRO N 106 23.19 -32.86 -5.84
CA PRO N 106 23.38 -34.13 -6.55
C PRO N 106 22.09 -34.61 -7.19
N PRO N 107 20.92 -34.56 -6.50
CA PRO N 107 19.65 -34.92 -7.20
C PRO N 107 19.34 -33.99 -8.36
N SER N 108 19.64 -32.69 -8.22
CA SER N 108 19.41 -31.77 -9.33
C SER N 108 20.24 -32.18 -10.54
N PHE N 109 21.52 -32.50 -10.30
CA PHE N 109 22.41 -32.92 -11.37
C PHE N 109 21.94 -34.24 -11.96
N LEU N 110 21.49 -35.16 -11.10
CA LEU N 110 20.96 -36.43 -11.62
C LEU N 110 19.79 -36.20 -12.57
N LEU N 111 18.89 -35.28 -12.22
CA LEU N 111 17.77 -34.99 -13.11
C LEU N 111 18.26 -34.43 -14.44
N LEU N 112 19.29 -33.59 -14.41
CA LEU N 112 19.84 -33.08 -15.67
C LEU N 112 20.44 -34.23 -16.48
N LEU N 113 21.14 -35.14 -15.83
CA LEU N 113 21.69 -36.26 -16.59
C LEU N 113 20.56 -37.15 -17.12
N ALA N 114 19.50 -37.36 -16.34
CA ALA N 114 18.35 -38.11 -16.80
C ALA N 114 17.73 -37.46 -18.04
N SER N 115 17.60 -36.15 -18.04
CA SER N 115 17.05 -35.45 -19.21
C SER N 115 17.80 -35.83 -20.49
N SER N 116 19.10 -35.94 -20.37
CA SER N 116 19.93 -36.17 -21.54
C SER N 116 19.97 -37.64 -21.93
N MET N 117 19.58 -38.55 -21.02
CA MET N 117 19.62 -39.98 -21.31
C MET N 117 18.32 -40.51 -21.92
N VAL N 118 17.16 -39.91 -21.55
CA VAL N 118 15.88 -40.44 -22.01
C VAL N 118 15.53 -39.71 -23.32
N GLU N 119 14.76 -40.37 -24.17
CA GLU N 119 14.28 -39.75 -25.42
C GLU N 119 15.47 -39.25 -26.20
N ALA N 120 15.44 -38.00 -26.72
CA ALA N 120 16.54 -37.45 -27.48
C ALA N 120 17.16 -36.26 -26.75
N GLY N 121 16.92 -36.16 -25.43
CA GLY N 121 17.46 -35.06 -24.64
C GLY N 121 16.70 -33.77 -24.87
N ALA N 122 17.08 -32.74 -24.11
CA ALA N 122 16.44 -31.43 -24.23
C ALA N 122 17.39 -30.59 -25.07
N GLY N 123 17.18 -30.56 -26.40
CA GLY N 123 18.05 -29.77 -27.24
C GLY N 123 17.47 -28.36 -27.44
N THR N 124 17.40 -27.56 -26.38
CA THR N 124 16.60 -26.35 -26.35
C THR N 124 17.40 -25.06 -26.29
N GLY N 125 18.71 -25.13 -26.03
CA GLY N 125 19.44 -24.00 -25.44
C GLY N 125 19.12 -23.85 -23.96
N TRP N 126 20.02 -23.22 -23.16
CA TRP N 126 19.77 -23.13 -21.74
C TRP N 126 18.64 -22.17 -21.40
N THR N 127 18.16 -21.38 -22.36
CA THR N 127 16.98 -20.51 -22.21
C THR N 127 15.67 -21.31 -22.23
N VAL N 128 15.64 -22.53 -22.82
CA VAL N 128 14.47 -23.41 -22.79
C VAL N 128 13.23 -22.67 -23.32
N TYR N 129 13.37 -21.91 -24.43
CA TYR N 129 12.21 -21.15 -24.96
C TYR N 129 11.15 -22.08 -25.54
N PRO N 130 9.86 -21.82 -25.25
CA PRO N 130 8.78 -22.41 -26.07
C PRO N 130 8.63 -21.61 -27.36
N PRO N 131 8.05 -22.19 -28.42
CA PRO N 131 7.48 -23.54 -28.45
C PRO N 131 8.47 -24.63 -28.66
N LEU N 132 9.73 -24.30 -28.98
CA LEU N 132 10.71 -25.39 -29.17
C LEU N 132 10.76 -26.31 -27.95
N ALA N 133 10.67 -25.73 -26.73
CA ALA N 133 10.72 -26.58 -25.54
C ALA N 133 9.33 -27.12 -25.14
N GLY N 134 8.28 -26.83 -25.92
CA GLY N 134 6.95 -27.33 -25.59
C GLY N 134 6.73 -28.80 -25.97
N ASN N 135 5.49 -29.25 -25.78
CA ASN N 135 5.29 -30.70 -25.82
C ASN N 135 5.04 -31.23 -27.23
N LEU N 136 5.10 -30.37 -28.24
CA LEU N 136 5.04 -30.81 -29.63
C LEU N 136 6.42 -30.90 -30.26
N ALA N 137 7.27 -29.86 -30.07
CA ALA N 137 8.63 -29.86 -30.63
C ALA N 137 9.64 -30.58 -29.75
N HIS N 138 9.30 -30.80 -28.47
CA HIS N 138 10.11 -31.60 -27.55
C HIS N 138 9.22 -32.54 -26.73
N ALA N 139 8.53 -33.45 -27.42
CA ALA N 139 7.62 -34.36 -26.72
C ALA N 139 8.42 -35.30 -25.83
N GLY N 140 7.84 -35.71 -24.70
CA GLY N 140 8.52 -36.71 -23.88
C GLY N 140 9.18 -36.06 -22.66
N ALA N 141 9.88 -36.89 -21.87
CA ALA N 141 10.24 -36.46 -20.50
C ALA N 141 11.44 -35.49 -20.39
N SER N 142 12.26 -35.35 -21.43
CA SER N 142 13.55 -34.65 -21.29
C SER N 142 13.39 -33.23 -20.77
N VAL N 143 12.54 -32.42 -21.41
CA VAL N 143 12.42 -31.03 -20.96
C VAL N 143 11.83 -30.96 -19.55
N ASP N 144 10.91 -31.85 -19.20
CA ASP N 144 10.38 -31.84 -17.84
C ASP N 144 11.46 -32.18 -16.84
N LEU N 145 12.33 -33.14 -17.17
CA LEU N 145 13.42 -33.44 -16.23
C LEU N 145 14.32 -32.24 -16.08
N THR N 146 14.58 -31.53 -17.19
CA THR N 146 15.36 -30.28 -17.11
C THR N 146 14.68 -29.25 -16.21
N ILE N 147 13.35 -29.08 -16.35
CA ILE N 147 12.62 -28.15 -15.50
C ILE N 147 12.76 -28.56 -14.02
N PHE N 148 12.56 -29.86 -13.73
CA PHE N 148 12.66 -30.28 -12.33
C PHE N 148 14.08 -30.11 -11.79
N SER N 149 15.09 -30.30 -12.64
CA SER N 149 16.47 -30.04 -12.22
C SER N 149 16.63 -28.59 -11.77
N LEU N 150 16.08 -27.68 -12.57
CA LEU N 150 16.16 -26.26 -12.23
C LEU N 150 15.37 -25.94 -10.96
N HIS N 151 14.19 -26.55 -10.77
CA HIS N 151 13.46 -26.35 -9.51
C HIS N 151 14.33 -26.72 -8.31
N LEU N 152 14.96 -27.89 -8.36
CA LEU N 152 15.77 -28.28 -7.20
C LEU N 152 16.97 -27.36 -7.02
N ALA N 153 17.68 -27.01 -8.10
CA ALA N 153 18.77 -26.06 -7.97
C ALA N 153 18.25 -24.74 -7.40
N GLY N 154 17.07 -24.29 -7.85
CA GLY N 154 16.53 -23.02 -7.37
C GLY N 154 16.21 -23.05 -5.89
N VAL N 155 15.60 -24.13 -5.42
CA VAL N 155 15.28 -24.21 -3.99
C VAL N 155 16.58 -24.19 -3.19
N SER N 156 17.57 -24.99 -3.63
CA SER N 156 18.89 -24.99 -2.96
C SER N 156 19.43 -23.57 -2.77
N SER N 157 19.45 -22.79 -3.86
CA SER N 157 20.01 -21.44 -3.83
C SER N 157 19.14 -20.47 -3.08
N ILE N 158 17.79 -20.61 -3.15
CA ILE N 158 16.94 -19.72 -2.38
C ILE N 158 17.16 -19.94 -0.88
N LEU N 159 17.18 -21.19 -0.46
CA LEU N 159 17.43 -21.44 0.97
C LEU N 159 18.82 -20.99 1.35
N GLY N 160 19.80 -21.20 0.46
CA GLY N 160 21.16 -20.73 0.79
C GLY N 160 21.18 -19.21 0.92
N ALA N 161 20.46 -18.53 0.02
CA ALA N 161 20.41 -17.07 0.09
C ALA N 161 19.80 -16.59 1.42
N ILE N 162 18.71 -17.22 1.85
CA ILE N 162 18.14 -16.89 3.16
C ILE N 162 19.19 -17.11 4.26
N ASN N 163 19.94 -18.21 4.14
CA ASN N 163 20.99 -18.50 5.15
C ASN N 163 22.09 -17.43 5.17
N PHE N 164 22.64 -17.08 4.01
CA PHE N 164 23.71 -16.09 3.97
C PHE N 164 23.23 -14.72 4.43
N ILE N 165 22.06 -14.27 3.98
CA ILE N 165 21.60 -12.94 4.38
C ILE N 165 21.46 -12.89 5.89
N THR N 166 20.79 -13.89 6.45
CA THR N 166 20.57 -13.90 7.91
C THR N 166 21.90 -13.94 8.62
N THR N 167 22.80 -14.85 8.20
CA THR N 167 24.09 -14.98 8.87
C THR N 167 24.83 -13.65 8.87
N ILE N 168 24.90 -13.02 7.69
CA ILE N 168 25.68 -11.79 7.55
C ILE N 168 25.05 -10.61 8.30
N ILE N 169 23.70 -10.54 8.34
CA ILE N 169 23.07 -9.45 9.06
C ILE N 169 23.13 -9.66 10.57
N ASN N 170 22.98 -10.91 11.03
CA ASN N 170 22.69 -11.18 12.43
C ASN N 170 23.86 -11.70 13.24
N MET N 171 24.95 -12.17 12.62
CA MET N 171 25.97 -12.91 13.39
C MET N 171 27.34 -12.27 13.33
N LYS N 172 27.40 -10.98 13.12
CA LYS N 172 28.67 -10.28 13.24
C LYS N 172 28.95 -9.99 14.71
N PRO N 173 30.19 -9.66 15.07
CA PRO N 173 30.44 -9.16 16.43
C PRO N 173 29.59 -7.94 16.69
N PRO N 174 29.11 -7.76 17.93
CA PRO N 174 28.15 -6.66 18.15
C PRO N 174 28.72 -5.30 17.86
N ALA N 175 30.04 -5.07 18.02
CA ALA N 175 30.64 -3.79 17.66
C ALA N 175 30.82 -3.62 16.14
N MET N 176 30.78 -4.68 15.36
CA MET N 176 31.07 -4.60 13.92
C MET N 176 29.81 -4.14 13.14
N SER N 177 29.86 -2.99 12.48
CA SER N 177 28.72 -2.60 11.65
C SER N 177 28.88 -3.24 10.27
N GLN N 178 27.86 -3.07 9.42
CA GLN N 178 27.97 -3.60 8.07
C GLN N 178 29.13 -2.95 7.31
N TYR N 179 29.53 -1.75 7.68
CA TYR N 179 30.63 -1.08 7.00
C TYR N 179 31.99 -1.42 7.62
N GLN N 180 32.05 -2.43 8.48
CA GLN N 180 33.30 -3.03 8.92
C GLN N 180 33.39 -4.49 8.51
N THR N 181 32.55 -4.92 7.53
CA THR N 181 32.74 -6.28 7.11
C THR N 181 33.56 -6.29 5.81
N PRO N 182 34.26 -7.39 5.56
CA PRO N 182 35.14 -7.44 4.38
C PRO N 182 34.33 -7.45 3.09
N LEU N 183 34.96 -7.00 2.01
CA LEU N 183 34.22 -6.93 0.74
C LEU N 183 33.69 -8.29 0.28
N PHE N 184 34.40 -9.41 0.54
CA PHE N 184 33.86 -10.69 0.07
C PHE N 184 32.50 -11.00 0.73
N VAL N 185 32.39 -10.62 2.00
CA VAL N 185 31.13 -10.82 2.72
C VAL N 185 30.04 -9.95 2.10
N TRP N 186 30.34 -8.69 1.77
CA TRP N 186 29.35 -7.88 1.06
C TRP N 186 28.96 -8.55 -0.24
N SER N 187 29.96 -9.02 -1.01
CA SER N 187 29.66 -9.58 -2.34
C SER N 187 28.70 -10.76 -2.23
N VAL N 188 28.83 -11.57 -1.20
CA VAL N 188 27.94 -12.73 -1.01
C VAL N 188 26.57 -12.26 -0.52
N MET N 189 26.50 -11.28 0.39
CA MET N 189 25.17 -10.78 0.79
C MET N 189 24.40 -10.23 -0.41
N ILE N 190 25.06 -9.44 -1.27
CA ILE N 190 24.33 -8.86 -2.41
C ILE N 190 23.94 -9.93 -3.40
N THR N 191 24.84 -10.90 -3.64
CA THR N 191 24.48 -12.05 -4.47
C THR N 191 23.24 -12.73 -3.93
N ALA N 192 23.20 -12.96 -2.62
CA ALA N 192 22.08 -13.66 -2.01
C ALA N 192 20.80 -12.88 -2.21
N VAL N 193 20.88 -11.55 -2.12
CA VAL N 193 19.66 -10.80 -2.32
C VAL N 193 19.18 -10.95 -3.75
N LEU N 194 20.10 -10.89 -4.72
CA LEU N 194 19.69 -11.13 -6.11
C LEU N 194 19.06 -12.51 -6.29
N LEU N 195 19.65 -13.56 -5.71
CA LEU N 195 19.09 -14.92 -5.80
C LEU N 195 17.68 -14.97 -5.21
N LEU N 196 17.52 -14.36 -4.03
CA LEU N 196 16.24 -14.41 -3.34
C LEU N 196 15.13 -13.83 -4.20
N LEU N 197 15.41 -12.73 -4.91
CA LEU N 197 14.37 -12.05 -5.66
C LEU N 197 14.20 -12.62 -7.07
N SER N 198 15.27 -13.16 -7.67
CA SER N 198 15.17 -13.57 -9.07
C SER N 198 14.74 -15.01 -9.26
N LEU N 199 15.24 -15.92 -8.43
CA LEU N 199 14.92 -17.33 -8.65
C LEU N 199 13.43 -17.65 -8.55
N PRO N 200 12.63 -16.96 -7.71
CA PRO N 200 11.20 -17.30 -7.67
C PRO N 200 10.52 -16.93 -8.96
N VAL N 201 11.01 -15.90 -9.65
CA VAL N 201 10.40 -15.54 -10.94
C VAL N 201 10.74 -16.59 -11.99
N LEU N 202 12.01 -17.05 -12.02
CA LEU N 202 12.31 -18.19 -12.86
C LEU N 202 11.43 -19.38 -12.52
N ALA N 203 11.29 -19.70 -11.23
CA ALA N 203 10.46 -20.84 -10.84
C ALA N 203 9.02 -20.68 -11.35
N ALA N 204 8.47 -19.45 -11.31
CA ALA N 204 7.12 -19.23 -11.83
C ALA N 204 7.08 -19.54 -13.33
N GLY N 205 8.03 -18.96 -14.08
CA GLY N 205 8.06 -19.15 -15.53
C GLY N 205 8.21 -20.61 -15.94
N ILE N 206 9.16 -21.33 -15.32
CA ILE N 206 9.35 -22.71 -15.74
C ILE N 206 8.23 -23.58 -15.21
N THR N 207 7.52 -23.16 -14.16
CA THR N 207 6.33 -23.91 -13.76
C THR N 207 5.22 -23.75 -14.79
N MET N 208 5.04 -22.55 -15.29
CA MET N 208 4.09 -22.34 -16.38
C MET N 208 4.48 -23.16 -17.60
N LEU N 209 5.79 -23.27 -17.88
CA LEU N 209 6.18 -24.13 -19.00
C LEU N 209 5.80 -25.57 -18.72
N LEU N 210 6.03 -26.02 -17.48
CA LEU N 210 5.67 -27.39 -17.12
C LEU N 210 4.16 -27.62 -17.26
N THR N 211 3.32 -26.64 -16.85
CA THR N 211 1.89 -26.91 -17.00
C THR N 211 1.44 -26.79 -18.46
N ASP N 212 2.10 -25.92 -19.26
CA ASP N 212 1.78 -25.92 -20.72
C ASP N 212 2.07 -27.28 -21.34
N ARG N 213 3.13 -27.93 -20.86
CA ARG N 213 3.56 -29.23 -21.39
C ARG N 213 2.71 -30.39 -20.88
N ASN N 214 2.06 -30.27 -19.70
CA ASN N 214 1.43 -31.44 -19.09
C ASN N 214 0.02 -31.25 -18.57
N LEU N 215 -0.46 -30.05 -18.40
CA LEU N 215 -1.81 -29.84 -17.87
C LEU N 215 -2.65 -29.02 -18.81
N ASN N 216 -2.20 -28.80 -20.03
CA ASN N 216 -2.99 -28.14 -21.06
C ASN N 216 -3.27 -26.68 -20.76
N THR N 217 -2.39 -26.04 -19.99
CA THR N 217 -2.44 -24.60 -19.92
C THR N 217 -1.85 -24.02 -21.19
N THR N 218 -2.04 -22.71 -21.37
CA THR N 218 -1.55 -22.11 -22.59
C THR N 218 -0.93 -20.77 -22.31
N PHE N 219 -0.11 -20.68 -21.24
CA PHE N 219 0.53 -19.39 -20.97
C PHE N 219 1.34 -18.90 -22.15
N PHE N 220 1.97 -19.83 -22.89
CA PHE N 220 2.94 -19.49 -23.93
C PHE N 220 2.48 -19.94 -25.31
N ASP N 221 1.24 -20.37 -25.44
CA ASP N 221 0.69 -20.97 -26.66
C ASP N 221 -0.36 -19.99 -27.23
N PRO N 222 -0.06 -19.34 -28.35
CA PRO N 222 -1.02 -18.39 -28.96
C PRO N 222 -2.40 -18.99 -29.20
N ALA N 223 -2.49 -20.30 -29.45
CA ALA N 223 -3.81 -20.88 -29.69
C ALA N 223 -4.74 -20.69 -28.50
N GLY N 224 -4.19 -20.64 -27.30
CA GLY N 224 -5.01 -20.36 -26.15
C GLY N 224 -5.03 -18.89 -25.76
N GLY N 225 -4.42 -18.00 -26.54
CA GLY N 225 -4.29 -16.61 -26.07
C GLY N 225 -2.97 -16.34 -25.36
N GLY N 226 -2.05 -17.32 -25.33
CA GLY N 226 -0.78 -17.14 -24.67
C GLY N 226 0.24 -16.53 -25.63
N ASP N 227 1.46 -16.43 -25.15
CA ASP N 227 2.45 -15.63 -25.86
C ASP N 227 3.85 -16.19 -25.56
N PRO N 228 4.58 -16.75 -26.55
CA PRO N 228 5.97 -17.17 -26.27
C PRO N 228 6.83 -16.08 -25.68
N ILE N 229 6.59 -14.81 -26.03
CA ILE N 229 7.44 -13.72 -25.53
C ILE N 229 7.27 -13.54 -24.02
N LEU N 230 6.09 -13.91 -23.48
CA LEU N 230 5.95 -13.83 -22.00
C LEU N 230 7.00 -14.69 -21.31
N TYR N 231 7.22 -15.91 -21.83
CA TYR N 231 8.25 -16.77 -21.20
C TYR N 231 9.59 -16.07 -21.18
N GLN N 232 9.94 -15.45 -22.31
CA GLN N 232 11.25 -14.80 -22.41
C GLN N 232 11.39 -13.71 -21.35
N HIS N 233 10.34 -12.89 -21.19
CA HIS N 233 10.44 -11.86 -20.13
C HIS N 233 10.69 -12.49 -18.76
N LEU N 234 9.94 -13.52 -18.42
CA LEU N 234 10.09 -14.13 -17.10
C LEU N 234 11.45 -14.75 -16.95
N PHE N 235 11.92 -15.45 -18.01
CA PHE N 235 13.23 -16.09 -17.97
C PHE N 235 14.32 -15.05 -17.74
N TRP N 236 14.32 -13.98 -18.56
CA TRP N 236 15.41 -13.00 -18.48
C TRP N 236 15.28 -12.06 -17.30
N PHE N 237 14.08 -11.90 -16.74
CA PHE N 237 13.97 -11.15 -15.49
C PHE N 237 14.81 -11.82 -14.42
N PHE N 238 14.87 -13.15 -14.44
CA PHE N 238 15.83 -13.90 -13.63
C PHE N 238 17.22 -13.89 -14.26
N GLY N 239 17.28 -14.04 -15.59
CA GLY N 239 18.57 -14.37 -16.20
C GLY N 239 19.55 -13.22 -16.19
N HIS N 240 19.10 -11.97 -16.26
CA HIS N 240 20.15 -10.95 -16.12
C HIS N 240 20.66 -10.87 -14.69
N PRO N 241 19.81 -10.77 -13.65
CA PRO N 241 20.36 -10.88 -12.28
C PRO N 241 21.32 -12.07 -12.13
N GLU N 242 20.97 -13.22 -12.72
CA GLU N 242 21.85 -14.40 -12.70
C GLU N 242 23.26 -14.11 -13.20
N VAL N 243 23.43 -13.32 -14.28
CA VAL N 243 24.84 -13.15 -14.70
C VAL N 243 25.59 -12.33 -13.65
N TYR N 244 24.91 -11.38 -12.97
CA TYR N 244 25.60 -10.62 -11.92
C TYR N 244 25.82 -11.48 -10.68
N ILE N 245 24.90 -12.41 -10.41
CA ILE N 245 25.10 -13.43 -9.36
C ILE N 245 26.36 -14.26 -9.65
N LEU N 246 26.58 -14.61 -10.92
CA LEU N 246 27.75 -15.43 -11.27
C LEU N 246 29.05 -14.65 -11.06
N ILE N 247 29.04 -13.31 -11.22
CA ILE N 247 30.32 -12.57 -11.16
C ILE N 247 30.57 -11.93 -9.78
N LEU N 248 29.49 -11.56 -9.04
CA LEU N 248 29.68 -10.76 -7.83
C LEU N 248 30.59 -11.41 -6.77
N PRO N 249 30.43 -12.69 -6.40
CA PRO N 249 31.39 -13.29 -5.44
C PRO N 249 32.78 -13.29 -6.01
N GLY N 250 32.90 -13.31 -7.35
CA GLY N 250 34.22 -13.22 -7.98
C GLY N 250 34.81 -11.85 -7.71
N PHE N 251 33.98 -10.79 -7.87
CA PHE N 251 34.45 -9.45 -7.56
C PHE N 251 34.96 -9.39 -6.12
N GLY N 252 34.21 -10.04 -5.22
CA GLY N 252 34.63 -10.02 -3.81
C GLY N 252 35.95 -10.75 -3.60
N MET N 253 36.12 -11.94 -4.21
CA MET N 253 37.41 -12.63 -4.07
C MET N 253 38.53 -11.83 -4.69
N ILE N 254 38.25 -11.21 -5.84
CA ILE N 254 39.29 -10.41 -6.50
C ILE N 254 39.74 -9.27 -5.58
N SER N 255 38.79 -8.61 -4.91
CA SER N 255 39.17 -7.54 -3.99
C SER N 255 40.11 -8.05 -2.92
N HIS N 256 39.79 -9.22 -2.35
CA HIS N 256 40.70 -9.71 -1.29
C HIS N 256 42.05 -10.10 -1.85
N ILE N 257 42.07 -10.78 -3.01
CA ILE N 257 43.36 -11.25 -3.56
C ILE N 257 44.24 -10.06 -3.93
N VAL N 258 43.68 -9.08 -4.65
CA VAL N 258 44.49 -7.94 -5.06
C VAL N 258 45.03 -7.21 -3.84
N THR N 259 44.20 -7.04 -2.81
CA THR N 259 44.67 -6.35 -1.60
C THR N 259 45.79 -7.13 -0.96
N TYR N 260 45.57 -8.43 -0.82
CA TYR N 260 46.54 -9.29 -0.11
C TYR N 260 47.90 -9.27 -0.80
N TYR N 261 47.93 -9.53 -2.12
CA TYR N 261 49.23 -9.67 -2.78
C TYR N 261 49.82 -8.33 -3.18
N SER N 262 49.08 -7.23 -3.00
CA SER N 262 49.69 -5.89 -3.04
C SER N 262 50.35 -5.50 -1.69
N GLY N 263 50.22 -6.35 -0.69
CA GLY N 263 50.77 -6.04 0.62
C GLY N 263 50.02 -4.95 1.39
N LYS N 264 48.75 -4.69 1.04
CA LYS N 264 47.96 -3.62 1.65
C LYS N 264 47.13 -4.17 2.79
N LYS N 265 46.79 -3.28 3.71
CA LYS N 265 45.89 -3.71 4.77
C LYS N 265 44.43 -3.60 4.36
N GLU N 266 44.14 -2.93 3.22
CA GLU N 266 42.75 -2.73 2.87
C GLU N 266 42.63 -2.42 1.37
N PRO N 267 41.49 -2.71 0.75
CA PRO N 267 41.28 -2.27 -0.63
C PRO N 267 41.21 -0.76 -0.70
N PHE N 268 41.56 -0.21 -1.86
CA PHE N 268 41.29 1.20 -2.13
C PHE N 268 39.78 1.47 -2.14
N GLY N 269 39.34 2.55 -1.46
CA GLY N 269 37.97 3.03 -1.67
C GLY N 269 36.86 2.04 -1.25
N TYR N 270 36.98 1.51 -0.03
CA TYR N 270 36.07 0.48 0.46
C TYR N 270 34.60 0.86 0.26
N MET N 271 34.20 2.08 0.66
CA MET N 271 32.77 2.38 0.58
C MET N 271 32.36 2.55 -0.87
N GLY N 272 33.25 3.05 -1.73
CA GLY N 272 32.94 3.00 -3.17
C GLY N 272 32.75 1.59 -3.72
N MET N 273 33.53 0.61 -3.20
CA MET N 273 33.34 -0.79 -3.65
C MET N 273 31.99 -1.36 -3.22
N VAL N 274 31.57 -1.05 -2.01
CA VAL N 274 30.24 -1.43 -1.53
C VAL N 274 29.16 -0.77 -2.38
N TRP N 275 29.26 0.55 -2.56
CA TRP N 275 28.31 1.27 -3.42
C TRP N 275 28.23 0.62 -4.80
N ALA N 276 29.39 0.30 -5.36
CA ALA N 276 29.42 -0.21 -6.74
C ALA N 276 28.70 -1.56 -6.83
N MET N 277 28.97 -2.46 -5.88
CA MET N 277 28.24 -3.75 -5.93
C MET N 277 26.74 -3.57 -5.69
N MET N 278 26.35 -2.70 -4.75
CA MET N 278 24.91 -2.50 -4.54
C MET N 278 24.28 -1.92 -5.80
N SER N 279 25.00 -0.99 -6.44
CA SER N 279 24.43 -0.36 -7.64
C SER N 279 24.29 -1.34 -8.78
N ILE N 280 25.32 -2.16 -8.97
CA ILE N 280 25.24 -3.21 -10.00
C ILE N 280 24.08 -4.15 -9.71
N GLY N 281 23.90 -4.52 -8.43
CA GLY N 281 22.82 -5.43 -8.10
C GLY N 281 21.47 -4.80 -8.36
N PHE N 282 21.34 -3.52 -8.08
CA PHE N 282 20.05 -2.84 -8.31
C PHE N 282 19.76 -2.67 -9.81
N LEU N 283 20.74 -2.11 -10.53
CA LEU N 283 20.58 -1.94 -11.97
C LEU N 283 20.38 -3.28 -12.67
N GLY N 284 20.93 -4.35 -12.09
CA GLY N 284 20.79 -5.68 -12.73
C GLY N 284 19.36 -6.18 -12.80
N PHE N 285 18.40 -5.53 -12.10
CA PHE N 285 17.00 -5.91 -12.25
C PHE N 285 16.22 -5.12 -13.30
N ILE N 286 16.82 -4.10 -13.95
CA ILE N 286 15.99 -3.24 -14.79
C ILE N 286 16.54 -3.16 -16.21
N VAL N 287 17.29 -4.19 -16.63
CA VAL N 287 17.94 -4.21 -17.94
C VAL N 287 17.61 -5.44 -18.79
N TRP N 288 16.75 -6.35 -18.32
CA TRP N 288 16.71 -7.71 -18.84
C TRP N 288 16.32 -7.77 -20.32
N ALA N 289 15.58 -6.79 -20.82
CA ALA N 289 15.09 -6.90 -22.20
C ALA N 289 16.16 -6.63 -23.25
N HIS N 290 17.41 -6.32 -22.84
CA HIS N 290 18.48 -6.36 -23.85
C HIS N 290 18.75 -7.77 -24.36
N HIS N 291 18.12 -8.83 -23.76
CA HIS N 291 18.17 -10.18 -24.29
C HIS N 291 17.05 -10.38 -25.33
N MET N 292 16.34 -9.32 -25.65
CA MET N 292 15.15 -9.49 -26.48
C MET N 292 15.07 -8.37 -27.51
N PHE N 293 16.19 -7.78 -27.89
CA PHE N 293 16.11 -6.67 -28.82
C PHE N 293 15.60 -7.04 -30.24
N THR N 294 15.59 -8.33 -30.63
CA THR N 294 15.09 -8.69 -31.96
C THR N 294 13.67 -9.30 -31.93
N VAL N 295 12.95 -9.30 -30.79
CA VAL N 295 11.65 -9.97 -30.77
C VAL N 295 10.50 -9.11 -31.29
N GLY N 296 10.77 -7.85 -31.62
CA GLY N 296 9.73 -6.95 -32.09
C GLY N 296 9.27 -5.96 -31.01
N MET N 297 10.17 -5.31 -30.29
CA MET N 297 9.74 -4.38 -29.23
C MET N 297 9.74 -2.96 -29.77
N ASP N 298 8.91 -2.12 -29.13
CA ASP N 298 8.77 -0.73 -29.57
C ASP N 298 10.09 0.01 -29.41
N VAL N 299 10.30 1.03 -30.23
CA VAL N 299 11.57 1.73 -30.29
C VAL N 299 11.91 2.42 -28.94
N ASP N 300 10.90 3.00 -28.26
CA ASP N 300 11.22 3.69 -27.00
C ASP N 300 11.65 2.70 -25.94
N THR N 301 11.04 1.51 -25.91
CA THR N 301 11.50 0.48 -25.00
C THR N 301 12.96 0.08 -25.32
N ARG N 302 13.31 -0.03 -26.60
CA ARG N 302 14.71 -0.32 -26.96
C ARG N 302 15.63 0.80 -26.53
N ALA N 303 15.17 2.07 -26.63
CA ALA N 303 16.04 3.17 -26.21
C ALA N 303 16.28 3.10 -24.71
N TYR N 304 15.21 2.85 -23.94
CA TYR N 304 15.36 2.76 -22.48
C TYR N 304 16.34 1.64 -22.10
N PHE N 305 16.14 0.44 -22.68
CA PHE N 305 16.97 -0.69 -22.25
C PHE N 305 18.43 -0.49 -22.69
N THR N 306 18.66 0.16 -23.82
CA THR N 306 20.04 0.48 -24.19
C THR N 306 20.69 1.39 -23.12
N SER N 307 19.99 2.45 -22.78
CA SER N 307 20.53 3.46 -21.85
C SER N 307 20.81 2.89 -20.46
N ALA N 308 19.82 2.19 -19.91
CA ALA N 308 19.93 1.62 -18.58
C ALA N 308 21.06 0.59 -18.55
N THR N 309 21.18 -0.22 -19.60
CA THR N 309 22.26 -1.21 -19.58
C THR N 309 23.63 -0.55 -19.54
N MET N 310 23.82 0.50 -20.34
CA MET N 310 25.13 1.12 -20.39
C MET N 310 25.52 1.76 -19.07
N ILE N 311 24.55 2.23 -18.28
CA ILE N 311 24.87 2.88 -16.99
C ILE N 311 25.60 1.93 -16.04
N ILE N 312 25.36 0.62 -16.14
CA ILE N 312 26.07 -0.35 -15.31
C ILE N 312 27.58 -0.20 -15.45
N ALA N 313 28.05 0.33 -16.57
CA ALA N 313 29.49 0.47 -16.74
C ALA N 313 30.06 1.41 -15.70
N ILE N 314 29.27 2.34 -15.19
CA ILE N 314 29.84 3.35 -14.28
C ILE N 314 30.24 2.72 -12.93
N PRO N 315 29.34 2.06 -12.18
CA PRO N 315 29.84 1.37 -10.95
C PRO N 315 30.85 0.29 -11.25
N THR N 316 30.72 -0.39 -12.38
CA THR N 316 31.70 -1.45 -12.62
C THR N 316 33.08 -0.84 -12.78
N GLY N 317 33.14 0.30 -13.48
CA GLY N 317 34.43 0.95 -13.72
C GLY N 317 35.05 1.46 -12.42
N VAL N 318 34.21 1.94 -11.49
CA VAL N 318 34.75 2.27 -10.17
C VAL N 318 35.50 1.06 -9.58
N LYS N 319 34.92 -0.15 -9.71
CA LYS N 319 35.62 -1.29 -9.12
C LYS N 319 36.92 -1.57 -9.84
N VAL N 320 36.90 -1.50 -11.18
CA VAL N 320 38.11 -1.86 -11.92
C VAL N 320 39.23 -0.87 -11.56
N PHE N 321 38.92 0.43 -11.59
CA PHE N 321 39.93 1.41 -11.20
C PHE N 321 40.31 1.31 -9.72
N SER N 322 39.39 0.91 -8.84
CA SER N 322 39.78 0.74 -7.43
C SER N 322 40.70 -0.47 -7.22
N TRP N 323 40.51 -1.55 -7.98
CA TRP N 323 41.50 -2.64 -7.94
C TRP N 323 42.86 -2.14 -8.41
N LEU N 324 42.87 -1.36 -9.50
CA LEU N 324 44.16 -0.84 -9.96
C LEU N 324 44.79 0.08 -8.90
N ALA N 325 43.95 0.87 -8.23
CA ALA N 325 44.45 1.77 -7.19
C ALA N 325 44.88 1.01 -5.96
N THR N 326 44.38 -0.22 -5.77
CA THR N 326 44.89 -1.03 -4.68
C THR N 326 46.31 -1.52 -4.99
N LEU N 327 46.57 -1.89 -6.26
CA LEU N 327 47.94 -2.27 -6.68
C LEU N 327 48.89 -1.12 -6.49
N HIS N 328 48.42 0.08 -6.79
CA HIS N 328 49.24 1.29 -6.84
C HIS N 328 49.97 1.49 -5.53
N GLY N 329 51.30 1.57 -5.62
CA GLY N 329 52.08 1.75 -4.40
C GLY N 329 52.31 0.49 -3.59
N GLY N 330 51.85 -0.66 -4.04
CA GLY N 330 52.04 -1.87 -3.28
C GLY N 330 53.43 -2.46 -3.46
N ASN N 331 53.83 -3.27 -2.48
CA ASN N 331 54.97 -4.19 -2.61
C ASN N 331 54.36 -5.47 -3.18
N ILE N 332 54.42 -5.61 -4.49
CA ILE N 332 53.62 -6.64 -5.16
C ILE N 332 54.29 -8.00 -5.01
N LYS N 333 53.52 -9.00 -4.57
CA LYS N 333 53.98 -10.39 -4.52
C LYS N 333 53.40 -11.10 -5.72
N TRP N 334 54.28 -11.62 -6.59
CA TRP N 334 53.83 -12.18 -7.87
C TRP N 334 53.48 -13.66 -7.72
N SER N 335 52.55 -13.90 -6.81
CA SER N 335 52.06 -15.23 -6.52
C SER N 335 51.16 -15.71 -7.65
N PRO N 336 50.91 -17.02 -7.75
CA PRO N 336 50.01 -17.46 -8.82
C PRO N 336 48.61 -16.87 -8.64
N ALA N 337 48.14 -16.70 -7.38
CA ALA N 337 46.81 -16.11 -7.20
C ALA N 337 46.76 -14.68 -7.76
N MET N 338 47.83 -13.91 -7.54
CA MET N 338 47.90 -12.55 -8.10
C MET N 338 47.84 -12.58 -9.63
N MET N 339 48.50 -13.57 -10.26
CA MET N 339 48.41 -13.70 -11.71
C MET N 339 46.97 -13.93 -12.14
N TRP N 340 46.27 -14.87 -11.48
CA TRP N 340 44.85 -15.09 -11.83
C TRP N 340 44.06 -13.79 -11.72
N ALA N 341 44.31 -13.03 -10.67
CA ALA N 341 43.54 -11.81 -10.42
C ALA N 341 43.86 -10.72 -11.44
N LEU N 342 45.11 -10.60 -11.85
CA LEU N 342 45.42 -9.59 -12.85
C LEU N 342 44.84 -10.01 -14.18
N GLY N 343 44.91 -11.30 -14.48
CA GLY N 343 44.29 -11.80 -15.71
C GLY N 343 42.80 -11.51 -15.69
N PHE N 344 42.17 -11.74 -14.52
CA PHE N 344 40.75 -11.40 -14.35
C PHE N 344 40.48 -9.95 -14.70
N ILE N 345 41.23 -9.02 -14.11
CA ILE N 345 40.91 -7.60 -14.30
C ILE N 345 40.93 -7.27 -15.79
N PHE N 346 41.95 -7.76 -16.50
CA PHE N 346 42.05 -7.44 -17.92
C PHE N 346 40.97 -8.14 -18.76
N LEU N 347 40.76 -9.42 -18.55
CA LEU N 347 39.86 -10.16 -19.45
C LEU N 347 38.40 -9.84 -19.13
N PHE N 348 38.09 -9.59 -17.85
CA PHE N 348 36.74 -9.11 -17.50
C PHE N 348 36.47 -7.76 -18.15
N THR N 349 37.48 -6.88 -18.18
CA THR N 349 37.29 -5.59 -18.83
C THR N 349 36.96 -5.76 -20.30
N VAL N 350 37.71 -6.61 -21.00
CA VAL N 350 37.43 -6.86 -22.43
C VAL N 350 35.99 -7.31 -22.62
N GLY N 351 35.60 -8.34 -21.86
CA GLY N 351 34.25 -8.86 -21.93
C GLY N 351 33.19 -7.82 -21.57
N GLY N 352 33.44 -7.00 -20.56
CA GLY N 352 32.45 -6.01 -20.20
C GLY N 352 32.27 -4.98 -21.30
N LEU N 353 33.37 -4.63 -21.97
CA LEU N 353 33.30 -3.67 -23.05
C LEU N 353 32.51 -4.23 -24.24
N THR N 354 32.69 -5.53 -24.57
CA THR N 354 31.87 -6.04 -25.69
C THR N 354 30.41 -6.14 -25.27
N GLY N 355 30.14 -6.26 -23.96
CA GLY N 355 28.76 -6.11 -23.50
C GLY N 355 28.20 -4.72 -23.76
N ILE N 356 29.06 -3.69 -23.62
CA ILE N 356 28.60 -2.35 -23.90
C ILE N 356 28.32 -2.19 -25.40
N VAL N 357 29.10 -2.87 -26.26
CA VAL N 357 28.77 -2.85 -27.71
C VAL N 357 27.37 -3.42 -27.94
N LEU N 358 27.10 -4.57 -27.33
CA LEU N 358 25.82 -5.27 -27.50
C LEU N 358 24.65 -4.50 -26.88
N ALA N 359 24.92 -3.67 -25.89
CA ALA N 359 23.83 -2.91 -25.25
C ALA N 359 23.17 -1.95 -26.21
N ASN N 360 23.86 -1.60 -27.27
CA ASN N 360 23.34 -0.68 -28.25
C ASN N 360 22.40 -1.47 -29.15
N SER N 361 21.10 -1.30 -28.97
CA SER N 361 20.19 -2.23 -29.62
C SER N 361 20.29 -2.15 -31.15
N SER N 362 20.68 -1.00 -31.70
CA SER N 362 20.85 -0.90 -33.17
C SER N 362 21.88 -1.89 -33.68
N LEU N 363 23.05 -1.92 -33.03
CA LEU N 363 24.06 -2.91 -33.41
C LEU N 363 23.69 -4.31 -32.95
N ASP N 364 23.01 -4.43 -31.81
CA ASP N 364 22.60 -5.77 -31.40
C ASP N 364 21.70 -6.46 -32.45
N ILE N 365 20.95 -5.72 -33.28
CA ILE N 365 20.19 -6.41 -34.35
C ILE N 365 21.12 -7.34 -35.13
N VAL N 366 22.29 -6.83 -35.49
CA VAL N 366 23.18 -7.63 -36.33
C VAL N 366 24.02 -8.60 -35.50
N LEU N 367 24.22 -8.34 -34.22
CA LEU N 367 25.12 -9.20 -33.43
C LEU N 367 24.35 -10.23 -32.60
N HIS N 368 23.06 -9.99 -32.34
CA HIS N 368 22.28 -10.92 -31.55
C HIS N 368 22.28 -12.29 -32.20
N ASP N 369 22.32 -13.33 -31.36
CA ASP N 369 22.30 -14.71 -31.82
C ASP N 369 23.45 -15.00 -32.79
N THR N 370 24.58 -14.30 -32.62
CA THR N 370 25.83 -14.66 -33.32
C THR N 370 26.92 -14.99 -32.30
N TYR N 371 28.08 -15.44 -32.82
CA TYR N 371 29.22 -15.72 -31.93
C TYR N 371 29.81 -14.46 -31.26
N TYR N 372 29.40 -13.25 -31.64
CA TYR N 372 29.85 -12.07 -30.89
C TYR N 372 29.31 -12.12 -29.45
N VAL N 373 28.07 -12.58 -29.27
CA VAL N 373 27.54 -12.73 -27.91
C VAL N 373 28.30 -13.83 -27.19
N VAL N 374 28.54 -14.93 -27.86
CA VAL N 374 29.30 -16.03 -27.25
C VAL N 374 30.67 -15.54 -26.79
N ALA N 375 31.31 -14.71 -27.63
CA ALA N 375 32.60 -14.13 -27.20
C ALA N 375 32.44 -13.20 -26.02
N HIS N 376 31.42 -12.34 -26.05
CA HIS N 376 31.17 -11.48 -24.88
C HIS N 376 31.17 -12.32 -23.60
N PHE N 377 30.27 -13.32 -23.55
CA PHE N 377 30.08 -13.91 -22.24
C PHE N 377 31.13 -14.95 -21.90
N HIS N 378 31.84 -15.52 -22.89
CA HIS N 378 32.97 -16.35 -22.41
C HIS N 378 34.15 -15.50 -21.93
N TYR N 379 34.27 -14.24 -22.33
CA TYR N 379 35.24 -13.38 -21.63
C TYR N 379 34.75 -13.06 -20.20
N VAL N 380 33.57 -12.43 -20.10
N VAL N 380 33.47 -12.73 -19.99
CA VAL N 380 33.17 -11.86 -18.80
CA VAL N 380 33.14 -12.49 -18.56
C VAL N 380 32.76 -12.94 -17.83
C VAL N 380 33.04 -13.81 -17.77
N LEU N 381 31.96 -13.89 -18.31
N LEU N 381 32.62 -14.92 -18.38
CA LEU N 381 31.46 -14.96 -17.45
CA LEU N 381 32.44 -16.12 -17.55
C LEU N 381 32.45 -16.11 -17.37
C LEU N 381 33.67 -17.02 -17.52
N SER N 382 32.73 -16.75 -18.50
N SER N 382 34.19 -17.38 -18.70
CA SER N 382 33.54 -17.96 -18.44
CA SER N 382 35.30 -18.32 -18.72
C SER N 382 34.95 -17.67 -17.90
C SER N 382 36.63 -17.63 -18.42
N MET N 383 35.68 -16.76 -18.54
N MET N 383 36.67 -16.30 -18.40
CA MET N 383 36.98 -16.37 -18.02
CA MET N 383 37.86 -15.59 -17.96
C MET N 383 36.89 -15.62 -16.68
C MET N 383 37.62 -14.66 -16.78
N GLY N 384 36.05 -14.59 -16.61
N GLY N 384 36.36 -14.36 -16.46
CA GLY N 384 35.98 -13.80 -15.38
CA GLY N 384 36.06 -13.69 -15.20
C GLY N 384 35.69 -14.65 -14.15
C GLY N 384 35.75 -14.70 -14.12
N ALA N 385 34.61 -15.42 -14.20
CA ALA N 385 34.26 -16.33 -13.11
C ALA N 385 35.32 -17.39 -12.88
N VAL N 386 35.82 -18.03 -13.95
CA VAL N 386 36.82 -19.08 -13.80
C VAL N 386 38.13 -18.51 -13.23
N PHE N 387 38.57 -17.34 -13.71
CA PHE N 387 39.86 -16.81 -13.22
C PHE N 387 39.72 -16.39 -11.76
N ALA N 388 38.53 -15.88 -11.35
CA ALA N 388 38.37 -15.58 -9.93
C ALA N 388 38.34 -16.87 -9.10
N ILE N 389 37.60 -17.89 -9.58
CA ILE N 389 37.63 -19.18 -8.90
C ILE N 389 39.05 -19.71 -8.78
N MET N 390 39.82 -19.66 -9.88
CA MET N 390 41.17 -20.24 -9.79
C MET N 390 42.06 -19.41 -8.83
N GLY N 391 41.91 -18.08 -8.88
CA GLY N 391 42.65 -17.22 -7.96
C GLY N 391 42.28 -17.49 -6.51
N GLY N 392 40.98 -17.58 -6.24
CA GLY N 392 40.53 -17.91 -4.89
C GLY N 392 41.02 -19.28 -4.46
N PHE N 393 40.99 -20.24 -5.38
CA PHE N 393 41.31 -21.62 -5.02
C PHE N 393 42.79 -21.71 -4.69
N VAL N 394 43.65 -21.10 -5.50
CA VAL N 394 45.07 -21.23 -5.17
C VAL N 394 45.38 -20.42 -3.91
N HIS N 395 44.74 -19.26 -3.73
CA HIS N 395 45.06 -18.45 -2.55
C HIS N 395 44.60 -19.11 -1.25
N TRP N 396 43.39 -19.69 -1.26
CA TRP N 396 42.82 -20.25 0.00
C TRP N 396 42.99 -21.77 0.14
N PHE N 397 43.50 -22.46 -0.88
CA PHE N 397 43.72 -23.90 -0.71
C PHE N 397 44.57 -24.24 0.54
N PRO N 398 45.62 -23.49 0.89
CA PRO N 398 46.38 -23.84 2.11
C PRO N 398 45.54 -23.66 3.36
N LEU N 399 44.61 -22.73 3.33
CA LEU N 399 43.72 -22.53 4.49
C LEU N 399 42.79 -23.71 4.65
N PHE N 400 42.17 -24.14 3.54
CA PHE N 400 41.20 -25.23 3.61
C PHE N 400 41.88 -26.55 3.93
N SER N 401 43.08 -26.76 3.40
CA SER N 401 43.68 -28.09 3.46
C SER N 401 44.75 -28.21 4.52
N GLY N 402 45.43 -27.12 4.85
CA GLY N 402 46.64 -27.14 5.68
C GLY N 402 47.93 -27.40 4.91
N TYR N 403 47.87 -27.51 3.57
CA TYR N 403 49.01 -27.86 2.74
C TYR N 403 49.29 -26.80 1.69
N THR N 404 50.56 -26.66 1.30
CA THR N 404 50.90 -25.66 0.28
C THR N 404 50.98 -26.31 -1.08
N LEU N 405 50.63 -25.52 -2.12
CA LEU N 405 50.84 -25.87 -3.51
C LEU N 405 52.27 -25.60 -3.94
N ASN N 406 52.67 -26.22 -5.06
CA ASN N 406 53.92 -25.84 -5.70
C ASN N 406 53.66 -24.59 -6.53
N ASP N 407 54.24 -23.43 -6.12
CA ASP N 407 53.94 -22.18 -6.81
C ASP N 407 54.36 -22.23 -8.27
N THR N 408 55.48 -22.90 -8.57
CA THR N 408 55.95 -22.88 -9.96
C THR N 408 54.97 -23.61 -10.85
N TRP N 409 54.51 -24.80 -10.43
CA TRP N 409 53.49 -25.50 -11.20
C TRP N 409 52.21 -24.67 -11.35
N ALA N 410 51.84 -23.93 -10.30
CA ALA N 410 50.62 -23.10 -10.37
C ALA N 410 50.78 -21.98 -11.39
N LYS N 411 51.99 -21.41 -11.51
CA LYS N 411 52.19 -20.36 -12.53
C LYS N 411 52.16 -20.95 -13.94
N ILE N 412 52.73 -22.16 -14.10
CA ILE N 412 52.66 -22.83 -15.40
C ILE N 412 51.22 -23.08 -15.79
N HIS N 413 50.41 -23.55 -14.82
CA HIS N 413 48.99 -23.77 -15.03
C HIS N 413 48.29 -22.50 -15.55
N PHE N 414 48.49 -21.39 -14.83
CA PHE N 414 47.94 -20.09 -15.25
C PHE N 414 48.36 -19.74 -16.68
N ALA N 415 49.66 -19.87 -17.00
CA ALA N 415 50.15 -19.55 -18.35
C ALA N 415 49.42 -20.35 -19.42
N ILE N 416 49.32 -21.68 -19.23
CA ILE N 416 48.64 -22.51 -20.24
C ILE N 416 47.20 -22.06 -20.40
N MET N 417 46.50 -21.88 -19.29
CA MET N 417 45.07 -21.51 -19.35
C MET N 417 44.90 -20.16 -20.05
N PHE N 418 45.80 -19.20 -19.77
CA PHE N 418 45.67 -17.87 -20.35
C PHE N 418 45.77 -17.95 -21.87
N VAL N 419 46.74 -18.72 -22.37
CA VAL N 419 46.85 -18.91 -23.82
C VAL N 419 45.60 -19.61 -24.35
N GLY N 420 45.15 -20.67 -23.68
CA GLY N 420 44.05 -21.46 -24.22
C GLY N 420 42.74 -20.68 -24.36
N VAL N 421 42.34 -19.94 -23.30
CA VAL N 421 41.05 -19.26 -23.38
C VAL N 421 41.11 -18.14 -24.40
N ASN N 422 42.24 -17.46 -24.55
CA ASN N 422 42.28 -16.40 -25.54
C ASN N 422 42.28 -16.95 -26.95
N MET N 423 43.03 -18.04 -27.19
CA MET N 423 43.00 -18.68 -28.50
C MET N 423 41.61 -19.19 -28.82
N THR N 424 40.90 -19.69 -27.81
CA THR N 424 39.56 -20.23 -28.02
C THR N 424 38.56 -19.14 -28.38
N PHE N 425 38.55 -18.07 -27.58
CA PHE N 425 37.42 -17.16 -27.67
C PHE N 425 37.69 -15.88 -28.43
N PHE N 426 38.92 -15.39 -28.50
CA PHE N 426 39.15 -14.16 -29.24
C PHE N 426 38.70 -14.25 -30.72
N PRO N 427 38.93 -15.34 -31.46
CA PRO N 427 38.47 -15.33 -32.87
C PRO N 427 36.97 -15.35 -33.01
N GLN N 428 36.25 -15.66 -31.94
CA GLN N 428 34.79 -15.68 -32.04
C GLN N 428 34.22 -14.28 -32.21
N HIS N 429 34.95 -13.22 -31.82
CA HIS N 429 34.51 -11.88 -32.20
C HIS N 429 34.41 -11.78 -33.72
N PHE N 430 35.44 -12.27 -34.41
CA PHE N 430 35.44 -12.15 -35.87
C PHE N 430 34.27 -12.92 -36.48
N LEU N 431 34.07 -14.16 -36.00
CA LEU N 431 32.94 -14.96 -36.49
C LEU N 431 31.61 -14.23 -36.28
N GLY N 432 31.46 -13.59 -35.12
CA GLY N 432 30.22 -12.85 -34.84
C GLY N 432 30.04 -11.65 -35.74
N LEU N 433 31.06 -10.78 -35.81
CA LEU N 433 30.97 -9.61 -36.70
C LEU N 433 30.64 -10.02 -38.13
N SER N 434 31.25 -11.10 -38.61
CA SER N 434 31.00 -11.51 -39.99
C SER N 434 29.74 -12.37 -40.12
N GLY N 435 29.00 -12.57 -39.02
CA GLY N 435 27.63 -13.09 -39.11
C GLY N 435 27.41 -14.58 -38.89
N MET N 436 28.38 -15.30 -38.31
CA MET N 436 28.15 -16.71 -37.97
C MET N 436 27.14 -16.81 -36.83
N PRO N 437 26.03 -17.51 -37.00
CA PRO N 437 25.07 -17.63 -35.89
C PRO N 437 25.64 -18.51 -34.77
N ARG N 438 25.15 -18.27 -33.55
CA ARG N 438 25.44 -19.21 -32.48
C ARG N 438 24.44 -20.38 -32.57
N ARG N 439 24.72 -21.44 -31.80
CA ARG N 439 23.87 -22.61 -31.70
C ARG N 439 23.78 -23.40 -33.01
N TYR N 440 24.83 -23.29 -33.83
CA TYR N 440 24.97 -23.98 -35.10
C TYR N 440 25.92 -25.18 -34.98
N SER N 441 25.54 -26.31 -35.59
CA SER N 441 26.44 -27.45 -35.61
C SER N 441 27.42 -27.45 -36.80
N ASP N 442 27.23 -26.56 -37.76
CA ASP N 442 28.08 -26.50 -38.95
C ASP N 442 27.88 -25.10 -39.50
N TYR N 443 28.80 -24.64 -40.37
CA TYR N 443 28.89 -23.24 -40.78
C TYR N 443 29.25 -23.17 -42.26
N PRO N 444 28.79 -22.13 -42.96
CA PRO N 444 29.32 -21.82 -44.29
C PRO N 444 30.84 -21.86 -44.30
N ASP N 445 31.40 -22.28 -45.44
CA ASP N 445 32.83 -22.55 -45.55
C ASP N 445 33.68 -21.34 -45.18
N ALA N 446 33.20 -20.13 -45.45
CA ALA N 446 33.99 -18.93 -45.16
C ALA N 446 34.44 -18.89 -43.69
N TYR N 447 33.66 -19.48 -42.79
CA TYR N 447 33.96 -19.35 -41.35
C TYR N 447 34.95 -20.40 -40.85
N THR N 448 35.60 -21.14 -41.75
CA THR N 448 36.37 -22.31 -41.33
C THR N 448 37.61 -21.93 -40.52
N MET N 449 38.38 -20.95 -40.99
CA MET N 449 39.65 -20.68 -40.32
C MET N 449 39.46 -20.33 -38.85
N TRP N 450 38.53 -19.40 -38.55
CA TRP N 450 38.43 -19.01 -37.14
C TRP N 450 37.85 -20.14 -36.30
N ASN N 451 36.95 -20.97 -36.86
CA ASN N 451 36.44 -22.10 -36.08
C ASN N 451 37.55 -23.12 -35.78
N THR N 452 38.43 -23.38 -36.76
CA THR N 452 39.54 -24.29 -36.56
C THR N 452 40.42 -23.80 -35.42
N ILE N 453 40.85 -22.54 -35.52
CA ILE N 453 41.68 -21.96 -34.45
C ILE N 453 40.98 -22.02 -33.10
N SER N 454 39.70 -21.67 -33.06
CA SER N 454 39.00 -21.70 -31.78
C SER N 454 38.99 -23.11 -31.18
N SER N 455 38.72 -24.14 -31.99
CA SER N 455 38.73 -25.50 -31.46
C SER N 455 40.12 -25.95 -31.02
N MET N 456 41.18 -25.51 -31.70
CA MET N 456 42.53 -25.83 -31.22
C MET N 456 42.78 -25.18 -29.87
N GLY N 457 42.29 -23.95 -29.70
CA GLY N 457 42.38 -23.31 -28.40
C GLY N 457 41.75 -24.13 -27.30
N SER N 458 40.60 -24.75 -27.59
CA SER N 458 39.88 -25.46 -26.54
C SER N 458 40.71 -26.60 -25.95
N PHE N 459 41.51 -27.27 -26.81
CA PHE N 459 42.42 -28.34 -26.35
C PHE N 459 43.53 -27.80 -25.44
N ILE N 460 43.99 -26.56 -25.68
CA ILE N 460 45.01 -26.02 -24.78
C ILE N 460 44.47 -25.86 -23.37
N SER N 461 43.21 -25.39 -23.26
CA SER N 461 42.59 -25.27 -21.95
C SER N 461 42.38 -26.64 -21.30
N LEU N 462 42.05 -27.65 -22.11
CA LEU N 462 41.94 -29.01 -21.57
C LEU N 462 43.28 -29.42 -20.94
N THR N 463 44.39 -29.13 -21.61
CA THR N 463 45.68 -29.46 -20.99
C THR N 463 45.86 -28.74 -19.64
N ALA N 464 45.46 -27.47 -19.57
CA ALA N 464 45.51 -26.76 -18.26
C ALA N 464 44.66 -27.47 -17.18
N VAL N 465 43.46 -27.92 -17.52
CA VAL N 465 42.59 -28.57 -16.52
C VAL N 465 43.23 -29.84 -16.02
N MET N 466 43.76 -30.64 -16.94
CA MET N 466 44.44 -31.86 -16.51
C MET N 466 45.61 -31.56 -15.60
N LEU N 467 46.38 -30.52 -15.94
CA LEU N 467 47.51 -30.17 -15.10
C LEU N 467 47.05 -29.73 -13.72
N MET N 468 45.96 -28.96 -13.67
CA MET N 468 45.42 -28.53 -12.37
C MET N 468 45.19 -29.72 -11.45
N VAL N 469 44.57 -30.79 -11.98
CA VAL N 469 44.30 -31.97 -11.16
C VAL N 469 45.59 -32.54 -10.64
N PHE N 470 46.61 -32.63 -11.52
CA PHE N 470 47.91 -33.12 -11.06
C PHE N 470 48.48 -32.25 -9.93
N ILE N 471 48.38 -30.92 -10.06
CA ILE N 471 48.94 -29.99 -9.05
C ILE N 471 48.29 -30.17 -7.69
N ILE N 472 46.96 -30.32 -7.68
CA ILE N 472 46.26 -30.62 -6.44
C ILE N 472 46.75 -31.94 -5.85
N TRP N 473 46.88 -32.97 -6.70
CA TRP N 473 47.42 -34.23 -6.20
C TRP N 473 48.81 -34.03 -5.60
N GLU N 474 49.66 -33.25 -6.26
CA GLU N 474 51.03 -33.14 -5.78
C GLU N 474 51.07 -32.48 -4.39
N ALA N 475 50.17 -31.53 -4.14
CA ALA N 475 50.12 -30.86 -2.83
C ALA N 475 49.75 -31.84 -1.74
N PHE N 476 48.68 -32.61 -1.96
CA PHE N 476 48.25 -33.62 -1.00
C PHE N 476 49.25 -34.77 -0.91
N ALA N 477 49.96 -35.02 -1.99
CA ALA N 477 50.94 -36.11 -1.98
C ALA N 477 52.17 -35.73 -1.15
N SER N 478 52.59 -34.48 -1.25
CA SER N 478 53.85 -34.12 -0.61
C SER N 478 53.69 -33.68 0.85
N LYS N 479 52.52 -33.13 1.21
CA LYS N 479 52.19 -32.80 2.60
C LYS N 479 53.17 -31.78 3.20
N ARG N 480 53.27 -30.63 2.55
CA ARG N 480 53.98 -29.48 3.11
C ARG N 480 53.00 -28.74 4.01
N GLU N 481 53.14 -28.86 5.33
CA GLU N 481 52.11 -28.32 6.24
C GLU N 481 52.38 -26.84 6.52
N VAL N 482 51.32 -26.02 6.37
CA VAL N 482 51.45 -24.59 6.56
C VAL N 482 51.93 -24.29 7.97
N LEU N 483 52.90 -23.40 8.08
CA LEU N 483 53.23 -22.78 9.36
C LEU N 483 52.62 -21.39 9.55
N THR N 484 53.17 -20.42 8.81
CA THR N 484 52.94 -18.99 8.93
C THR N 484 52.30 -18.48 7.66
N VAL N 485 51.41 -17.49 7.82
CA VAL N 485 50.90 -16.67 6.75
C VAL N 485 51.01 -15.19 7.14
N ASP N 486 51.39 -14.34 6.20
CA ASP N 486 51.46 -12.88 6.43
C ASP N 486 50.07 -12.24 6.37
N LEU N 487 49.98 -11.03 6.93
CA LEU N 487 48.80 -10.15 6.86
C LEU N 487 47.59 -10.73 7.58
N THR N 488 47.78 -11.58 8.59
CA THR N 488 46.61 -12.06 9.33
C THR N 488 45.90 -10.93 10.03
N THR N 489 46.59 -9.80 10.31
CA THR N 489 45.85 -8.73 11.01
C THR N 489 44.72 -8.17 10.16
N THR N 490 44.78 -8.32 8.85
CA THR N 490 43.63 -7.87 8.04
C THR N 490 43.01 -9.00 7.24
N ASN N 491 43.19 -10.25 7.67
CA ASN N 491 42.64 -11.40 6.95
C ASN N 491 42.30 -12.44 8.03
N LEU N 492 41.18 -12.19 8.74
CA LEU N 492 40.75 -12.95 9.92
C LEU N 492 40.59 -14.43 9.62
N GLU N 493 40.22 -14.79 8.37
CA GLU N 493 39.95 -16.20 8.13
C GLU N 493 41.18 -17.08 8.33
N TRP N 494 42.39 -16.51 8.29
CA TRP N 494 43.62 -17.30 8.47
C TRP N 494 44.02 -17.43 9.93
N LEU N 495 43.40 -16.68 10.83
CA LEU N 495 43.98 -16.53 12.16
C LEU N 495 43.70 -17.69 13.09
N ASN N 496 42.92 -18.70 12.67
CA ASN N 496 42.79 -19.94 13.44
C ASN N 496 43.61 -21.08 12.87
N GLY N 497 44.55 -20.79 11.99
CA GLY N 497 45.48 -21.80 11.55
C GLY N 497 44.91 -22.57 10.37
N CYS N 498 45.72 -23.52 9.87
CA CYS N 498 45.42 -24.19 8.58
C CYS N 498 45.54 -25.71 8.70
N PRO N 499 44.46 -26.48 8.52
CA PRO N 499 43.10 -25.89 8.43
C PRO N 499 42.61 -25.45 9.82
N PRO N 500 41.61 -24.60 9.91
CA PRO N 500 41.12 -24.21 11.22
C PRO N 500 40.41 -25.38 11.88
N PRO N 501 40.28 -25.38 13.21
CA PRO N 501 39.56 -26.45 13.88
C PRO N 501 38.12 -26.56 13.42
N TYR N 502 37.57 -27.77 13.53
CA TYR N 502 36.15 -28.02 13.25
C TYR N 502 35.23 -26.95 13.82
N HIS N 503 35.33 -26.69 15.13
CA HIS N 503 34.67 -25.50 15.68
C HIS N 503 35.66 -24.36 15.80
N THR N 504 35.34 -23.22 15.23
CA THR N 504 36.07 -21.96 15.44
C THR N 504 35.16 -20.91 16.07
N PHE N 505 35.79 -19.95 16.74
CA PHE N 505 35.09 -18.85 17.40
C PHE N 505 34.07 -19.38 18.41
N GLU N 506 34.41 -20.47 19.10
CA GLU N 506 33.57 -20.92 20.21
C GLU N 506 33.58 -19.88 21.31
N GLU N 507 34.77 -19.31 21.58
CA GLU N 507 34.85 -18.01 22.25
C GLU N 507 34.91 -16.93 21.16
N PRO N 508 33.94 -16.03 21.09
CA PRO N 508 33.94 -15.03 20.00
C PRO N 508 35.07 -14.03 20.15
N THR N 509 35.34 -13.35 19.06
CA THR N 509 36.32 -12.28 19.12
C THR N 509 35.82 -11.20 20.08
N TYR N 510 36.76 -10.39 20.53
CA TYR N 510 36.50 -9.23 21.36
C TYR N 510 36.66 -8.00 20.50
N VAL N 511 35.60 -7.21 20.34
CA VAL N 511 35.75 -5.96 19.56
C VAL N 511 35.08 -4.84 20.34
N ASN N 512 35.86 -3.77 20.66
CA ASN N 512 35.48 -2.59 21.47
C ASN N 512 34.67 -1.62 20.62
N LEU N 513 33.79 -0.86 21.27
CA LEU N 513 33.13 0.24 20.55
C LEU N 513 33.80 1.60 20.70
N LYS N 514 34.38 1.92 21.87
CA LYS N 514 35.11 3.20 22.01
C LYS N 514 34.17 4.41 22.07
N FME O 1 27.60 -11.96 -48.36
CN FME O 1 26.41 -12.22 -48.86
O1 FME O 1 25.41 -11.81 -48.52
CA FME O 1 28.03 -13.15 -47.63
CB FME O 1 28.04 -14.38 -48.52
CG FME O 1 29.09 -14.04 -49.61
SD FME O 1 29.21 -15.39 -50.64
CE FME O 1 30.04 -16.60 -49.65
C FME O 1 29.35 -12.92 -47.02
O FME O 1 30.10 -12.08 -47.45
N ALA O 2 29.66 -13.66 -45.96
CA ALA O 2 31.01 -13.60 -45.42
C ALA O 2 32.02 -14.29 -46.36
N TYR O 3 33.27 -13.86 -46.29
CA TYR O 3 34.34 -14.42 -47.10
C TYR O 3 35.43 -14.95 -46.16
N PRO O 4 36.35 -15.78 -46.64
CA PRO O 4 37.33 -16.41 -45.74
C PRO O 4 38.22 -15.41 -45.04
N MET O 5 38.50 -15.71 -43.75
CA MET O 5 39.34 -14.90 -42.85
C MET O 5 38.79 -13.50 -42.63
N GLN O 6 37.50 -13.30 -42.77
CA GLN O 6 36.90 -12.00 -42.51
C GLN O 6 37.01 -11.62 -41.03
N LEU O 7 37.38 -10.36 -40.77
CA LEU O 7 37.50 -9.84 -39.40
C LEU O 7 36.29 -9.04 -38.91
N GLY O 8 35.65 -8.26 -39.79
CA GLY O 8 34.59 -7.35 -39.40
C GLY O 8 33.24 -7.64 -40.05
N PHE O 9 32.40 -6.63 -40.17
CA PHE O 9 31.08 -6.81 -40.75
C PHE O 9 31.16 -7.06 -42.25
N GLN O 10 30.17 -7.76 -42.78
CA GLN O 10 30.03 -7.82 -44.24
C GLN O 10 29.83 -6.41 -44.76
N ASP O 11 30.31 -6.12 -45.98
CA ASP O 11 30.06 -4.80 -46.58
C ASP O 11 28.56 -4.44 -46.54
N ALA O 12 28.29 -3.17 -46.31
CA ALA O 12 26.91 -2.74 -46.16
C ALA O 12 26.18 -2.69 -47.49
N THR O 13 24.97 -3.24 -47.50
CA THR O 13 24.13 -3.24 -48.69
C THR O 13 23.00 -2.21 -48.60
N SER O 14 22.70 -1.70 -47.40
CA SER O 14 21.67 -0.69 -47.16
C SER O 14 22.25 0.53 -46.45
N PRO O 15 21.59 1.69 -46.58
CA PRO O 15 22.07 2.88 -45.85
C PRO O 15 22.12 2.68 -44.34
N ILE O 16 21.17 1.93 -43.78
CA ILE O 16 21.20 1.67 -42.35
C ILE O 16 22.39 0.81 -41.99
N MET O 17 22.73 -0.19 -42.81
CA MET O 17 23.89 -0.99 -42.47
C MET O 17 25.17 -0.15 -42.57
N GLU O 18 25.26 0.76 -43.55
CA GLU O 18 26.43 1.63 -43.55
C GLU O 18 26.49 2.48 -42.27
N GLU O 19 25.34 2.99 -41.82
CA GLU O 19 25.36 3.74 -40.56
C GLU O 19 25.90 2.89 -39.43
N LEU O 20 25.51 1.61 -39.40
CA LEU O 20 25.98 0.72 -38.33
C LEU O 20 27.48 0.51 -38.40
N LEU O 21 28.04 0.42 -39.63
CA LEU O 21 29.50 0.29 -39.74
C LEU O 21 30.20 1.47 -39.11
N HIS O 22 29.76 2.70 -39.43
CA HIS O 22 30.48 3.85 -38.88
C HIS O 22 30.25 3.95 -37.35
N PHE O 23 29.06 3.62 -36.88
CA PHE O 23 28.85 3.59 -35.41
C PHE O 23 29.72 2.51 -34.77
N HIS O 24 29.84 1.35 -35.40
CA HIS O 24 30.72 0.33 -34.79
C HIS O 24 32.18 0.80 -34.79
N ASP O 25 32.67 1.37 -35.91
CA ASP O 25 34.04 1.93 -35.89
C ASP O 25 34.26 2.88 -34.70
N HIS O 26 33.28 3.75 -34.47
CA HIS O 26 33.35 4.72 -33.37
C HIS O 26 33.42 4.00 -32.02
N THR O 27 32.54 3.05 -31.80
CA THR O 27 32.49 2.37 -30.50
C THR O 27 33.71 1.49 -30.28
N LEU O 28 34.18 0.81 -31.35
CA LEU O 28 35.35 -0.04 -31.25
C LEU O 28 36.60 0.78 -30.90
N MET O 29 36.72 1.99 -31.43
CA MET O 29 37.85 2.82 -31.03
C MET O 29 37.85 3.02 -29.52
N ILE O 30 36.67 3.31 -28.96
CA ILE O 30 36.55 3.51 -27.52
C ILE O 30 36.88 2.24 -26.76
N VAL O 31 36.35 1.10 -27.25
CA VAL O 31 36.63 -0.21 -26.62
C VAL O 31 38.14 -0.48 -26.60
N PHE O 32 38.79 -0.29 -27.75
CA PHE O 32 40.25 -0.51 -27.84
C PHE O 32 40.98 0.43 -26.89
N LEU O 33 40.57 1.70 -26.83
CA LEU O 33 41.29 2.64 -25.95
C LEU O 33 41.15 2.24 -24.49
N ILE O 34 39.93 1.90 -24.06
CA ILE O 34 39.73 1.60 -22.63
C ILE O 34 40.44 0.31 -22.26
N SER O 35 40.29 -0.73 -23.10
CA SER O 35 40.96 -2.00 -22.77
C SER O 35 42.49 -1.83 -22.74
N SER O 36 43.04 -1.05 -23.67
CA SER O 36 44.50 -0.90 -23.65
C SER O 36 44.97 0.01 -22.53
N LEU O 37 44.15 1.01 -22.12
CA LEU O 37 44.50 1.81 -20.93
C LEU O 37 44.55 0.93 -19.68
N VAL O 38 43.54 0.07 -19.51
CA VAL O 38 43.54 -0.84 -18.35
C VAL O 38 44.77 -1.74 -18.40
N LEU O 39 45.05 -2.33 -19.56
CA LEU O 39 46.26 -3.16 -19.61
C LEU O 39 47.51 -2.34 -19.27
N TYR O 40 47.59 -1.13 -19.81
CA TYR O 40 48.76 -0.28 -19.60
C TYR O 40 48.89 0.06 -18.13
N ILE O 41 47.79 0.50 -17.52
CA ILE O 41 47.88 0.88 -16.11
C ILE O 41 48.26 -0.32 -15.28
N ILE O 42 47.75 -1.50 -15.62
CA ILE O 42 48.22 -2.70 -14.92
C ILE O 42 49.74 -2.78 -14.98
N SER O 43 50.32 -2.68 -16.18
CA SER O 43 51.79 -2.70 -16.25
C SER O 43 52.42 -1.54 -15.46
N LEU O 44 51.77 -0.37 -15.45
CA LEU O 44 52.36 0.78 -14.73
C LEU O 44 52.37 0.55 -13.20
N MET O 45 51.29 -0.04 -12.65
CA MET O 45 51.24 -0.34 -11.20
C MET O 45 52.26 -1.36 -10.81
N LEU O 46 52.65 -2.23 -11.75
CA LEU O 46 53.46 -3.39 -11.40
C LEU O 46 54.95 -3.20 -11.62
N THR O 47 55.37 -2.04 -12.12
CA THR O 47 56.76 -1.90 -12.55
C THR O 47 57.52 -0.84 -11.76
N THR O 48 57.24 -0.68 -10.47
CA THR O 48 58.06 0.26 -9.72
C THR O 48 58.35 -0.32 -8.36
N LYS O 49 59.54 -0.04 -7.86
CA LYS O 49 59.86 -0.36 -6.47
C LYS O 49 59.39 0.69 -5.48
N LEU O 50 58.94 1.86 -5.95
CA LEU O 50 58.37 2.86 -5.05
C LEU O 50 57.12 2.30 -4.38
N THR O 51 56.88 2.68 -3.11
CA THR O 51 55.71 2.18 -2.41
C THR O 51 54.96 3.30 -1.71
N HIS O 52 53.66 3.04 -1.49
CA HIS O 52 52.80 3.96 -0.73
C HIS O 52 51.67 3.06 -0.23
N THR O 53 51.75 2.64 1.02
CA THR O 53 50.88 1.56 1.54
C THR O 53 49.95 2.05 2.63
N SER O 54 50.04 3.31 3.03
CA SER O 54 49.12 3.81 4.03
C SER O 54 47.78 4.07 3.35
N THR O 55 46.78 4.43 4.16
CA THR O 55 45.43 4.65 3.63
C THR O 55 45.44 5.79 2.59
N MET O 56 44.85 5.54 1.44
CA MET O 56 44.73 6.56 0.39
C MET O 56 43.32 7.15 0.35
N ASP O 57 43.21 8.47 0.23
CA ASP O 57 41.92 9.12 0.13
C ASP O 57 41.34 8.94 -1.27
N ALA O 58 40.08 8.52 -1.36
CA ALA O 58 39.50 8.15 -2.65
C ALA O 58 38.49 9.17 -3.21
N GLN O 59 38.06 10.17 -2.44
CA GLN O 59 37.02 11.10 -2.90
C GLN O 59 37.75 12.27 -3.51
N GLU O 60 37.89 12.20 -4.82
CA GLU O 60 38.54 13.15 -5.70
C GLU O 60 38.78 12.32 -6.93
N VAL O 61 39.52 11.22 -6.72
CA VAL O 61 39.75 10.33 -7.84
C VAL O 61 38.44 9.64 -8.28
N GLU O 62 37.50 9.41 -7.34
CA GLU O 62 36.25 8.76 -7.76
C GLU O 62 35.36 9.69 -8.58
N THR O 63 35.47 10.99 -8.39
CA THR O 63 34.79 11.90 -9.32
C THR O 63 35.28 11.70 -10.75
N ILE O 64 36.59 11.53 -10.94
CA ILE O 64 37.10 11.34 -12.32
C ILE O 64 36.57 10.05 -12.93
N TRP O 65 36.61 8.98 -12.17
CA TRP O 65 36.32 7.74 -12.83
C TRP O 65 34.84 7.39 -12.73
N THR O 66 34.07 8.36 -12.32
CA THR O 66 32.63 8.36 -12.52
C THR O 66 32.17 9.36 -13.61
N ILE O 67 32.71 10.58 -13.64
CA ILE O 67 32.28 11.56 -14.63
C ILE O 67 32.80 11.23 -16.03
N LEU O 68 34.07 10.80 -16.14
CA LEU O 68 34.64 10.51 -17.46
C LEU O 68 33.96 9.31 -18.11
N PRO O 69 33.75 8.17 -17.42
CA PRO O 69 32.89 7.11 -18.01
C PRO O 69 31.51 7.58 -18.40
N ALA O 70 30.84 8.40 -17.57
CA ALA O 70 29.53 8.90 -17.95
C ALA O 70 29.57 9.67 -19.27
N ILE O 71 30.58 10.52 -19.46
CA ILE O 71 30.70 11.28 -20.71
C ILE O 71 30.89 10.33 -21.91
N ILE O 72 31.74 9.31 -21.72
CA ILE O 72 32.00 8.35 -22.79
C ILE O 72 30.71 7.62 -23.15
N LEU O 73 29.95 7.18 -22.14
CA LEU O 73 28.68 6.51 -22.43
C LEU O 73 27.76 7.42 -23.24
N ILE O 74 27.67 8.70 -22.85
CA ILE O 74 26.85 9.65 -23.61
C ILE O 74 27.36 9.75 -25.05
N LEU O 75 28.68 9.72 -25.22
CA LEU O 75 29.24 9.85 -26.57
C LEU O 75 28.97 8.60 -27.42
N ILE O 76 28.67 7.46 -26.78
CA ILE O 76 28.20 6.26 -27.49
C ILE O 76 26.70 6.31 -27.70
N ALA O 77 25.96 6.65 -26.65
CA ALA O 77 24.49 6.63 -26.70
C ALA O 77 23.95 7.60 -27.74
N LEU O 78 24.56 8.78 -27.90
CA LEU O 78 24.03 9.78 -28.82
C LEU O 78 23.92 9.26 -30.26
N PRO O 79 25.01 8.80 -30.91
CA PRO O 79 24.85 8.22 -32.27
C PRO O 79 24.10 6.89 -32.30
N SER O 80 24.20 6.10 -31.22
CA SER O 80 23.45 4.85 -31.14
C SER O 80 21.95 5.10 -31.26
N LEU O 81 21.42 6.01 -30.43
CA LEU O 81 19.97 6.20 -30.48
C LEU O 81 19.55 6.98 -31.73
N ARG O 82 20.40 7.85 -32.24
CA ARG O 82 20.08 8.49 -33.52
C ARG O 82 19.79 7.43 -34.58
N ILE O 83 20.60 6.36 -34.62
CA ILE O 83 20.39 5.29 -35.63
C ILE O 83 19.13 4.52 -35.31
N LEU O 84 18.92 4.23 -34.03
CA LEU O 84 17.68 3.59 -33.61
C LEU O 84 16.45 4.33 -34.15
N TYR O 85 16.39 5.64 -33.94
CA TYR O 85 15.17 6.35 -34.29
C TYR O 85 15.08 6.63 -35.78
N MET O 86 16.23 6.83 -36.45
CA MET O 86 16.28 6.77 -37.91
C MET O 86 15.62 5.50 -38.45
N MET O 87 16.02 4.33 -37.92
CA MET O 87 15.46 3.06 -38.40
C MET O 87 13.95 3.06 -38.30
N ASP O 88 13.42 3.53 -37.16
CA ASP O 88 11.98 3.52 -36.87
C ASP O 88 11.19 4.53 -37.69
N GLU O 89 11.84 5.52 -38.31
CA GLU O 89 11.12 6.62 -38.97
C GLU O 89 10.17 6.09 -40.04
N ILE O 90 9.07 6.83 -40.25
CA ILE O 90 7.99 6.45 -41.18
C ILE O 90 8.56 6.37 -42.59
N ASN O 91 8.46 5.19 -43.20
CA ASN O 91 9.14 4.88 -44.44
C ASN O 91 8.22 4.86 -45.65
N ASN O 92 6.98 4.46 -45.47
CA ASN O 92 6.04 4.13 -46.56
C ASN O 92 6.66 3.29 -47.68
N PRO O 93 6.51 1.99 -47.55
CA PRO O 93 7.02 1.07 -48.57
C PRO O 93 6.14 1.00 -49.80
N SER O 94 6.74 0.53 -50.90
CA SER O 94 5.99 0.26 -52.14
C SER O 94 5.52 -1.19 -52.26
N LEU O 95 5.95 -2.06 -51.37
CA LEU O 95 5.79 -3.50 -51.52
C LEU O 95 5.79 -4.09 -50.11
N THR O 96 4.86 -4.98 -49.84
CA THR O 96 4.90 -5.77 -48.61
C THR O 96 5.10 -7.25 -49.01
N VAL O 97 6.07 -7.91 -48.35
CA VAL O 97 6.31 -9.35 -48.51
C VAL O 97 6.26 -10.00 -47.12
N LYS O 98 5.64 -11.16 -47.02
CA LYS O 98 5.62 -11.90 -45.77
C LYS O 98 6.56 -13.09 -45.88
N THR O 99 7.18 -13.45 -44.75
CA THR O 99 7.91 -14.70 -44.67
C THR O 99 7.43 -15.45 -43.43
N MET O 100 7.26 -16.77 -43.55
CA MET O 100 6.84 -17.62 -42.46
C MET O 100 7.96 -18.63 -42.22
N GLY O 101 8.42 -18.73 -40.98
CA GLY O 101 9.37 -19.77 -40.63
C GLY O 101 8.68 -21.10 -40.39
N HIS O 102 9.39 -22.17 -40.73
CA HIS O 102 8.95 -23.54 -40.54
C HIS O 102 10.15 -24.33 -40.09
N GLN O 103 9.91 -25.48 -39.43
CA GLN O 103 10.99 -26.47 -39.30
C GLN O 103 11.04 -27.35 -40.57
N TRP O 104 12.07 -27.24 -41.42
CA TRP O 104 13.18 -26.24 -41.35
C TRP O 104 13.39 -25.62 -42.76
N TYR O 105 12.70 -24.54 -43.06
CA TYR O 105 12.68 -23.83 -44.33
C TYR O 105 11.81 -22.61 -44.12
N TRP O 106 11.87 -21.69 -45.07
CA TRP O 106 11.08 -20.48 -45.07
C TRP O 106 10.08 -20.51 -46.23
N SER O 107 8.92 -19.92 -45.99
CA SER O 107 8.01 -19.67 -47.09
C SER O 107 7.81 -18.17 -47.20
N TYR O 108 7.38 -17.75 -48.40
CA TYR O 108 7.23 -16.34 -48.71
C TYR O 108 5.87 -16.14 -49.36
N GLU O 109 5.31 -14.98 -49.11
CA GLU O 109 4.00 -14.63 -49.64
C GLU O 109 4.06 -13.19 -50.14
N TYR O 110 3.65 -12.97 -51.38
CA TYR O 110 3.58 -11.65 -52.00
C TYR O 110 2.11 -11.50 -52.35
N THR O 111 1.31 -10.86 -51.49
CA THR O 111 -0.14 -10.86 -51.64
C THR O 111 -0.70 -9.45 -51.75
N ASP O 112 0.13 -8.49 -52.20
CA ASP O 112 -0.35 -7.14 -52.43
C ASP O 112 -1.38 -7.10 -53.55
N TYR O 113 -1.22 -7.97 -54.57
CA TYR O 113 -2.06 -7.90 -55.78
C TYR O 113 -2.49 -9.30 -56.14
N GLU O 114 -1.55 -10.10 -56.62
CA GLU O 114 -1.75 -11.52 -56.80
C GLU O 114 -1.66 -12.25 -55.47
N ASP O 115 -1.89 -13.55 -55.49
CA ASP O 115 -1.72 -14.43 -54.34
C ASP O 115 -0.52 -15.36 -54.59
N LEU O 116 0.67 -14.79 -54.59
CA LEU O 116 1.89 -15.53 -54.92
C LEU O 116 2.57 -16.04 -53.65
N SER O 117 2.88 -17.35 -53.59
CA SER O 117 3.63 -17.86 -52.43
C SER O 117 4.47 -19.07 -52.84
N PHE O 118 5.50 -19.40 -52.04
CA PHE O 118 6.34 -20.56 -52.37
C PHE O 118 7.21 -20.91 -51.14
N ASP O 119 7.75 -22.12 -51.17
CA ASP O 119 8.67 -22.53 -50.11
C ASP O 119 10.10 -22.35 -50.59
N SER O 120 11.03 -22.16 -49.63
CA SER O 120 12.43 -21.90 -49.94
C SER O 120 13.30 -22.80 -49.05
N TYR O 121 13.90 -23.84 -49.66
CA TYR O 121 14.68 -24.87 -48.96
C TYR O 121 16.18 -24.76 -49.25
N MET O 122 17.01 -25.01 -48.22
CA MET O 122 18.45 -25.18 -48.48
C MET O 122 18.74 -26.21 -49.58
N ILE O 123 19.70 -25.89 -50.46
CA ILE O 123 20.21 -26.88 -51.41
C ILE O 123 21.14 -27.82 -50.65
N PRO O 124 20.82 -29.11 -50.54
CA PRO O 124 21.78 -30.05 -49.96
C PRO O 124 23.13 -30.03 -50.68
N THR O 125 24.18 -30.28 -49.89
CA THR O 125 25.54 -30.25 -50.39
C THR O 125 25.72 -31.19 -51.59
N SER O 126 25.10 -32.36 -51.54
CA SER O 126 25.23 -33.29 -52.65
C SER O 126 24.60 -32.75 -53.92
N GLU O 127 23.73 -31.74 -53.85
CA GLU O 127 23.02 -31.23 -55.03
C GLU O 127 23.54 -29.87 -55.48
N LEU O 128 24.50 -29.29 -54.79
CA LEU O 128 25.02 -28.00 -55.19
C LEU O 128 25.60 -28.08 -56.58
N LYS O 129 25.26 -27.10 -57.36
CA LYS O 129 25.89 -26.95 -58.67
C LYS O 129 27.29 -26.39 -58.49
N PRO O 130 28.21 -26.70 -59.40
CA PRO O 130 29.61 -26.34 -59.16
C PRO O 130 29.78 -24.85 -58.92
N GLY O 131 30.54 -24.52 -57.86
CA GLY O 131 30.75 -23.15 -57.50
C GLY O 131 29.69 -22.57 -56.58
N GLU O 132 28.59 -23.27 -56.33
CA GLU O 132 27.57 -22.78 -55.40
C GLU O 132 28.04 -23.00 -53.96
N LEU O 133 27.37 -22.32 -53.03
CA LEU O 133 27.87 -22.19 -51.66
C LEU O 133 27.24 -23.18 -50.69
N ARG O 134 28.06 -23.97 -50.00
CA ARG O 134 27.55 -24.95 -49.03
C ARG O 134 26.77 -24.29 -47.91
N LEU O 135 25.63 -24.87 -47.57
CA LEU O 135 24.69 -24.45 -46.52
C LEU O 135 24.00 -23.12 -46.76
N LEU O 136 24.21 -22.47 -47.91
CA LEU O 136 23.70 -21.10 -48.09
C LEU O 136 22.70 -20.97 -49.24
N GLU O 137 22.80 -21.78 -50.28
CA GLU O 137 21.89 -21.65 -51.43
C GLU O 137 20.51 -22.20 -51.07
N VAL O 138 19.50 -21.71 -51.79
CA VAL O 138 18.14 -22.20 -51.65
C VAL O 138 17.59 -22.49 -53.05
N ASP O 139 16.53 -23.27 -53.07
CA ASP O 139 15.96 -23.57 -54.39
C ASP O 139 15.18 -22.38 -54.96
N ASN O 140 14.48 -21.61 -54.09
CA ASN O 140 13.65 -20.48 -54.50
C ASN O 140 14.08 -19.24 -53.72
N ARG O 141 14.74 -18.31 -54.42
CA ARG O 141 15.21 -17.11 -53.75
C ARG O 141 14.06 -16.10 -53.60
N VAL O 142 14.29 -15.13 -52.72
CA VAL O 142 13.34 -14.05 -52.43
C VAL O 142 13.66 -12.95 -53.44
N VAL O 143 12.91 -12.93 -54.54
CA VAL O 143 13.12 -11.92 -55.58
C VAL O 143 12.49 -10.62 -55.13
N LEU O 144 13.24 -9.53 -55.20
CA LEU O 144 12.81 -8.24 -54.66
C LEU O 144 13.34 -7.13 -55.57
N PRO O 145 12.65 -6.00 -55.65
CA PRO O 145 13.18 -4.85 -56.41
C PRO O 145 14.24 -4.06 -55.62
N MET O 146 15.35 -3.77 -56.26
CA MET O 146 16.39 -2.94 -55.67
C MET O 146 15.96 -1.48 -55.58
N GLU O 147 16.65 -0.73 -54.70
CA GLU O 147 16.44 0.72 -54.59
C GLU O 147 15.01 1.09 -54.26
N MET O 148 14.28 0.22 -53.58
CA MET O 148 12.91 0.47 -53.17
C MET O 148 12.74 0.10 -51.72
N THR O 149 11.84 0.82 -51.03
CA THR O 149 11.59 0.53 -49.63
C THR O 149 10.57 -0.61 -49.55
N ILE O 150 10.92 -1.71 -48.87
CA ILE O 150 10.12 -2.92 -48.85
C ILE O 150 9.74 -3.21 -47.40
N ARG O 151 8.46 -3.49 -47.17
CA ARG O 151 8.04 -3.91 -45.83
C ARG O 151 8.11 -5.44 -45.75
N MET O 152 8.93 -5.98 -44.84
CA MET O 152 8.93 -7.41 -44.58
C MET O 152 8.14 -7.69 -43.32
N LEU O 153 7.23 -8.66 -43.39
CA LEU O 153 6.45 -9.09 -42.23
C LEU O 153 6.87 -10.52 -41.94
N VAL O 154 7.13 -10.86 -40.66
CA VAL O 154 7.85 -12.09 -40.33
C VAL O 154 7.01 -12.82 -39.29
N SER O 155 6.70 -14.10 -39.53
CA SER O 155 6.05 -14.88 -38.48
C SER O 155 6.51 -16.32 -38.60
N SER O 156 5.82 -17.22 -37.91
CA SER O 156 6.21 -18.63 -37.89
C SER O 156 4.96 -19.47 -37.80
N GLU O 157 5.01 -20.66 -38.40
CA GLU O 157 3.92 -21.59 -38.25
C GLU O 157 4.27 -22.74 -37.32
N ASP O 158 5.42 -22.69 -36.62
CA ASP O 158 5.60 -23.73 -35.62
C ASP O 158 6.39 -23.15 -34.46
N VAL O 159 7.71 -23.29 -34.44
CA VAL O 159 8.47 -22.84 -33.27
C VAL O 159 9.04 -21.45 -33.56
N LEU O 160 9.83 -20.90 -32.65
CA LEU O 160 10.51 -19.63 -32.96
C LEU O 160 11.56 -19.86 -34.04
N HIS O 161 11.66 -18.91 -34.97
CA HIS O 161 12.82 -18.84 -35.87
C HIS O 161 13.28 -17.39 -35.83
N SER O 162 14.25 -17.00 -36.67
CA SER O 162 14.59 -15.58 -36.80
C SER O 162 15.17 -15.32 -38.19
N TRP O 163 14.63 -14.30 -38.85
CA TRP O 163 14.89 -14.01 -40.25
C TRP O 163 15.97 -12.94 -40.32
N ALA O 164 17.15 -13.28 -40.83
CA ALA O 164 18.32 -12.41 -40.73
C ALA O 164 18.99 -12.28 -42.10
N VAL O 165 19.45 -11.06 -42.43
CA VAL O 165 20.31 -10.87 -43.60
C VAL O 165 21.37 -9.89 -43.12
N PRO O 166 22.54 -10.35 -42.68
CA PRO O 166 23.54 -9.42 -42.08
C PRO O 166 23.91 -8.24 -42.96
N SER O 167 24.08 -8.41 -44.27
CA SER O 167 24.58 -7.25 -45.02
C SER O 167 23.52 -6.15 -45.22
N LEU O 168 22.24 -6.44 -45.02
CA LEU O 168 21.20 -5.41 -44.96
C LEU O 168 20.92 -4.97 -43.52
N GLY O 169 21.60 -5.51 -42.53
CA GLY O 169 21.39 -5.06 -41.17
C GLY O 169 20.09 -5.55 -40.57
N LEU O 170 19.59 -6.70 -41.02
CA LEU O 170 18.27 -7.15 -40.66
C LEU O 170 18.35 -8.37 -39.74
N LYS O 171 17.52 -8.39 -38.71
CA LYS O 171 17.25 -9.62 -37.98
C LYS O 171 15.96 -9.41 -37.22
N THR O 172 14.96 -10.23 -37.53
CA THR O 172 13.64 -10.09 -36.94
C THR O 172 13.14 -11.47 -36.57
N ASP O 173 12.80 -11.67 -35.30
CA ASP O 173 12.38 -13.01 -34.87
C ASP O 173 11.01 -13.33 -35.46
N ALA O 174 10.80 -14.63 -35.64
CA ALA O 174 9.61 -15.19 -36.28
C ALA O 174 8.90 -15.97 -35.19
N ILE O 175 7.77 -15.44 -34.73
CA ILE O 175 7.08 -15.94 -33.54
C ILE O 175 5.67 -16.31 -33.96
N PRO O 176 5.21 -17.54 -33.70
CA PRO O 176 3.84 -17.89 -34.12
C PRO O 176 2.83 -17.05 -33.37
N GLY O 177 1.79 -16.62 -34.08
CA GLY O 177 0.76 -15.79 -33.45
C GLY O 177 1.13 -14.33 -33.47
N ARG O 178 2.29 -13.95 -34.04
CA ARG O 178 2.75 -12.56 -34.01
C ARG O 178 3.26 -12.19 -35.40
N LEU O 179 3.05 -10.95 -35.82
CA LEU O 179 3.42 -10.49 -37.17
C LEU O 179 4.43 -9.36 -36.98
N ASN O 180 5.75 -9.67 -37.05
CA ASN O 180 6.77 -8.66 -36.81
C ASN O 180 7.15 -7.96 -38.11
N GLN O 181 7.29 -6.66 -38.06
CA GLN O 181 7.53 -5.87 -39.26
C GLN O 181 8.98 -5.36 -39.24
N THR O 182 9.61 -5.35 -40.41
CA THR O 182 10.88 -4.66 -40.55
C THR O 182 10.91 -4.08 -41.97
N THR O 183 11.82 -3.14 -42.22
CA THR O 183 11.91 -2.59 -43.58
C THR O 183 13.26 -2.90 -44.19
N LEU O 184 13.25 -3.07 -45.49
CA LEU O 184 14.40 -3.57 -46.23
C LEU O 184 14.59 -2.63 -47.41
N MET O 185 15.83 -2.19 -47.66
CA MET O 185 16.10 -1.34 -48.84
C MET O 185 17.52 -1.64 -49.32
N SER O 186 17.68 -2.19 -50.53
CA SER O 186 19.01 -2.50 -51.01
C SER O 186 19.46 -1.43 -51.98
N SER O 187 20.65 -0.88 -51.73
CA SER O 187 21.26 0.06 -52.66
C SER O 187 21.76 -0.62 -53.92
N ARG O 188 21.85 -1.94 -53.97
CA ARG O 188 22.48 -2.60 -55.11
C ARG O 188 21.70 -3.84 -55.55
N PRO O 189 21.85 -4.26 -56.81
CA PRO O 189 21.38 -5.59 -57.18
C PRO O 189 22.32 -6.65 -56.60
N GLY O 190 21.88 -7.90 -56.68
CA GLY O 190 22.78 -9.02 -56.41
C GLY O 190 22.13 -10.04 -55.49
N LEU O 191 22.96 -10.91 -54.90
CA LEU O 191 22.45 -11.97 -54.03
C LEU O 191 22.92 -11.67 -52.62
N TYR O 192 22.00 -11.70 -51.65
CA TYR O 192 22.34 -11.36 -50.25
C TYR O 192 21.82 -12.46 -49.34
N TYR O 193 22.70 -12.98 -48.47
CA TYR O 193 22.49 -14.24 -47.78
C TYR O 193 22.31 -14.01 -46.30
N GLY O 194 21.51 -14.88 -45.68
CA GLY O 194 21.30 -14.86 -44.24
C GLY O 194 20.95 -16.26 -43.77
N GLN O 195 20.87 -16.44 -42.44
CA GLN O 195 20.69 -17.75 -41.86
C GLN O 195 19.75 -17.66 -40.67
N CYS O 196 18.97 -18.71 -40.44
CA CYS O 196 18.03 -18.67 -39.32
C CYS O 196 18.74 -18.38 -38.00
N SER O 197 18.19 -17.45 -37.21
CA SER O 197 18.93 -16.89 -36.07
C SER O 197 18.19 -17.03 -34.75
N GLU O 198 17.33 -18.05 -34.63
CA GLU O 198 16.82 -18.45 -33.31
C GLU O 198 16.70 -19.97 -33.29
N ILE O 199 17.32 -20.58 -32.28
CA ILE O 199 17.42 -22.03 -32.30
C ILE O 199 16.05 -22.66 -32.37
N CYS O 200 15.83 -23.49 -33.41
CA CYS O 200 14.53 -24.02 -33.76
C CYS O 200 14.56 -25.55 -33.86
N GLY O 201 15.59 -26.19 -33.28
CA GLY O 201 15.72 -27.63 -33.36
C GLY O 201 16.89 -28.13 -34.22
N SER O 202 16.79 -29.41 -34.61
CA SER O 202 17.81 -30.17 -35.33
C SER O 202 18.44 -29.42 -36.51
N ASN O 203 17.60 -28.76 -37.36
CA ASN O 203 18.11 -28.26 -38.64
C ASN O 203 18.19 -26.74 -38.61
N HIS O 204 18.34 -26.18 -37.40
CA HIS O 204 18.55 -24.74 -37.21
C HIS O 204 19.66 -24.22 -38.13
N SER O 205 20.72 -25.03 -38.30
CA SER O 205 21.88 -24.62 -39.08
C SER O 205 21.60 -24.59 -40.57
N PHE O 206 20.45 -25.07 -40.98
CA PHE O 206 20.25 -25.51 -42.34
C PHE O 206 18.96 -24.96 -42.94
N MET O 207 18.61 -23.70 -42.67
CA MET O 207 17.45 -23.08 -43.33
C MET O 207 17.77 -21.63 -43.65
N PRO O 208 18.58 -21.40 -44.69
CA PRO O 208 19.10 -20.06 -44.98
C PRO O 208 18.08 -19.22 -45.75
N ILE O 209 18.46 -17.95 -45.88
CA ILE O 209 17.71 -16.90 -46.54
C ILE O 209 18.55 -16.40 -47.72
N VAL O 210 17.98 -16.31 -48.90
CA VAL O 210 18.72 -15.74 -50.00
C VAL O 210 17.83 -14.71 -50.68
N LEU O 211 18.28 -13.46 -50.72
CA LEU O 211 17.56 -12.39 -51.39
C LEU O 211 18.13 -12.23 -52.79
N GLU O 212 17.26 -11.99 -53.77
CA GLU O 212 17.70 -11.73 -55.13
C GLU O 212 17.18 -10.34 -55.51
N LEU O 213 18.07 -9.38 -55.66
CA LEU O 213 17.72 -7.96 -55.80
C LEU O 213 17.94 -7.57 -57.25
N VAL O 214 16.89 -7.10 -57.90
CA VAL O 214 16.93 -6.86 -59.35
C VAL O 214 16.17 -5.57 -59.63
N PRO O 215 16.35 -4.98 -60.81
CA PRO O 215 15.63 -3.73 -61.11
C PRO O 215 14.12 -3.96 -61.14
N LEU O 216 13.39 -2.90 -60.82
CA LEU O 216 11.93 -3.00 -60.72
C LEU O 216 11.31 -3.67 -61.94
N LYS O 217 11.77 -3.31 -63.15
CA LYS O 217 11.13 -3.90 -64.33
C LYS O 217 11.34 -5.41 -64.39
N TYR O 218 12.49 -5.90 -63.94
CA TYR O 218 12.68 -7.34 -63.88
C TYR O 218 11.86 -7.96 -62.77
N PHE O 219 11.70 -7.25 -61.65
CA PHE O 219 10.84 -7.76 -60.59
C PHE O 219 9.41 -7.89 -61.10
N GLU O 220 8.91 -6.86 -61.79
CA GLU O 220 7.58 -6.92 -62.41
C GLU O 220 7.47 -8.06 -63.42
N LYS O 221 8.53 -8.32 -64.20
CA LYS O 221 8.45 -9.44 -65.15
C LYS O 221 8.36 -10.75 -64.40
N TRP O 222 9.18 -10.90 -63.34
CA TRP O 222 9.16 -12.11 -62.55
C TRP O 222 7.81 -12.32 -61.87
N SER O 223 7.25 -11.26 -61.28
CA SER O 223 5.90 -11.40 -60.70
C SER O 223 4.92 -11.89 -61.76
N ALA O 224 4.88 -11.21 -62.90
CA ALA O 224 3.93 -11.59 -63.95
C ALA O 224 4.07 -13.06 -64.29
N SER O 225 5.31 -13.54 -64.42
CA SER O 225 5.59 -14.91 -64.82
C SER O 225 5.28 -15.92 -63.72
N MET O 226 5.55 -15.59 -62.45
CA MET O 226 5.48 -16.60 -61.40
C MET O 226 4.05 -16.77 -60.92
N LEU O 227 3.09 -16.62 -61.83
CA LEU O 227 1.67 -16.83 -61.53
C LEU O 227 1.38 -17.95 -60.53
N HIS P 3 33.34 -25.33 25.84
CA HIS P 3 32.03 -24.69 26.08
C HIS P 3 32.00 -23.32 25.38
N GLN P 4 30.98 -23.11 24.55
CA GLN P 4 30.91 -21.86 23.80
C GLN P 4 30.64 -20.68 24.73
N THR P 5 31.12 -19.51 24.33
CA THR P 5 30.62 -18.33 25.05
C THR P 5 30.04 -17.30 24.09
N HIS P 6 29.43 -17.78 22.99
CA HIS P 6 28.48 -17.00 22.20
C HIS P 6 27.09 -17.60 22.41
N ALA P 7 26.07 -16.91 21.89
CA ALA P 7 24.67 -17.25 22.13
C ALA P 7 24.03 -18.01 20.99
N TYR P 8 24.81 -18.45 20.00
CA TYR P 8 24.24 -19.06 18.80
C TYR P 8 24.14 -20.59 18.91
N HIS P 9 23.37 -21.19 17.98
CA HIS P 9 22.96 -22.57 18.16
C HIS P 9 23.81 -23.47 17.25
N MET P 10 24.63 -24.31 17.85
CA MET P 10 25.34 -25.34 17.11
C MET P 10 24.42 -26.56 17.05
N VAL P 11 23.96 -26.95 15.85
CA VAL P 11 22.92 -27.98 15.72
C VAL P 11 23.55 -29.36 15.68
N ASN P 12 22.92 -30.33 16.35
CA ASN P 12 23.41 -31.70 16.31
C ASN P 12 23.39 -32.20 14.87
N PRO P 13 24.39 -33.02 14.44
CA PRO P 13 24.34 -33.60 13.09
C PRO P 13 23.00 -34.25 12.87
N SER P 14 22.42 -34.04 11.67
CA SER P 14 21.03 -34.40 11.41
C SER P 14 20.87 -35.11 10.07
N PRO P 15 20.02 -36.13 10.00
CA PRO P 15 19.72 -36.79 8.73
C PRO P 15 18.64 -36.09 7.88
N TRP P 16 17.93 -35.09 8.43
CA TRP P 16 16.75 -34.58 7.70
C TRP P 16 17.08 -33.77 6.45
N PRO P 17 18.20 -33.03 6.39
CA PRO P 17 18.56 -32.41 5.09
C PRO P 17 18.65 -33.43 3.99
N LEU P 18 19.35 -34.56 4.25
CA LEU P 18 19.49 -35.57 3.23
C LEU P 18 18.14 -36.22 2.89
N THR P 19 17.33 -36.55 3.89
CA THR P 19 16.04 -37.16 3.54
C THR P 19 15.15 -36.15 2.82
N GLY P 20 15.27 -34.88 3.17
CA GLY P 20 14.47 -33.85 2.44
C GLY P 20 14.96 -33.69 1.01
N ALA P 21 16.28 -33.74 0.81
CA ALA P 21 16.80 -33.65 -0.55
C ALA P 21 16.38 -34.86 -1.35
N LEU P 22 16.42 -36.06 -0.75
CA LEU P 22 16.02 -37.24 -1.50
C LEU P 22 14.52 -37.23 -1.77
N SER P 23 13.73 -36.73 -0.81
CA SER P 23 12.29 -36.62 -1.05
C SER P 23 12.00 -35.68 -2.23
N ALA P 24 12.81 -34.64 -2.43
CA ALA P 24 12.63 -33.75 -3.57
C ALA P 24 12.97 -34.46 -4.88
N LEU P 25 14.01 -35.28 -4.87
CA LEU P 25 14.28 -36.14 -6.04
C LEU P 25 13.13 -37.07 -6.32
N LEU P 26 12.58 -37.70 -5.29
CA LEU P 26 11.49 -38.67 -5.51
C LEU P 26 10.20 -37.98 -5.98
N MET P 27 9.88 -36.80 -5.44
CA MET P 27 8.68 -36.08 -5.88
C MET P 27 8.80 -35.63 -7.34
N THR P 28 9.98 -35.16 -7.76
CA THR P 28 10.15 -34.66 -9.13
C THR P 28 10.28 -35.83 -10.12
N SER P 29 11.11 -36.83 -9.79
CA SER P 29 11.10 -38.12 -10.50
C SER P 29 9.69 -38.64 -10.63
N GLY P 30 8.94 -38.57 -9.54
CA GLY P 30 7.62 -39.20 -9.54
C GLY P 30 6.61 -38.41 -10.35
N LEU P 31 6.70 -37.08 -10.32
CA LEU P 31 5.84 -36.31 -11.22
C LEU P 31 6.17 -36.62 -12.68
N THR P 32 7.48 -36.76 -12.99
CA THR P 32 7.86 -37.16 -14.36
C THR P 32 7.24 -38.51 -14.71
N MET P 33 7.33 -39.46 -13.78
CA MET P 33 6.78 -40.79 -14.02
C MET P 33 5.28 -40.75 -14.17
N TRP P 34 4.62 -39.88 -13.41
CA TRP P 34 3.16 -39.74 -13.50
C TRP P 34 2.75 -39.12 -14.83
N PHE P 35 3.40 -38.01 -15.22
CA PHE P 35 3.10 -37.36 -16.50
C PHE P 35 3.47 -38.22 -17.73
N HIS P 36 4.50 -39.08 -17.66
CA HIS P 36 5.00 -39.74 -18.88
C HIS P 36 5.04 -41.26 -18.89
N PHE P 37 4.91 -41.91 -17.76
CA PHE P 37 5.13 -43.35 -17.69
C PHE P 37 3.99 -43.97 -16.92
N ASN P 38 2.89 -43.22 -16.81
CA ASN P 38 1.62 -43.72 -16.31
C ASN P 38 1.71 -44.40 -14.94
N SER P 39 2.48 -43.83 -14.02
CA SER P 39 2.59 -44.50 -12.72
C SER P 39 2.73 -43.49 -11.59
N MET P 40 2.12 -43.78 -10.44
CA MET P 40 2.14 -42.86 -9.30
C MET P 40 3.06 -43.31 -8.17
N THR P 41 3.79 -44.41 -8.35
CA THR P 41 4.51 -45.05 -7.27
C THR P 41 5.59 -44.15 -6.66
N LEU P 42 6.58 -43.75 -7.47
CA LEU P 42 7.62 -42.86 -6.99
C LEU P 42 7.06 -41.60 -6.36
N LEU P 43 6.04 -41.00 -6.99
CA LEU P 43 5.46 -39.77 -6.46
C LEU P 43 4.90 -40.00 -5.05
N MET P 44 4.16 -41.08 -4.86
CA MET P 44 3.61 -41.38 -3.54
C MET P 44 4.71 -41.55 -2.50
N ILE P 45 5.79 -42.24 -2.86
CA ILE P 45 6.92 -42.41 -1.97
C ILE P 45 7.54 -41.08 -1.61
N GLY P 46 7.71 -40.21 -2.61
CA GLY P 46 8.31 -38.91 -2.33
C GLY P 46 7.44 -38.02 -1.46
N LEU P 47 6.13 -38.06 -1.65
CA LEU P 47 5.26 -37.25 -0.80
C LEU P 47 5.31 -37.76 0.62
N THR P 48 5.39 -39.07 0.78
CA THR P 48 5.44 -39.67 2.11
C THR P 48 6.73 -39.27 2.82
N THR P 49 7.87 -39.37 2.13
CA THR P 49 9.14 -39.02 2.77
C THR P 49 9.26 -37.53 3.02
N ASN P 50 8.69 -36.71 2.13
CA ASN P 50 8.65 -35.26 2.36
C ASN P 50 7.90 -34.92 3.65
N MET P 51 6.73 -35.55 3.86
CA MET P 51 5.97 -35.33 5.10
C MET P 51 6.73 -35.83 6.32
N LEU P 52 7.31 -37.04 6.25
CA LEU P 52 8.15 -37.56 7.34
C LEU P 52 9.32 -36.60 7.65
N THR P 53 10.01 -36.13 6.61
CA THR P 53 11.12 -35.20 6.82
C THR P 53 10.64 -33.93 7.52
N MET P 54 9.59 -33.28 7.00
CA MET P 54 9.12 -32.05 7.62
C MET P 54 8.71 -32.29 9.07
N TYR P 55 8.00 -33.39 9.32
CA TYR P 55 7.53 -33.65 10.68
C TYR P 55 8.71 -33.78 11.66
N GLN P 56 9.70 -34.62 11.34
CA GLN P 56 10.82 -34.82 12.26
C GLN P 56 11.72 -33.59 12.34
N TRP P 57 11.91 -32.88 11.21
CA TRP P 57 12.77 -31.68 11.27
C TRP P 57 12.14 -30.64 12.19
N TRP P 58 10.87 -30.32 11.98
CA TRP P 58 10.26 -29.28 12.83
C TRP P 58 10.02 -29.81 14.25
N ARG P 59 9.80 -31.11 14.41
CA ARG P 59 9.80 -31.68 15.77
C ARG P 59 11.10 -31.38 16.47
N ASP P 60 12.21 -31.55 15.75
CA ASP P 60 13.53 -31.34 16.40
C ASP P 60 13.74 -29.88 16.75
N VAL P 61 13.23 -28.97 15.90
CA VAL P 61 13.34 -27.55 16.23
C VAL P 61 12.59 -27.24 17.51
N ILE P 62 11.40 -27.85 17.69
CA ILE P 62 10.66 -27.69 18.93
C ILE P 62 11.43 -28.30 20.12
N ARG P 63 11.99 -29.50 19.94
CA ARG P 63 12.84 -30.07 21.01
C ARG P 63 14.00 -29.12 21.35
N GLU P 64 14.60 -28.50 20.33
CA GLU P 64 15.77 -27.64 20.57
C GLU P 64 15.42 -26.37 21.32
N SER P 65 14.18 -25.88 21.18
CA SER P 65 13.87 -24.55 21.71
C SER P 65 13.06 -24.74 23.00
N THR P 66 11.84 -25.26 22.85
CA THR P 66 10.95 -25.43 24.01
C THR P 66 11.60 -26.33 25.06
N PHE P 67 12.21 -27.45 24.63
CA PHE P 67 12.70 -28.42 25.61
C PHE P 67 14.16 -28.25 25.98
N GLN P 68 15.02 -27.73 25.08
CA GLN P 68 16.46 -27.68 25.37
C GLN P 68 16.96 -26.27 25.60
N GLY P 69 16.15 -25.25 25.32
CA GLY P 69 16.54 -23.87 25.58
C GLY P 69 17.54 -23.25 24.64
N HIS P 70 17.69 -23.74 23.41
CA HIS P 70 18.73 -23.14 22.56
C HIS P 70 18.29 -21.83 21.88
N HIS P 71 17.04 -21.43 21.94
CA HIS P 71 16.63 -20.23 21.21
C HIS P 71 16.81 -19.02 22.12
N THR P 72 18.06 -18.58 22.22
CA THR P 72 18.42 -17.30 22.84
C THR P 72 17.81 -16.17 22.00
N PRO P 73 17.80 -14.93 22.51
CA PRO P 73 17.30 -13.81 21.69
C PRO P 73 18.05 -13.67 20.36
N ALA P 74 19.37 -13.94 20.31
CA ALA P 74 20.06 -13.83 19.02
C ALA P 74 19.53 -14.88 18.04
N VAL P 75 19.31 -16.11 18.52
CA VAL P 75 18.81 -17.16 17.63
C VAL P 75 17.42 -16.80 17.13
N GLN P 76 16.57 -16.33 18.02
CA GLN P 76 15.21 -15.93 17.63
C GLN P 76 15.26 -14.84 16.60
N LYS P 77 16.19 -13.89 16.80
CA LYS P 77 16.28 -12.80 15.84
C LYS P 77 16.65 -13.30 14.45
N GLY P 78 17.57 -14.27 14.37
CA GLY P 78 17.87 -14.84 13.06
C GLY P 78 16.67 -15.54 12.43
N LEU P 79 15.92 -16.29 13.23
CA LEU P 79 14.71 -16.93 12.69
C LEU P 79 13.70 -15.91 12.18
N ARG P 80 13.58 -14.74 12.82
CA ARG P 80 12.68 -13.70 12.26
C ARG P 80 13.15 -13.26 10.87
N TYR P 81 14.44 -12.95 10.74
CA TYR P 81 14.97 -12.62 9.43
C TYR P 81 14.71 -13.75 8.44
N GLY P 82 15.02 -14.99 8.83
CA GLY P 82 14.78 -16.12 7.92
C GLY P 82 13.33 -16.18 7.43
N MET P 83 12.37 -15.99 8.35
CA MET P 83 10.96 -16.09 7.93
C MET P 83 10.57 -14.95 7.01
N ILE P 84 11.01 -13.73 7.35
CA ILE P 84 10.72 -12.56 6.49
C ILE P 84 11.29 -12.79 5.08
N LEU P 85 12.54 -13.24 5.01
CA LEU P 85 13.16 -13.48 3.70
C LEU P 85 12.44 -14.58 2.93
N PHE P 86 12.05 -15.65 3.61
CA PHE P 86 11.27 -16.69 2.96
C PHE P 86 9.95 -16.12 2.38
N ILE P 87 9.24 -15.29 3.15
CA ILE P 87 7.99 -14.72 2.66
C ILE P 87 8.26 -13.83 1.43
N ILE P 88 9.37 -13.09 1.46
CA ILE P 88 9.72 -12.25 0.31
C ILE P 88 9.88 -13.13 -0.93
N SER P 89 10.58 -14.28 -0.79
CA SER P 89 10.77 -15.13 -1.97
C SER P 89 9.40 -15.62 -2.49
N GLU P 90 8.46 -15.88 -1.56
CA GLU P 90 7.12 -16.34 -1.98
C GLU P 90 6.33 -15.23 -2.66
N VAL P 91 6.49 -13.98 -2.19
CA VAL P 91 5.90 -12.86 -2.89
C VAL P 91 6.39 -12.82 -4.34
N LEU P 92 7.71 -12.93 -4.55
CA LEU P 92 8.25 -12.83 -5.91
C LEU P 92 7.72 -13.99 -6.76
N PHE P 93 7.59 -15.18 -6.18
CA PHE P 93 6.97 -16.29 -6.91
C PHE P 93 5.59 -15.91 -7.44
N PHE P 94 4.74 -15.36 -6.57
CA PHE P 94 3.40 -14.98 -7.03
C PHE P 94 3.47 -13.85 -8.03
N THR P 95 4.46 -12.96 -7.86
CA THR P 95 4.61 -11.86 -8.81
C THR P 95 4.73 -12.40 -10.25
N GLY P 96 5.45 -13.52 -10.43
CA GLY P 96 5.54 -14.12 -11.77
C GLY P 96 4.18 -14.48 -12.34
N PHE P 97 3.29 -15.01 -11.49
CA PHE P 97 1.94 -15.36 -12.00
C PHE P 97 1.08 -14.13 -12.23
N PHE P 98 1.21 -13.08 -11.40
CA PHE P 98 0.48 -11.84 -11.71
C PHE P 98 0.98 -11.21 -13.02
N TRP P 99 2.28 -11.25 -13.24
CA TRP P 99 2.86 -10.76 -14.49
C TRP P 99 2.24 -11.54 -15.67
N ALA P 100 2.20 -12.87 -15.57
CA ALA P 100 1.55 -13.65 -16.65
C ALA P 100 0.11 -13.20 -16.85
N PHE P 101 -0.63 -13.01 -15.76
CA PHE P 101 -2.03 -12.61 -15.87
C PHE P 101 -2.18 -11.25 -16.55
N TYR P 102 -1.42 -10.24 -16.13
CA TYR P 102 -1.58 -8.92 -16.75
C TYR P 102 -1.09 -8.92 -18.19
N HIS P 103 -0.02 -9.67 -18.47
CA HIS P 103 0.47 -9.75 -19.85
C HIS P 103 -0.63 -10.23 -20.80
N SER P 104 -1.34 -11.28 -20.39
CA SER P 104 -2.36 -11.90 -21.24
C SER P 104 -3.62 -11.06 -21.33
N SER P 105 -4.02 -10.44 -20.24
CA SER P 105 -5.34 -9.81 -20.19
C SER P 105 -5.29 -8.37 -20.63
N LEU P 106 -4.13 -7.71 -20.52
CA LEU P 106 -3.99 -6.34 -21.01
C LEU P 106 -3.87 -6.28 -22.52
N ALA P 107 -3.45 -7.36 -23.18
CA ALA P 107 -3.28 -7.35 -24.64
C ALA P 107 -3.87 -8.62 -25.22
N PRO P 108 -5.19 -8.80 -25.11
CA PRO P 108 -5.77 -10.07 -25.54
C PRO P 108 -5.59 -10.29 -27.04
N THR P 109 -5.10 -11.48 -27.40
CA THR P 109 -4.77 -11.81 -28.79
C THR P 109 -6.00 -12.12 -29.62
N PRO P 110 -5.84 -12.20 -30.96
CA PRO P 110 -7.00 -12.51 -31.84
C PRO P 110 -7.63 -13.85 -31.55
N GLU P 111 -6.86 -14.82 -31.08
CA GLU P 111 -7.42 -16.14 -30.75
C GLU P 111 -8.49 -16.05 -29.67
N LEU P 112 -8.38 -15.08 -28.76
CA LEU P 112 -9.34 -14.81 -27.69
C LEU P 112 -10.59 -14.08 -28.17
N GLY P 113 -10.56 -13.52 -29.37
CA GLY P 113 -11.59 -12.57 -29.72
C GLY P 113 -11.06 -11.16 -29.66
N GLY P 114 -9.79 -11.01 -29.26
CA GLY P 114 -9.21 -9.70 -29.04
C GLY P 114 -9.85 -8.94 -27.91
N CYS P 115 -10.44 -9.65 -26.96
CA CYS P 115 -11.12 -9.05 -25.81
C CYS P 115 -10.79 -9.87 -24.57
N TRP P 116 -10.98 -9.25 -23.41
CA TRP P 116 -10.88 -9.92 -22.10
C TRP P 116 -12.14 -9.62 -21.30
N PRO P 117 -12.77 -10.60 -20.66
CA PRO P 117 -12.54 -12.05 -20.78
C PRO P 117 -12.68 -12.49 -22.21
N PRO P 118 -12.00 -13.58 -22.57
CA PRO P 118 -12.11 -14.11 -23.94
C PRO P 118 -13.56 -14.43 -24.29
N THR P 119 -13.87 -14.33 -25.57
CA THR P 119 -15.12 -14.90 -26.07
C THR P 119 -15.31 -16.32 -25.54
N GLY P 120 -16.54 -16.65 -25.11
CA GLY P 120 -16.82 -18.00 -24.63
C GLY P 120 -16.48 -18.26 -23.15
N ILE P 121 -15.92 -17.28 -22.45
CA ILE P 121 -15.60 -17.40 -21.02
C ILE P 121 -16.67 -16.67 -20.24
N HIS P 122 -17.29 -17.34 -19.26
CA HIS P 122 -18.28 -16.67 -18.43
C HIS P 122 -17.72 -16.59 -17.00
N PRO P 123 -17.12 -15.46 -16.63
CA PRO P 123 -16.42 -15.39 -15.31
C PRO P 123 -17.39 -15.57 -14.15
N LEU P 124 -16.85 -16.04 -13.01
CA LEU P 124 -17.62 -16.02 -11.76
C LEU P 124 -18.01 -14.58 -11.41
N ASN P 125 -19.14 -14.43 -10.73
CA ASN P 125 -19.51 -13.13 -10.18
C ASN P 125 -18.67 -12.79 -8.96
N PRO P 126 -17.84 -11.74 -8.98
CA PRO P 126 -16.97 -11.45 -7.82
C PRO P 126 -17.74 -11.02 -6.59
N LEU P 127 -19.03 -10.71 -6.73
CA LEU P 127 -19.84 -10.33 -5.57
C LEU P 127 -20.50 -11.53 -4.89
N GLU P 128 -20.25 -12.75 -5.38
CA GLU P 128 -20.83 -13.94 -4.74
C GLU P 128 -19.81 -14.68 -3.87
N VAL P 129 -19.49 -15.94 -4.16
CA VAL P 129 -18.52 -16.64 -3.31
C VAL P 129 -17.18 -15.94 -3.24
N PRO P 130 -16.63 -15.34 -4.33
CA PRO P 130 -15.33 -14.67 -4.18
C PRO P 130 -15.36 -13.54 -3.14
N LEU P 131 -16.46 -12.81 -3.02
CA LEU P 131 -16.59 -11.80 -1.95
C LEU P 131 -16.68 -12.46 -0.60
N LEU P 132 -17.43 -13.55 -0.50
CA LEU P 132 -17.50 -14.26 0.79
C LEU P 132 -16.11 -14.75 1.20
N ASN P 133 -15.35 -15.31 0.25
CA ASN P 133 -13.97 -15.73 0.52
C ASN P 133 -13.16 -14.58 1.06
N THR P 134 -13.35 -13.40 0.46
CA THR P 134 -12.63 -12.21 0.92
C THR P 134 -12.99 -11.86 2.38
N SER P 135 -14.27 -11.90 2.71
CA SER P 135 -14.62 -11.56 4.10
C SER P 135 -14.07 -12.59 5.05
N VAL P 136 -14.01 -13.85 4.59
CA VAL P 136 -13.57 -14.96 5.44
C VAL P 136 -12.09 -14.79 5.80
N LEU P 137 -11.23 -14.47 4.80
CA LEU P 137 -9.81 -14.31 5.11
C LEU P 137 -9.54 -13.00 5.86
N LEU P 138 -10.21 -11.90 5.50
CA LEU P 138 -10.05 -10.68 6.31
C LEU P 138 -10.44 -10.96 7.77
N ALA P 139 -11.56 -11.65 7.98
CA ALA P 139 -12.01 -11.95 9.35
C ALA P 139 -10.96 -12.77 10.10
N SER P 140 -10.37 -13.73 9.41
CA SER P 140 -9.33 -14.57 10.03
C SER P 140 -8.10 -13.74 10.38
N GLY P 141 -7.86 -12.65 9.61
CA GLY P 141 -6.78 -11.72 9.95
C GLY P 141 -7.06 -11.01 11.27
N VAL P 142 -8.33 -10.72 11.53
CA VAL P 142 -8.73 -10.09 12.78
C VAL P 142 -8.63 -11.08 13.93
N SER P 143 -9.13 -12.30 13.74
CA SER P 143 -9.12 -13.25 14.85
C SER P 143 -7.68 -13.70 15.17
N ILE P 144 -6.80 -13.82 14.15
CA ILE P 144 -5.44 -14.21 14.54
C ILE P 144 -4.77 -13.11 15.34
N THR P 145 -5.13 -11.84 15.10
CA THR P 145 -4.57 -10.76 15.90
C THR P 145 -5.11 -10.80 17.32
N TRP P 146 -6.39 -11.11 17.48
CA TRP P 146 -6.92 -11.35 18.82
C TRP P 146 -6.13 -12.50 19.49
N ALA P 147 -5.88 -13.59 18.77
CA ALA P 147 -5.09 -14.69 19.39
C ALA P 147 -3.72 -14.20 19.86
N HIS P 148 -3.07 -13.39 19.02
CA HIS P 148 -1.72 -12.92 19.34
C HIS P 148 -1.73 -12.11 20.62
N HIS P 149 -2.66 -11.16 20.71
CA HIS P 149 -2.76 -10.34 21.92
C HIS P 149 -3.16 -11.17 23.13
N SER P 150 -4.03 -12.17 22.97
CA SER P 150 -4.36 -13.00 24.14
C SER P 150 -3.13 -13.73 24.65
N LEU P 151 -2.30 -14.23 23.72
CA LEU P 151 -1.07 -14.93 24.10
C LEU P 151 -0.14 -13.99 24.88
N MET P 152 0.09 -12.79 24.34
CA MET P 152 0.97 -11.82 24.99
C MET P 152 0.44 -11.44 26.37
N GLU P 153 -0.86 -11.36 26.51
CA GLU P 153 -1.50 -11.05 27.79
C GLU P 153 -1.60 -12.29 28.69
N GLY P 154 -1.15 -13.46 28.25
CA GLY P 154 -1.11 -14.59 29.18
C GLY P 154 -2.43 -15.31 29.30
N ASP P 155 -3.32 -15.18 28.32
CA ASP P 155 -4.70 -15.68 28.41
C ASP P 155 -4.82 -16.94 27.55
N ARG P 156 -4.71 -18.10 28.19
CA ARG P 156 -4.63 -19.36 27.45
C ARG P 156 -5.94 -19.64 26.72
N LYS P 157 -7.06 -19.57 27.45
CA LYS P 157 -8.36 -19.94 26.89
C LYS P 157 -8.72 -19.06 25.68
N HIS P 158 -8.53 -17.75 25.80
CA HIS P 158 -8.92 -16.93 24.65
C HIS P 158 -7.93 -17.03 23.52
N MET P 159 -6.65 -17.31 23.81
CA MET P 159 -5.75 -17.63 22.69
C MET P 159 -6.27 -18.82 21.90
N LEU P 160 -6.63 -19.92 22.58
CA LEU P 160 -7.09 -21.14 21.89
C LEU P 160 -8.37 -20.88 21.11
N GLN P 161 -9.30 -20.15 21.73
CA GLN P 161 -10.56 -19.82 21.08
C GLN P 161 -10.33 -18.98 19.82
N ALA P 162 -9.49 -17.94 19.90
CA ALA P 162 -9.23 -17.12 18.73
C ALA P 162 -8.48 -17.89 17.66
N LEU P 163 -7.50 -18.73 18.05
CA LEU P 163 -6.77 -19.48 17.04
C LEU P 163 -7.67 -20.52 16.37
N PHE P 164 -8.53 -21.15 17.17
CA PHE P 164 -9.52 -22.09 16.63
C PHE P 164 -10.41 -21.41 15.61
N ILE P 165 -10.85 -20.19 15.90
CA ILE P 165 -11.69 -19.47 14.95
C ILE P 165 -10.91 -19.18 13.67
N THR P 166 -9.66 -18.74 13.82
CA THR P 166 -8.83 -18.48 12.64
C THR P 166 -8.75 -19.71 11.73
N ILE P 167 -8.39 -20.86 12.32
CA ILE P 167 -8.31 -22.11 11.58
C ILE P 167 -9.64 -22.46 10.95
N THR P 168 -10.73 -22.33 11.70
CA THR P 168 -12.03 -22.66 11.12
C THR P 168 -12.29 -21.80 9.88
N LEU P 169 -11.93 -20.52 9.92
CA LEU P 169 -12.12 -19.68 8.73
C LEU P 169 -11.21 -20.13 7.59
N GLY P 170 -9.97 -20.50 7.89
CA GLY P 170 -9.07 -21.02 6.85
C GLY P 170 -9.65 -22.27 6.21
N VAL P 171 -10.21 -23.17 7.03
CA VAL P 171 -10.88 -24.35 6.49
C VAL P 171 -12.09 -23.97 5.63
N TYR P 172 -12.91 -23.04 6.14
CA TYR P 172 -14.06 -22.56 5.39
C TYR P 172 -13.65 -22.02 4.02
N PHE P 173 -12.63 -21.14 3.97
CA PHE P 173 -12.12 -20.66 2.68
C PHE P 173 -11.78 -21.83 1.74
N THR P 174 -11.03 -22.81 2.26
CA THR P 174 -10.60 -23.95 1.42
C THR P 174 -11.79 -24.74 0.88
N LEU P 175 -12.78 -25.00 1.73
CA LEU P 175 -13.98 -25.71 1.24
C LEU P 175 -14.78 -24.86 0.27
N LEU P 176 -14.85 -23.54 0.48
CA LEU P 176 -15.56 -22.70 -0.48
C LEU P 176 -14.85 -22.72 -1.82
N GLN P 177 -13.52 -22.62 -1.79
CA GLN P 177 -12.76 -22.59 -3.05
C GLN P 177 -12.86 -23.94 -3.78
N ALA P 178 -12.80 -25.07 -3.02
CA ALA P 178 -12.99 -26.38 -3.66
C ALA P 178 -14.36 -26.46 -4.30
N SER P 179 -15.39 -25.96 -3.61
CA SER P 179 -16.72 -25.92 -4.20
C SER P 179 -16.72 -25.05 -5.46
N GLU P 180 -16.11 -23.86 -5.39
CA GLU P 180 -16.07 -22.97 -6.55
C GLU P 180 -15.33 -23.61 -7.73
N TYR P 181 -14.25 -24.36 -7.46
CA TYR P 181 -13.55 -25.06 -8.55
C TYR P 181 -14.48 -26.04 -9.24
N TYR P 182 -15.23 -26.83 -8.46
CA TYR P 182 -16.14 -27.79 -9.06
C TYR P 182 -17.23 -27.11 -9.87
N GLU P 183 -17.78 -26.01 -9.34
CA GLU P 183 -18.91 -25.37 -10.00
C GLU P 183 -18.49 -24.51 -11.17
N ALA P 184 -17.22 -24.16 -11.27
CA ALA P 184 -16.79 -23.22 -12.30
C ALA P 184 -17.08 -23.80 -13.68
N PRO P 185 -17.70 -23.03 -14.58
CA PRO P 185 -17.99 -23.52 -15.94
C PRO P 185 -16.77 -23.48 -16.88
N PHE P 186 -15.68 -22.85 -16.50
CA PHE P 186 -14.44 -22.90 -17.25
C PHE P 186 -13.43 -23.75 -16.48
N THR P 187 -12.40 -24.22 -17.19
CA THR P 187 -11.43 -25.16 -16.63
C THR P 187 -10.02 -24.66 -16.87
N ILE P 188 -9.05 -25.37 -16.29
CA ILE P 188 -7.66 -24.98 -16.54
C ILE P 188 -7.30 -25.06 -18.02
N SER P 189 -7.99 -25.90 -18.78
CA SER P 189 -7.71 -26.01 -20.22
C SER P 189 -8.43 -24.96 -21.05
N ASP P 190 -9.15 -24.01 -20.42
CA ASP P 190 -9.88 -22.98 -21.19
C ASP P 190 -8.99 -21.78 -21.52
N GLY P 191 -7.91 -22.10 -22.28
CA GLY P 191 -7.03 -21.04 -22.73
C GLY P 191 -6.33 -20.35 -21.56
N VAL P 192 -5.82 -19.16 -21.88
CA VAL P 192 -5.00 -18.41 -20.91
C VAL P 192 -5.88 -17.87 -19.79
N TYR P 193 -7.18 -17.67 -20.04
CA TYR P 193 -8.08 -17.32 -18.95
C TYR P 193 -8.07 -18.41 -17.89
N GLY P 194 -8.35 -19.66 -18.28
CA GLY P 194 -8.35 -20.74 -17.28
C GLY P 194 -6.96 -21.00 -16.71
N SER P 195 -5.93 -20.85 -17.55
CA SER P 195 -4.56 -21.08 -17.09
C SER P 195 -4.20 -20.16 -15.94
N THR P 196 -4.33 -18.85 -16.17
CA THR P 196 -3.96 -17.88 -15.14
C THR P 196 -4.87 -18.04 -13.94
N PHE P 197 -6.17 -18.27 -14.17
CA PHE P 197 -7.10 -18.38 -13.05
C PHE P 197 -6.74 -19.55 -12.14
N PHE P 198 -6.63 -20.77 -12.70
CA PHE P 198 -6.46 -21.92 -11.83
C PHE P 198 -5.04 -22.04 -11.29
N VAL P 199 -4.02 -21.67 -12.05
CA VAL P 199 -2.67 -21.80 -11.53
C VAL P 199 -2.43 -20.77 -10.43
N ALA P 200 -2.87 -19.52 -10.64
CA ALA P 200 -2.61 -18.50 -9.60
C ALA P 200 -3.47 -18.76 -8.37
N THR P 201 -4.78 -18.96 -8.54
CA THR P 201 -5.56 -19.25 -7.32
C THR P 201 -5.25 -20.64 -6.75
N GLY P 202 -4.83 -21.58 -7.60
CA GLY P 202 -4.40 -22.89 -7.11
C GLY P 202 -3.16 -22.83 -6.22
N PHE P 203 -2.10 -22.15 -6.67
CA PHE P 203 -0.97 -21.97 -5.74
C PHE P 203 -1.41 -21.20 -4.50
N HIS P 204 -2.29 -20.22 -4.64
CA HIS P 204 -2.75 -19.55 -3.45
C HIS P 204 -3.48 -20.51 -2.51
N GLY P 205 -4.37 -21.36 -3.06
CA GLY P 205 -5.08 -22.33 -2.21
C GLY P 205 -4.14 -23.30 -1.53
N LEU P 206 -3.05 -23.68 -2.22
CA LEU P 206 -2.06 -24.51 -1.58
C LEU P 206 -1.43 -23.78 -0.39
N HIS P 207 -1.09 -22.48 -0.55
CA HIS P 207 -0.55 -21.69 0.56
C HIS P 207 -1.56 -21.53 1.71
N VAL P 208 -2.87 -21.44 1.40
CA VAL P 208 -3.86 -21.43 2.48
C VAL P 208 -3.80 -22.76 3.24
N ILE P 209 -3.69 -23.88 2.51
CA ILE P 209 -3.64 -25.15 3.21
C ILE P 209 -2.37 -25.24 4.05
N ILE P 210 -1.23 -24.84 3.47
CA ILE P 210 0.02 -24.80 4.25
C ILE P 210 -0.13 -23.92 5.49
N GLY P 211 -0.64 -22.71 5.31
CA GLY P 211 -0.78 -21.80 6.45
C GLY P 211 -1.75 -22.32 7.49
N SER P 212 -2.82 -23.00 7.06
CA SER P 212 -3.76 -23.57 8.02
C SER P 212 -3.09 -24.66 8.83
N THR P 213 -2.32 -25.50 8.15
CA THR P 213 -1.57 -26.58 8.84
C THR P 213 -0.62 -25.98 9.87
N PHE P 214 0.09 -24.91 9.48
CA PHE P 214 0.98 -24.23 10.41
C PHE P 214 0.21 -23.71 11.62
N LEU P 215 -0.97 -23.09 11.42
CA LEU P 215 -1.79 -22.65 12.56
C LEU P 215 -2.19 -23.83 13.43
N ILE P 216 -2.55 -24.97 12.79
CA ILE P 216 -2.94 -26.16 13.54
C ILE P 216 -1.78 -26.66 14.39
N VAL P 217 -0.56 -26.69 13.84
CA VAL P 217 0.61 -27.04 14.66
C VAL P 217 0.68 -26.09 15.87
N CYS P 218 0.56 -24.77 15.62
CA CYS P 218 0.60 -23.83 16.76
C CYS P 218 -0.53 -24.10 17.76
N PHE P 219 -1.73 -24.46 17.29
CA PHE P 219 -2.81 -24.74 18.23
C PHE P 219 -2.44 -25.90 19.17
N PHE P 220 -1.92 -27.00 18.59
CA PHE P 220 -1.53 -28.15 19.43
C PHE P 220 -0.35 -27.85 20.34
N ARG P 221 0.61 -27.05 19.88
CA ARG P 221 1.69 -26.60 20.74
C ARG P 221 1.15 -25.73 21.86
N GLN P 222 0.20 -24.86 21.54
CA GLN P 222 -0.42 -24.07 22.60
C GLN P 222 -1.17 -24.97 23.60
N LEU P 223 -1.93 -25.95 23.09
CA LEU P 223 -2.59 -26.88 24.00
C LEU P 223 -1.58 -27.55 24.92
N LYS P 224 -0.34 -27.75 24.46
CA LYS P 224 0.68 -28.43 25.27
C LYS P 224 1.55 -27.46 26.04
N PHE P 225 1.13 -26.20 26.11
CA PHE P 225 1.77 -25.15 26.91
C PHE P 225 3.19 -24.81 26.42
N HIS P 226 3.54 -25.07 25.15
CA HIS P 226 4.90 -24.73 24.68
C HIS P 226 5.20 -23.24 24.74
N PHE P 227 4.22 -22.39 24.37
CA PHE P 227 4.46 -20.96 24.22
C PHE P 227 4.49 -20.24 25.56
N THR P 228 5.41 -19.30 25.72
CA THR P 228 5.29 -18.41 26.86
C THR P 228 4.67 -17.13 26.36
N SER P 229 4.34 -16.25 27.31
CA SER P 229 3.68 -15.01 26.91
C SER P 229 4.66 -14.11 26.20
N ASN P 230 5.96 -14.33 26.39
CA ASN P 230 6.96 -13.56 25.68
C ASN P 230 7.68 -14.30 24.55
N HIS P 231 7.65 -15.64 24.48
CA HIS P 231 8.52 -16.36 23.56
C HIS P 231 7.63 -17.33 22.82
N HIS P 232 7.39 -17.03 21.53
CA HIS P 232 6.43 -17.85 20.81
C HIS P 232 6.62 -17.60 19.31
N PHE P 233 7.86 -17.76 18.84
CA PHE P 233 8.11 -17.32 17.49
C PHE P 233 7.41 -18.20 16.45
N GLY P 234 7.21 -19.51 16.73
CA GLY P 234 6.40 -20.32 15.82
C GLY P 234 5.03 -19.72 15.52
N PHE P 235 4.38 -19.16 16.57
CA PHE P 235 3.08 -18.49 16.39
C PHE P 235 3.26 -17.21 15.58
N GLU P 236 4.28 -16.40 15.89
CA GLU P 236 4.44 -15.17 15.11
C GLU P 236 4.71 -15.47 13.64
N ALA P 237 5.60 -16.45 13.38
CA ALA P 237 5.88 -16.85 12.00
C ALA P 237 4.61 -17.31 11.29
N ALA P 238 3.77 -18.11 11.97
CA ALA P 238 2.53 -18.58 11.34
C ALA P 238 1.57 -17.42 11.08
N ALA P 239 1.56 -16.42 11.97
CA ALA P 239 0.71 -15.26 11.74
C ALA P 239 1.20 -14.42 10.57
N TRP P 240 2.50 -14.19 10.50
CA TRP P 240 3.06 -13.45 9.37
C TRP P 240 2.74 -14.15 8.06
N TYR P 241 2.92 -15.47 8.04
CA TYR P 241 2.60 -16.23 6.84
C TYR P 241 1.11 -16.12 6.51
N TRP P 242 0.28 -16.18 7.54
CA TRP P 242 -1.17 -16.05 7.36
C TRP P 242 -1.53 -14.70 6.80
N HIS P 243 -0.91 -13.62 7.30
CA HIS P 243 -1.20 -12.31 6.69
C HIS P 243 -0.72 -12.25 5.24
N PHE P 244 0.43 -12.87 4.95
CA PHE P 244 0.88 -12.97 3.55
C PHE P 244 -0.20 -13.63 2.68
N VAL P 245 -0.75 -14.74 3.15
CA VAL P 245 -1.76 -15.46 2.37
C VAL P 245 -3.02 -14.57 2.16
N ASP P 246 -3.38 -13.80 3.20
CA ASP P 246 -4.49 -12.85 3.11
C ASP P 246 -4.21 -11.78 2.06
N VAL P 247 -3.01 -11.21 2.09
CA VAL P 247 -2.73 -10.13 1.16
C VAL P 247 -2.64 -10.66 -0.26
N VAL P 248 -2.08 -11.85 -0.47
CA VAL P 248 -2.09 -12.40 -1.82
C VAL P 248 -3.52 -12.59 -2.32
N TRP P 249 -4.39 -13.08 -1.45
CA TRP P 249 -5.80 -13.21 -1.85
C TRP P 249 -6.38 -11.86 -2.27
N LEU P 250 -6.09 -10.79 -1.52
CA LEU P 250 -6.70 -9.51 -1.90
C LEU P 250 -6.24 -9.09 -3.30
N PHE P 251 -4.95 -9.33 -3.60
CA PHE P 251 -4.46 -9.00 -4.94
C PHE P 251 -5.10 -9.87 -5.98
N LEU P 252 -5.26 -11.17 -5.70
CA LEU P 252 -5.97 -12.03 -6.64
C LEU P 252 -7.39 -11.53 -6.89
N TYR P 253 -8.11 -11.21 -5.80
CA TYR P 253 -9.51 -10.81 -5.89
C TYR P 253 -9.63 -9.58 -6.75
N VAL P 254 -8.81 -8.57 -6.48
CA VAL P 254 -8.89 -7.33 -7.24
C VAL P 254 -8.48 -7.56 -8.67
N SER P 255 -7.37 -8.26 -8.89
CA SER P 255 -6.84 -8.43 -10.24
C SER P 255 -7.65 -9.41 -11.09
N ILE P 256 -7.79 -10.65 -10.65
CA ILE P 256 -8.31 -11.71 -11.51
C ILE P 256 -9.84 -11.76 -11.43
N TYR P 257 -10.40 -11.71 -10.22
CA TYR P 257 -11.86 -11.89 -10.12
C TYR P 257 -12.60 -10.61 -10.48
N TRP P 258 -12.08 -9.45 -10.10
CA TRP P 258 -12.84 -8.21 -10.23
C TRP P 258 -12.42 -7.50 -11.52
N TRP P 259 -11.20 -6.93 -11.53
CA TRP P 259 -10.75 -6.19 -12.70
C TRP P 259 -10.75 -7.07 -13.96
N GLY P 260 -10.42 -8.34 -13.80
CA GLY P 260 -10.39 -9.31 -14.90
C GLY P 260 -11.72 -9.89 -15.34
N SER P 261 -12.85 -9.48 -14.76
CA SER P 261 -14.12 -10.11 -15.14
C SER P 261 -14.82 -9.28 -16.20
N SER Q 4 64.50 -20.26 15.29
CA SER Q 4 64.23 -20.28 13.85
C SER Q 4 63.44 -21.52 13.43
N VAL Q 5 63.19 -22.45 14.37
CA VAL Q 5 62.39 -23.63 14.09
C VAL Q 5 61.02 -23.47 14.74
N VAL Q 6 60.07 -22.87 14.00
CA VAL Q 6 58.74 -22.54 14.50
C VAL Q 6 57.85 -23.78 14.46
N LYS Q 7 56.89 -23.84 15.39
CA LYS Q 7 55.94 -24.94 15.50
C LYS Q 7 54.55 -24.49 15.06
N SER Q 8 53.54 -25.32 15.38
CA SER Q 8 52.18 -25.17 14.85
C SER Q 8 51.16 -24.65 15.86
N GLU Q 9 51.55 -24.45 17.12
CA GLU Q 9 50.76 -23.69 18.07
C GLU Q 9 51.16 -22.22 17.96
N ASP Q 10 51.62 -21.83 16.76
CA ASP Q 10 52.30 -20.57 16.48
C ASP Q 10 51.65 -19.72 15.39
N TYR Q 11 50.62 -20.21 14.71
CA TYR Q 11 49.73 -19.28 14.05
C TYR Q 11 49.20 -18.26 15.06
N ALA Q 12 49.32 -18.54 16.38
CA ALA Q 12 48.72 -17.62 17.35
C ALA Q 12 49.73 -16.64 17.91
N LEU Q 13 50.99 -16.71 17.47
CA LEU Q 13 52.09 -15.91 17.99
C LEU Q 13 52.69 -15.04 16.90
N PRO Q 14 53.26 -13.89 17.26
CA PRO Q 14 53.98 -13.08 16.27
C PRO Q 14 55.10 -13.88 15.63
N SER Q 15 55.36 -13.61 14.36
CA SER Q 15 56.36 -14.38 13.62
C SER Q 15 57.25 -13.43 12.84
N TYR Q 16 58.31 -13.97 12.26
CA TYR Q 16 59.29 -13.23 11.48
C TYR Q 16 58.84 -13.16 10.02
N VAL Q 17 59.11 -12.02 9.34
CA VAL Q 17 58.87 -11.88 7.90
C VAL Q 17 59.94 -10.96 7.32
N ASP Q 18 60.42 -11.28 6.13
CA ASP Q 18 61.33 -10.39 5.39
C ASP Q 18 60.50 -9.71 4.31
N ARG Q 19 60.24 -8.42 4.48
CA ARG Q 19 59.36 -7.67 3.60
C ARG Q 19 59.88 -6.25 3.54
N ARG Q 20 60.10 -5.74 2.32
CA ARG Q 20 60.65 -4.39 2.18
C ARG Q 20 59.78 -3.35 2.89
N ASP Q 21 58.44 -3.55 2.85
CA ASP Q 21 57.50 -2.58 3.39
C ASP Q 21 57.21 -2.83 4.87
N TYR Q 22 57.92 -3.74 5.51
CA TYR Q 22 57.74 -3.99 6.94
C TYR Q 22 59.13 -4.27 7.47
N PRO Q 23 60.01 -3.26 7.45
CA PRO Q 23 61.44 -3.51 7.66
C PRO Q 23 61.83 -4.06 9.02
N LEU Q 24 61.11 -3.75 10.10
CA LEU Q 24 61.49 -4.19 11.44
C LEU Q 24 60.46 -5.20 11.92
N PRO Q 25 60.64 -6.50 11.64
CA PRO Q 25 59.62 -7.52 11.99
C PRO Q 25 59.41 -7.64 13.50
N ASP Q 26 58.34 -8.36 13.86
CA ASP Q 26 57.83 -8.41 15.23
C ASP Q 26 58.73 -9.20 16.17
N VAL Q 27 59.58 -10.09 15.65
CA VAL Q 27 60.49 -10.87 16.48
C VAL Q 27 61.83 -10.95 15.80
N ALA Q 28 62.86 -11.21 16.60
CA ALA Q 28 64.20 -11.42 16.07
C ALA Q 28 64.24 -12.71 15.27
N HIS Q 29 65.12 -12.76 14.28
CA HIS Q 29 65.24 -13.96 13.44
C HIS Q 29 65.77 -15.14 14.26
N VAL Q 30 66.74 -14.88 15.12
CA VAL Q 30 67.31 -15.91 16.02
C VAL Q 30 66.82 -15.60 17.42
N LYS Q 31 65.97 -16.48 17.95
CA LYS Q 31 65.38 -16.24 19.26
C LYS Q 31 66.24 -16.81 20.39
N ASN Q 32 66.78 -18.01 20.23
CA ASN Q 32 67.49 -18.68 21.32
C ASN Q 32 68.99 -18.60 21.02
N LEU Q 33 69.69 -17.78 21.80
CA LEU Q 33 71.08 -17.44 21.53
C LEU Q 33 72.03 -18.40 22.23
N SER Q 34 73.19 -18.62 21.59
CA SER Q 34 74.31 -19.35 22.13
C SER Q 34 75.09 -18.50 23.14
N ALA Q 35 76.04 -19.16 23.80
CA ALA Q 35 76.88 -18.48 24.79
C ALA Q 35 77.52 -17.22 24.22
N SER Q 36 78.31 -17.37 23.15
CA SER Q 36 79.00 -16.22 22.57
C SER Q 36 78.05 -15.22 21.93
N GLN Q 37 76.86 -15.65 21.51
CA GLN Q 37 75.90 -14.70 20.96
C GLN Q 37 75.39 -13.73 22.03
N LYS Q 38 75.05 -14.25 23.22
CA LYS Q 38 74.68 -13.35 24.31
C LYS Q 38 75.82 -12.43 24.71
N ALA Q 39 77.06 -12.92 24.60
CA ALA Q 39 78.21 -12.07 24.85
C ALA Q 39 78.25 -10.92 23.85
N LEU Q 40 78.06 -11.24 22.58
CA LEU Q 40 78.00 -10.22 21.54
C LEU Q 40 76.91 -9.20 21.83
N LYS Q 41 75.71 -9.68 22.22
CA LYS Q 41 74.65 -8.75 22.63
C LYS Q 41 75.07 -7.92 23.84
N GLU Q 42 75.82 -8.50 24.76
CA GLU Q 42 76.34 -7.66 25.84
C GLU Q 42 77.33 -6.64 25.30
N LYS Q 43 78.27 -7.09 24.45
CA LYS Q 43 79.20 -6.14 23.85
C LYS Q 43 78.47 -5.06 23.06
N GLU Q 44 77.27 -5.36 22.57
CA GLU Q 44 76.52 -4.37 21.81
C GLU Q 44 76.08 -3.20 22.66
N LYS Q 45 76.05 -3.34 23.98
CA LYS Q 45 75.68 -2.21 24.82
C LYS Q 45 76.81 -1.21 25.05
N ALA Q 46 78.05 -1.55 24.67
CA ALA Q 46 79.13 -0.59 24.65
C ALA Q 46 79.20 0.07 23.26
N SER Q 47 80.26 0.85 23.01
CA SER Q 47 80.32 1.65 21.79
C SER Q 47 80.36 0.76 20.56
N TRP Q 48 79.55 1.10 19.55
CA TRP Q 48 79.58 0.32 18.33
C TRP Q 48 80.86 0.52 17.55
N SER Q 49 81.59 1.61 17.81
CA SER Q 49 82.92 1.76 17.21
C SER Q 49 83.90 0.67 17.65
N SER Q 50 83.69 0.07 18.81
CA SER Q 50 84.55 -1.02 19.28
C SER Q 50 84.17 -2.37 18.71
N LEU Q 51 83.19 -2.43 17.84
CA LEU Q 51 82.79 -3.67 17.20
C LEU Q 51 83.54 -3.83 15.89
N SER Q 52 83.98 -5.06 15.60
CA SER Q 52 84.55 -5.33 14.29
C SER Q 52 83.44 -5.42 13.24
N ILE Q 53 83.85 -5.32 11.97
CA ILE Q 53 82.94 -5.59 10.85
C ILE Q 53 82.25 -6.94 11.03
N ASP Q 54 83.02 -7.98 11.39
CA ASP Q 54 82.45 -9.33 11.49
C ASP Q 54 81.42 -9.41 12.60
N GLU Q 55 81.68 -8.71 13.72
CA GLU Q 55 80.72 -8.68 14.82
C GLU Q 55 79.45 -7.95 14.43
N LYS Q 56 79.58 -6.86 13.66
CA LYS Q 56 78.40 -6.14 13.22
C LYS Q 56 77.55 -6.99 12.29
N VAL Q 57 78.19 -7.72 11.35
CA VAL Q 57 77.42 -8.61 10.47
C VAL Q 57 76.70 -9.66 11.29
N GLU Q 58 77.36 -10.15 12.34
CA GLU Q 58 76.78 -11.20 13.16
C GLU Q 58 75.58 -10.69 13.94
N LEU Q 59 75.67 -9.46 14.46
CA LEU Q 59 74.51 -8.86 15.11
C LEU Q 59 73.37 -8.68 14.11
N TYR Q 60 73.68 -8.22 12.90
CA TYR Q 60 72.63 -8.09 11.88
C TYR Q 60 71.96 -9.44 11.62
N ARG Q 61 72.75 -10.50 11.52
CA ARG Q 61 72.18 -11.80 11.16
C ARG Q 61 71.50 -12.49 12.33
N LEU Q 62 71.70 -12.02 13.56
CA LEU Q 62 70.87 -12.50 14.66
C LEU Q 62 69.46 -11.95 14.53
N LYS Q 63 69.35 -10.68 14.15
CA LYS Q 63 68.08 -9.97 14.11
C LYS Q 63 67.32 -10.28 12.81
N PHE Q 64 68.02 -10.43 11.70
CA PHE Q 64 67.36 -10.56 10.42
C PHE Q 64 67.86 -11.79 9.69
N LYS Q 65 66.95 -12.38 8.90
CA LYS Q 65 67.31 -13.51 8.04
C LYS Q 65 68.00 -13.02 6.77
N GLU Q 66 67.27 -12.39 5.86
CA GLU Q 66 67.85 -11.87 4.63
C GLU Q 66 68.02 -10.35 4.70
N SER Q 67 69.08 -9.85 4.09
CA SER Q 67 69.21 -8.41 3.87
C SER Q 67 68.25 -7.94 2.76
N PHE Q 68 68.09 -6.62 2.65
CA PHE Q 68 67.28 -6.08 1.56
C PHE Q 68 67.79 -6.54 0.20
N ALA Q 69 69.13 -6.53 -0.02
CA ALA Q 69 69.63 -6.93 -1.33
C ALA Q 69 69.28 -8.39 -1.61
N GLU Q 70 69.32 -9.24 -0.59
CA GLU Q 70 69.00 -10.65 -0.77
C GLU Q 70 67.51 -10.84 -0.99
N MET Q 71 66.67 -10.19 -0.19
CA MET Q 71 65.25 -10.45 -0.36
C MET Q 71 64.73 -9.87 -1.66
N ASN Q 72 65.46 -8.93 -2.26
CA ASN Q 72 65.05 -8.32 -3.52
C ASN Q 72 65.61 -8.99 -4.76
N ARG Q 73 66.31 -10.12 -4.66
CA ARG Q 73 66.97 -10.67 -5.84
C ARG Q 73 65.96 -11.30 -6.80
N SER Q 74 66.24 -11.22 -8.10
CA SER Q 74 65.41 -11.94 -9.05
C SER Q 74 65.89 -13.39 -9.15
N THR Q 75 65.14 -14.20 -9.90
CA THR Q 75 65.38 -15.64 -9.98
C THR Q 75 65.20 -16.07 -11.42
N ASN Q 76 65.61 -17.31 -11.71
CA ASN Q 76 65.41 -17.87 -13.05
C ASN Q 76 64.10 -18.67 -13.17
N GLU Q 77 63.16 -18.48 -12.23
CA GLU Q 77 61.91 -19.25 -12.28
C GLU Q 77 61.19 -19.05 -13.63
N TRP Q 78 61.27 -17.83 -14.20
CA TRP Q 78 60.51 -17.53 -15.42
C TRP Q 78 60.91 -18.46 -16.57
N LYS Q 79 62.17 -18.89 -16.60
CA LYS Q 79 62.61 -19.84 -17.61
C LYS Q 79 61.88 -21.16 -17.46
N THR Q 80 61.72 -21.61 -16.22
CA THR Q 80 61.04 -22.88 -15.98
C THR Q 80 59.56 -22.73 -16.30
N VAL Q 81 58.96 -21.63 -15.87
CA VAL Q 81 57.52 -21.42 -16.12
C VAL Q 81 57.24 -21.36 -17.61
N VAL Q 82 57.90 -20.43 -18.31
CA VAL Q 82 57.63 -20.26 -19.75
C VAL Q 82 57.97 -21.55 -20.51
N GLY Q 83 59.11 -22.16 -20.19
CA GLY Q 83 59.52 -23.35 -20.91
C GLY Q 83 58.58 -24.53 -20.73
N ALA Q 84 58.17 -24.79 -19.48
CA ALA Q 84 57.17 -25.83 -19.22
C ALA Q 84 55.81 -25.51 -19.87
N ALA Q 85 55.36 -24.27 -19.79
CA ALA Q 85 54.10 -23.92 -20.46
C ALA Q 85 54.17 -24.26 -21.96
N MET Q 86 55.27 -23.90 -22.62
CA MET Q 86 55.39 -24.23 -24.05
C MET Q 86 55.46 -25.73 -24.26
N PHE Q 87 56.14 -26.48 -23.35
CA PHE Q 87 56.13 -27.93 -23.47
C PHE Q 87 54.69 -28.48 -23.45
N PHE Q 88 53.86 -28.01 -22.50
CA PHE Q 88 52.48 -28.50 -22.41
C PHE Q 88 51.62 -28.02 -23.57
N ILE Q 89 51.88 -26.82 -24.06
CA ILE Q 89 51.20 -26.37 -25.27
C ILE Q 89 51.64 -27.21 -26.47
N GLY Q 90 52.91 -27.58 -26.52
CA GLY Q 90 53.35 -28.48 -27.58
C GLY Q 90 52.68 -29.84 -27.47
N PHE Q 91 52.55 -30.33 -26.25
CA PHE Q 91 51.87 -31.60 -26.02
C PHE Q 91 50.45 -31.53 -26.54
N THR Q 92 49.83 -30.36 -26.40
CA THR Q 92 48.47 -30.19 -26.87
C THR Q 92 48.39 -30.41 -28.38
N ALA Q 93 49.40 -29.97 -29.12
CA ALA Q 93 49.32 -30.21 -30.56
C ALA Q 93 49.39 -31.70 -30.88
N LEU Q 94 50.06 -32.50 -30.04
CA LEU Q 94 50.05 -33.96 -30.26
C LEU Q 94 48.63 -34.49 -30.16
N LEU Q 95 47.85 -33.96 -29.20
CA LEU Q 95 46.46 -34.37 -29.07
C LEU Q 95 45.68 -34.02 -30.32
N LEU Q 96 45.94 -32.80 -30.85
CA LEU Q 96 45.25 -32.36 -32.06
C LEU Q 96 45.65 -33.19 -33.27
N ILE Q 97 46.93 -33.60 -33.36
CA ILE Q 97 47.33 -34.51 -34.44
C ILE Q 97 46.59 -35.83 -34.33
N TRP Q 98 46.53 -36.37 -33.11
CA TRP Q 98 45.74 -37.59 -32.87
C TRP Q 98 44.29 -37.40 -33.32
N GLU Q 99 43.65 -36.30 -32.89
CA GLU Q 99 42.26 -36.07 -33.26
C GLU Q 99 42.09 -36.05 -34.76
N LYS Q 100 42.97 -35.32 -35.47
CA LYS Q 100 42.84 -35.23 -36.91
C LYS Q 100 42.98 -36.61 -37.56
N HIS Q 101 43.87 -37.44 -37.02
CA HIS Q 101 44.17 -38.73 -37.65
C HIS Q 101 43.09 -39.77 -37.37
N TYR Q 102 42.59 -39.86 -36.14
CA TYR Q 102 41.70 -40.95 -35.77
C TYR Q 102 40.24 -40.58 -35.66
N VAL Q 103 39.90 -39.27 -35.53
CA VAL Q 103 38.53 -38.83 -35.26
C VAL Q 103 37.91 -38.16 -36.48
N TYR Q 104 38.57 -37.14 -37.03
CA TYR Q 104 38.02 -36.38 -38.14
C TYR Q 104 38.07 -37.20 -39.43
N GLY Q 105 36.96 -37.17 -40.17
CA GLY Q 105 36.90 -37.69 -41.53
C GLY Q 105 37.16 -36.59 -42.54
N PRO Q 106 36.93 -36.87 -43.82
CA PRO Q 106 37.16 -35.85 -44.86
C PRO Q 106 36.20 -34.68 -44.71
N ILE Q 107 36.65 -33.51 -45.18
CA ILE Q 107 35.80 -32.32 -45.17
C ILE Q 107 35.00 -32.31 -46.48
N PRO Q 108 33.99 -31.45 -46.61
CA PRO Q 108 33.13 -31.51 -47.79
C PRO Q 108 33.88 -31.18 -49.06
N HIS Q 109 33.31 -31.65 -50.17
CA HIS Q 109 33.97 -31.50 -51.46
C HIS Q 109 34.07 -30.05 -51.93
N THR Q 110 33.31 -29.13 -51.29
CA THR Q 110 33.34 -27.72 -51.64
C THR Q 110 34.67 -27.06 -51.29
N PHE Q 111 35.53 -27.75 -50.55
CA PHE Q 111 36.88 -27.24 -50.30
C PHE Q 111 37.89 -27.68 -51.35
N GLU Q 112 37.48 -28.51 -52.30
CA GLU Q 112 38.42 -28.94 -53.34
C GLU Q 112 38.86 -27.73 -54.20
N GLU Q 113 40.07 -27.83 -54.73
CA GLU Q 113 40.70 -26.71 -55.39
C GLU Q 113 39.83 -26.20 -56.56
N GLU Q 114 39.32 -27.12 -57.38
CA GLU Q 114 38.52 -26.69 -58.53
C GLU Q 114 37.21 -26.03 -58.09
N TRP Q 115 36.56 -26.59 -57.08
CA TRP Q 115 35.34 -25.98 -56.57
C TRP Q 115 35.60 -24.57 -56.07
N VAL Q 116 36.72 -24.37 -55.38
CA VAL Q 116 36.99 -23.06 -54.78
C VAL Q 116 37.26 -22.03 -55.87
N ALA Q 117 37.95 -22.46 -56.94
CA ALA Q 117 38.19 -21.60 -58.09
C ALA Q 117 36.87 -21.17 -58.71
N LYS Q 118 35.96 -22.13 -58.94
CA LYS Q 118 34.65 -21.77 -59.50
C LYS Q 118 33.84 -20.94 -58.52
N GLN Q 119 33.89 -21.31 -57.25
CA GLN Q 119 33.17 -20.55 -56.24
C GLN Q 119 33.68 -19.12 -56.16
N THR Q 120 34.99 -18.93 -56.25
CA THR Q 120 35.57 -17.59 -56.20
C THR Q 120 35.12 -16.75 -57.40
N LYS Q 121 35.12 -17.31 -58.60
CA LYS Q 121 34.62 -16.56 -59.76
C LYS Q 121 33.17 -16.17 -59.57
N ARG Q 122 32.32 -17.13 -59.17
CA ARG Q 122 30.93 -16.78 -58.92
C ARG Q 122 30.82 -15.67 -57.86
N MET Q 123 31.64 -15.70 -56.80
CA MET Q 123 31.55 -14.60 -55.83
C MET Q 123 31.94 -13.27 -56.47
N LEU Q 124 33.00 -13.28 -57.32
CA LEU Q 124 33.34 -12.05 -58.03
C LEU Q 124 32.25 -11.68 -59.01
N ASP Q 125 31.58 -12.67 -59.62
CA ASP Q 125 30.49 -12.35 -60.54
C ASP Q 125 29.30 -11.71 -59.83
N MET Q 126 29.01 -12.09 -58.59
CA MET Q 126 27.94 -11.39 -57.91
C MET Q 126 28.45 -10.23 -57.09
N LYS Q 127 29.74 -9.90 -57.24
CA LYS Q 127 30.35 -8.74 -56.58
C LYS Q 127 30.21 -8.79 -55.06
N VAL Q 128 30.52 -9.94 -54.48
CA VAL Q 128 30.56 -10.07 -53.00
C VAL Q 128 31.50 -9.02 -52.43
N ALA Q 129 31.04 -8.29 -51.38
CA ALA Q 129 31.81 -7.26 -50.67
C ALA Q 129 32.56 -6.36 -51.65
N PRO Q 130 31.84 -5.58 -52.48
CA PRO Q 130 32.49 -4.80 -53.54
C PRO Q 130 33.01 -3.45 -53.10
N ILE Q 131 32.74 -3.00 -51.86
CA ILE Q 131 33.25 -1.72 -51.39
C ILE Q 131 34.62 -1.88 -50.74
N GLN Q 132 34.81 -2.92 -49.92
CA GLN Q 132 36.08 -3.09 -49.24
C GLN Q 132 36.53 -4.55 -49.15
N GLY Q 133 35.57 -5.46 -48.95
CA GLY Q 133 35.87 -6.73 -48.34
C GLY Q 133 36.45 -7.78 -49.28
N PHE Q 134 35.94 -7.91 -50.51
CA PHE Q 134 36.33 -9.06 -51.33
C PHE Q 134 36.48 -8.69 -52.82
N SER Q 135 35.36 -8.41 -53.50
CA SER Q 135 35.45 -8.01 -54.92
C SER Q 135 36.17 -6.67 -55.10
N ALA Q 136 36.16 -5.82 -54.06
CA ALA Q 136 36.96 -4.60 -54.03
C ALA Q 136 38.42 -4.88 -54.33
N LYS Q 137 38.89 -6.10 -54.06
CA LYS Q 137 40.28 -6.46 -54.19
C LYS Q 137 40.59 -7.09 -55.54
N TRP Q 138 39.59 -7.24 -56.39
CA TRP Q 138 39.71 -7.78 -57.72
C TRP Q 138 39.67 -6.62 -58.72
N ASP Q 139 40.56 -6.67 -59.70
CA ASP Q 139 40.58 -5.68 -60.78
C ASP Q 139 39.76 -6.22 -61.94
N TYR Q 140 38.55 -5.68 -62.11
CA TYR Q 140 37.69 -6.15 -63.18
C TYR Q 140 38.12 -5.65 -64.55
N ASP Q 141 38.97 -4.64 -64.62
CA ASP Q 141 39.49 -4.21 -65.93
C ASP Q 141 40.61 -5.12 -66.41
N LYS Q 142 41.58 -5.41 -65.55
CA LYS Q 142 42.72 -6.25 -65.91
C LYS Q 142 42.49 -7.73 -65.64
N ASN Q 143 41.30 -8.09 -65.16
CA ASN Q 143 40.97 -9.47 -64.76
C ASN Q 143 42.07 -10.16 -63.94
N GLU Q 144 42.43 -9.55 -62.81
CA GLU Q 144 43.40 -10.15 -61.89
C GLU Q 144 43.19 -9.54 -60.51
N TRP Q 145 43.78 -10.19 -59.49
CA TRP Q 145 43.77 -9.59 -58.15
C TRP Q 145 44.55 -8.29 -58.17
N LYS Q 146 44.00 -7.27 -57.51
CA LYS Q 146 44.70 -6.00 -57.38
C LYS Q 146 46.02 -6.24 -56.67
N LYS Q 147 47.04 -5.50 -57.09
CA LYS Q 147 48.36 -5.73 -56.52
C LYS Q 147 48.58 -4.82 -55.31
N HIS R 5 46.45 18.81 5.01
CA HIS R 5 47.18 17.84 5.79
C HIS R 5 48.01 18.55 6.87
N GLU R 6 49.23 18.92 6.50
CA GLU R 6 50.21 19.62 7.32
C GLU R 6 51.40 19.91 6.42
N THR R 7 52.23 20.86 6.83
CA THR R 7 53.40 21.20 6.04
C THR R 7 54.45 20.08 6.11
N ASP R 8 55.41 20.16 5.20
CA ASP R 8 56.58 19.29 5.28
C ASP R 8 57.28 19.47 6.62
N GLU R 9 57.41 20.71 7.06
CA GLU R 9 58.12 20.99 8.30
C GLU R 9 57.38 20.39 9.50
N GLU R 10 56.05 20.47 9.51
CA GLU R 10 55.28 19.96 10.63
C GLU R 10 55.32 18.44 10.70
N PHE R 11 55.21 17.79 9.55
CA PHE R 11 55.34 16.34 9.49
C PHE R 11 56.71 15.91 9.99
N ASP R 12 57.78 16.56 9.50
CA ASP R 12 59.11 16.16 9.90
C ASP R 12 59.30 16.31 11.40
N ALA R 13 58.78 17.40 11.97
CA ALA R 13 58.97 17.71 13.39
C ALA R 13 58.23 16.73 14.29
N ARG R 14 56.98 16.39 13.92
CA ARG R 14 56.24 15.32 14.58
C ARG R 14 57.08 14.04 14.68
N TRP R 15 57.73 13.66 13.58
CA TRP R 15 58.49 12.42 13.52
C TRP R 15 59.84 12.53 14.24
N VAL R 16 60.51 13.69 14.17
CA VAL R 16 61.72 13.86 14.98
C VAL R 16 61.38 13.71 16.46
N THR R 17 60.30 14.36 16.90
CA THR R 17 59.89 14.26 18.30
C THR R 17 59.58 12.82 18.69
N TYR R 18 58.86 12.09 17.81
CA TYR R 18 58.55 10.69 18.08
C TYR R 18 59.81 9.90 18.38
N PHE R 19 60.81 9.99 17.50
CA PHE R 19 61.99 9.16 17.73
C PHE R 19 62.91 9.70 18.84
N ASN R 20 62.77 10.96 19.22
CA ASN R 20 63.64 11.52 20.25
C ASN R 20 63.14 11.29 21.67
N LYS R 21 61.94 10.75 21.85
CA LYS R 21 61.47 10.45 23.21
C LYS R 21 62.52 9.59 23.93
N PRO R 22 63.11 10.06 25.04
CA PRO R 22 64.28 9.34 25.56
C PRO R 22 64.01 7.88 25.88
N ASP R 23 62.85 7.55 26.47
CA ASP R 23 62.54 6.18 26.85
C ASP R 23 61.68 5.47 25.81
N ILE R 24 61.79 5.84 24.54
CA ILE R 24 61.05 5.12 23.51
C ILE R 24 61.40 3.64 23.61
N ASP R 25 60.42 2.77 23.49
CA ASP R 25 60.74 1.36 23.65
C ASP R 25 60.85 0.70 22.28
N ALA R 26 61.24 -0.58 22.31
CA ALA R 26 61.51 -1.30 21.07
C ALA R 26 60.25 -1.41 20.20
N TRP R 27 59.11 -1.73 20.82
CA TRP R 27 57.85 -1.77 20.08
C TRP R 27 57.59 -0.45 19.35
N GLU R 28 57.78 0.67 20.04
CA GLU R 28 57.53 1.98 19.42
C GLU R 28 58.54 2.30 18.32
N LEU R 29 59.79 1.84 18.46
CA LEU R 29 60.76 2.05 17.39
C LEU R 29 60.34 1.32 16.14
N ARG R 30 59.92 0.06 16.30
CA ARG R 30 59.44 -0.69 15.14
C ARG R 30 58.17 -0.10 14.60
N LYS R 31 57.24 0.25 15.49
CA LYS R 31 55.98 0.82 15.02
C LYS R 31 56.23 2.11 14.23
N GLY R 32 57.18 2.92 14.67
CA GLY R 32 57.42 4.19 14.00
C GLY R 32 58.03 3.99 12.64
N MET R 33 59.04 3.12 12.55
CA MET R 33 59.66 2.89 11.25
C MET R 33 58.72 2.21 10.28
N ASN R 34 58.00 1.18 10.74
CA ASN R 34 57.11 0.46 9.85
C ASN R 34 55.97 1.35 9.36
N THR R 35 55.54 2.30 10.20
CA THR R 35 54.52 3.26 9.77
C THR R 35 55.11 4.25 8.78
N LEU R 36 56.28 4.79 9.12
CA LEU R 36 56.88 5.84 8.32
C LEU R 36 57.11 5.40 6.87
N VAL R 37 57.56 4.14 6.65
CA VAL R 37 57.90 3.76 5.27
C VAL R 37 56.66 3.44 4.44
N GLY R 38 55.46 3.55 5.04
CA GLY R 38 54.23 3.46 4.26
C GLY R 38 53.89 4.72 3.49
N TYR R 39 54.46 5.86 3.86
CA TYR R 39 54.19 7.12 3.15
C TYR R 39 54.97 7.22 1.84
N ASP R 40 54.44 8.05 0.94
CA ASP R 40 55.08 8.33 -0.35
C ASP R 40 56.15 9.40 -0.15
N LEU R 41 57.24 8.98 0.49
CA LEU R 41 58.41 9.84 0.67
C LEU R 41 59.56 9.01 1.18
N VAL R 42 60.77 9.51 0.97
CA VAL R 42 61.96 9.04 1.66
C VAL R 42 62.18 9.96 2.86
N PRO R 43 62.26 9.42 4.09
CA PRO R 43 62.32 10.30 5.26
C PRO R 43 63.52 11.22 5.23
N GLU R 44 63.31 12.46 5.71
CA GLU R 44 64.40 13.42 5.80
C GLU R 44 65.54 12.91 6.70
N PRO R 45 66.79 13.30 6.43
CA PRO R 45 67.90 12.97 7.35
C PRO R 45 67.62 13.29 8.80
N LYS R 46 66.96 14.40 9.13
CA LYS R 46 66.72 14.71 10.55
C LYS R 46 65.84 13.66 11.22
N ILE R 47 64.94 13.01 10.45
CA ILE R 47 64.12 11.95 11.04
C ILE R 47 64.97 10.71 11.27
N ILE R 48 65.75 10.33 10.24
CA ILE R 48 66.57 9.13 10.30
C ILE R 48 67.59 9.27 11.43
N ASP R 49 68.17 10.46 11.56
CA ASP R 49 69.10 10.76 12.66
C ASP R 49 68.46 10.46 14.01
N ALA R 50 67.23 10.92 14.21
CA ALA R 50 66.55 10.65 15.47
C ALA R 50 66.25 9.17 15.62
N ALA R 51 65.89 8.50 14.52
CA ALA R 51 65.62 7.06 14.62
C ALA R 51 66.91 6.29 14.91
N LEU R 52 68.01 6.69 14.30
CA LEU R 52 69.27 6.02 14.59
C LEU R 52 69.68 6.20 16.04
N ARG R 53 69.42 7.38 16.61
CA ARG R 53 69.80 7.60 18.01
C ARG R 53 68.89 6.85 18.97
N ALA R 54 67.61 6.65 18.61
CA ALA R 54 66.77 5.73 19.37
C ALA R 54 67.34 4.31 19.34
N CYS R 55 67.84 3.87 18.18
CA CYS R 55 68.47 2.55 18.10
C CYS R 55 69.60 2.43 19.11
N ARG R 56 70.40 3.50 19.23
CA ARG R 56 71.50 3.49 20.21
C ARG R 56 70.99 3.37 21.64
N ARG R 57 70.02 4.21 22.02
CA ARG R 57 69.46 4.12 23.37
C ARG R 57 68.83 2.75 23.63
N LEU R 58 68.36 2.09 22.58
CA LEU R 58 67.80 0.74 22.66
C LEU R 58 68.87 -0.32 22.45
N ASN R 59 70.15 0.05 22.33
CA ASN R 59 71.24 -0.91 22.16
C ASN R 59 70.96 -1.87 20.99
N ASP R 60 70.48 -1.33 19.88
CA ASP R 60 70.03 -2.19 18.78
C ASP R 60 70.80 -1.76 17.53
N PHE R 61 71.98 -2.37 17.33
CA PHE R 61 72.81 -1.98 16.21
C PHE R 61 72.20 -2.47 14.88
N ALA R 62 71.69 -3.70 14.87
CA ALA R 62 71.12 -4.28 13.65
C ALA R 62 69.98 -3.43 13.09
N SER R 63 69.12 -2.92 13.96
CA SER R 63 68.01 -2.15 13.42
C SER R 63 68.49 -0.84 12.82
N ALA R 64 69.63 -0.32 13.30
CA ALA R 64 70.16 0.88 12.69
C ALA R 64 70.60 0.60 11.26
N VAL R 65 71.22 -0.56 11.03
CA VAL R 65 71.62 -0.92 9.67
C VAL R 65 70.39 -1.07 8.77
N ARG R 66 69.34 -1.72 9.30
CA ARG R 66 68.12 -2.00 8.57
C ARG R 66 67.43 -0.71 8.18
N ILE R 67 67.44 0.28 9.08
CA ILE R 67 66.88 1.59 8.78
C ILE R 67 67.60 2.21 7.59
N LEU R 68 68.95 2.15 7.58
CA LEU R 68 69.66 2.65 6.40
C LEU R 68 69.26 1.90 5.13
N GLU R 69 69.05 0.58 5.22
CA GLU R 69 68.59 -0.18 4.06
C GLU R 69 67.24 0.30 3.58
N VAL R 70 66.32 0.56 4.51
CA VAL R 70 64.98 0.81 3.99
C VAL R 70 64.92 2.22 3.40
N VAL R 71 65.76 3.12 3.91
CA VAL R 71 65.91 4.44 3.30
C VAL R 71 66.34 4.33 1.85
N LYS R 72 67.38 3.54 1.60
CA LYS R 72 67.79 3.29 0.22
C LYS R 72 66.66 2.67 -0.61
N ASP R 73 65.95 1.70 -0.01
CA ASP R 73 64.90 1.01 -0.76
C ASP R 73 63.76 1.95 -1.13
N LYS R 74 63.44 2.89 -0.24
CA LYS R 74 62.28 3.75 -0.48
C LYS R 74 62.51 4.67 -1.66
N ALA R 75 63.78 4.89 -2.04
CA ALA R 75 64.12 5.75 -3.16
C ALA R 75 63.87 5.10 -4.51
N GLY R 76 63.68 3.79 -4.54
CA GLY R 76 63.45 3.08 -5.78
C GLY R 76 64.59 3.37 -6.75
N PRO R 77 64.24 3.79 -7.97
CA PRO R 77 65.25 4.05 -8.99
C PRO R 77 65.94 5.40 -8.83
N HIS R 78 65.54 6.22 -7.85
CA HIS R 78 66.11 7.56 -7.72
C HIS R 78 67.40 7.43 -6.92
N LYS R 79 68.47 7.05 -7.65
CA LYS R 79 69.73 6.60 -7.08
C LYS R 79 70.50 7.69 -6.34
N GLU R 80 70.24 8.97 -6.60
CA GLU R 80 71.05 9.96 -5.89
C GLU R 80 70.45 10.34 -4.54
N ILE R 81 69.35 9.74 -4.12
CA ILE R 81 68.81 10.08 -2.79
C ILE R 81 69.66 9.48 -1.68
N TYR R 82 70.01 8.19 -1.79
CA TYR R 82 70.72 7.52 -0.70
C TYR R 82 72.11 8.13 -0.44
N PRO R 83 72.96 8.38 -1.46
CA PRO R 83 74.24 9.07 -1.15
C PRO R 83 74.05 10.43 -0.50
N TYR R 84 73.01 11.20 -0.86
CA TYR R 84 72.76 12.46 -0.16
C TYR R 84 72.40 12.21 1.30
N VAL R 85 71.48 11.30 1.56
CA VAL R 85 71.13 11.01 2.95
C VAL R 85 72.37 10.59 3.74
N ILE R 86 73.18 9.70 3.16
CA ILE R 86 74.39 9.23 3.84
C ILE R 86 75.34 10.39 4.12
N GLN R 87 75.58 11.23 3.11
CA GLN R 87 76.38 12.43 3.31
C GLN R 87 75.88 13.23 4.52
N GLU R 88 74.59 13.40 4.62
CA GLU R 88 74.02 14.22 5.68
C GLU R 88 74.11 13.51 7.03
N LEU R 89 74.14 12.19 7.06
CA LEU R 89 74.15 11.44 8.32
C LEU R 89 75.57 11.09 8.78
N ARG R 90 76.55 11.31 7.92
CA ARG R 90 77.91 10.86 8.19
C ARG R 90 78.43 11.28 9.57
N PRO R 91 78.20 12.51 10.07
CA PRO R 91 78.65 12.81 11.44
C PRO R 91 78.00 11.94 12.48
N THR R 92 76.70 11.67 12.32
CA THR R 92 76.02 10.79 13.27
C THR R 92 76.53 9.37 13.16
N LEU R 93 76.71 8.87 11.92
CA LEU R 93 77.25 7.53 11.73
C LEU R 93 78.58 7.38 12.43
N ASN R 94 79.50 8.32 12.22
CA ASN R 94 80.82 8.29 12.87
C ASN R 94 80.69 8.41 14.38
N GLU R 95 79.83 9.31 14.87
CA GLU R 95 79.66 9.47 16.30
C GLU R 95 79.19 8.19 16.97
N LEU R 96 78.26 7.46 16.34
CA LEU R 96 77.66 6.25 16.91
C LEU R 96 78.35 4.97 16.46
N GLY R 97 79.30 5.04 15.54
CA GLY R 97 79.89 3.81 15.07
C GLY R 97 78.94 2.94 14.27
N ILE R 98 77.98 3.55 13.58
CA ILE R 98 77.07 2.79 12.73
C ILE R 98 77.77 2.59 11.38
N SER R 99 77.99 1.33 10.99
CA SER R 99 78.50 1.03 9.66
C SER R 99 77.34 0.92 8.67
N THR R 100 77.55 1.39 7.43
CA THR R 100 76.45 1.32 6.45
C THR R 100 76.29 -0.12 5.94
N PRO R 101 75.13 -0.45 5.39
CA PRO R 101 74.98 -1.76 4.74
C PRO R 101 76.09 -2.05 3.74
N GLU R 102 76.48 -1.05 2.95
CA GLU R 102 77.54 -1.26 1.98
C GLU R 102 78.86 -1.59 2.67
N GLU R 103 79.19 -0.87 3.74
CA GLU R 103 80.44 -1.15 4.45
C GLU R 103 80.45 -2.54 5.08
N LEU R 104 79.29 -3.12 5.35
CA LEU R 104 79.20 -4.46 5.91
C LEU R 104 79.01 -5.52 4.85
N GLY R 105 79.02 -5.15 3.56
CA GLY R 105 78.80 -6.10 2.49
C GLY R 105 77.38 -6.59 2.32
N LEU R 106 76.44 -6.04 3.08
CA LEU R 106 75.03 -6.46 3.03
C LEU R 106 74.31 -5.93 1.79
N ASP R 107 74.96 -5.17 0.92
CA ASP R 107 74.29 -4.77 -0.30
C ASP R 107 74.53 -5.75 -1.46
N LYS R 108 75.28 -6.83 -1.24
CA LYS R 108 75.55 -7.78 -2.32
C LYS R 108 74.58 -8.95 -2.25
N VAL R 109 74.00 -9.30 -3.40
CA VAL R 109 72.90 -10.26 -3.45
C VAL R 109 73.37 -11.65 -3.05
N ALA S 1 -13.68 -12.14 30.30
CA ALA S 1 -12.97 -11.35 29.29
C ALA S 1 -11.45 -11.55 29.39
N SER S 2 -10.97 -12.05 30.53
CA SER S 2 -9.54 -12.26 30.76
C SER S 2 -9.31 -13.40 31.73
N GLY S 3 -8.10 -13.93 31.70
CA GLY S 3 -7.73 -15.09 32.50
C GLY S 3 -6.26 -15.39 32.25
N GLY S 4 -5.79 -16.52 32.79
CA GLY S 4 -4.35 -16.83 32.76
C GLY S 4 -4.01 -18.17 32.13
N GLY S 5 -3.05 -18.95 32.67
CA GLY S 5 -2.77 -20.24 32.07
C GLY S 5 -1.59 -20.29 31.08
N VAL S 6 -0.98 -19.17 30.73
CA VAL S 6 0.17 -19.16 29.82
C VAL S 6 1.44 -19.07 30.66
N PRO S 7 2.39 -20.00 30.50
CA PRO S 7 3.65 -19.88 31.28
C PRO S 7 4.41 -18.63 30.88
N THR S 8 5.24 -18.13 31.80
CA THR S 8 6.14 -17.02 31.53
C THR S 8 7.55 -17.58 31.28
N ASP S 9 8.42 -16.76 30.66
CA ASP S 9 9.82 -17.16 30.57
C ASP S 9 10.42 -17.45 31.94
N GLU S 10 10.11 -16.63 32.93
CA GLU S 10 10.67 -16.88 34.27
C GLU S 10 10.37 -18.31 34.73
N GLU S 11 9.14 -18.78 34.47
CA GLU S 11 8.72 -20.12 34.87
C GLU S 11 9.30 -21.22 33.98
N GLN S 12 9.48 -20.96 32.69
CA GLN S 12 9.64 -22.10 31.79
C GLN S 12 10.86 -22.01 30.88
N ALA S 13 11.48 -20.85 30.70
CA ALA S 13 12.70 -20.80 29.91
C ALA S 13 13.75 -21.74 30.51
N THR S 14 14.56 -22.35 29.66
CA THR S 14 15.52 -23.37 30.11
C THR S 14 16.82 -23.24 29.34
N GLY S 15 17.78 -24.11 29.69
CA GLY S 15 19.06 -24.13 28.97
C GLY S 15 19.72 -22.77 28.84
N LEU S 16 20.33 -22.57 27.67
CA LEU S 16 21.08 -21.35 27.41
C LEU S 16 20.17 -20.13 27.42
N GLU S 17 18.95 -20.27 26.89
CA GLU S 17 18.04 -19.12 26.91
C GLU S 17 17.88 -18.60 28.35
N ARG S 18 17.69 -19.52 29.29
CA ARG S 18 17.54 -19.11 30.69
C ARG S 18 18.85 -18.56 31.26
N GLU S 19 20.00 -19.15 30.91
CA GLU S 19 21.27 -18.57 31.35
C GLU S 19 21.40 -17.12 30.90
N VAL S 20 21.12 -16.85 29.61
CA VAL S 20 21.22 -15.48 29.12
C VAL S 20 20.27 -14.57 29.88
N MET S 21 19.04 -15.04 30.10
CA MET S 21 18.04 -14.24 30.79
C MET S 21 18.51 -13.92 32.23
N LEU S 22 19.02 -14.92 32.93
CA LEU S 22 19.41 -14.70 34.32
C LEU S 22 20.64 -13.82 34.42
N ALA S 23 21.60 -13.98 33.51
CA ALA S 23 22.78 -13.11 33.55
C ALA S 23 22.40 -11.67 33.24
N ALA S 24 21.43 -11.47 32.36
CA ALA S 24 21.07 -10.11 31.97
C ALA S 24 20.41 -9.38 33.14
N ARG S 25 19.65 -10.09 33.96
CA ARG S 25 19.06 -9.47 35.12
C ARG S 25 20.13 -9.03 36.14
N LYS S 26 21.32 -9.65 36.13
CA LYS S 26 22.45 -9.24 36.95
C LYS S 26 23.38 -8.21 36.30
N GLY S 27 23.10 -7.80 35.06
CA GLY S 27 23.97 -6.92 34.31
C GLY S 27 25.27 -7.53 33.85
N GLN S 28 25.32 -8.85 33.71
CA GLN S 28 26.50 -9.55 33.21
C GLN S 28 26.26 -10.00 31.78
N ASP S 29 27.35 -10.21 31.05
CA ASP S 29 27.28 -10.62 29.65
C ASP S 29 28.24 -11.78 29.40
N PRO S 30 28.00 -12.93 30.03
CA PRO S 30 28.89 -14.08 29.80
C PRO S 30 28.85 -14.60 28.37
N TYR S 31 27.74 -14.39 27.63
CA TYR S 31 27.66 -14.89 26.25
C TYR S 31 27.89 -13.81 25.19
N ASN S 32 28.53 -12.70 25.56
CA ASN S 32 29.10 -11.79 24.56
C ASN S 32 28.05 -11.18 23.65
N ILE S 33 26.89 -10.89 24.21
CA ILE S 33 25.82 -10.32 23.39
C ILE S 33 26.06 -8.83 23.16
N LEU S 34 26.78 -8.15 24.05
CA LEU S 34 26.91 -6.70 24.02
C LEU S 34 28.30 -6.31 23.55
N ALA S 35 28.43 -5.19 22.86
CA ALA S 35 29.77 -4.72 22.56
C ALA S 35 30.37 -4.06 23.80
N PRO S 36 31.57 -4.43 24.21
CA PRO S 36 32.19 -3.78 25.37
C PRO S 36 32.64 -2.36 25.05
N LYS S 37 32.68 -1.51 26.07
CA LYS S 37 33.05 -0.12 25.87
C LYS S 37 34.54 0.03 26.17
N ALA S 38 35.25 0.77 25.32
CA ALA S 38 36.70 0.87 25.46
C ALA S 38 37.07 1.75 26.64
N THR S 39 38.24 1.51 27.21
CA THR S 39 38.85 2.44 28.15
C THR S 39 39.65 3.48 27.37
N SER S 40 40.51 4.23 28.06
CA SER S 40 41.40 5.12 27.33
C SER S 40 42.50 4.32 26.64
N GLY S 41 42.70 3.06 27.02
CA GLY S 41 43.59 2.22 26.24
C GLY S 41 45.07 2.50 26.44
N THR S 42 45.46 3.25 27.49
CA THR S 42 46.87 3.50 27.74
C THR S 42 47.46 2.30 28.45
N LYS S 43 48.78 2.32 28.62
CA LYS S 43 49.47 1.31 29.43
C LYS S 43 48.89 1.25 30.85
N GLU S 44 48.55 2.41 31.44
CA GLU S 44 48.04 2.41 32.81
C GLU S 44 46.58 2.01 32.87
N ASP S 45 45.85 2.06 31.74
CA ASP S 45 44.42 1.85 31.74
C ASP S 45 44.03 1.00 30.52
N PRO S 46 44.53 -0.24 30.44
CA PRO S 46 44.36 -1.01 29.20
C PRO S 46 42.92 -1.47 29.07
N ASN S 47 42.53 -1.79 27.84
CA ASN S 47 41.24 -2.43 27.69
C ASN S 47 41.34 -3.83 28.29
N LEU S 48 40.35 -4.23 29.08
CA LEU S 48 40.38 -5.51 29.78
C LEU S 48 39.54 -6.52 29.01
N VAL S 49 40.20 -7.58 28.53
CA VAL S 49 39.58 -8.52 27.59
C VAL S 49 39.35 -9.83 28.35
N PRO S 50 38.11 -10.16 28.69
CA PRO S 50 37.84 -11.41 29.42
C PRO S 50 38.10 -12.59 28.53
N SER S 51 38.52 -13.69 29.12
CA SER S 51 38.60 -14.92 28.34
C SER S 51 38.41 -16.09 29.26
N ILE S 52 37.78 -17.14 28.73
CA ILE S 52 37.77 -18.39 29.48
C ILE S 52 39.05 -19.17 29.30
N THR S 53 40.00 -18.68 28.51
CA THR S 53 41.26 -19.41 28.35
C THR S 53 42.39 -18.39 28.37
N ASN S 54 43.55 -18.73 27.79
CA ASN S 54 44.75 -17.92 27.94
C ASN S 54 45.09 -17.14 26.66
N LYS S 55 44.18 -17.13 25.68
CA LYS S 55 44.34 -16.22 24.56
C LYS S 55 42.98 -16.03 23.93
N ARG S 56 42.80 -14.88 23.29
CA ARG S 56 41.53 -14.55 22.64
C ARG S 56 41.82 -13.61 21.48
N ILE S 57 41.09 -13.77 20.35
CA ILE S 57 41.28 -12.83 19.27
C ILE S 57 40.62 -11.48 19.58
N VAL S 58 41.35 -10.40 19.35
CA VAL S 58 40.84 -9.04 19.45
C VAL S 58 40.73 -8.49 18.03
N GLY S 59 39.63 -7.80 17.74
CA GLY S 59 39.56 -6.94 16.56
C GLY S 59 39.54 -5.50 17.05
N CYS S 60 40.42 -4.68 16.49
CA CYS S 60 40.54 -3.28 16.89
C CYS S 60 40.07 -2.39 15.75
N ILE S 61 39.00 -1.65 16.01
CA ILE S 61 38.50 -0.59 15.11
C ILE S 61 39.18 0.69 15.59
N CYS S 62 40.30 1.03 14.95
CA CYS S 62 41.24 1.97 15.60
C CYS S 62 40.63 3.36 15.77
N GLU S 63 39.88 3.80 14.77
CA GLU S 63 39.20 5.08 14.78
C GLU S 63 37.77 4.86 14.35
N GLU S 64 36.89 5.72 14.83
CA GLU S 64 35.49 5.56 14.50
C GLU S 64 35.31 5.60 12.99
N ASP S 65 34.48 4.71 12.51
CA ASP S 65 34.15 4.62 11.08
C ASP S 65 35.26 4.06 10.21
N ASN S 66 36.44 3.69 10.76
CA ASN S 66 37.33 2.81 9.98
C ASN S 66 36.53 1.63 9.48
N SER S 67 36.65 1.32 8.20
CA SER S 67 36.10 0.06 7.74
C SER S 67 37.04 -1.14 7.97
N THR S 68 38.35 -0.89 8.07
CA THR S 68 39.32 -1.96 8.28
C THR S 68 39.37 -2.32 9.77
N VAL S 69 39.19 -3.59 10.11
CA VAL S 69 39.36 -4.05 11.49
C VAL S 69 40.73 -4.73 11.58
N ILE S 70 41.46 -4.49 12.67
CA ILE S 70 42.79 -5.08 12.87
C ILE S 70 42.66 -6.21 13.87
N TRP S 71 43.07 -7.42 13.48
CA TRP S 71 42.81 -8.65 14.24
C TRP S 71 44.12 -9.24 14.76
N PHE S 72 44.12 -9.67 16.03
CA PHE S 72 45.31 -10.34 16.54
C PHE S 72 44.96 -11.15 17.78
N TRP S 73 45.75 -12.18 18.05
CA TRP S 73 45.61 -12.96 19.27
C TRP S 73 46.16 -12.17 20.43
N LEU S 74 45.35 -12.02 21.48
CA LEU S 74 45.79 -11.40 22.71
C LEU S 74 46.10 -12.51 23.71
N HIS S 75 47.33 -12.51 24.24
CA HIS S 75 47.75 -13.57 25.14
C HIS S 75 47.75 -13.12 26.60
N LYS S 76 47.56 -14.11 27.48
CA LYS S 76 47.70 -13.88 28.91
C LYS S 76 49.08 -13.29 29.20
N GLY S 77 49.17 -12.37 30.16
CA GLY S 77 50.46 -11.79 30.52
C GLY S 77 50.46 -10.30 30.31
N GLU S 78 51.64 -9.76 30.03
CA GLU S 78 51.77 -8.31 29.84
C GLU S 78 50.82 -7.83 28.74
N ALA S 79 50.20 -6.67 28.96
CA ALA S 79 49.33 -6.07 27.95
C ALA S 79 50.02 -6.01 26.60
N GLN S 80 49.24 -6.12 25.52
CA GLN S 80 49.75 -6.00 24.16
C GLN S 80 49.12 -4.78 23.50
N ARG S 81 49.70 -4.37 22.38
CA ARG S 81 49.21 -3.17 21.70
C ARG S 81 48.69 -3.53 20.33
N CYS S 82 47.60 -2.88 19.92
CA CYS S 82 47.14 -2.99 18.54
C CYS S 82 48.29 -2.62 17.60
N PRO S 83 48.63 -3.46 16.62
CA PRO S 83 49.78 -3.13 15.75
C PRO S 83 49.49 -2.03 14.77
N SER S 84 48.25 -1.54 14.69
CA SER S 84 47.96 -0.34 13.91
C SER S 84 47.91 0.93 14.75
N CYS S 85 47.18 0.98 15.85
CA CYS S 85 47.04 2.24 16.58
C CYS S 85 47.76 2.25 17.93
N GLY S 86 48.28 1.13 18.37
CA GLY S 86 48.96 1.05 19.65
C GLY S 86 48.08 1.05 20.90
N THR S 87 46.76 1.04 20.80
CA THR S 87 46.00 1.02 22.05
C THR S 87 46.24 -0.29 22.80
N HIS S 88 46.16 -0.24 24.12
CA HIS S 88 46.60 -1.37 24.93
C HIS S 88 45.44 -2.31 25.27
N TYR S 89 45.74 -3.62 25.31
CA TYR S 89 44.78 -4.66 25.68
C TYR S 89 45.44 -5.63 26.63
N LYS S 90 44.67 -6.05 27.62
CA LYS S 90 45.13 -6.95 28.66
C LYS S 90 44.11 -8.08 28.84
N LEU S 91 44.57 -9.32 28.75
CA LEU S 91 43.66 -10.45 28.95
C LEU S 91 43.42 -10.60 30.46
N VAL S 92 42.18 -10.83 30.83
CA VAL S 92 41.79 -11.09 32.20
C VAL S 92 41.11 -12.46 32.17
N PRO S 93 41.87 -13.52 32.37
CA PRO S 93 41.25 -14.84 32.28
C PRO S 93 40.20 -15.08 33.37
N HIS S 94 38.93 -15.15 32.92
CA HIS S 94 38.12 -16.36 33.07
C HIS S 94 37.02 -16.31 34.12
N GLN S 95 36.42 -17.48 34.29
CA GLN S 95 35.26 -17.91 35.07
C GLN S 95 34.11 -18.24 34.12
N LEU S 96 33.17 -17.30 33.94
CA LEU S 96 31.81 -17.62 33.49
C LEU S 96 31.19 -18.58 34.49
N ALA S 97 31.36 -19.89 34.26
CA ALA S 97 30.69 -20.91 35.05
C ALA S 97 31.33 -21.06 36.43
N HIS S 98 30.51 -21.53 37.38
CA HIS S 98 30.91 -21.67 38.79
C HIS S 98 31.12 -23.15 39.14
N ALA T 1 -7.68 6.63 6.17
CA ALA T 1 -8.95 6.45 6.87
C ALA T 1 -8.79 6.20 8.39
N SER T 2 -9.84 6.54 9.13
CA SER T 2 -10.06 6.07 10.50
C SER T 2 -11.14 5.00 10.57
N ALA T 3 -11.70 4.60 9.40
CA ALA T 3 -12.81 3.65 9.22
C ALA T 3 -14.18 4.29 9.56
N ALA T 4 -14.55 4.32 10.85
CA ALA T 4 -15.63 5.12 11.42
C ALA T 4 -15.95 4.69 12.85
N LYS T 5 -14.95 4.32 13.66
CA LYS T 5 -15.23 3.79 14.99
C LYS T 5 -14.47 4.67 15.98
N GLY T 6 -13.57 4.12 16.81
CA GLY T 6 -12.96 4.98 17.81
C GLY T 6 -11.79 4.55 18.68
N ASP T 7 -11.87 3.36 19.31
CA ASP T 7 -11.07 2.98 20.48
C ASP T 7 -9.70 3.64 20.61
N HIS T 8 -8.65 3.01 20.08
CA HIS T 8 -7.24 3.45 20.12
C HIS T 8 -6.69 3.98 21.46
N GLY T 9 -7.49 3.98 22.54
CA GLY T 9 -6.89 4.15 23.85
C GLY T 9 -5.84 3.11 24.11
N GLY T 10 -6.11 1.87 23.68
CA GLY T 10 -5.16 0.78 23.63
C GLY T 10 -5.78 -0.36 22.82
N TPO T 11 -5.02 -0.90 21.87
CA TPO T 11 -5.54 -1.95 21.02
CB TPO T 11 -5.28 -1.52 19.54
CG2 TPO T 11 -4.06 -2.08 18.78
OG1 TPO T 11 -6.47 -1.66 18.74
P TPO T 11 -6.88 -0.65 17.53
O1P TPO T 11 -7.29 -1.43 16.19
O2P TPO T 11 -8.14 0.25 17.92
O3P TPO T 11 -5.64 0.29 17.20
C TPO T 11 -4.95 -3.30 21.50
O TPO T 11 -3.97 -3.81 20.99
N GLY T 12 -5.60 -3.85 22.53
CA GLY T 12 -5.24 -5.13 23.17
C GLY T 12 -6.20 -6.28 22.85
N ALA T 13 -6.16 -7.36 23.66
CA ALA T 13 -6.93 -8.56 23.34
C ALA T 13 -8.43 -8.27 23.35
N ARG T 14 -8.90 -7.53 24.34
CA ARG T 14 -10.32 -7.23 24.44
C ARG T 14 -10.84 -6.48 23.21
N THR T 15 -10.04 -5.53 22.70
CA THR T 15 -10.42 -4.80 21.48
C THR T 15 -10.43 -5.70 20.26
N TRP T 16 -9.40 -6.57 20.13
CA TRP T 16 -9.41 -7.41 18.94
C TRP T 16 -10.52 -8.47 19.00
N ARG T 17 -10.87 -8.92 20.19
CA ARG T 17 -12.01 -9.80 20.28
C ARG T 17 -13.30 -9.07 19.93
N PHE T 18 -13.40 -7.82 20.38
CA PHE T 18 -14.54 -6.97 20.05
C PHE T 18 -14.66 -6.82 18.53
N LEU T 19 -13.55 -6.62 17.84
CA LEU T 19 -13.59 -6.51 16.39
C LEU T 19 -13.94 -7.85 15.74
N THR T 20 -13.41 -8.96 16.30
CA THR T 20 -13.71 -10.29 15.76
C THR T 20 -15.21 -10.56 15.80
N PHE T 21 -15.85 -10.39 16.95
CA PHE T 21 -17.26 -10.72 17.03
C PHE T 21 -18.18 -9.58 16.62
N GLY T 22 -17.69 -8.34 16.61
CA GLY T 22 -18.60 -7.22 16.39
C GLY T 22 -18.58 -6.73 14.96
N LEU T 23 -17.49 -6.99 14.25
CA LEU T 23 -17.38 -6.57 12.86
C LEU T 23 -17.08 -7.74 11.91
N ALA T 24 -16.03 -8.52 12.21
CA ALA T 24 -15.49 -9.47 11.25
C ALA T 24 -16.47 -10.62 11.02
N LEU T 25 -16.89 -11.28 12.11
CA LEU T 25 -17.80 -12.41 11.92
C LEU T 25 -19.18 -11.96 11.43
N PRO T 26 -19.74 -10.81 11.90
CA PRO T 26 -20.98 -10.33 11.29
C PRO T 26 -20.84 -10.12 9.79
N SER T 27 -19.69 -9.62 9.33
CA SER T 27 -19.49 -9.47 7.88
C SER T 27 -19.52 -10.83 7.17
N VAL T 28 -18.83 -11.82 7.73
CA VAL T 28 -18.87 -13.15 7.13
C VAL T 28 -20.30 -13.68 7.11
N ALA T 29 -21.05 -13.48 8.19
CA ALA T 29 -22.45 -13.94 8.20
C ALA T 29 -23.28 -13.23 7.12
N LEU T 30 -23.04 -11.91 6.92
CA LEU T 30 -23.76 -11.20 5.86
C LEU T 30 -23.37 -11.69 4.48
N CYS T 31 -22.08 -11.89 4.22
CA CYS T 31 -21.70 -12.39 2.90
C CYS T 31 -22.16 -13.81 2.71
N THR T 32 -22.28 -14.58 3.81
CA THR T 32 -22.77 -15.94 3.69
C THR T 32 -24.27 -15.92 3.31
N LEU T 33 -25.02 -14.94 3.83
CA LEU T 33 -26.41 -14.70 3.39
C LEU T 33 -26.46 -14.27 1.92
N ASN T 34 -25.78 -13.19 1.56
CA ASN T 34 -25.67 -12.78 0.15
C ASN T 34 -25.39 -13.96 -0.78
N SER T 35 -24.43 -14.81 -0.42
CA SER T 35 -24.04 -15.94 -1.27
C SER T 35 -25.12 -17.00 -1.30
N TRP T 36 -25.58 -17.46 -0.11
CA TRP T 36 -26.52 -18.56 -0.01
C TRP T 36 -27.94 -18.10 -0.31
N LEU T 37 -28.03 -17.23 -1.32
CA LEU T 37 -29.23 -16.60 -1.83
C LEU T 37 -29.11 -16.53 -3.33
N HIS T 38 -27.97 -16.04 -3.82
CA HIS T 38 -27.67 -16.00 -5.24
C HIS T 38 -27.07 -17.31 -5.74
N SER T 39 -27.26 -18.40 -4.99
CA SER T 39 -26.79 -19.71 -5.42
C SER T 39 -27.90 -20.34 -6.26
N GLY T 40 -27.79 -21.63 -6.56
CA GLY T 40 -28.79 -22.21 -7.45
C GLY T 40 -28.40 -22.01 -8.90
N HIS T 41 -28.52 -23.09 -9.68
CA HIS T 41 -27.77 -23.24 -10.92
C HIS T 41 -28.24 -22.27 -12.00
N ARG T 42 -27.32 -21.47 -12.51
CA ARG T 42 -27.55 -20.66 -13.69
C ARG T 42 -27.50 -21.56 -14.92
N GLU T 43 -28.36 -21.28 -15.89
CA GLU T 43 -28.61 -22.20 -17.00
C GLU T 43 -27.47 -22.13 -18.03
N ARG T 44 -26.89 -23.30 -18.34
CA ARG T 44 -25.61 -23.36 -19.06
C ARG T 44 -25.73 -22.88 -20.51
N PRO T 45 -24.67 -22.31 -21.05
CA PRO T 45 -24.74 -21.71 -22.38
C PRO T 45 -24.60 -22.77 -23.48
N ALA T 46 -25.13 -22.40 -24.66
CA ALA T 46 -24.96 -23.22 -25.84
C ALA T 46 -23.47 -23.57 -26.01
N PHE T 47 -23.20 -24.79 -26.42
CA PHE T 47 -21.85 -25.21 -26.70
C PHE T 47 -21.41 -24.67 -28.05
N ILE T 48 -20.23 -24.08 -28.08
CA ILE T 48 -19.59 -23.67 -29.33
C ILE T 48 -18.17 -24.22 -29.23
N PRO T 49 -17.69 -25.01 -30.23
CA PRO T 49 -16.32 -25.59 -30.11
C PRO T 49 -15.22 -24.59 -30.47
N TYR T 50 -15.15 -23.49 -29.72
CA TYR T 50 -14.06 -22.53 -29.90
C TYR T 50 -12.69 -23.21 -29.77
N HIS T 51 -11.76 -22.82 -30.65
CA HIS T 51 -10.45 -23.46 -30.64
C HIS T 51 -9.51 -22.92 -29.56
N HIS T 52 -9.82 -21.81 -28.89
CA HIS T 52 -9.00 -21.32 -27.80
C HIS T 52 -9.47 -21.86 -26.45
N LEU T 53 -10.49 -22.71 -26.42
CA LEU T 53 -11.02 -23.34 -25.21
C LEU T 53 -10.91 -24.87 -25.32
N ARG T 54 -11.08 -25.55 -24.19
CA ARG T 54 -11.00 -27.01 -24.17
C ARG T 54 -9.69 -27.51 -24.81
N ILE T 55 -8.60 -26.82 -24.50
CA ILE T 55 -7.30 -27.14 -25.08
C ILE T 55 -6.91 -28.57 -24.76
N ARG T 56 -6.45 -29.30 -25.78
CA ARG T 56 -5.87 -30.62 -25.58
C ARG T 56 -4.57 -30.72 -26.38
N THR T 57 -3.43 -30.43 -25.76
CA THR T 57 -2.17 -30.71 -26.42
C THR T 57 -1.52 -31.99 -25.92
N LYS T 58 -1.98 -32.54 -24.80
CA LYS T 58 -1.46 -33.79 -24.28
C LYS T 58 -2.54 -34.38 -23.41
N PRO T 59 -2.76 -35.68 -23.41
CA PRO T 59 -3.82 -36.22 -22.54
C PRO T 59 -3.48 -35.97 -21.08
N PHE T 60 -4.50 -35.64 -20.29
CA PHE T 60 -4.33 -35.52 -18.84
C PHE T 60 -3.86 -36.87 -18.27
N SER T 61 -3.08 -36.80 -17.20
CA SER T 61 -2.49 -37.99 -16.59
C SER T 61 -3.46 -38.69 -15.63
N TRP T 62 -4.76 -38.69 -15.93
CA TRP T 62 -5.72 -39.41 -15.09
C TRP T 62 -6.95 -39.69 -15.93
N GLY T 63 -7.87 -40.50 -15.39
CA GLY T 63 -9.13 -40.81 -16.06
C GLY T 63 -8.92 -41.27 -17.49
N ASP T 64 -9.77 -40.80 -18.40
CA ASP T 64 -9.58 -41.16 -19.80
C ASP T 64 -8.66 -40.20 -20.55
N GLY T 65 -7.97 -39.32 -19.84
CA GLY T 65 -7.11 -38.32 -20.48
C GLY T 65 -7.82 -37.07 -20.99
N ASN T 66 -9.16 -37.06 -21.03
CA ASN T 66 -9.92 -35.99 -21.67
C ASN T 66 -10.82 -35.21 -20.70
N HIS T 67 -10.74 -35.51 -19.40
CA HIS T 67 -11.54 -34.82 -18.39
C HIS T 67 -10.63 -34.03 -17.48
N THR T 68 -10.96 -32.76 -17.25
CA THR T 68 -10.15 -31.97 -16.32
C THR T 68 -10.30 -32.47 -14.90
N PHE T 69 -9.43 -31.98 -14.01
CA PHE T 69 -9.27 -32.63 -12.70
C PHE T 69 -10.54 -32.54 -11.84
N PHE T 70 -11.23 -31.39 -11.87
CA PHE T 70 -12.52 -31.15 -11.20
C PHE T 70 -13.68 -30.97 -12.20
N HIS T 71 -13.67 -31.83 -13.21
CA HIS T 71 -14.71 -31.85 -14.24
C HIS T 71 -16.07 -31.97 -13.60
N ASN T 72 -16.97 -31.10 -14.03
CA ASN T 72 -18.35 -31.05 -13.61
C ASN T 72 -19.22 -31.28 -14.86
N PRO T 73 -19.82 -32.45 -15.01
CA PRO T 73 -20.64 -32.75 -16.22
C PRO T 73 -21.70 -31.74 -16.50
N ARG T 74 -22.24 -31.11 -15.46
CA ARG T 74 -23.32 -30.15 -15.65
C ARG T 74 -22.83 -28.94 -16.43
N VAL T 75 -21.60 -28.48 -16.19
CA VAL T 75 -21.21 -27.17 -16.72
C VAL T 75 -19.92 -27.20 -17.53
N ASN T 76 -19.21 -28.31 -17.52
CA ASN T 76 -17.94 -28.36 -18.27
C ASN T 76 -18.10 -29.26 -19.48
N PRO T 77 -18.23 -28.72 -20.68
CA PRO T 77 -18.25 -29.58 -21.87
C PRO T 77 -16.85 -30.10 -22.21
N LEU T 78 -16.81 -31.26 -22.84
CA LEU T 78 -15.60 -31.80 -23.45
C LEU T 78 -15.36 -31.10 -24.78
N PRO T 79 -14.20 -31.32 -25.40
CA PRO T 79 -13.97 -30.74 -26.74
C PRO T 79 -15.08 -31.02 -27.73
N THR T 80 -15.81 -32.12 -27.55
CA THR T 80 -16.91 -32.45 -28.45
C THR T 80 -18.27 -32.01 -27.96
N GLY T 81 -18.35 -31.41 -26.80
CA GLY T 81 -19.59 -30.89 -26.27
C GLY T 81 -19.91 -31.51 -24.92
N TYR T 82 -21.09 -31.17 -24.41
CA TYR T 82 -21.52 -31.63 -23.10
C TYR T 82 -21.75 -33.13 -23.10
N GLU T 83 -21.49 -33.75 -21.96
CA GLU T 83 -21.77 -35.16 -21.80
C GLU T 83 -23.27 -35.42 -21.60
N LYS T 84 -23.62 -36.71 -21.70
CA LYS T 84 -24.99 -37.19 -21.90
C LYS T 84 -25.99 -36.87 -20.77
N LYS U 7 -11.63 3.60 -58.04
CA LYS U 7 -11.95 4.95 -57.61
C LYS U 7 -11.29 5.27 -56.26
N ILE U 8 -10.58 6.41 -56.24
CA ILE U 8 -9.75 6.90 -55.14
C ILE U 8 -8.56 5.97 -54.93
N LYS U 9 -8.40 5.00 -55.85
CA LYS U 9 -7.47 3.88 -55.70
C LYS U 9 -6.15 4.11 -56.46
N ASN U 10 -5.56 3.00 -56.96
CA ASN U 10 -4.20 2.82 -57.47
C ASN U 10 -3.29 2.30 -56.37
N TYR U 11 -3.85 1.42 -55.56
CA TYR U 11 -3.19 0.78 -54.41
C TYR U 11 -1.88 0.11 -54.80
N GLN U 12 -0.83 0.36 -54.03
CA GLN U 12 0.39 -0.44 -54.12
C GLN U 12 0.50 -1.42 -52.95
N THR U 13 0.69 -0.93 -51.73
CA THR U 13 0.62 -1.83 -50.59
C THR U 13 -0.05 -1.08 -49.46
N ALA U 14 -0.20 -1.72 -48.31
CA ALA U 14 -0.88 -1.04 -47.20
C ALA U 14 -0.04 0.13 -46.72
N PRO U 15 -0.59 1.34 -46.60
CA PRO U 15 0.19 2.46 -46.04
C PRO U 15 0.42 2.31 -44.55
N PHE U 16 1.33 3.14 -44.05
CA PHE U 16 1.50 3.35 -42.62
C PHE U 16 0.16 3.74 -42.02
N ASP U 17 -0.13 3.16 -40.86
CA ASP U 17 -1.36 3.39 -40.11
C ASP U 17 -0.94 3.80 -38.70
N SER U 18 -1.23 5.05 -38.33
CA SER U 18 -0.81 5.58 -37.03
C SER U 18 -1.42 4.82 -35.86
N ARG U 19 -2.55 4.13 -36.06
CA ARG U 19 -3.05 3.25 -34.99
C ARG U 19 -2.08 2.12 -34.66
N PHE U 20 -1.25 1.69 -35.61
CA PHE U 20 -0.39 0.52 -35.43
C PHE U 20 1.01 0.89 -35.86
N PRO U 21 1.73 1.68 -35.08
CA PRO U 21 3.02 2.20 -35.54
C PRO U 21 4.22 1.34 -35.18
N ASN U 22 4.05 0.25 -34.48
CA ASN U 22 5.21 -0.46 -33.99
C ASN U 22 5.51 -1.74 -34.77
N GLN U 23 6.43 -2.53 -34.24
CA GLN U 23 6.96 -3.69 -34.98
C GLN U 23 5.90 -4.79 -35.06
N ASN U 24 5.12 -4.95 -34.00
CA ASN U 24 4.08 -5.99 -33.98
C ASN U 24 2.88 -5.49 -34.76
N GLN U 25 2.59 -6.11 -35.91
CA GLN U 25 1.54 -5.70 -36.80
C GLN U 25 0.36 -6.65 -36.71
N THR U 26 0.37 -7.53 -35.69
CA THR U 26 -0.72 -8.51 -35.57
C THR U 26 -2.10 -7.84 -35.55
N ARG U 27 -2.22 -6.75 -34.80
CA ARG U 27 -3.53 -6.13 -34.65
C ARG U 27 -3.97 -5.39 -35.93
N ASN U 28 -3.02 -4.91 -36.71
CA ASN U 28 -3.34 -4.23 -37.97
C ASN U 28 -4.02 -5.21 -38.93
N CYS U 29 -3.42 -6.40 -39.03
CA CYS U 29 -3.97 -7.49 -39.83
C CYS U 29 -5.37 -7.88 -39.35
N TRP U 30 -5.49 -8.17 -38.05
CA TRP U 30 -6.77 -8.51 -37.44
C TRP U 30 -7.82 -7.44 -37.68
N GLN U 31 -7.48 -6.17 -37.39
CA GLN U 31 -8.47 -5.10 -37.46
C GLN U 31 -9.00 -4.94 -38.88
N ASN U 32 -8.13 -5.05 -39.90
CA ASN U 32 -8.61 -4.90 -41.27
C ASN U 32 -9.39 -6.12 -41.75
N TYR U 33 -9.04 -7.30 -41.25
CA TYR U 33 -9.85 -8.49 -41.57
C TYR U 33 -11.27 -8.34 -40.98
N LEU U 34 -11.35 -7.88 -39.72
CA LEU U 34 -12.64 -7.64 -39.09
C LEU U 34 -13.43 -6.58 -39.86
N ASP U 35 -12.77 -5.44 -40.13
CA ASP U 35 -13.40 -4.34 -40.86
C ASP U 35 -13.94 -4.77 -42.20
N PHE U 36 -13.18 -5.57 -42.96
CA PHE U 36 -13.69 -6.02 -44.24
C PHE U 36 -14.92 -6.88 -44.05
N HIS U 37 -14.84 -7.85 -43.13
CA HIS U 37 -15.98 -8.75 -43.01
C HIS U 37 -17.17 -8.08 -42.32
N ARG U 38 -16.92 -7.15 -41.40
CA ARG U 38 -18.03 -6.36 -40.86
C ARG U 38 -18.68 -5.52 -41.96
N CYS U 39 -17.86 -4.82 -42.75
CA CYS U 39 -18.42 -4.02 -43.85
C CYS U 39 -19.18 -4.89 -44.82
N GLU U 40 -18.65 -6.08 -45.15
CA GLU U 40 -19.27 -6.94 -46.14
C GLU U 40 -20.63 -7.44 -45.70
N LYS U 41 -20.77 -7.78 -44.41
CA LYS U 41 -22.07 -8.21 -43.91
C LYS U 41 -23.06 -7.04 -43.92
N ALA U 42 -22.61 -5.83 -43.58
CA ALA U 42 -23.51 -4.68 -43.63
C ALA U 42 -23.95 -4.36 -45.06
N MET U 43 -23.08 -4.54 -46.05
CA MET U 43 -23.46 -4.37 -47.45
C MET U 43 -24.27 -5.53 -48.02
N THR U 44 -24.00 -6.77 -47.60
CA THR U 44 -24.78 -7.90 -48.11
C THR U 44 -26.16 -7.94 -47.48
N ALA U 45 -26.29 -7.40 -46.27
CA ALA U 45 -27.60 -7.22 -45.66
C ALA U 45 -28.36 -6.11 -46.37
N LYS U 46 -28.19 -4.87 -45.90
CA LYS U 46 -29.02 -3.72 -46.21
C LYS U 46 -29.24 -3.42 -47.70
N GLY U 47 -28.74 -4.29 -48.58
CA GLY U 47 -28.94 -4.06 -49.99
C GLY U 47 -28.07 -2.95 -50.53
N GLY U 48 -26.76 -3.09 -50.33
CA GLY U 48 -25.77 -2.20 -50.91
C GLY U 48 -24.79 -2.99 -51.76
N ASP U 49 -23.58 -2.47 -51.95
CA ASP U 49 -22.56 -3.11 -52.77
C ASP U 49 -21.27 -3.33 -51.98
N VAL U 50 -20.71 -4.54 -52.08
CA VAL U 50 -19.51 -4.93 -51.34
C VAL U 50 -18.28 -4.17 -51.83
N SER U 51 -18.33 -3.63 -53.04
CA SER U 51 -17.24 -2.85 -53.60
C SER U 51 -16.80 -1.74 -52.67
N VAL U 52 -17.69 -1.28 -51.78
CA VAL U 52 -17.31 -0.23 -50.84
C VAL U 52 -16.37 -0.76 -49.75
N CYS U 53 -16.33 -2.06 -49.53
CA CYS U 53 -15.47 -2.64 -48.51
C CYS U 53 -14.05 -2.90 -49.02
N GLU U 54 -13.73 -2.43 -50.22
CA GLU U 54 -12.55 -2.89 -50.94
C GLU U 54 -11.25 -2.50 -50.25
N TRP U 55 -11.19 -1.31 -49.66
CA TRP U 55 -9.95 -0.87 -49.04
C TRP U 55 -9.52 -1.86 -47.96
N TYR U 56 -10.45 -2.27 -47.10
CA TYR U 56 -10.13 -3.23 -46.04
C TYR U 56 -9.72 -4.59 -46.60
N ARG U 57 -10.32 -4.98 -47.71
CA ARG U 57 -9.94 -6.26 -48.30
C ARG U 57 -8.51 -6.21 -48.78
N ARG U 58 -8.12 -5.09 -49.41
CA ARG U 58 -6.77 -5.00 -49.96
C ARG U 58 -5.75 -4.95 -48.84
N VAL U 59 -6.05 -4.21 -47.77
CA VAL U 59 -5.07 -4.07 -46.68
C VAL U 59 -4.87 -5.39 -45.96
N TYR U 60 -5.96 -6.10 -45.62
CA TYR U 60 -5.74 -7.35 -44.88
C TYR U 60 -5.11 -8.40 -45.79
N LYS U 61 -5.46 -8.40 -47.08
CA LYS U 61 -4.78 -9.33 -47.97
C LYS U 61 -3.30 -9.01 -48.07
N SER U 62 -2.93 -7.73 -48.09
CA SER U 62 -1.51 -7.36 -48.11
C SER U 62 -0.79 -7.82 -46.85
N LEU U 63 -1.42 -7.61 -45.69
CA LEU U 63 -0.68 -7.76 -44.44
C LEU U 63 -0.75 -9.15 -43.83
N CYS U 64 -1.90 -9.86 -43.97
CA CYS U 64 -2.19 -11.06 -43.16
C CYS U 64 -1.57 -12.30 -43.80
N PRO U 65 -0.86 -13.11 -43.02
CA PRO U 65 -0.41 -14.43 -43.50
C PRO U 65 -1.58 -15.21 -44.06
N ILE U 66 -1.30 -15.94 -45.15
CA ILE U 66 -2.35 -16.72 -45.83
C ILE U 66 -2.98 -17.72 -44.86
N SER U 67 -2.15 -18.35 -44.00
CA SER U 67 -2.71 -19.37 -43.12
C SER U 67 -3.62 -18.74 -42.06
N TRP U 68 -3.34 -17.51 -41.66
CA TRP U 68 -4.23 -16.81 -40.72
C TRP U 68 -5.58 -16.54 -41.36
N VAL U 69 -5.58 -15.99 -42.58
CA VAL U 69 -6.82 -15.73 -43.30
C VAL U 69 -7.60 -17.04 -43.50
N SER U 70 -6.89 -18.08 -43.94
CA SER U 70 -7.54 -19.39 -44.16
C SER U 70 -8.20 -19.92 -42.88
N THR U 71 -7.46 -19.90 -41.75
CA THR U 71 -7.99 -20.38 -40.48
C THR U 71 -9.19 -19.54 -40.02
N TRP U 72 -9.07 -18.21 -40.11
CA TRP U 72 -10.20 -17.37 -39.73
C TRP U 72 -11.41 -17.62 -40.61
N ASP U 73 -11.19 -17.75 -41.93
CA ASP U 73 -12.30 -18.06 -42.84
C ASP U 73 -12.96 -19.36 -42.43
N ASP U 74 -12.16 -20.39 -42.17
CA ASP U 74 -12.71 -21.69 -41.75
C ASP U 74 -13.56 -21.54 -40.51
N ARG U 75 -13.05 -20.79 -39.52
CA ARG U 75 -13.79 -20.71 -38.26
C ARG U 75 -15.07 -19.88 -38.39
N ARG U 76 -15.05 -18.80 -39.19
CA ARG U 76 -16.32 -18.13 -39.51
C ARG U 76 -17.36 -19.11 -40.08
N ALA U 77 -16.95 -19.98 -41.00
CA ALA U 77 -17.89 -20.93 -41.59
C ALA U 77 -18.30 -22.01 -40.59
N GLU U 78 -17.43 -22.38 -39.66
CA GLU U 78 -17.76 -23.32 -38.60
C GLU U 78 -18.60 -22.71 -37.47
N GLY U 79 -18.70 -21.39 -37.37
CA GLY U 79 -19.34 -20.75 -36.24
C GLY U 79 -18.45 -20.61 -35.00
N THR U 80 -17.13 -20.69 -35.14
CA THR U 80 -16.21 -20.65 -33.98
C THR U 80 -15.29 -19.44 -34.02
N PHE U 81 -15.54 -18.51 -34.93
CA PHE U 81 -14.70 -17.32 -35.00
C PHE U 81 -14.95 -16.48 -33.75
N PRO U 82 -13.91 -16.13 -32.99
CA PRO U 82 -14.14 -15.50 -31.68
C PRO U 82 -14.32 -14.00 -31.75
N GLY U 83 -14.00 -13.36 -32.88
CA GLY U 83 -14.27 -11.94 -32.98
C GLY U 83 -15.74 -11.68 -33.36
N LYS U 84 -16.20 -10.47 -33.12
CA LYS U 84 -17.58 -10.11 -33.42
C LYS U 84 -17.67 -9.56 -34.83
N ILE U 85 -18.48 -10.19 -35.66
CA ILE U 85 -18.78 -9.69 -36.99
C ILE U 85 -20.30 -9.49 -37.01
C1A SAC V 1 86.55 14.50 -4.87
C2A SAC V 1 86.18 13.19 -5.46
OAC SAC V 1 87.73 14.85 -4.84
N SAC V 1 85.54 15.26 -4.43
CA SAC V 1 85.39 15.80 -3.06
C SAC V 1 84.32 16.87 -2.88
O SAC V 1 84.53 17.76 -2.03
CB SAC V 1 86.69 16.42 -2.57
OG SAC V 1 87.27 15.68 -1.49
N THR V 2 83.19 16.82 -3.60
CA THR V 2 82.23 17.93 -3.51
C THR V 2 80.79 17.54 -3.11
N ALA V 3 80.09 18.49 -2.47
CA ALA V 3 78.89 18.23 -1.68
C ALA V 3 77.65 18.01 -2.53
N LEU V 4 76.93 16.94 -2.23
CA LEU V 4 75.71 16.61 -2.97
C LEU V 4 74.58 17.57 -2.61
N ALA V 5 73.83 18.04 -3.60
CA ALA V 5 72.65 18.87 -3.32
C ALA V 5 71.44 18.00 -2.95
N LYS V 6 70.49 18.59 -2.24
CA LYS V 6 69.32 17.90 -1.74
C LYS V 6 68.42 17.45 -2.88
N PRO V 7 68.16 16.16 -3.03
CA PRO V 7 67.24 15.70 -4.07
C PRO V 7 65.80 15.80 -3.61
N GLN V 8 64.89 15.77 -4.58
CA GLN V 8 63.51 15.75 -4.17
C GLN V 8 63.18 14.38 -3.57
N MET V 9 62.60 14.38 -2.37
CA MET V 9 62.46 13.14 -1.65
C MET V 9 61.02 12.80 -1.33
N ARG V 10 60.07 13.70 -1.62
CA ARG V 10 58.67 13.48 -1.33
C ARG V 10 57.86 13.29 -2.60
N GLY V 11 56.83 12.45 -2.50
CA GLY V 11 55.88 12.25 -3.58
C GLY V 11 56.45 11.60 -4.82
N LEU V 12 57.44 10.73 -4.67
CA LEU V 12 58.04 10.12 -5.85
C LEU V 12 57.05 9.23 -6.60
N LEU V 13 56.22 8.50 -5.86
CA LEU V 13 55.23 7.63 -6.52
C LEU V 13 54.17 8.47 -7.24
N ALA V 14 53.68 9.51 -6.56
CA ALA V 14 52.69 10.40 -7.17
C ALA V 14 53.25 11.08 -8.40
N ARG V 15 54.48 11.55 -8.34
CA ARG V 15 55.09 12.20 -9.50
C ARG V 15 55.18 11.21 -10.67
N ARG V 16 55.64 9.99 -10.38
CA ARG V 16 55.68 8.98 -11.45
C ARG V 16 54.28 8.73 -12.04
N LEU V 17 53.26 8.64 -11.18
CA LEU V 17 51.90 8.37 -11.68
C LEU V 17 51.44 9.49 -12.61
N ARG V 18 51.62 10.74 -12.16
CA ARG V 18 51.24 11.89 -12.97
C ARG V 18 51.93 11.86 -14.32
N PHE V 19 53.24 11.64 -14.33
CA PHE V 19 53.99 11.63 -15.58
C PHE V 19 53.41 10.62 -16.58
N HIS V 20 53.11 9.41 -16.10
CA HIS V 20 52.68 8.38 -17.05
C HIS V 20 51.19 8.48 -17.42
N ILE V 21 50.35 9.02 -16.55
CA ILE V 21 48.97 9.23 -16.94
C ILE V 21 48.91 10.32 -18.02
N VAL V 22 49.71 11.38 -17.87
CA VAL V 22 49.77 12.36 -18.95
C VAL V 22 50.29 11.71 -20.23
N GLY V 23 51.35 10.91 -20.11
CA GLY V 23 51.85 10.19 -21.27
C GLY V 23 50.79 9.32 -21.92
N ALA V 24 50.00 8.60 -21.11
CA ALA V 24 48.97 7.71 -21.65
C ALA V 24 47.87 8.50 -22.35
N PHE V 25 47.51 9.66 -21.81
CA PHE V 25 46.57 10.53 -22.50
C PHE V 25 47.10 10.96 -23.86
N MET V 26 48.37 11.39 -23.92
CA MET V 26 48.98 11.77 -25.19
C MET V 26 48.91 10.63 -26.20
N VAL V 27 49.30 9.42 -25.76
CA VAL V 27 49.25 8.26 -26.66
C VAL V 27 47.82 8.00 -27.10
N SER V 28 46.86 8.15 -26.19
CA SER V 28 45.46 7.96 -26.54
C SER V 28 45.05 8.89 -27.67
N LEU V 29 45.47 10.16 -27.61
CA LEU V 29 45.15 11.14 -28.65
C LEU V 29 45.74 10.74 -29.99
N GLY V 30 47.02 10.39 -29.99
CA GLY V 30 47.66 9.92 -31.21
C GLY V 30 46.96 8.70 -31.77
N PHE V 31 46.59 7.77 -30.90
CA PHE V 31 45.86 6.60 -31.38
C PHE V 31 44.54 7.00 -32.02
N ALA V 32 43.75 7.85 -31.34
CA ALA V 32 42.48 8.26 -31.92
C ALA V 32 42.68 8.93 -33.26
N THR V 33 43.73 9.73 -33.39
CA THR V 33 44.01 10.39 -34.66
C THR V 33 44.39 9.38 -35.73
N PHE V 34 45.30 8.46 -35.40
CA PHE V 34 45.60 7.37 -36.31
C PHE V 34 44.34 6.59 -36.71
N TYR V 35 43.46 6.34 -35.75
CA TYR V 35 42.31 5.48 -36.03
C TYR V 35 41.30 6.23 -36.90
N LYS V 36 41.11 7.51 -36.62
CA LYS V 36 40.15 8.29 -37.41
C LYS V 36 40.67 8.59 -38.76
N PHE V 37 41.83 8.05 -39.11
CA PHE V 37 42.38 8.17 -40.44
C PHE V 37 42.55 6.82 -41.12
N ALA V 38 43.06 5.82 -40.42
CA ALA V 38 43.25 4.50 -40.96
C ALA V 38 42.00 3.66 -40.98
N VAL V 39 40.95 4.02 -40.22
CA VAL V 39 39.78 3.15 -40.13
C VAL V 39 38.54 3.97 -40.48
N ALA V 40 38.25 4.98 -39.66
CA ALA V 40 36.93 5.62 -39.74
C ALA V 40 36.79 6.45 -41.00
N GLU V 41 37.73 7.37 -41.23
CA GLU V 41 37.70 8.16 -42.47
C GLU V 41 37.93 7.27 -43.68
N LYS V 42 38.82 6.27 -43.55
CA LYS V 42 39.05 5.41 -44.70
C LYS V 42 37.76 4.71 -45.13
N ARG V 43 36.98 4.24 -44.16
CA ARG V 43 35.71 3.59 -44.47
C ARG V 43 34.72 4.57 -45.08
N LYS V 44 34.60 5.77 -44.51
CA LYS V 44 33.64 6.74 -45.06
C LYS V 44 33.99 7.09 -46.49
N LYS V 45 35.28 7.22 -46.77
CA LYS V 45 35.69 7.59 -48.11
C LYS V 45 35.54 6.44 -49.09
N ALA V 46 35.75 5.20 -48.63
CA ALA V 46 35.54 4.03 -49.50
C ALA V 46 34.09 3.94 -49.95
N TYR V 47 33.13 4.10 -49.03
CA TYR V 47 31.73 4.06 -49.42
C TYR V 47 31.36 5.25 -50.30
N ALA V 48 31.88 6.44 -49.97
CA ALA V 48 31.55 7.64 -50.74
C ALA V 48 32.08 7.53 -52.17
N ASP V 49 33.30 7.02 -52.32
CA ASP V 49 33.87 6.90 -53.67
C ASP V 49 33.15 5.82 -54.44
N PHE V 50 32.85 4.68 -53.81
CA PHE V 50 32.16 3.61 -54.51
C PHE V 50 30.88 4.12 -55.13
N TYR V 51 30.08 4.86 -54.37
CA TYR V 51 28.77 5.22 -54.86
C TYR V 51 28.73 6.52 -55.65
N ARG V 52 29.83 7.29 -55.70
CA ARG V 52 29.76 8.61 -56.31
C ARG V 52 29.33 8.52 -57.77
N ASN V 53 29.89 7.56 -58.50
CA ASN V 53 29.52 7.34 -59.90
C ASN V 53 28.97 5.92 -60.16
N TYR V 54 28.38 5.31 -59.14
CA TYR V 54 27.90 3.93 -59.23
C TYR V 54 26.67 3.83 -60.13
N ASP V 55 26.69 2.87 -61.05
CA ASP V 55 25.60 2.69 -62.02
C ASP V 55 24.96 1.34 -61.69
N SER V 56 23.86 1.36 -60.95
CA SER V 56 23.24 0.13 -60.46
C SER V 56 22.69 -0.73 -61.60
N MET V 57 22.13 -0.11 -62.66
CA MET V 57 21.67 -0.91 -63.81
C MET V 57 22.81 -1.59 -64.51
N LYS V 58 23.91 -0.87 -64.70
CA LYS V 58 25.08 -1.50 -65.30
C LYS V 58 25.60 -2.63 -64.42
N ASP V 59 25.65 -2.42 -63.10
CA ASP V 59 26.02 -3.50 -62.18
C ASP V 59 25.12 -4.71 -62.36
N PHE V 60 23.80 -4.47 -62.42
CA PHE V 60 22.84 -5.56 -62.60
C PHE V 60 23.09 -6.30 -63.91
N GLU V 61 23.29 -5.55 -65.00
CA GLU V 61 23.45 -6.20 -66.30
C GLU V 61 24.68 -7.09 -66.32
N GLU V 62 25.78 -6.62 -65.70
CA GLU V 62 27.00 -7.42 -65.61
C GLU V 62 26.72 -8.71 -64.85
N MET V 63 26.01 -8.59 -63.73
CA MET V 63 25.67 -9.78 -62.97
C MET V 63 24.74 -10.68 -63.78
N ARG V 64 23.75 -10.10 -64.45
CA ARG V 64 22.82 -10.90 -65.28
C ARG V 64 23.55 -11.64 -66.38
N LYS V 65 24.45 -10.94 -67.05
CA LYS V 65 25.18 -11.59 -68.15
C LYS V 65 26.10 -12.71 -67.65
N ALA V 66 26.61 -12.59 -66.42
CA ALA V 66 27.39 -13.68 -65.83
C ALA V 66 26.53 -14.87 -65.39
N GLY V 67 25.20 -14.77 -65.49
CA GLY V 67 24.29 -15.85 -65.14
C GLY V 67 23.96 -15.96 -63.65
N ILE V 68 24.13 -14.92 -62.85
CA ILE V 68 23.96 -15.19 -61.40
C ILE V 68 22.50 -15.26 -60.98
N PHE V 69 21.56 -14.70 -61.77
CA PHE V 69 20.19 -14.51 -61.30
C PHE V 69 19.29 -15.66 -61.66
N GLN V 70 18.44 -16.04 -60.74
CA GLN V 70 17.53 -17.08 -61.16
C GLN V 70 16.24 -16.55 -61.77
N SER V 71 15.90 -15.28 -61.52
CA SER V 71 14.71 -14.72 -62.12
C SER V 71 14.99 -13.96 -63.42
N ALA V 72 16.23 -13.80 -63.80
CA ALA V 72 16.59 -12.91 -64.90
C ALA V 72 17.81 -13.54 -65.53
N LYS V 73 17.55 -14.49 -66.41
CA LYS V 73 18.63 -15.24 -67.01
C LYS V 73 19.31 -14.41 -68.10
N PHE W 1 -6.15 -29.92 30.17
CA PHE W 1 -4.78 -30.41 30.02
C PHE W 1 -3.86 -29.75 31.04
N GLU W 2 -2.75 -30.41 31.36
CA GLU W 2 -1.80 -29.85 32.31
C GLU W 2 -0.44 -29.67 31.64
N ASN W 3 0.33 -28.77 32.23
CA ASN W 3 1.58 -28.33 31.63
C ASN W 3 2.65 -29.33 32.00
N ARG W 4 3.08 -30.17 31.06
CA ARG W 4 4.15 -31.15 31.30
C ARG W 4 5.44 -30.79 30.57
N VAL W 5 5.63 -29.52 30.24
CA VAL W 5 6.86 -29.11 29.56
C VAL W 5 8.09 -29.46 30.40
N ALA W 6 8.01 -29.27 31.73
CA ALA W 6 9.18 -29.53 32.58
C ALA W 6 9.68 -30.96 32.45
N GLU W 7 8.75 -31.92 32.30
CA GLU W 7 9.15 -33.32 32.14
C GLU W 7 9.88 -33.52 30.81
N LYS W 8 9.42 -32.86 29.75
CA LYS W 8 10.10 -32.99 28.46
C LYS W 8 11.47 -32.34 28.47
N GLN W 9 11.59 -31.22 29.18
CA GLN W 9 12.87 -30.54 29.31
C GLN W 9 13.88 -31.46 30.00
N LYS W 10 13.45 -32.13 31.07
CA LYS W 10 14.34 -33.07 31.74
C LYS W 10 14.75 -34.20 30.79
N LEU W 11 13.79 -34.76 30.04
CA LEU W 11 14.12 -35.82 29.09
C LEU W 11 15.10 -35.35 28.02
N PHE W 12 14.85 -34.21 27.39
CA PHE W 12 15.70 -33.85 26.28
C PHE W 12 16.98 -33.21 26.73
N GLN W 13 17.16 -32.98 28.03
CA GLN W 13 18.43 -32.50 28.53
C GLN W 13 19.24 -33.59 29.22
N GLU W 14 18.74 -34.82 29.23
CA GLU W 14 19.51 -35.91 29.82
C GLU W 14 20.87 -36.07 29.14
N ASP W 15 21.92 -36.27 29.95
CA ASP W 15 23.28 -36.33 29.40
C ASP W 15 23.54 -37.79 28.97
N ASN W 16 22.99 -38.15 27.81
CA ASN W 16 23.07 -39.54 27.35
C ASN W 16 23.77 -39.66 26.02
N GLY W 17 24.34 -38.55 25.52
CA GLY W 17 25.05 -38.55 24.26
C GLY W 17 24.20 -38.57 23.00
N LEU W 18 22.87 -38.73 23.10
CA LEU W 18 22.07 -38.93 21.90
C LEU W 18 21.87 -37.60 21.16
N PRO W 19 21.88 -37.62 19.83
CA PRO W 19 21.51 -36.39 19.10
C PRO W 19 19.99 -36.16 19.15
N VAL W 20 19.61 -34.91 18.90
CA VAL W 20 18.24 -34.51 19.20
C VAL W 20 17.21 -35.32 18.42
N HIS W 21 17.55 -35.79 17.22
CA HIS W 21 16.54 -36.52 16.45
C HIS W 21 16.30 -37.93 16.98
N LEU W 22 17.13 -38.44 17.90
CA LEU W 22 16.96 -39.75 18.52
C LEU W 22 16.63 -39.66 20.00
N LYS W 23 16.59 -38.46 20.54
CA LYS W 23 16.61 -38.31 22.00
C LYS W 23 15.26 -38.60 22.65
N GLY W 24 14.17 -38.66 21.88
CA GLY W 24 12.93 -39.01 22.55
C GLY W 24 12.77 -40.48 22.86
N GLY W 25 13.59 -41.36 22.26
CA GLY W 25 13.54 -42.77 22.62
C GLY W 25 13.38 -43.67 21.40
N ALA W 26 13.00 -44.92 21.67
CA ALA W 26 13.03 -45.96 20.65
C ALA W 26 12.15 -45.62 19.46
N THR W 27 11.02 -44.94 19.72
CA THR W 27 10.15 -44.50 18.63
C THR W 27 10.89 -43.62 17.64
N ASP W 28 11.82 -42.78 18.12
CA ASP W 28 12.59 -41.97 17.18
C ASP W 28 13.38 -42.86 16.22
N ASN W 29 14.01 -43.92 16.76
CA ASN W 29 14.83 -44.77 15.90
C ASN W 29 13.96 -45.43 14.84
N ILE W 30 12.76 -45.85 15.23
CA ILE W 30 11.86 -46.51 14.29
C ILE W 30 11.46 -45.54 13.17
N LEU W 31 10.99 -44.37 13.54
CA LEU W 31 10.59 -43.42 12.53
C LEU W 31 11.78 -43.06 11.65
N TYR W 32 12.98 -42.92 12.24
CA TYR W 32 14.17 -42.63 11.44
C TYR W 32 14.43 -43.73 10.43
N ARG W 33 14.38 -44.98 10.87
CA ARG W 33 14.68 -46.09 9.97
C ARG W 33 13.63 -46.20 8.87
N VAL W 34 12.35 -45.95 9.18
CA VAL W 34 11.35 -45.96 8.13
C VAL W 34 11.62 -44.87 7.12
N THR W 35 11.95 -43.68 7.60
CA THR W 35 12.20 -42.56 6.68
C THR W 35 13.39 -42.85 5.77
N MET W 36 14.51 -43.25 6.37
CA MET W 36 15.69 -43.50 5.58
C MET W 36 15.50 -44.70 4.64
N THR W 37 14.75 -45.73 5.08
CA THR W 37 14.52 -46.87 4.19
C THR W 37 13.71 -46.46 2.95
N LEU W 38 12.62 -45.70 3.14
CA LEU W 38 11.86 -45.22 1.99
C LEU W 38 12.70 -44.32 1.07
N CYS W 39 13.53 -43.44 1.64
CA CYS W 39 14.32 -42.53 0.81
C CYS W 39 15.35 -43.28 -0.02
N LEU W 40 16.15 -44.15 0.62
CA LEU W 40 17.17 -44.89 -0.11
C LEU W 40 16.56 -45.92 -1.06
N GLY W 41 15.53 -46.64 -0.62
CA GLY W 41 14.86 -47.55 -1.51
C GLY W 41 14.15 -46.83 -2.65
N GLY W 42 13.49 -45.72 -2.36
CA GLY W 42 12.91 -44.94 -3.43
C GLY W 42 13.95 -44.45 -4.43
N THR W 43 15.08 -43.96 -3.94
CA THR W 43 16.14 -43.47 -4.82
C THR W 43 16.69 -44.60 -5.69
N LEU W 44 16.95 -45.76 -5.09
CA LEU W 44 17.35 -46.90 -5.91
C LEU W 44 16.29 -47.18 -6.97
N TYR W 45 15.01 -47.19 -6.59
CA TYR W 45 13.94 -47.38 -7.55
C TYR W 45 13.95 -46.30 -8.65
N SER W 46 14.21 -45.04 -8.28
CA SER W 46 14.27 -44.02 -9.31
C SER W 46 15.42 -44.29 -10.28
N LEU W 47 16.54 -44.81 -9.78
CA LEU W 47 17.66 -45.19 -10.66
C LEU W 47 17.25 -46.31 -11.61
N TYR W 48 16.52 -47.29 -11.09
CA TYR W 48 16.01 -48.33 -11.95
C TYR W 48 15.06 -47.75 -13.01
N CYS W 49 14.22 -46.79 -12.61
CA CYS W 49 13.32 -46.20 -13.58
C CYS W 49 14.10 -45.44 -14.66
N LEU W 50 15.21 -44.81 -14.26
CA LEU W 50 16.06 -44.11 -15.23
C LEU W 50 16.63 -45.09 -16.23
N GLY W 51 17.19 -46.21 -15.76
CA GLY W 51 17.71 -47.23 -16.65
C GLY W 51 16.67 -47.69 -17.65
N TRP W 52 15.46 -47.95 -17.17
CA TRP W 52 14.37 -48.37 -18.04
C TRP W 52 13.99 -47.29 -19.05
N ALA W 53 13.87 -46.03 -18.59
CA ALA W 53 13.43 -44.98 -19.52
C ALA W 53 14.56 -44.52 -20.44
N SER W 54 15.79 -44.96 -20.20
CA SER W 54 16.93 -44.53 -21.01
C SER W 54 17.01 -45.22 -22.37
N PHE W 55 16.15 -46.20 -22.63
CA PHE W 55 16.22 -46.98 -23.85
C PHE W 55 14.86 -47.06 -24.51
N PRO W 56 14.83 -47.29 -25.82
CA PRO W 56 13.55 -47.45 -26.52
C PRO W 56 12.95 -48.82 -26.24
N HIS W 57 11.63 -48.90 -26.39
CA HIS W 57 10.93 -50.18 -26.29
C HIS W 57 10.09 -50.48 -27.52
N LYS W 58 10.17 -49.64 -28.55
CA LYS W 58 9.61 -49.92 -29.87
C LYS W 58 8.10 -50.15 -29.82
N ALA X 6 73.38 -21.21 -3.02
CA ALA X 6 72.95 -22.59 -3.32
C ALA X 6 71.98 -22.61 -4.50
N PRO X 7 72.47 -22.97 -5.70
CA PRO X 7 71.62 -22.87 -6.90
C PRO X 7 70.43 -23.81 -6.81
N ASP X 8 69.27 -23.31 -7.25
CA ASP X 8 68.03 -24.05 -7.14
C ASP X 8 67.76 -24.79 -8.45
N PHE X 9 66.54 -25.33 -8.56
CA PHE X 9 66.10 -26.01 -9.78
C PHE X 9 66.22 -25.11 -11.01
N HIS X 10 65.80 -23.85 -10.88
CA HIS X 10 65.74 -22.95 -12.02
C HIS X 10 67.14 -22.55 -12.49
N ASP X 11 68.07 -22.34 -11.56
CA ASP X 11 69.46 -22.08 -11.95
C ASP X 11 70.06 -23.27 -12.69
N LYS X 12 69.71 -24.48 -12.27
CA LYS X 12 70.27 -25.68 -12.87
C LYS X 12 69.61 -26.02 -14.19
N TYR X 13 68.28 -25.96 -14.27
CA TYR X 13 67.54 -26.49 -15.44
C TYR X 13 66.81 -25.45 -16.26
N GLY X 14 66.75 -24.20 -15.79
CA GLY X 14 65.86 -23.24 -16.42
C GLY X 14 66.17 -23.03 -17.89
N ASN X 15 67.46 -22.84 -18.20
CA ASN X 15 67.85 -22.63 -19.59
C ASN X 15 67.44 -23.82 -20.45
N ALA X 16 67.66 -25.05 -19.94
CA ALA X 16 67.31 -26.24 -20.71
C ALA X 16 65.80 -26.38 -20.88
N VAL X 17 65.02 -26.21 -19.80
CA VAL X 17 63.55 -26.25 -19.92
C VAL X 17 63.08 -25.22 -20.94
N LEU X 18 63.58 -23.99 -20.82
CA LEU X 18 63.15 -22.93 -21.72
C LEU X 18 63.45 -23.28 -23.18
N ALA X 19 64.69 -23.70 -23.44
CA ALA X 19 65.14 -23.95 -24.80
C ALA X 19 64.43 -25.16 -25.41
N SER X 20 64.35 -26.27 -24.67
CA SER X 20 63.72 -27.45 -25.25
C SER X 20 62.21 -27.30 -25.33
N GLY X 21 61.59 -26.66 -24.35
CA GLY X 21 60.14 -26.42 -24.44
C GLY X 21 59.77 -25.61 -25.67
N ALA X 22 60.49 -24.51 -25.91
CA ALA X 22 60.19 -23.67 -27.06
C ALA X 22 60.43 -24.41 -28.38
N THR X 23 61.54 -25.13 -28.48
CA THR X 23 61.84 -25.89 -29.69
C THR X 23 60.80 -26.97 -29.95
N PHE X 24 60.45 -27.73 -28.92
CA PHE X 24 59.41 -28.74 -29.06
C PHE X 24 58.09 -28.11 -29.46
N CYS X 25 57.70 -27.03 -28.77
CA CYS X 25 56.41 -26.41 -29.03
C CYS X 25 56.30 -25.93 -30.46
N VAL X 26 57.31 -25.21 -30.93
CA VAL X 26 57.30 -24.69 -32.29
C VAL X 26 57.27 -25.85 -33.28
N ALA X 27 58.11 -26.85 -33.05
CA ALA X 27 58.19 -27.91 -34.03
C ALA X 27 56.87 -28.64 -34.18
N VAL X 28 56.20 -28.96 -33.06
CA VAL X 28 55.02 -29.82 -33.18
C VAL X 28 53.82 -29.04 -33.75
N TRP X 29 53.68 -27.75 -33.40
CA TRP X 29 52.59 -26.94 -33.96
C TRP X 29 52.82 -26.65 -35.44
N VAL X 30 54.07 -26.41 -35.82
CA VAL X 30 54.37 -26.24 -37.24
C VAL X 30 53.99 -27.51 -38.00
N TYR X 31 54.33 -28.67 -37.45
CA TYR X 31 53.98 -29.93 -38.10
C TYR X 31 52.47 -30.11 -38.18
N MET X 32 51.79 -29.87 -37.05
CA MET X 32 50.34 -30.05 -37.02
C MET X 32 49.66 -29.20 -38.06
N ALA X 33 50.17 -27.99 -38.24
CA ALA X 33 49.55 -26.99 -39.08
C ALA X 33 49.80 -27.24 -40.57
N THR X 34 50.91 -27.91 -40.93
CA THR X 34 51.30 -27.98 -42.33
C THR X 34 51.38 -29.37 -42.92
N GLN X 35 51.37 -30.44 -42.11
CA GLN X 35 51.75 -31.76 -42.63
C GLN X 35 50.67 -32.82 -42.50
N ILE X 36 49.51 -32.51 -41.95
CA ILE X 36 48.52 -33.54 -41.70
C ILE X 36 47.19 -33.27 -42.41
N GLY X 37 47.18 -32.36 -43.38
CA GLY X 37 45.99 -32.15 -44.20
C GLY X 37 44.90 -31.28 -43.62
N ILE X 38 45.22 -30.48 -42.60
CA ILE X 38 44.22 -29.53 -42.11
C ILE X 38 43.94 -28.50 -43.19
N GLU X 39 42.67 -28.21 -43.40
CA GLU X 39 42.19 -27.17 -44.32
C GLU X 39 41.95 -25.89 -43.54
N TRP X 40 42.83 -24.90 -43.74
CA TRP X 40 42.66 -23.61 -43.07
C TRP X 40 41.71 -22.69 -43.83
N ASN X 41 41.47 -23.00 -45.11
CA ASN X 41 40.61 -22.21 -45.97
C ASN X 41 40.97 -20.73 -45.92
N PRO X 42 42.22 -20.37 -46.25
CA PRO X 42 42.63 -18.96 -46.27
C PRO X 42 41.91 -18.20 -47.39
N SER X 43 42.10 -16.89 -47.41
CA SER X 43 41.45 -16.05 -48.39
C SER X 43 41.90 -16.40 -49.81
N PRO X 44 40.98 -16.40 -50.77
CA PRO X 44 41.36 -16.59 -52.18
C PRO X 44 42.11 -15.43 -52.77
N VAL X 45 42.03 -14.25 -52.12
CA VAL X 45 42.62 -13.03 -52.66
C VAL X 45 44.12 -13.23 -52.83
N GLY X 46 44.62 -12.93 -54.03
CA GLY X 46 46.03 -13.12 -54.31
C GLY X 46 46.49 -14.56 -54.43
N ARG X 47 45.57 -15.52 -54.37
CA ARG X 47 45.92 -16.93 -54.28
C ARG X 47 45.22 -17.76 -55.36
N VAL X 48 43.90 -17.62 -55.48
CA VAL X 48 43.09 -18.47 -56.35
C VAL X 48 42.95 -17.82 -57.72
N THR X 49 43.07 -18.63 -58.76
CA THR X 49 42.73 -18.16 -60.09
C THR X 49 41.27 -18.47 -60.36
N PRO X 50 40.39 -17.48 -60.52
CA PRO X 50 38.96 -17.78 -60.72
C PRO X 50 38.76 -18.59 -61.98
N LYS X 51 37.75 -19.47 -61.96
CA LYS X 51 37.47 -20.35 -63.08
C LYS X 51 35.99 -20.34 -63.46
N GLU X 52 35.70 -20.40 -64.78
CA GLU X 52 34.30 -20.42 -65.24
C GLU X 52 33.50 -21.49 -64.51
N TRP X 53 32.27 -21.13 -64.12
CA TRP X 53 31.36 -22.00 -63.39
C TRP X 53 30.01 -22.16 -64.07
N ARG X 54 29.61 -21.22 -64.91
CA ARG X 54 28.27 -21.25 -65.48
C ARG X 54 28.23 -22.23 -66.67
N HIS Y 2 34.11 -36.90 19.20
CA HIS Y 2 34.52 -35.84 18.27
C HIS Y 2 35.20 -36.43 17.02
N TYR Y 3 35.50 -35.52 16.09
CA TYR Y 3 36.05 -35.81 14.78
C TYR Y 3 37.54 -35.54 14.78
N GLU Y 4 38.22 -36.15 13.82
CA GLU Y 4 39.62 -35.88 13.60
C GLU Y 4 39.80 -34.44 13.09
N GLU Y 5 40.91 -33.83 13.48
CA GLU Y 5 41.21 -32.48 13.05
C GLU Y 5 42.63 -32.39 12.51
N GLY Y 6 42.86 -31.39 11.65
CA GLY Y 6 44.21 -31.13 11.20
C GLY Y 6 44.36 -31.48 9.72
N PRO Y 7 45.53 -31.17 9.17
CA PRO Y 7 45.77 -31.40 7.74
C PRO Y 7 45.55 -32.85 7.35
N GLY Y 8 44.76 -33.05 6.28
CA GLY Y 8 44.49 -34.39 5.80
C GLY Y 8 43.43 -35.14 6.57
N LYS Y 9 42.84 -34.51 7.59
CA LYS Y 9 41.81 -35.14 8.39
C LYS Y 9 40.47 -34.42 8.31
N ASN Y 10 40.39 -33.29 7.61
CA ASN Y 10 39.14 -32.55 7.49
C ASN Y 10 38.51 -32.71 6.10
N ILE Y 11 38.68 -33.89 5.50
CA ILE Y 11 38.23 -34.17 4.14
C ILE Y 11 37.58 -35.54 4.13
N PRO Y 12 36.66 -35.77 3.19
CA PRO Y 12 35.99 -37.07 3.10
C PRO Y 12 36.77 -38.13 2.34
N PHE Y 13 38.00 -37.86 1.93
CA PHE Y 13 38.84 -38.85 1.27
C PHE Y 13 40.13 -38.95 2.05
N SER Y 14 40.86 -40.06 1.90
CA SER Y 14 42.14 -40.26 2.58
C SER Y 14 43.32 -39.73 1.76
N VAL Y 15 44.28 -39.13 2.46
CA VAL Y 15 45.55 -38.80 1.80
C VAL Y 15 46.68 -39.51 2.51
N GLU Y 16 46.35 -40.64 3.16
CA GLU Y 16 47.33 -41.45 3.89
C GLU Y 16 48.43 -41.97 2.97
N ASN Y 17 48.06 -42.44 1.79
CA ASN Y 17 48.96 -42.99 0.78
C ASN Y 17 48.70 -42.27 -0.55
N LYS Y 18 49.74 -41.61 -1.07
CA LYS Y 18 49.57 -40.75 -2.24
C LYS Y 18 49.19 -41.54 -3.49
N TRP Y 19 49.51 -42.84 -3.56
CA TRP Y 19 49.20 -43.60 -4.75
C TRP Y 19 47.77 -44.08 -4.71
N ARG Y 20 47.29 -44.49 -3.52
CA ARG Y 20 45.86 -44.71 -3.37
C ARG Y 20 45.10 -43.42 -3.68
N LEU Y 21 45.63 -42.29 -3.23
CA LEU Y 21 44.98 -41.02 -3.51
C LEU Y 21 44.96 -40.69 -5.01
N LEU Y 22 46.07 -40.97 -5.71
CA LEU Y 22 46.08 -40.78 -7.16
C LEU Y 22 44.98 -41.60 -7.83
N ALA Y 23 44.80 -42.86 -7.39
CA ALA Y 23 43.73 -43.68 -7.95
C ALA Y 23 42.36 -43.10 -7.65
N MET Y 24 42.11 -42.65 -6.42
CA MET Y 24 40.83 -42.02 -6.09
C MET Y 24 40.58 -40.74 -6.89
N MET Y 25 41.60 -39.89 -7.00
CA MET Y 25 41.38 -38.60 -7.66
C MET Y 25 41.14 -38.80 -9.14
N THR Y 26 41.82 -39.81 -9.70
CA THR Y 26 41.69 -40.17 -11.10
C THR Y 26 40.32 -40.78 -11.40
N LEU Y 27 39.83 -41.70 -10.55
CA LEU Y 27 38.44 -42.12 -10.70
C LEU Y 27 37.49 -40.94 -10.55
N PHE Y 28 37.76 -40.05 -9.61
CA PHE Y 28 36.80 -38.98 -9.32
C PHE Y 28 36.69 -38.03 -10.52
N PHE Y 29 37.78 -37.37 -10.86
CA PHE Y 29 37.72 -36.41 -11.96
C PHE Y 29 37.53 -37.11 -13.30
N GLY Y 30 38.15 -38.28 -13.47
CA GLY Y 30 37.97 -39.01 -14.73
C GLY Y 30 36.53 -39.40 -15.00
N SER Y 31 35.77 -39.72 -13.95
CA SER Y 31 34.38 -40.13 -14.16
C SER Y 31 33.54 -38.96 -14.64
N GLY Y 32 33.76 -37.75 -14.06
CA GLY Y 32 33.00 -36.59 -14.54
C GLY Y 32 33.38 -36.21 -15.96
N PHE Y 33 34.68 -36.26 -16.29
CA PHE Y 33 35.09 -35.91 -17.64
C PHE Y 33 34.58 -36.92 -18.65
N ALA Y 34 34.60 -38.22 -18.28
CA ALA Y 34 34.18 -39.25 -19.23
C ALA Y 34 32.68 -39.23 -19.49
N ALA Y 35 31.88 -38.83 -18.49
CA ALA Y 35 30.44 -39.03 -18.57
C ALA Y 35 29.83 -38.42 -19.83
N PRO Y 36 30.11 -37.18 -20.23
CA PRO Y 36 29.45 -36.68 -21.46
C PRO Y 36 29.80 -37.46 -22.72
N PHE Y 37 31.05 -37.95 -22.84
CA PHE Y 37 31.39 -38.77 -24.00
C PHE Y 37 30.53 -40.04 -24.04
N PHE Y 38 30.25 -40.64 -22.88
CA PHE Y 38 29.44 -41.87 -22.89
C PHE Y 38 27.95 -41.59 -23.04
N ILE Y 39 27.48 -40.43 -22.60
CA ILE Y 39 26.11 -40.04 -22.88
C ILE Y 39 25.92 -39.78 -24.38
N VAL Y 40 26.88 -39.10 -25.03
CA VAL Y 40 26.80 -38.93 -26.49
C VAL Y 40 26.77 -40.29 -27.18
N ARG Y 41 27.64 -41.20 -26.76
CA ARG Y 41 27.65 -42.53 -27.35
C ARG Y 41 26.31 -43.22 -27.13
N HIS Y 42 25.74 -43.11 -25.93
CA HIS Y 42 24.42 -43.69 -25.64
C HIS Y 42 23.36 -43.15 -26.61
N GLN Y 43 23.34 -41.84 -26.82
CA GLN Y 43 22.31 -41.24 -27.69
C GLN Y 43 22.55 -41.62 -29.16
N LEU Y 44 23.81 -41.69 -29.58
CA LEU Y 44 24.11 -42.12 -30.94
C LEU Y 44 23.68 -43.56 -31.15
N LEU Y 45 23.90 -44.43 -30.15
CA LEU Y 45 23.58 -45.85 -30.29
C LEU Y 45 22.07 -46.17 -30.21
N LYS Y 46 21.26 -45.25 -29.70
CA LYS Y 46 19.82 -45.47 -29.58
C LYS Y 46 19.16 -45.57 -30.95
N LYS Y 47 19.60 -44.74 -31.89
CA LYS Y 47 19.28 -44.81 -33.32
C LYS Y 47 19.83 -43.55 -34.02
N ILE Z 1 53.70 -17.33 2.23
CA ILE Z 1 53.31 -18.38 3.17
C ILE Z 1 54.58 -19.18 3.49
N THR Z 2 54.78 -19.61 4.73
CA THR Z 2 55.85 -20.53 5.05
C THR Z 2 55.27 -21.87 5.47
N ALA Z 3 56.02 -22.94 5.20
CA ALA Z 3 55.57 -24.28 5.48
C ALA Z 3 56.71 -25.15 6.00
N LYS Z 4 56.32 -26.17 6.75
CA LYS Z 4 57.25 -27.22 7.12
C LYS Z 4 57.71 -27.96 5.87
N PRO Z 5 58.85 -28.65 5.93
CA PRO Z 5 59.26 -29.44 4.76
C PRO Z 5 58.28 -30.58 4.53
N ALA Z 6 58.19 -30.98 3.28
CA ALA Z 6 57.29 -32.06 2.89
C ALA Z 6 57.45 -33.27 3.81
N LYS Z 7 56.32 -33.74 4.33
CA LYS Z 7 56.41 -34.96 5.13
C LYS Z 7 56.70 -36.15 4.25
N THR Z 8 56.16 -36.16 3.03
CA THR Z 8 56.36 -37.26 2.09
C THR Z 8 56.74 -36.69 0.74
N PRO Z 9 57.95 -36.18 0.60
CA PRO Z 9 58.34 -35.50 -0.66
C PRO Z 9 58.01 -36.31 -1.91
N THR Z 10 57.66 -35.60 -2.97
CA THR Z 10 57.28 -36.22 -4.26
C THR Z 10 58.39 -35.90 -5.25
N SER Z 11 59.23 -36.91 -5.54
CA SER Z 11 60.38 -36.78 -6.40
C SER Z 11 59.96 -36.44 -7.81
N PRO Z 12 60.91 -35.94 -8.64
CA PRO Z 12 60.56 -35.71 -10.06
C PRO Z 12 60.01 -36.96 -10.73
N LYS Z 13 60.56 -38.12 -10.37
CA LYS Z 13 60.08 -39.36 -10.97
C LYS Z 13 58.65 -39.64 -10.53
N GLU Z 14 58.36 -39.48 -9.24
CA GLU Z 14 57.00 -39.68 -8.76
C GLU Z 14 56.02 -38.70 -9.42
N GLN Z 15 56.47 -37.46 -9.65
CA GLN Z 15 55.61 -36.47 -10.32
C GLN Z 15 55.35 -36.84 -11.77
N ALA Z 16 56.35 -37.38 -12.46
CA ALA Z 16 56.15 -37.87 -13.81
C ALA Z 16 55.06 -38.92 -13.84
N ILE Z 17 55.05 -39.81 -12.84
CA ILE Z 17 54.02 -40.85 -12.75
C ILE Z 17 52.65 -40.25 -12.47
N GLY Z 18 52.57 -39.39 -11.45
CA GLY Z 18 51.30 -38.72 -11.15
C GLY Z 18 50.76 -37.94 -12.33
N LEU Z 19 51.63 -37.22 -13.02
CA LEU Z 19 51.18 -36.42 -14.16
C LEU Z 19 50.68 -37.33 -15.29
N SER Z 20 51.47 -38.41 -15.59
CA SER Z 20 51.07 -39.32 -16.66
C SER Z 20 49.76 -40.02 -16.33
N VAL Z 21 49.60 -40.49 -15.09
CA VAL Z 21 48.34 -41.17 -14.77
C VAL Z 21 47.18 -40.18 -14.83
N THR Z 22 47.39 -38.95 -14.36
CA THR Z 22 46.30 -37.97 -14.43
C THR Z 22 45.89 -37.73 -15.87
N PHE Z 23 46.85 -37.46 -16.75
CA PHE Z 23 46.53 -37.19 -18.15
C PHE Z 23 45.79 -38.37 -18.78
N LEU Z 24 46.29 -39.59 -18.55
CA LEU Z 24 45.66 -40.78 -19.15
C LEU Z 24 44.23 -40.99 -18.64
N SER Z 25 43.93 -40.63 -17.38
CA SER Z 25 42.58 -40.83 -16.92
C SER Z 25 41.57 -39.90 -17.65
N PHE Z 26 42.01 -38.75 -18.15
CA PHE Z 26 41.14 -37.90 -18.97
C PHE Z 26 41.14 -38.37 -20.43
N LEU Z 27 42.31 -38.73 -20.96
CA LEU Z 27 42.47 -38.86 -22.41
C LEU Z 27 41.95 -40.19 -22.91
N LEU Z 28 42.13 -41.28 -22.12
CA LEU Z 28 41.87 -42.61 -22.66
C LEU Z 28 40.39 -42.90 -22.88
N PRO Z 29 39.48 -42.63 -21.91
CA PRO Z 29 38.06 -42.94 -22.13
C PRO Z 29 37.44 -42.11 -23.24
N ALA Z 30 37.65 -40.79 -23.18
CA ALA Z 30 37.15 -39.93 -24.25
C ALA Z 30 37.73 -40.33 -25.61
N GLY Z 31 39.06 -40.63 -25.63
CA GLY Z 31 39.66 -41.03 -26.88
C GLY Z 31 39.06 -42.31 -27.43
N TRP Z 32 38.74 -43.27 -26.55
CA TRP Z 32 38.08 -44.49 -26.99
C TRP Z 32 36.72 -44.18 -27.62
N VAL Z 33 35.91 -43.33 -26.97
CA VAL Z 33 34.61 -42.97 -27.54
C VAL Z 33 34.80 -42.28 -28.87
N LEU Z 34 35.71 -41.31 -28.94
CA LEU Z 34 35.86 -40.54 -30.18
C LEU Z 34 36.36 -41.44 -31.31
N TYR Z 35 37.28 -42.33 -30.99
CA TYR Z 35 37.83 -43.25 -32.00
C TYR Z 35 36.73 -44.10 -32.64
N HIS Z 36 35.73 -44.48 -31.85
CA HIS Z 36 34.69 -45.41 -32.28
C HIS Z 36 33.41 -44.70 -32.70
N LEU Z 37 33.46 -43.38 -32.89
CA LEU Z 37 32.28 -42.62 -33.30
C LEU Z 37 31.63 -43.20 -34.55
N ASP Z 38 32.42 -43.51 -35.58
CA ASP Z 38 31.81 -44.05 -36.79
C ASP Z 38 31.09 -45.37 -36.52
N ASN Z 39 31.58 -46.17 -35.56
CA ASN Z 39 30.88 -47.39 -35.14
C ASN Z 39 29.52 -47.07 -34.53
N TYR Z 40 29.38 -45.92 -33.85
CA TYR Z 40 28.12 -45.54 -33.21
C TYR Z 40 27.12 -44.98 -34.22
N LYS Z 41 27.56 -44.00 -35.02
CA LYS Z 41 26.65 -43.18 -35.82
C LYS Z 41 25.68 -44.02 -36.64
N LYS Z 42 26.20 -44.97 -37.42
CA LYS Z 42 25.36 -45.94 -38.12
C LYS Z 42 25.70 -47.34 -37.62
N SER Z 43 25.39 -47.58 -36.34
CA SER Z 43 25.33 -48.93 -35.80
C SER Z 43 23.94 -49.49 -36.02
FE HEA AA . -37.05 22.27 9.13
CHA HEA AA . -37.08 21.95 5.66
CHB HEA AA . -40.35 23.26 9.01
CHC HEA AA . -37.04 22.67 12.60
CHD HEA AA . -33.91 20.96 9.26
NA HEA AA . -38.45 22.60 7.69
C1A HEA AA . -38.31 22.31 6.33
C2A HEA AA . -39.49 22.45 5.65
C3A HEA AA . -40.43 22.79 6.57
C4A HEA AA . -39.74 22.83 7.84
CMA HEA AA . -41.87 23.03 6.35
OMA HEA AA . -42.73 22.95 7.25
CAA HEA AA . -39.74 22.14 4.13
CBA HEA AA . -39.61 23.45 3.36
CGA HEA AA . -39.83 23.00 1.88
O1A HEA AA . -40.20 23.96 1.14
O2A HEA AA . -39.67 21.81 1.47
NB HEA AA . -38.39 22.92 10.52
C1B HEA AA . -39.68 23.29 10.31
C2B HEA AA . -40.34 23.72 11.51
C3B HEA AA . -39.40 23.56 12.48
C4B HEA AA . -38.22 23.06 11.88
CMB HEA AA . -41.77 24.27 11.63
NC HEA AA . -35.75 21.83 10.63
C1C HEA AA . -35.90 22.02 11.98
C2C HEA AA . -34.78 21.55 12.70
C3C HEA AA . -33.87 21.10 11.76
C4C HEA AA . -34.55 21.29 10.49
CMC HEA AA . -34.62 21.64 14.21
CAC HEA AA . -32.55 20.46 11.80
CBC HEA AA . -31.86 20.34 12.98
ND HEA AA . -35.74 21.67 7.77
C1D HEA AA . -34.50 21.18 7.96
C2D HEA AA . -33.84 20.84 6.75
C3D HEA AA . -34.73 21.16 5.72
C4D HEA AA . -35.87 21.66 6.38
CMD HEA AA . -32.45 20.26 6.60
CAD HEA AA . -34.46 20.94 4.19
CBD HEA AA . -34.10 22.33 3.61
CGD HEA AA . -34.06 22.10 2.06
O1D HEA AA . -33.03 22.42 1.43
O2D HEA AA . -35.00 21.50 1.47
C11 HEA AA . -39.46 23.85 14.03
O11 HEA AA . -40.11 25.14 14.16
C12 HEA AA . -39.99 22.69 14.78
C13 HEA AA . -39.74 23.09 16.32
C14 HEA AA . -38.26 23.04 16.76
C15 HEA AA . -37.66 24.14 17.28
C16 HEA AA . -36.22 24.20 17.71
C17 HEA AA . -35.96 24.98 18.98
C18 HEA AA . -34.53 24.80 19.54
C19 HEA AA . -33.83 25.86 19.95
C20 HEA AA . -32.43 25.77 20.54
C21 HEA AA . -32.51 26.06 22.08
C22 HEA AA . -31.06 26.03 22.58
C23 HEA AA . -30.64 25.63 23.82
C24 HEA AA . -31.62 25.09 24.80
C25 HEA AA . -29.19 25.63 24.22
C26 HEA AA . -38.38 25.44 17.47
C27 HEA AA . -34.46 27.24 19.95
FE HEA BA . -32.55 9.79 7.03
CHA HEA BA . -33.15 11.45 4.08
CHB HEA BA . -33.18 6.70 5.45
CHC HEA BA . -31.70 8.11 9.89
CHD HEA BA . -31.81 12.82 8.64
NA HEA BA . -33.04 9.19 5.18
C1A HEA BA . -33.14 10.02 4.10
C2A HEA BA . -33.35 9.30 2.93
C3A HEA BA . -33.33 8.01 3.30
C4A HEA BA . -33.14 7.95 4.72
CMA HEA BA . -33.41 6.87 2.34
OMA HEA BA . -33.09 5.73 2.62
CAA HEA BA . -33.48 9.88 1.48
CBA HEA BA . -34.98 9.99 1.13
CGA HEA BA . -35.11 10.80 -0.20
O1A HEA BA . -35.79 10.28 -1.11
O2A HEA BA . -34.58 11.95 -0.26
NB HEA BA . -32.56 7.86 7.55
C1B HEA BA . -32.86 6.76 6.87
C2B HEA BA . -32.68 5.56 7.59
C3B HEA BA . -32.23 5.94 8.84
C4B HEA BA . -32.15 7.34 8.77
CMB HEA BA . -32.95 4.12 7.13
NC HEA BA . -31.92 10.33 8.86
C1C HEA BA . -31.58 9.53 9.91
C2C HEA BA . -31.09 10.22 11.00
C3C HEA BA . -31.15 11.56 10.67
C4C HEA BA . -31.67 11.56 9.30
CMC HEA BA . -30.56 9.61 12.34
CAC HEA BA . -30.77 12.76 11.45
CBC HEA BA . -30.87 12.77 12.81
ND HEA BA . -32.54 11.68 6.54
C1D HEA BA . -32.20 12.78 7.25
C2D HEA BA . -32.28 13.97 6.50
C3D HEA BA . -32.69 13.59 5.26
C4D HEA BA . -32.83 12.21 5.31
CMD HEA BA . -31.93 15.36 7.00
CAD HEA BA . -32.97 14.58 4.07
CBD HEA BA . -31.80 15.22 3.38
CGD HEA BA . -32.37 16.23 2.35
O1D HEA BA . -32.76 15.68 1.29
O2D HEA BA . -32.47 17.40 2.72
C11 HEA BA . -31.90 4.89 9.93
O11 HEA BA . -30.58 5.33 10.49
C12 HEA BA . -32.98 4.85 11.02
C13 HEA BA . -32.78 3.64 11.98
C14 HEA BA . -33.79 3.71 13.12
C15 HEA BA . -34.86 2.85 13.21
C16 HEA BA . -35.80 3.06 14.41
C17 HEA BA . -35.24 2.38 15.72
C18 HEA BA . -35.14 0.88 15.51
C19 HEA BA . -35.89 -0.12 16.05
C20 HEA BA . -35.52 -1.57 15.76
C21 HEA BA . -36.44 -2.46 14.90
C22 HEA BA . -36.67 -1.79 13.53
C23 HEA BA . -36.81 -2.47 12.37
C24 HEA BA . -36.67 -3.95 12.25
C25 HEA BA . -37.06 -1.67 11.10
C26 HEA BA . -35.29 1.82 12.19
C27 HEA BA . -37.02 0.15 17.02
N NO CA . -30.94 9.80 6.41
O NO CA . -30.32 10.36 5.62
CU CU DA . -28.55 9.38 4.16
MG MG EA . -34.26 15.20 -5.88
NA NA FA . -47.96 29.77 -0.51
CA1 TGL GA . -54.24 6.14 8.53
CA2 TGL GA . -54.41 7.21 9.60
CA3 TGL GA . -53.83 6.71 10.90
CA4 TGL GA . -52.76 7.66 11.43
CA5 TGL GA . -51.65 6.87 12.11
CA6 TGL GA . -52.02 6.47 13.53
CA7 TGL GA . -51.44 7.44 14.56
CA8 TGL GA . -52.51 8.38 15.10
CA9 TGL GA . -51.94 9.79 15.19
OA1 TGL GA . -54.93 5.13 8.55
CB1 TGL GA . -50.02 6.76 6.47
CB2 TGL GA . -49.60 7.70 7.57
CB3 TGL GA . -48.62 7.00 8.51
CB4 TGL GA . -47.23 7.50 8.21
CB5 TGL GA . -46.19 6.51 8.71
CB6 TGL GA . -45.71 6.85 10.11
CB7 TGL GA . -46.39 5.94 11.12
CB8 TGL GA . -45.64 5.92 12.42
CB9 TGL GA . -46.44 5.27 13.53
C10 TGL GA . -47.39 6.27 14.18
C11 TGL GA . -47.55 5.99 15.67
C12 TGL GA . -48.40 4.74 15.92
C13 TGL GA . -48.28 4.26 17.36
C14 TGL GA . -48.85 5.31 18.30
OB1 TGL GA . -49.20 5.96 6.02
OG1 TGL GA . -53.28 6.28 7.45
CG1 TGL GA . -52.97 5.15 6.64
CG2 TGL GA . -51.93 5.50 5.58
OG2 TGL GA . -51.37 6.81 5.89
CG3 TGL GA . -52.64 5.41 4.24
OG3 TGL GA . -53.81 4.62 4.40
CC1 TGL GA . -54.80 4.45 3.33
CC2 TGL GA . -56.27 4.24 3.66
CC3 TGL GA . -57.02 5.49 4.12
CC4 TGL GA . -58.34 5.15 4.83
CC5 TGL GA . -59.25 6.37 4.97
CC6 TGL GA . -60.23 6.24 6.16
CC7 TGL GA . -60.76 7.61 6.65
CC8 TGL GA . -59.79 8.37 7.58
CC9 TGL GA . -60.36 9.72 8.06
C15 TGL GA . -59.32 10.82 8.37
C16 TGL GA . -58.34 10.47 9.49
C17 TGL GA . -57.52 11.69 9.96
C18 TGL GA . -56.17 11.30 10.54
C19 TGL GA . -55.69 12.13 11.74
OC1 TGL GA . -54.42 4.44 2.19
C20 TGL GA . -52.87 10.70 15.99
C21 TGL GA . -52.87 12.13 15.46
C22 TGL GA . -51.50 12.57 14.94
C23 TGL GA . -50.69 13.37 15.95
C24 TGL GA . -49.98 12.43 16.94
C25 TGL GA . -49.02 11.47 16.26
C26 TGL GA . -47.98 10.94 17.23
C27 TGL GA . -46.76 10.43 16.45
C28 TGL GA . -47.16 9.36 15.51
C29 TGL GA . -50.37 5.37 18.30
C30 TGL GA . -50.86 6.81 18.55
C31 TGL GA . -50.32 7.41 19.85
C32 TGL GA . -50.36 8.92 19.78
C33 TGL GA . -55.14 13.53 11.41
C34 TGL GA . -53.96 13.87 12.30
C35 TGL GA . -53.75 15.38 12.53
C36 TGL GA . -52.54 15.66 13.42
P PGV HA . -3.01 24.72 21.15
C01 PGV HA . -3.02 21.60 18.12
C02 PGV HA . -2.04 22.82 17.92
C03 PGV HA . -1.64 23.38 19.33
C04 PGV HA . -1.55 23.38 22.97
C05 PGV HA . -0.28 23.74 23.78
C06 PGV HA . 0.88 23.88 22.74
O01 PGV HA . -2.85 23.81 17.32
O02 PGV HA . -1.09 24.34 16.02
O03 PGV HA . -3.39 21.14 16.75
O04 PGV HA . -1.45 20.01 16.85
O05 PGV HA . -0.06 22.63 24.64
O06 PGV HA . 2.11 24.27 23.45
O11 PGV HA . -2.84 23.49 20.12
O12 PGV HA . -1.73 24.55 22.17
O13 PGV HA . -4.32 24.62 21.82
O14 PGV HA . -2.72 26.01 20.44
C1 PGV HA . -2.27 24.57 16.30
C2 PGV HA . -3.19 25.57 15.63
C3 PGV HA . -2.43 26.66 14.84
C4 PGV HA . -3.41 27.64 14.14
C5 PGV HA . -2.62 28.76 13.40
C6 PGV HA . -3.59 29.83 12.88
C7 PGV HA . -4.34 29.10 11.71
C8 PGV HA . -5.79 29.38 11.36
C9 PGV HA . -6.00 30.69 10.70
C10 PGV HA . -7.00 30.52 9.53
C11 PGV HA . -8.25 29.81 9.95
C12 PGV HA . -9.08 29.34 9.05
C13 PGV HA . -8.72 29.44 7.58
C14 PGV HA . -9.99 29.37 6.73
C15 PGV HA . -9.67 29.72 5.28
C16 PGV HA . -10.84 29.47 4.35
C17 PGV HA . -10.43 29.89 2.95
C18 PGV HA . -11.46 29.53 1.92
C19 PGV HA . -2.50 20.17 16.23
C20 PGV HA . -2.75 19.42 14.90
C21 PGV HA . -3.39 20.34 13.91
C22 PGV HA . -2.57 21.54 13.54
C23 PGV HA . -3.58 22.26 12.68
C24 PGV HA . -3.32 23.65 12.11
C25 PGV HA . -4.50 23.92 11.17
C26 PGV HA . -4.49 25.30 10.59
C27 PGV HA . -5.86 25.69 10.01
C28 PGV HA . -6.33 25.13 8.66
C29 PGV HA . -7.12 23.82 8.69
C30 PGV HA . -7.61 23.48 7.29
C31 PGV HA . -8.39 22.16 7.18
C32 PGV HA . -7.91 21.41 5.92
C33 PGV HA . -8.47 19.99 5.77
C34 PGV HA . -9.70 19.92 4.88
P PGV IA . -40.67 24.38 44.66
C01 PGV IA . -42.96 27.82 43.00
C02 PGV IA . -42.22 26.48 42.94
C03 PGV IA . -40.73 26.59 43.23
C04 PGV IA . -39.00 23.27 46.31
C05 PGV IA . -38.20 24.04 47.35
C06 PGV IA . -38.27 25.53 46.99
O01 PGV IA . -42.42 25.83 41.69
O02 PGV IA . -44.19 24.32 41.84
O03 PGV IA . -43.65 27.87 44.25
O04 PGV IA . -45.46 28.43 45.58
O05 PGV IA . -36.85 23.58 47.41
O06 PGV IA . -37.92 26.39 48.07
O11 PGV IA . -40.76 25.99 44.51
O12 PGV IA . -39.16 24.15 45.19
O13 PGV IA . -40.94 23.68 43.33
O14 PGV IA . -41.51 24.14 45.89
C1 PGV IA . -43.79 25.40 41.44
C2 PGV IA . -44.51 26.30 40.50
C3 PGV IA . -45.95 26.03 40.36
C4 PGV IA . -46.36 27.14 39.43
C5 PGV IA . -45.53 27.02 38.18
C6 PGV IA . -46.22 27.73 37.04
C7 PGV IA . -47.74 27.83 37.12
C8 PGV IA . -48.18 28.61 35.92
C9 PGV IA . -49.68 28.66 35.71
C10 PGV IA . -49.84 29.50 34.44
C11 PGV IA . -51.16 29.34 33.73
C12 PGV IA . -51.61 30.36 32.99
C13 PGV IA . -50.67 31.45 32.48
C14 PGV IA . -51.28 32.84 32.76
C15 PGV IA . -52.65 33.14 32.16
C16 PGV IA . -53.29 34.37 32.81
C17 PGV IA . -54.53 34.84 32.05
C18 PGV IA . -55.34 35.82 32.88
C19 PGV IA . -44.94 28.54 44.48
C20 PGV IA . -45.63 29.32 43.38
C21 PGV IA . -44.89 30.61 43.05
C22 PGV IA . -44.82 30.74 41.53
C23 PGV IA . -46.21 30.84 40.96
C24 PGV IA . -46.16 31.28 39.49
C25 PGV IA . -47.59 31.64 39.13
C26 PGV IA . -47.85 32.07 37.72
C27 PGV IA . -47.30 33.40 37.24
C28 PGV IA . -48.04 33.52 35.91
C29 PGV IA . -47.56 34.52 34.86
C30 PGV IA . -48.64 34.59 33.77
C31 PGV IA . -48.53 35.73 32.74
C32 PGV IA . -49.75 35.86 31.81
C33 PGV IA . -49.73 37.12 30.94
C34 PGV IA . -50.01 38.37 31.74
C1 EDO JA . -30.20 16.71 38.26
O1 EDO JA . -31.49 16.01 38.27
C2 EDO JA . -30.48 18.20 38.11
O2 EDO JA . -31.06 18.34 36.74
C1 EDO KA . -24.64 7.79 33.79
O1 EDO KA . -24.32 7.00 34.97
C2 EDO KA . -24.09 7.01 32.60
O2 EDO KA . -22.63 6.90 32.77
C1 EDO LA . -24.53 26.06 -16.23
O1 EDO LA . -23.91 26.53 -15.01
C2 EDO LA . -23.64 25.00 -16.87
O2 EDO LA . -23.76 23.71 -16.21
C1 EDO MA . -24.10 -6.43 25.45
O1 EDO MA . -23.67 -5.32 26.27
C2 EDO MA . -23.41 -7.73 25.82
O2 EDO MA . -21.99 -7.57 25.66
CU1 CUA NA . -38.34 22.42 -12.76
CU2 CUA NA . -38.49 22.17 -10.27
C1 CHD OA . -23.57 -10.74 17.81
C2 CHD OA . -24.37 -11.59 18.83
C3 CHD OA . -25.79 -11.03 19.06
O3 CHD OA . -26.43 -11.82 20.06
C4 CHD OA . -25.69 -9.59 19.59
C5 CHD OA . -24.89 -8.74 18.59
C6 CHD OA . -24.87 -7.30 19.13
C7 CHD OA . -23.91 -7.07 20.31
O7 CHD OA . -24.46 -7.57 21.54
C8 CHD OA . -22.54 -7.70 20.10
C9 CHD OA . -22.65 -9.16 19.65
C10 CHD OA . -23.49 -9.29 18.34
C11 CHD OA . -21.25 -9.81 19.47
C12 CHD OA . -20.36 -9.61 20.74
O12 CHD OA . -20.87 -10.34 21.87
C13 CHD OA . -20.24 -8.12 21.07
C14 CHD OA . -21.66 -7.57 21.35
C15 CHD OA . -21.42 -6.20 21.96
C16 CHD OA . -20.06 -6.31 22.74
C17 CHD OA . -19.50 -7.72 22.35
C18 CHD OA . -19.55 -7.41 19.88
C19 CHD OA . -22.87 -8.45 17.18
C20 CHD OA . -17.95 -7.70 22.30
C21 CHD OA . -17.35 -9.11 22.10
C22 CHD OA . -17.26 -7.16 23.58
C23 CHD OA . -17.53 -8.01 24.83
O25 CHD OA . -17.26 -7.06 27.03
C24 CHD OA . -16.67 -7.49 26.00
O26 CHD OA . -15.39 -7.45 25.93
C1 EDO PA . -51.20 16.42 -8.08
O1 EDO PA . -52.00 15.89 -7.01
C2 EDO PA . -50.65 15.23 -8.92
O2 EDO PA . -49.67 14.55 -8.08
C1 CHD QA . -22.93 -2.31 -5.40
C2 CHD QA . -23.53 -2.76 -6.74
C3 CHD QA . -22.69 -3.90 -7.33
O3 CHD QA . -23.22 -4.26 -8.60
C4 CHD QA . -21.23 -3.49 -7.50
C5 CHD QA . -20.65 -3.05 -6.17
C6 CHD QA . -19.14 -2.70 -6.29
C7 CHD QA . -18.91 -1.32 -6.94
O7 CHD QA . -19.22 -1.40 -8.32
C8 CHD QA . -19.76 -0.21 -6.32
C9 CHD QA . -21.24 -0.63 -6.30
C10 CHD QA . -21.46 -1.92 -5.51
C11 CHD QA . -22.15 0.53 -5.78
C12 CHD QA . -21.89 1.87 -6.48
O12 CHD QA . -22.34 1.82 -7.86
C13 CHD QA . -20.42 2.26 -6.50
C14 CHD QA . -19.62 1.09 -7.12
C15 CHD QA . -18.24 1.72 -7.22
C16 CHD QA . -18.54 3.16 -7.69
C17 CHD QA . -20.03 3.45 -7.39
C18 CHD QA . -19.89 2.59 -5.10
C19 CHD QA . -20.97 -1.78 -4.05
C20 CHD QA . -20.18 4.91 -6.92
C21 CHD QA . -21.62 5.26 -6.50
C22 CHD QA . -19.93 5.76 -8.20
C23 CHD QA . -19.70 7.20 -7.79
O25 CHD QA . -20.30 7.97 -10.08
C24 CHD QA . -19.45 7.96 -9.12
O26 CHD QA . -18.61 8.86 -9.08
P PEK RA . -3.39 28.19 -16.41
N PEK RA . 0.07 27.62 -19.37
C01 PEK RA . -4.47 28.56 -13.04
C02 PEK RA . -3.24 27.71 -12.76
C03 PEK RA . -3.05 27.05 -14.12
C04 PEK RA . -1.45 26.95 -17.53
C05 PEK RA . -1.32 27.24 -19.07
O01 PEK RA . -3.64 26.71 -11.79
O02 PEK RA . -2.11 27.62 -10.40
O03 PEK RA . -4.62 29.12 -11.78
O04 PEK RA . -6.67 30.06 -11.86
O11 PEK RA . -2.74 28.18 -14.94
O12 PEK RA . -2.84 26.93 -17.20
O13 PEK RA . -4.86 27.92 -16.26
O14 PEK RA . -2.93 29.56 -16.97
C1 PEK RA . -3.05 26.81 -10.52
C2 PEK RA . -3.80 25.91 -9.49
C3 PEK RA . -5.11 26.71 -9.10
C4 PEK RA . -6.23 25.91 -8.48
C5 PEK RA . -7.02 26.72 -7.49
C6 PEK RA . -6.83 26.35 -6.19
C7 PEK RA . -5.38 26.17 -5.75
C8 PEK RA . -5.22 26.48 -4.29
C9 PEK RA . -4.44 27.49 -3.86
C10 PEK RA . -3.41 28.16 -4.75
C11 PEK RA . -3.30 29.66 -4.47
C12 PEK RA . -2.47 30.40 -5.23
C13 PEK RA . -2.37 30.07 -6.72
C14 PEK RA . -0.95 30.19 -7.20
C15 PEK RA . -0.37 29.02 -7.52
C16 PEK RA . -0.29 27.97 -6.40
C17 PEK RA . 0.24 26.61 -6.84
C18 PEK RA . 1.65 26.66 -7.44
C19 PEK RA . 2.19 25.27 -7.80
C20 PEK RA . 3.52 25.41 -8.51
C21 PEK RA . -5.54 30.08 -11.42
C22 PEK RA . -4.99 31.01 -10.39
C23 PEK RA . -6.04 31.11 -9.35
C24 PEK RA . -5.49 31.94 -8.20
C25 PEK RA . -6.73 32.21 -7.40
C26 PEK RA . -7.18 30.95 -6.69
C27 PEK RA . -8.47 31.32 -5.97
C28 PEK RA . -8.52 30.72 -4.61
C29 PEK RA . -9.66 29.74 -4.56
C30 PEK RA . -9.25 28.93 -3.38
C31 PEK RA . -10.39 28.46 -2.53
C32 PEK RA . -9.73 27.50 -1.58
C33 PEK RA . -10.71 26.93 -0.59
C34 PEK RA . -9.92 26.00 0.30
C35 PEK RA . -10.80 25.40 1.37
C36 PEK RA . -9.94 24.57 2.32
C37 PEK RA . -10.80 23.85 3.33
C38 PEK RA . -11.71 24.81 4.05
P PGV SA . 9.16 20.61 19.81
C01 PGV SA . 5.17 21.40 18.74
C02 PGV SA . 6.48 22.07 18.33
C03 PGV SA . 7.26 22.43 19.65
C04 PGV SA . 10.20 21.33 22.06
C05 PGV SA . 11.70 20.99 22.35
C06 PGV SA . 11.94 20.69 23.84
O01 PGV SA . 6.04 23.32 17.86
O02 PGV SA . 6.94 22.96 15.80
O03 PGV SA . 4.67 20.91 17.43
O04 PGV SA . 2.92 22.24 17.71
O05 PGV SA . 12.54 22.11 21.94
O06 PGV SA . 13.26 20.11 23.92
O11 PGV SA . 7.71 21.17 20.18
O12 PGV SA . 10.17 21.60 20.64
O13 PGV SA . 9.49 20.87 18.40
O14 PGV SA . 9.22 19.22 20.32
C1 PGV SA . 6.37 23.73 16.55
C2 PGV SA . 6.01 25.14 16.18
C3 PGV SA . 6.36 25.45 14.73
C4 PGV SA . 5.23 24.97 13.78
C5 PGV SA . 5.48 25.55 12.37
C6 PGV SA . 4.39 25.16 11.31
C7 PGV SA . 4.63 25.92 10.00
C8 PGV SA . 3.59 25.46 8.92
C9 PGV SA . 3.76 26.19 7.58
C10 PGV SA . 2.65 27.21 7.44
C11 PGV SA . 2.74 27.75 6.05
C12 PGV SA . 1.91 28.70 5.62
C13 PGV SA . 0.90 28.44 4.54
C14 PGV SA . 0.73 29.64 3.59
C15 PGV SA . 1.95 29.89 2.67
C16 PGV SA . 3.07 30.68 3.34
C17 PGV SA . 4.37 30.68 2.54
C18 PGV SA . 4.18 31.34 1.19
C19 PGV SA . 3.46 21.40 17.02
C20 PGV SA . 2.98 20.86 15.68
C21 PGV SA . 2.14 21.97 15.08
C22 PGV SA . 1.82 21.37 13.69
C23 PGV SA . 1.50 22.45 12.71
C24 PGV SA . 1.16 21.86 11.33
C25 PGV SA . 0.80 22.96 10.37
C26 PGV SA . 0.28 22.53 8.97
C27 PGV SA . -0.42 23.76 8.40
C28 PGV SA . -1.27 23.61 7.14
C29 PGV SA . -2.19 24.83 6.90
C30 PGV SA . -2.86 24.82 5.52
C31 PGV SA . -3.76 23.62 5.26
C32 PGV SA . -4.07 23.24 3.81
C33 PGV SA . -4.92 24.20 2.99
C34 PGV SA . -5.76 23.43 2.01
P PGV TA . -20.87 4.67 -15.27
C01 PGV TA . -17.72 6.38 -11.99
C02 PGV TA . -17.89 5.83 -13.38
C03 PGV TA . -19.07 6.42 -14.15
C04 PGV TA . -21.65 5.77 -17.57
C05 PGV TA . -23.04 5.61 -18.19
C06 PGV TA . -23.61 4.29 -17.64
O01 PGV TA . -18.12 4.43 -13.24
O02 PGV TA . -16.63 3.83 -14.91
O03 PGV TA . -16.45 5.93 -11.53
O04 PGV TA . -14.72 6.92 -10.45
O05 PGV TA . -23.00 5.59 -19.63
O06 PGV TA . -24.84 3.90 -18.27
O11 PGV TA . -20.13 5.47 -14.05
O12 PGV TA . -21.83 5.61 -16.16
O13 PGV TA . -19.83 4.09 -16.22
O14 PGV TA . -21.86 3.80 -14.52
C1 PGV TA . -17.06 3.59 -13.79
C2 PGV TA . -16.52 2.39 -13.05
C3 PGV TA . -15.32 1.79 -13.78
C4 PGV TA . -14.57 0.72 -12.99
C5 PGV TA . -13.76 1.25 -11.79
C6 PGV TA . -14.57 1.44 -10.51
C7 PGV TA . -13.68 1.79 -9.32
C8 PGV TA . -14.58 1.95 -8.12
C9 PGV TA . -13.83 1.98 -6.79
C10 PGV TA . -14.86 2.13 -5.70
C11 PGV TA . -14.40 1.28 -4.57
C12 PGV TA . -15.25 0.89 -3.63
C13 PGV TA . -15.91 -0.46 -3.79
C14 PGV TA . -15.79 -1.16 -2.43
C15 PGV TA . -14.32 -1.13 -2.03
C16 PGV TA . -14.04 -1.56 -0.61
C17 PGV TA . -12.62 -1.17 -0.16
C18 PGV TA . -12.43 0.32 -0.05
C19 PGV TA . -15.77 6.31 -10.32
C20 PGV TA . -16.07 5.90 -8.90
C21 PGV TA . -15.04 6.65 -8.08
C22 PGV TA . -14.78 6.15 -6.64
C23 PGV TA . -15.94 6.10 -5.64
C24 PGV TA . -15.40 5.72 -4.26
C25 PGV TA . -16.28 6.03 -3.06
C26 PGV TA . -15.43 6.09 -1.79
C27 PGV TA . -14.31 7.16 -1.91
C28 PGV TA . -13.58 7.52 -0.61
C29 PGV TA . -12.67 6.43 -0.05
C30 PGV TA . -11.66 6.96 0.97
C31 PGV TA . -10.44 6.05 1.19
C32 PGV TA . -9.33 6.68 2.06
C33 PGV TA . -8.04 7.00 1.32
C34 PGV TA . -7.15 5.79 1.13
C1 CDL UA . 11.27 33.38 21.12
O1 CDL UA . 10.72 32.38 20.26
CA2 CDL UA . 10.47 34.60 20.78
OA2 CDL UA . 11.44 35.19 19.94
PA1 CDL UA . 11.21 36.22 18.77
OA3 CDL UA . 10.30 35.48 17.83
OA4 CDL UA . 10.81 37.58 19.30
OA5 CDL UA . 12.74 36.24 18.15
CA3 CDL UA . 13.36 37.41 17.59
CA4 CDL UA . 13.23 37.40 16.06
OA6 CDL UA . 14.36 37.10 15.23
CA5 CDL UA . 14.84 35.74 15.18
OA7 CDL UA . 15.43 35.29 16.15
C11 CDL UA . 14.67 34.94 13.90
C12 CDL UA . 13.19 34.79 13.51
C13 CDL UA . 12.70 35.89 12.57
C14 CDL UA . 11.35 35.55 11.91
C15 CDL UA . 10.93 36.58 10.87
C16 CDL UA . 9.55 36.26 10.27
C17 CDL UA . 9.53 35.33 9.06
C18 CDL UA . 9.77 36.09 7.76
C19 CDL UA . 9.83 35.45 6.59
C20 CDL UA . 9.60 36.21 5.30
C21 CDL UA . 9.84 35.36 4.06
C22 CDL UA . 9.35 35.81 2.90
C23 CDL UA . 7.85 35.99 2.85
C24 CDL UA . 7.32 36.93 1.77
C25 CDL UA . 5.89 37.34 2.11
C26 CDL UA . 5.79 37.83 3.56
C27 CDL UA . 4.44 38.40 3.90
CA6 CDL UA . 12.94 38.82 15.58
OA8 CDL UA . 11.80 39.45 16.14
CA7 CDL UA . 11.06 40.31 15.23
OA9 CDL UA . 10.74 41.43 15.60
C31 CDL UA . 10.64 39.78 13.86
C32 CDL UA . 9.12 39.82 13.73
C33 CDL UA . 8.65 39.08 12.48
C34 CDL UA . 7.14 39.09 12.32
C35 CDL UA . 6.81 38.28 11.08
C36 CDL UA . 5.33 38.04 10.83
C37 CDL UA . 5.09 37.85 9.34
C38 CDL UA . 3.63 37.92 8.98
C39 CDL UA . 3.21 38.87 8.12
C40 CDL UA . 4.19 39.98 7.85
C41 CDL UA . 3.65 41.39 8.00
C42 CDL UA . 4.59 42.34 8.07
C43 CDL UA . 5.57 42.34 9.22
C44 CDL UA . 7.02 42.54 8.75
C45 CDL UA . 7.67 41.27 8.15
C46 CDL UA . 7.44 41.07 6.65
C47 CDL UA . 8.06 39.79 6.14
CB2 CDL UA . 12.79 33.64 20.93
OB2 CDL UA . 13.51 32.45 20.50
PB2 CDL UA . 14.81 32.31 19.50
OB3 CDL UA . 15.83 31.12 19.83
OB4 CDL UA . 15.25 33.72 19.12
OB5 CDL UA . 13.78 31.80 18.37
CB3 CDL UA . 13.90 31.95 16.96
CB4 CDL UA . 12.56 31.63 16.31
OB6 CDL UA . 11.55 31.57 17.32
CB5 CDL UA . 10.44 32.20 16.65
OB7 CDL UA . 10.61 33.29 16.11
C51 CDL UA . 9.11 31.54 16.58
C52 CDL UA . 8.65 32.12 15.26
C53 CDL UA . 7.43 31.50 14.63
C54 CDL UA . 7.73 30.17 14.00
C55 CDL UA . 6.54 29.79 13.18
C56 CDL UA . 6.54 30.43 11.82
C57 CDL UA . 5.27 30.10 11.12
C58 CDL UA . 5.47 30.45 9.69
C59 CDL UA . 4.43 30.80 8.96
C60 CDL UA . 4.23 32.29 9.00
C61 CDL UA . 3.79 32.75 7.65
C62 CDL UA . 4.22 33.92 7.19
C63 CDL UA . 5.68 34.29 7.29
C64 CDL UA . 6.07 34.74 5.89
C65 CDL UA . 6.03 33.48 5.02
C66 CDL UA . 5.48 33.73 3.63
C67 CDL UA . 4.06 34.24 3.70
CB6 CDL UA . 12.48 30.33 15.53
OB8 CDL UA . 12.94 30.56 14.18
CB7 CDL UA . 11.95 30.73 13.11
OB9 CDL UA . 10.79 30.83 13.46
C71 CDL UA . 12.25 30.78 11.61
C72 CDL UA . 11.13 31.40 10.80
C73 CDL UA . 11.07 30.91 9.35
C74 CDL UA . 9.94 31.74 8.79
C75 CDL UA . 9.21 31.12 7.65
C76 CDL UA . 10.04 31.21 6.41
C77 CDL UA . 9.09 31.10 5.22
C78 CDL UA . 9.89 31.31 3.98
C79 CDL UA . 9.28 31.16 2.82
C80 CDL UA . 9.72 30.05 1.89
C81 CDL UA . 8.51 29.83 1.04
C82 CDL UA . 8.43 28.83 0.18
C83 CDL UA . 9.54 27.86 -0.06
C84 CDL UA . 9.06 26.94 -1.18
C85 CDL UA . 8.53 27.73 -2.37
C86 CDL UA . 9.57 28.54 -3.15
C87 CDL UA . 8.96 29.30 -4.32
C1 CHD VA . 24.52 26.97 3.26
C2 CHD VA . 25.72 26.75 2.33
C3 CHD VA . 25.63 25.42 1.60
O3 CHD VA . 26.82 25.22 0.82
C4 CHD VA . 25.49 24.26 2.59
C5 CHD VA . 24.23 24.46 3.44
C6 CHD VA . 24.02 23.26 4.37
C7 CHD VA . 24.94 23.24 5.58
O7 CHD VA . 26.26 22.85 5.17
C8 CHD VA . 24.95 24.57 6.32
C9 CHD VA . 25.28 25.70 5.33
C10 CHD VA . 24.25 25.79 4.20
C11 CHD VA . 25.39 27.05 6.08
C12 CHD VA . 26.33 27.03 7.28
O12 CHD VA . 27.69 26.92 6.82
C13 CHD VA . 26.00 25.89 8.26
C14 CHD VA . 25.99 24.59 7.44
C15 CHD VA . 26.08 23.43 8.42
C16 CHD VA . 26.88 24.01 9.60
C17 CHD VA . 27.00 25.54 9.39
C18 CHD VA . 24.60 26.15 8.85
C19 CHD VA . 22.86 26.06 4.78
C20 CHD VA . 26.92 26.33 10.71
C21 CHD VA . 27.12 27.84 10.54
C22 CHD VA . 27.92 25.81 11.74
C23 CHD VA . 27.28 24.93 12.82
O25 CHD VA . 26.44 26.87 14.00
C24 CHD VA . 26.99 25.73 14.06
O26 CHD VA . 27.00 25.08 15.13
C1 DMU WA . -2.42 37.51 -7.97
C2 DMU WA . -1.87 38.67 -8.81
C3 DMU WA . -2.95 39.24 -9.73
C4 DMU WA . -3.95 39.82 -8.72
O5 DMU WA . -4.56 38.72 -8.01
C6 DMU WA . -3.68 37.91 -7.19
O7 DMU WA . -2.34 40.18 -10.63
O16 DMU WA . -4.40 36.77 -6.69
C18 DMU WA . -3.94 36.18 -5.47
C19 DMU WA . -5.10 35.68 -4.61
C22 DMU WA . -4.87 34.28 -4.04
C25 DMU WA . -5.64 34.01 -2.75
C28 DMU WA . -5.33 32.60 -2.25
C31 DMU WA . -6.27 32.04 -1.18
C34 DMU WA . -5.61 30.75 -0.64
C37 DMU WA . -6.54 29.78 0.10
C40 DMU WA . -5.72 28.61 0.65
C43 DMU WA . -6.46 27.75 1.65
O49 DMU WA . -1.40 37.03 -7.08
O55 DMU WA . -0.70 38.26 -9.55
C57 DMU WA . -4.99 40.87 -9.22
O61 DMU WA . -6.32 40.43 -9.58
C5 DMU WA . -2.52 39.82 -13.18
C7 DMU WA . -1.85 40.87 -14.05
C8 DMU WA . -2.81 42.04 -14.22
C9 DMU WA . -3.18 42.67 -12.89
O1 DMU WA . -3.57 41.74 -11.88
C10 DMU WA . -3.10 40.38 -11.85
O2 DMU WA . -2.20 43.03 -15.05
O3 DMU WA . -1.70 38.67 -12.96
O4 DMU WA . -1.59 40.31 -15.34
C11 DMU WA . -4.34 43.64 -13.07
O6 DMU WA . -5.54 42.89 -13.28
C1 EDO XA . 27.35 10.73 8.55
O1 EDO XA . 28.00 9.68 9.21
C2 EDO XA . 25.88 10.47 8.75
O2 EDO XA . 25.29 11.74 8.92
CA1 TGL YA . -46.82 11.17 36.27
CA2 TGL YA . -47.22 11.10 34.81
CA3 TGL YA . -46.14 11.67 33.89
CA4 TGL YA . -46.69 11.92 32.49
CA5 TGL YA . -45.75 11.37 31.42
CA6 TGL YA . -45.34 12.41 30.37
CA7 TGL YA . -44.09 11.95 29.63
CA8 TGL YA . -44.37 11.10 28.41
CA9 TGL YA . -43.52 11.62 27.26
OA1 TGL YA . -47.10 10.28 37.04
CB1 TGL YA . -47.56 15.34 38.31
CB2 TGL YA . -47.54 16.21 37.03
CB3 TGL YA . -46.71 15.82 35.78
CB4 TGL YA . -47.57 15.52 34.54
CB5 TGL YA . -47.03 16.04 33.20
CB6 TGL YA . -47.86 15.60 32.00
CB7 TGL YA . -47.27 16.11 30.67
CB8 TGL YA . -47.88 15.40 29.47
CB9 TGL YA . -47.29 15.92 28.16
C10 TGL YA . -47.81 15.22 26.87
C11 TGL YA . -48.67 16.16 26.02
C12 TGL YA . -49.73 16.87 26.89
C13 TGL YA . -50.65 17.83 26.14
C14 TGL YA . -51.45 18.76 27.07
OB1 TGL YA . -48.50 15.22 39.23
OG1 TGL YA . -46.10 12.31 36.81
CG1 TGL YA . -45.75 12.28 38.20
CG2 TGL YA . -46.60 13.32 38.93
OG2 TGL YA . -46.30 14.62 38.41
CG3 TGL YA . -46.43 13.30 40.44
OG3 TGL YA . -45.47 12.27 40.67
CC1 TGL YA . -45.61 11.28 41.69
CC2 TGL YA . -45.80 9.88 41.18
CC3 TGL YA . -44.46 9.29 40.77
CC4 TGL YA . -44.69 8.35 39.59
CC5 TGL YA . -45.22 6.97 40.00
CC6 TGL YA . -45.81 6.25 38.79
CC7 TGL YA . -46.12 4.77 39.04
CC8 TGL YA . -47.17 4.23 38.07
CC9 TGL YA . -48.35 3.60 38.82
C15 TGL YA . -49.13 2.59 37.99
C16 TGL YA . -50.04 3.23 36.94
C17 TGL YA . -50.99 2.19 36.35
C18 TGL YA . -51.42 2.48 34.91
C19 TGL YA . -51.82 1.20 34.15
OC1 TGL YA . -45.56 11.62 42.88
C20 TGL YA . -43.18 10.50 26.29
C21 TGL YA . -44.14 10.34 25.13
C22 TGL YA . -44.11 8.88 24.69
C23 TGL YA . -44.27 7.94 25.90
C24 TGL YA . -45.65 8.02 26.59
C25 TGL YA . -45.95 6.82 27.52
C26 TGL YA . -46.24 7.28 28.95
C27 TGL YA . -47.11 6.29 29.72
C28 TGL YA . -47.17 6.62 31.21
C29 TGL YA . -52.79 19.20 26.47
C30 TGL YA . -52.90 18.99 24.95
C31 TGL YA . -54.11 19.66 24.29
C32 TGL YA . -54.31 19.18 22.86
C33 TGL YA . -50.83 0.05 34.38
C34 TGL YA . -51.09 -1.18 33.51
C35 TGL YA . -50.01 -2.25 33.66
C36 TGL YA . -49.71 -2.64 35.10
P PSC ZA . -31.86 -13.51 40.51
N PSC ZA . -32.54 -15.70 43.69
C01 PSC ZA . -31.09 -12.18 36.92
C02 PSC ZA . -32.47 -11.68 37.32
C03 PSC ZA . -33.01 -12.63 38.35
C04 PSC ZA . -32.46 -13.33 43.04
C05 PSC ZA . -31.67 -14.51 43.59
C06 PSC ZA . -33.91 -15.52 43.17
C07 PSC ZA . -32.69 -15.99 45.10
C08 PSC ZA . -31.87 -16.87 43.11
O01 PSC ZA . -33.26 -11.46 36.12
O02 PSC ZA . -35.36 -11.08 36.94
O03 PSC ZA . -30.49 -11.03 36.36
O04 PSC ZA . -30.31 -12.01 34.24
O11 PSC ZA . -32.21 -12.33 39.49
O12 PSC ZA . -31.71 -12.80 41.95
O13 PSC ZA . -30.50 -14.05 40.08
O14 PSC ZA . -33.07 -14.42 40.53
C1 PSC ZA . -34.68 -11.76 36.17
C2 PSC ZA . -35.33 -12.79 35.25
C3 PSC ZA . -34.35 -13.50 34.29
C4 PSC ZA . -34.19 -12.90 32.88
C5 PSC ZA . -35.28 -13.31 31.89
C6 PSC ZA . -35.14 -12.52 30.59
C7 PSC ZA . -36.39 -12.53 29.70
C8 PSC ZA . -36.28 -11.36 28.71
C9 PSC ZA . -37.53 -11.14 27.87
C10 PSC ZA . -37.59 -10.04 27.14
C11 PSC ZA . -37.92 -10.08 25.67
C12 PSC ZA . -37.84 -8.66 25.10
C13 PSC ZA . -38.06 -8.65 23.59
C14 PSC ZA . -38.04 -7.22 23.09
C15 PSC ZA . -38.59 -6.99 21.67
C16 PSC ZA . -37.69 -7.25 20.47
C17 PSC ZA . -38.43 -6.78 19.21
C18 PSC ZA . -37.70 -7.04 17.91
C19 PSC ZA . -30.38 -11.00 34.92
C20 PSC ZA . -30.41 -9.64 34.35
C21 PSC ZA . -31.73 -8.97 34.70
C22 PSC ZA . -32.84 -9.36 33.73
C23 PSC ZA . -32.28 -9.30 32.31
C24 PSC ZA . -33.30 -8.81 31.29
C25 PSC ZA . -33.56 -7.31 31.47
C26 PSC ZA . -34.04 -6.69 30.15
C27 PSC ZA . -35.53 -6.83 30.12
C28 PSC ZA . -36.20 -6.27 28.89
C29 PSC ZA . -36.45 -4.80 29.12
C30 PSC ZA . -37.73 -4.31 28.50
C31 PSC ZA . -37.57 -3.78 27.08
C32 PSC ZA . -36.97 -4.80 26.13
C33 PSC ZA . -36.90 -4.26 24.73
C34 PSC ZA . -38.29 -4.02 24.22
ZN ZN AB . -15.53 -0.34 44.40
C1 EDO BB . -20.17 5.88 35.90
O1 EDO BB . -19.22 6.68 36.64
C2 EDO BB . -19.59 5.75 34.44
O2 EDO BB . -18.45 4.84 34.48
P PEK CB . 32.81 11.63 4.15
C01 PEK CB . 29.63 12.88 0.23
C02 PEK CB . 30.56 13.27 1.38
C03 PEK CB . 30.85 12.05 2.26
O01 PEK CB . 29.90 14.26 2.17
O02 PEK CB . 31.71 15.72 2.16
O03 PEK CB . 29.69 13.85 -0.83
O04 PEK CB . 29.80 12.63 -2.74
O11 PEK CB . 32.21 12.16 2.73
O12 PEK CB . 32.42 12.82 5.19
O13 PEK CB . 32.11 10.36 4.57
O14 PEK CB . 34.31 11.58 4.04
C1 PEK CB . 30.49 15.60 2.14
C2 PEK CB . 29.61 16.83 2.12
C3 PEK CB . 29.58 17.32 0.67
C4 PEK CB . 28.18 17.51 0.12
C5 PEK CB . 28.28 17.75 -1.36
C6 PEK CB . 27.21 17.62 -2.13
C7 PEK CB . 25.97 18.45 -1.86
C8 PEK CB . 24.90 18.15 -2.90
C9 PEK CB . 23.77 18.87 -2.86
C10 PEK CB . 22.50 18.45 -3.58
C11 PEK CB . 21.35 19.37 -3.24
C12 PEK CB . 20.23 19.36 -3.98
C13 PEK CB . 20.34 19.73 -5.44
C14 PEK CB . 19.03 20.12 -6.12
C15 PEK CB . 19.13 20.75 -7.31
C16 PEK CB . 19.22 19.93 -8.59
C17 PEK CB . 19.91 20.66 -9.75
C18 PEK CB . 19.06 21.62 -10.57
C19 PEK CB . 19.91 22.21 -11.71
C20 PEK CB . 19.11 22.75 -12.87
C21 PEK CB . 29.18 13.51 -2.17
C22 PEK CB . 28.08 14.25 -2.92
C23 PEK CB . 27.73 13.47 -4.20
C24 PEK CB . 26.83 14.13 -5.26
C25 PEK CB . 25.73 13.15 -5.73
C26 PEK CB . 25.16 13.33 -7.14
C27 PEK CB . 26.21 13.03 -8.20
C28 PEK CB . 25.74 11.96 -9.22
C29 PEK CB . 26.81 11.63 -10.29
C30 PEK CB . 26.37 10.57 -11.30
C31 PEK CB . 26.59 9.11 -10.86
C32 PEK CB . 25.68 8.17 -11.67
C33 PEK CB . 25.91 6.72 -11.27
C34 PEK CB . 24.64 5.88 -11.24
C35 PEK CB . 24.95 4.47 -10.76
C36 PEK CB . 23.77 3.74 -10.18
C37 PEK CB . 23.36 4.32 -8.84
C38 PEK CB . 22.51 3.31 -8.10
C1 CDL DB . 11.75 8.62 -24.97
O1 CDL DB . 11.09 9.53 -24.10
CA2 CDL DB . 10.84 8.63 -26.18
OA2 CDL DB . 11.19 9.90 -26.71
PA1 CDL DB . 10.64 10.61 -28.04
OA3 CDL DB . 9.77 9.64 -28.82
OA4 CDL DB . 10.16 12.00 -27.68
OA5 CDL DB . 12.17 10.64 -28.53
CA3 CDL DB . 12.89 11.49 -29.41
CA4 CDL DB . 14.32 11.08 -29.02
OA6 CDL DB . 14.47 11.07 -27.60
CA5 CDL DB . 15.32 9.98 -27.10
OA7 CDL DB . 16.29 9.64 -27.77
C11 CDL DB . 15.11 9.34 -25.74
C12 CDL DB . 16.38 8.70 -25.19
C13 CDL DB . 16.28 8.67 -23.66
C14 CDL DB . 17.14 7.59 -23.07
C15 CDL DB . 17.04 7.51 -21.55
C16 CDL DB . 18.11 8.31 -20.79
C17 CDL DB . 18.16 7.89 -19.31
C18 CDL DB . 17.96 6.39 -19.26
C19 CDL DB . 18.37 5.63 -18.24
C20 CDL DB . 17.43 5.27 -17.12
C21 CDL DB . 18.23 4.58 -16.04
C22 CDL DB . 17.98 4.85 -14.76
C23 CDL DB . 17.24 3.89 -13.86
C24 CDL DB . 17.36 4.34 -12.41
C25 CDL DB . 18.80 4.39 -11.91
C26 CDL DB . 18.84 5.08 -10.56
C27 CDL DB . 20.19 4.98 -9.91
CA6 CDL DB . 15.37 11.97 -29.70
OA8 CDL DB . 15.89 11.16 -30.76
CA7 CDL DB . 17.22 11.16 -31.39
OA9 CDL DB . 17.23 10.98 -32.59
C31 CDL DB . 18.57 11.27 -30.69
C32 CDL DB . 18.54 11.57 -29.19
C33 CDL DB . 19.72 10.97 -28.43
C34 CDL DB . 19.58 11.23 -26.92
C35 CDL DB . 20.56 10.37 -26.09
C36 CDL DB . 20.66 10.84 -24.63
C37 CDL DB . 21.68 10.10 -23.73
C38 CDL DB . 21.11 8.74 -23.32
C39 CDL DB . 21.61 7.91 -22.39
C40 CDL DB . 23.06 7.79 -21.97
C41 CDL DB . 23.27 6.70 -20.92
C42 CDL DB . 24.22 6.86 -19.99
C43 CDL DB . 24.26 8.20 -19.26
C44 CDL DB . 25.25 8.28 -18.10
C45 CDL DB . 25.56 9.75 -17.81
C46 CDL DB . 24.74 10.45 -16.73
C47 CDL DB . 25.29 10.27 -15.33
CB2 CDL DB . 11.85 7.24 -24.32
OB2 CDL DB . 12.91 7.27 -23.36
PB2 CDL DB . 12.41 7.32 -21.83
OB3 CDL DB . 11.25 6.37 -21.69
OB4 CDL DB . 12.22 8.80 -21.55
OB5 CDL DB . 13.55 6.83 -20.79
CB3 CDL DB . 12.98 6.18 -19.66
CB4 CDL DB . 13.24 6.92 -18.35
OB6 CDL DB . 14.61 6.89 -17.91
CB5 CDL DB . 14.92 8.06 -17.08
OB7 CDL DB . 14.46 9.16 -17.39
C51 CDL DB . 15.80 7.99 -15.86
C52 CDL DB . 15.02 7.27 -14.75
C53 CDL DB . 15.80 7.27 -13.45
C54 CDL DB . 15.02 6.69 -12.27
C55 CDL DB . 13.92 7.57 -11.73
C56 CDL DB . 13.92 7.47 -10.21
C57 CDL DB . 12.54 7.65 -9.62
C58 CDL DB . 11.65 7.11 -10.67
C59 CDL DB . 10.74 6.18 -10.45
C60 CDL DB . 9.40 6.55 -9.92
C61 CDL DB . 8.44 5.66 -10.65
C62 CDL DB . 7.14 5.76 -10.42
C63 CDL DB . 6.60 5.36 -9.08
C64 CDL DB . 5.09 5.38 -9.21
C65 CDL DB . 4.40 4.45 -8.21
C66 CDL DB . 4.60 4.86 -6.76
C67 CDL DB . 3.56 4.20 -5.88
CB6 CDL DB . 12.34 6.24 -17.29
OB8 CDL DB . 13.02 5.19 -16.59
CB7 CDL DB . 12.44 4.44 -15.49
OB9 CDL DB . 11.26 4.59 -15.20
C71 CDL DB . 13.34 3.48 -14.75
C72 CDL DB . 12.68 2.89 -13.51
C73 CDL DB . 13.72 2.67 -12.40
C74 CDL DB . 13.03 2.33 -11.09
C75 CDL DB . 13.95 2.42 -9.87
C76 CDL DB . 14.54 3.82 -9.67
C77 CDL DB . 14.75 4.09 -8.18
C78 CDL DB . 15.29 5.49 -7.93
C79 CDL DB . 14.90 6.18 -6.85
C80 CDL DB . 15.83 6.66 -5.76
C81 CDL DB . 15.02 7.36 -4.68
C82 CDL DB . 15.01 6.77 -3.49
C83 CDL DB . 14.00 5.65 -3.22
C84 CDL DB . 13.97 5.12 -1.78
C85 CDL DB . 14.90 3.94 -1.48
C86 CDL DB . 14.73 3.45 -0.04
C87 CDL DB . 15.48 2.17 0.27
P PEK EB . 13.32 -8.18 13.04
N PEK EB . 15.02 -4.24 13.55
C01 PEK EB . 10.25 -6.04 12.11
C02 PEK EB . 9.46 -7.32 12.37
C03 PEK EB . 10.53 -8.00 13.24
C04 PEK EB . 13.83 -6.06 14.69
C05 PEK EB . 14.92 -4.99 14.79
O01 PEK EB . 9.25 -8.02 11.12
O02 PEK EB . 6.93 -7.75 11.20
O03 PEK EB . 10.12 -5.38 10.85
O04 PEK EB . 12.12 -4.21 10.53
O11 PEK EB . 11.79 -7.89 12.54
O12 PEK EB . 14.03 -6.78 13.47
O13 PEK EB . 13.33 -9.10 14.23
O14 PEK EB . 14.07 -8.58 11.78
C1 PEK EB . 7.90 -8.08 10.55
C2 PEK EB . 7.69 -8.61 9.14
C3 PEK EB . 6.26 -9.10 8.98
C4 PEK EB . 5.85 -9.66 7.63
C5 PEK EB . 4.32 -9.70 7.66
C6 PEK EB . 3.58 -10.00 6.60
C7 PEK EB . 2.98 -8.93 5.69
C8 PEK EB . 2.71 -9.63 4.39
C9 PEK EB . 2.54 -8.96 3.27
C10 PEK EB . 2.95 -9.62 1.99
C11 PEK EB . 2.51 -8.81 0.80
C12 PEK EB . 2.38 -9.47 -0.35
C13 PEK EB . 1.80 -8.93 -1.64
C14 PEK EB . 1.61 -10.15 -2.51
C15 PEK EB . 1.32 -10.13 -3.81
C16 PEK EB . 1.96 -9.09 -4.68
C17 PEK EB . 1.84 -9.58 -6.11
C18 PEK EB . 0.96 -8.69 -6.98
C19 PEK EB . 1.71 -7.58 -7.70
C20 PEK EB . 0.73 -6.72 -8.46
C21 PEK EB . 11.39 -5.12 10.15
C22 PEK EB . 11.72 -5.93 8.91
C23 PEK EB . 13.18 -5.74 8.46
C24 PEK EB . 13.50 -6.69 7.31
C25 PEK EB . 15.00 -6.90 7.17
C26 PEK EB . 15.30 -8.10 6.28
C27 PEK EB . 15.09 -7.82 4.79
C28 PEK EB . 16.42 -7.54 4.10
C29 PEK EB . 16.26 -7.59 2.58
C30 PEK EB . 17.57 -7.28 1.86
C31 PEK EB . 18.04 -5.83 2.00
C32 PEK EB . 17.09 -4.84 1.32
C33 PEK EB . 17.77 -3.63 0.69
C34 PEK EB . 18.06 -2.44 1.60
C35 PEK EB . 18.67 -1.31 0.79
C36 PEK EB . 17.87 -1.08 -0.50
C37 PEK EB . 18.27 0.20 -1.23
C38 PEK EB . 17.61 0.33 -2.60
C1 CHD FB . -7.34 52.90 18.31
C2 CHD FB . -6.72 53.87 19.33
C3 CHD FB . -5.42 54.43 18.76
O3 CHD FB . -4.87 55.40 19.66
C4 CHD FB . -4.45 53.26 18.62
C5 CHD FB . -4.99 52.24 17.61
C6 CHD FB . -3.96 51.11 17.46
C7 CHD FB . -4.03 50.06 18.56
O7 CHD FB . -3.44 50.53 19.80
C8 CHD FB . -5.46 49.53 18.74
C9 CHD FB . -6.48 50.64 18.96
C10 CHD FB . -6.43 51.74 17.89
C11 CHD FB . -7.89 50.02 19.00
C12 CHD FB . -8.07 48.88 20.02
O12 CHD FB . -8.22 49.44 21.33
C13 CHD FB . -6.94 47.87 19.97
C14 CHD FB . -5.58 48.56 19.91
C15 CHD FB . -4.58 47.42 20.02
C16 CHD FB . -5.28 46.39 20.93
C17 CHD FB . -6.63 47.04 21.23
C18 CHD FB . -7.08 47.02 18.70
C19 CHD FB . -7.00 51.21 16.59
C20 CHD FB . -7.68 46.15 21.97
C21 CHD FB . -7.04 45.55 23.23
C22 CHD FB . -8.39 45.05 21.18
C23 CHD FB . -9.56 44.48 21.99
O25 CHD FB . -11.41 43.58 20.74
C24 CHD FB . -10.30 43.35 21.29
O26 CHD FB . -9.95 42.18 21.57
CA1 TGL GB . -25.66 39.05 26.13
CA2 TGL GB . -26.94 38.63 26.77
CA3 TGL GB . -26.92 37.12 26.78
CA4 TGL GB . -28.33 36.75 27.20
CA5 TGL GB . -28.36 35.64 28.21
CA6 TGL GB . -28.89 34.40 27.57
CA7 TGL GB . -28.97 33.25 28.54
CA8 TGL GB . -29.50 32.05 27.81
CA9 TGL GB . -29.17 30.81 28.60
OA1 TGL GB . -25.39 40.24 25.99
CB1 TGL GB . -20.54 37.23 24.35
CB2 TGL GB . -20.38 36.09 23.37
CB3 TGL GB . -21.72 35.36 23.11
CB4 TGL GB . -21.53 34.17 22.15
CB5 TGL GB . -22.00 34.54 20.74
CB6 TGL GB . -23.48 34.88 20.81
CB7 TGL GB . -24.15 34.53 19.46
CB8 TGL GB . -24.07 35.68 18.48
CB9 TGL GB . -24.29 35.20 17.07
C10 TGL GB . -23.97 36.27 16.06
C11 TGL GB . -23.03 35.76 14.97
C12 TGL GB . -22.86 36.81 13.86
C13 TGL GB . -24.08 36.99 12.96
C14 TGL GB . -24.45 38.48 12.89
OB1 TGL GB . -19.54 37.62 24.95
OG1 TGL GB . -24.75 38.00 25.71
CG1 TGL GB . -23.49 37.94 26.37
CG2 TGL GB . -22.57 38.70 25.41
OG2 TGL GB . -21.90 37.82 24.44
CG3 TGL GB . -21.89 39.80 26.26
OG3 TGL GB . -22.93 40.18 27.19
CC1 TGL GB . -23.02 41.44 27.93
CC2 TGL GB . -24.13 41.69 29.00
CC3 TGL GB . -23.93 42.27 30.46
CC4 TGL GB . -22.52 42.79 30.64
CC5 TGL GB . -22.50 44.31 30.56
CC6 TGL GB . -23.46 44.92 29.55
CC7 TGL GB . -22.85 46.04 28.69
CC8 TGL GB . -23.77 46.43 27.53
CC9 TGL GB . -23.95 45.28 26.55
C15 TGL GB . -25.19 45.32 25.66
C16 TGL GB . -25.48 43.88 25.17
C17 TGL GB . -26.66 43.68 24.22
C18 TGL GB . -26.93 42.18 24.02
C19 TGL GB . -27.86 41.82 22.85
OC1 TGL GB . -22.21 42.28 27.58
C20 TGL GB . -29.05 29.70 27.59
C21 TGL GB . -27.73 29.90 26.89
C22 TGL GB . -26.75 28.93 27.50
C23 TGL GB . -26.31 29.29 28.90
C24 TGL GB . -26.45 28.09 29.79
C25 TGL GB . -25.19 28.04 30.60
C26 TGL GB . -25.53 28.47 31.99
C27 TGL GB . -24.29 29.01 32.66
C28 TGL GB . -22.99 28.51 32.08
C29 TGL GB . -25.95 38.78 13.06
C30 TGL GB . -26.26 40.24 13.48
C31 TGL GB . -27.75 40.56 13.76
C32 TGL GB . -28.59 40.78 12.50
C33 TGL GB . -27.27 42.10 21.47
C34 TGL GB . -27.46 40.95 20.47
C35 TGL GB . -26.20 40.07 20.37
C36 TGL GB . -26.19 39.21 19.12
C1 DMU HB . -47.36 44.85 15.23
C2 DMU HB . -47.87 46.26 15.00
C3 DMU HB . -49.28 46.25 14.43
C4 DMU HB . -50.22 45.45 15.31
O5 DMU HB . -49.64 44.16 15.52
C6 DMU HB . -48.33 44.12 16.11
O7 DMU HB . -49.74 47.59 14.40
O16 DMU HB . -47.94 42.74 16.26
C18 DMU HB . -48.79 42.12 17.25
C19 DMU HB . -48.40 40.67 17.52
C22 DMU HB . -48.69 39.85 16.28
C25 DMU HB . -48.62 38.36 16.54
C28 DMU HB . -47.54 37.80 15.63
C31 DMU HB . -47.87 36.37 15.29
C34 DMU HB . -46.60 35.57 15.10
C37 DMU HB . -45.60 36.27 14.23
C40 DMU HB . -44.41 35.32 13.98
C43 DMU HB . -44.74 34.11 13.14
O49 DMU HB . -46.15 44.98 15.96
O55 DMU HB . -46.95 46.96 14.15
C57 DMU HB . -51.61 45.24 14.68
O61 DMU HB . -52.43 44.43 15.54
C5 DMU HB . -49.60 49.34 12.69
C7 DMU HB . -50.04 50.36 13.75
C8 DMU HB . -51.57 50.41 13.79
C9 DMU HB . -52.14 49.02 14.05
O1 DMU HB . -51.63 48.06 13.11
C10 DMU HB . -50.19 48.00 13.09
O2 DMU HB . -51.97 51.25 14.87
O3 DMU HB . -48.17 49.24 12.59
O4 DMU HB . -49.48 51.65 13.49
C11 DMU HB . -53.66 49.00 13.98
O6 DMU HB . -54.09 48.97 12.60
FE HEA IB . 30.70 -22.24 -22.88
CHA HEA IB . 28.00 -21.82 -25.08
CHB HEA IB . 32.72 -23.18 -25.41
CHC HEA IB . 33.33 -22.71 -20.62
CHD HEA IB . 28.74 -20.96 -20.35
NA HEA IB . 30.42 -22.50 -24.86
C1A HEA IB . 29.33 -22.19 -25.60
C2A HEA IB . 29.59 -22.33 -26.94
C3A HEA IB . 30.91 -22.69 -27.07
C4A HEA IB . 31.40 -22.77 -25.77
CMA HEA IB . 31.55 -22.95 -28.39
OMA HEA IB . 32.77 -22.83 -28.54
CAA HEA IB . 28.68 -22.10 -28.15
CBA HEA IB . 27.80 -23.29 -28.50
CGA HEA IB . 26.90 -22.85 -29.64
O1A HEA IB . 26.63 -23.77 -30.48
O2A HEA IB . 26.48 -21.67 -29.85
NB HEA IB . 32.59 -22.89 -23.00
C1B HEA IB . 33.27 -23.28 -24.10
C2B HEA IB . 34.56 -23.70 -23.84
C3B HEA IB . 34.69 -23.58 -22.49
C4B HEA IB . 33.50 -23.05 -22.02
CMB HEA IB . 35.53 -24.18 -24.92
NC HEA IB . 31.00 -21.88 -20.93
C1C HEA IB . 32.11 -22.08 -20.18
C2C HEA IB . 31.94 -21.69 -18.83
C3C HEA IB . 30.65 -21.15 -18.77
C4C HEA IB . 30.11 -21.30 -20.07
CMC HEA IB . 33.00 -21.72 -17.72
CAC HEA IB . 29.93 -20.56 -17.61
CBC HEA IB . 30.31 -20.46 -16.30
ND HEA IB . 28.78 -21.60 -22.72
C1D HEA IB . 28.14 -21.14 -21.63
C2D HEA IB . 26.82 -20.75 -21.87
C3D HEA IB . 26.61 -20.98 -23.19
C4D HEA IB . 27.87 -21.51 -23.68
CMD HEA IB . 25.83 -20.20 -20.85
CAD HEA IB . 25.40 -20.81 -24.07
CBD HEA IB . 24.58 -22.15 -24.23
CGD HEA IB . 23.37 -21.90 -25.16
O1D HEA IB . 22.24 -22.31 -24.79
O2D HEA IB . 23.47 -21.32 -26.26
C11 HEA IB . 35.86 -23.86 -21.55
O11 HEA IB . 36.44 -25.14 -22.03
C12 HEA IB . 36.93 -22.79 -21.45
C13 HEA IB . 37.92 -23.25 -20.32
C14 HEA IB . 37.28 -23.22 -18.94
C15 HEA IB . 37.33 -24.29 -18.13
C16 HEA IB . 36.69 -24.28 -16.76
C17 HEA IB . 37.50 -25.04 -15.74
C18 HEA IB . 37.02 -24.91 -14.30
C19 HEA IB . 36.90 -25.97 -13.49
C20 HEA IB . 36.47 -25.89 -12.05
C21 HEA IB . 37.68 -26.27 -11.15
C22 HEA IB . 37.22 -26.25 -9.70
C23 HEA IB . 37.88 -25.79 -8.60
C24 HEA IB . 39.24 -25.17 -8.62
C25 HEA IB . 37.28 -25.82 -7.23
C26 HEA IB . 38.06 -25.52 -18.59
C27 HEA IB . 37.23 -27.37 -13.97
FE HEA JB . 26.29 -9.74 -20.60
CHA HEA JB . 24.43 -11.39 -22.97
CHB HEA JB . 25.51 -6.72 -21.99
CHC HEA JB . 27.95 -8.06 -17.98
CHD HEA JB . 27.05 -12.82 -19.01
NA HEA JB . 25.15 -9.16 -22.15
C1A HEA JB . 24.41 -9.96 -22.96
C2A HEA JB . 23.65 -9.21 -23.85
C3A HEA JB . 23.92 -7.89 -23.54
C4A HEA JB . 24.88 -7.90 -22.51
CMA HEA JB . 23.27 -6.74 -24.23
OMA HEA JB . 23.24 -5.60 -23.75
CAA HEA JB . 22.63 -9.68 -24.90
CBA HEA JB . 23.31 -9.81 -26.26
CGA HEA JB . 22.42 -10.61 -27.22
O1A HEA JB . 22.19 -10.07 -28.32
O2A HEA JB . 22.00 -11.74 -26.86
NB HEA JB . 26.73 -7.81 -20.15
C1B HEA JB . 26.36 -6.70 -20.84
C2B HEA JB . 26.82 -5.50 -20.23
C3B HEA JB . 27.49 -5.92 -19.11
C4B HEA JB . 27.40 -7.31 -19.09
CMB HEA JB . 26.63 -4.07 -20.77
NC HEA JB . 27.26 -10.31 -18.96
C1C HEA JB . 27.85 -9.51 -17.99
C2C HEA JB . 28.38 -10.21 -16.93
C3C HEA JB . 28.13 -11.51 -17.23
C4C HEA JB . 27.46 -11.55 -18.44
CMC HEA JB . 29.07 -9.69 -15.67
CAC HEA JB . 28.52 -12.69 -16.43
CBC HEA JB . 29.61 -12.88 -15.67
ND HEA JB . 25.88 -11.68 -20.96
C1D HEA JB . 26.22 -12.76 -20.21
C2D HEA JB . 25.69 -13.94 -20.74
C3D HEA JB . 25.02 -13.56 -21.87
C4D HEA JB . 25.12 -12.17 -21.97
CMD HEA JB . 25.85 -15.37 -20.24
CAD HEA JB . 24.27 -14.48 -22.86
CBD HEA JB . 22.95 -15.06 -22.44
CGD HEA JB . 22.52 -15.99 -23.57
O1D HEA JB . 21.96 -15.54 -24.59
O2D HEA JB . 22.76 -17.20 -23.44
C11 HEA JB . 28.12 -4.97 -18.11
O11 HEA JB . 27.73 -5.37 -16.76
C12 HEA JB . 29.65 -4.95 -18.23
C13 HEA JB . 30.21 -3.71 -17.47
C14 HEA JB . 31.73 -3.74 -17.49
C15 HEA JB . 32.55 -2.96 -18.20
C16 HEA JB . 34.09 -3.16 -18.13
C17 HEA JB . 34.75 -2.42 -16.94
C18 HEA JB . 34.50 -0.91 -16.99
C19 HEA JB . 35.43 0.07 -17.16
C20 HEA JB . 34.98 1.54 -17.10
C21 HEA JB . 34.82 2.41 -18.34
C22 HEA JB . 33.97 1.75 -19.40
C23 HEA JB . 33.16 2.44 -20.19
C24 HEA JB . 33.03 3.93 -20.15
C25 HEA JB . 32.33 1.73 -21.25
C26 HEA JB . 32.03 -1.89 -19.10
C27 HEA JB . 36.90 -0.26 -17.28
N NO KB . 24.81 -9.77 -19.73
O NO KB . 23.74 -10.20 -19.78
CU CU LB . 21.48 -9.34 -19.39
MG MG MB . 17.45 -14.88 -30.27
NA NA NB . 30.25 -29.50 -37.55
CA1 TGL OB . 36.32 -39.02 -3.28
CA2 TGL OB . 37.67 -38.70 -3.88
CA3 TGL OB . 37.86 -37.21 -3.69
CA4 TGL OB . 38.95 -36.69 -4.60
CA5 TGL OB . 39.20 -35.24 -4.20
CA6 TGL OB . 40.32 -34.65 -5.01
CA7 TGL OB . 40.70 -33.31 -4.40
CA8 TGL OB . 39.89 -32.23 -5.10
CA9 TGL OB . 40.48 -30.87 -4.81
OA1 TGL OB . 35.93 -40.18 -3.31
CB1 TGL OB . 31.70 -37.50 -0.62
CB2 TGL OB . 31.58 -36.06 -1.07
CB3 TGL OB . 31.57 -35.84 -2.57
CB4 TGL OB . 30.45 -34.87 -2.94
CB5 TGL OB . 30.62 -34.32 -4.33
CB6 TGL OB . 30.77 -35.43 -5.34
CB7 TGL OB . 30.06 -35.00 -6.62
CB8 TGL OB . 29.13 -36.08 -7.12
CB9 TGL OB . 28.15 -35.50 -8.12
C10 TGL OB . 27.29 -36.58 -8.72
C11 TGL OB . 25.87 -36.07 -8.88
C12 TGL OB . 25.02 -37.08 -9.66
C13 TGL OB . 25.20 -37.01 -11.18
C14 TGL OB . 25.27 -38.43 -11.76
OB1 TGL OB . 31.16 -37.80 0.48
OG1 TGL OB . 35.52 -37.93 -2.72
CG1 TGL OB . 34.91 -37.95 -1.44
CG2 TGL OB . 33.76 -38.98 -1.44
OG2 TGL OB . 32.37 -38.49 -1.50
CG3 TGL OB . 34.06 -40.07 -0.39
OG3 TGL OB . 35.33 -40.64 -0.77
CC1 TGL OB . 35.98 -41.76 -0.10
CC2 TGL OB . 37.28 -42.34 -0.68
CC3 TGL OB . 38.57 -42.41 0.18
CC4 TGL OB . 38.50 -43.12 1.52
CC5 TGL OB . 37.54 -44.30 1.54
CC6 TGL OB . 37.90 -45.43 0.58
CC7 TGL OB . 36.64 -46.07 -0.01
CC8 TGL OB . 36.57 -45.97 -1.55
CC9 TGL OB . 35.15 -45.96 -2.12
C15 TGL OB . 35.08 -45.54 -3.59
C16 TGL OB . 35.27 -44.03 -3.80
C17 TGL OB . 34.85 -43.59 -5.20
C18 TGL OB . 35.69 -42.44 -5.75
C19 TGL OB . 35.16 -41.96 -7.11
OC1 TGL OB . 35.43 -42.23 0.88
C20 TGL OB . 39.46 -29.81 -5.14
C21 TGL OB . 38.26 -30.01 -4.24
C22 TGL OB . 38.23 -29.01 -3.09
C23 TGL OB . 39.33 -29.23 -2.09
C24 TGL OB . 39.53 -27.92 -1.35
C25 TGL OB . 39.25 -28.18 0.11
C26 TGL OB . 40.23 -29.28 0.52
C27 TGL OB . 40.44 -29.18 2.02
C28 TGL OB . 39.12 -29.09 2.76
C29 TGL OB . 26.67 -38.91 -12.17
C30 TGL OB . 26.77 -40.37 -12.65
C31 TGL OB . 28.09 -40.75 -13.33
C32 TGL OB . 27.85 -41.16 -14.78
C33 TGL OB . 33.64 -41.76 -7.07
C34 TGL OB . 33.12 -40.63 -7.98
C35 TGL OB . 31.95 -39.89 -7.33
C36 TGL OB . 31.09 -39.18 -8.36
P PGV PB . 59.83 -24.68 -2.54
C01 PGV PB . 60.96 -28.33 -5.23
C02 PGV PB . 60.56 -26.92 -4.73
C03 PGV PB . 59.17 -26.69 -4.12
O01 PGV PB . 60.99 -25.74 -5.49
O02 PGV PB . 60.03 -24.25 -7.02
O03 PGV PB . 62.38 -28.20 -5.41
O04 PGV PB . 64.57 -28.83 -5.50
O11 PGV PB . 59.66 -26.24 -2.86
O12 PGV PB . 58.67 -24.37 -1.46
O13 PGV PB . 59.59 -23.91 -3.83
O14 PGV PB . 61.14 -24.57 -1.80
C1 PGV PB . 60.27 -25.41 -6.71
C2 PGV PB . 59.82 -26.51 -7.59
C3 PGV PB . 59.88 -26.08 -9.01
C4 PGV PB . 59.11 -27.18 -9.70
C5 PGV PB . 58.93 -26.78 -11.13
C6 PGV PB . 58.20 -27.83 -11.91
C7 PGV PB . 58.48 -27.56 -13.38
C8 PGV PB . 58.48 -28.86 -14.15
C9 PGV PB . 58.87 -28.57 -15.56
C10 PGV PB . 58.60 -29.79 -16.43
C11 PGV PB . 58.35 -29.29 -17.83
C12 PGV PB . 58.40 -30.11 -18.87
C13 PGV PB . 58.28 -31.62 -18.68
C14 PGV PB . 58.88 -32.31 -19.91
C15 PGV PB . 58.85 -33.84 -19.83
C16 PGV PB . 59.47 -34.43 -21.08
C17 PGV PB . 59.37 -35.96 -21.11
C18 PGV PB . 60.04 -36.49 -22.35
C19 PGV PB . 63.42 -29.22 -5.56
C20 PGV PB . 63.15 -30.69 -5.83
C21 PGV PB . 63.00 -30.94 -7.33
C22 PGV PB . 61.56 -30.77 -7.83
C23 PGV PB . 61.56 -30.60 -9.34
C24 PGV PB . 60.19 -30.77 -9.97
C25 PGV PB . 59.91 -32.11 -10.63
C26 PGV PB . 59.62 -31.99 -12.12
C27 PGV PB . 58.98 -33.27 -12.65
C28 PGV PB . 58.61 -33.17 -14.12
C29 PGV PB . 57.75 -34.36 -14.55
C30 PGV PB . 57.40 -34.28 -16.04
C31 PGV PB . 56.71 -35.56 -16.57
C32 PGV PB . 56.36 -35.52 -18.06
C33 PGV PB . 55.70 -36.81 -18.58
C34 PGV PB . 56.63 -38.01 -18.58
P PGV QB . 17.93 -25.18 10.89
C01 PGV QB . 15.63 -21.98 9.00
C02 PGV QB . 14.91 -23.24 9.57
C03 PGV QB . 15.71 -23.72 10.79
C04 PGV QB . 18.39 -23.87 13.18
C05 PGV QB . 18.17 -24.24 14.63
C06 PGV QB . 16.64 -24.36 14.92
O01 PGV QB . 14.97 -24.14 8.52
O02 PGV QB . 12.84 -24.68 9.05
O03 PGV QB . 14.88 -21.47 7.82
O04 PGV QB . 13.78 -20.34 9.41
O05 PGV QB . 18.74 -23.21 15.41
O06 PGV QB . 16.45 -24.70 16.29
O11 PGV QB . 17.06 -23.93 10.29
O12 PGV QB . 17.93 -24.99 12.44
O13 PGV QB . 19.33 -25.00 10.32
O14 PGV QB . 17.25 -26.48 10.61
C1 PGV QB . 13.77 -24.91 8.29
C2 PGV QB . 13.80 -25.90 7.16
C3 PGV QB . 12.84 -27.10 7.23
C4 PGV QB . 12.89 -27.91 5.93
C5 PGV QB . 11.95 -29.14 6.03
C6 PGV QB . 12.15 -30.04 4.77
C7 PGV QB . 11.47 -29.29 3.65
C8 PGV QB . 11.98 -29.28 2.21
C9 PGV QB . 12.01 -30.63 1.59
C10 PGV QB . 11.84 -30.62 0.07
C11 PGV QB . 12.78 -29.71 -0.68
C12 PGV QB . 12.52 -29.39 -1.94
C13 PGV QB . 11.12 -29.56 -2.49
C14 PGV QB . 11.18 -29.39 -3.98
C15 PGV QB . 9.89 -29.87 -4.64
C16 PGV QB . 9.84 -29.56 -6.14
C17 PGV QB . 8.51 -30.00 -6.70
C18 PGV QB . 8.46 -29.69 -8.19
C19 PGV QB . 13.85 -20.56 8.24
C20 PGV QB . 12.88 -19.92 7.23
C21 PGV QB . 12.71 -20.75 5.95
C22 PGV QB . 11.84 -22.01 6.11
C23 PGV QB . 11.79 -22.77 4.80
C24 PGV QB . 11.20 -24.16 4.87
C25 PGV QB . 11.37 -24.99 3.56
C26 PGV QB . 10.76 -24.42 2.30
C27 PGV QB . 11.00 -25.37 1.12
C28 PGV QB . 10.38 -24.91 -0.20
C29 PGV QB . 10.93 -23.55 -0.65
C30 PGV QB . 10.19 -22.84 -1.81
C31 PGV QB . 10.87 -21.52 -2.18
C32 PGV QB . 9.91 -20.33 -2.41
C33 PGV QB . 9.70 -19.89 -3.87
C34 PGV QB . 8.94 -20.92 -4.68
C1 EDO RB . 48.09 -18.07 10.14
O1 EDO RB . 49.54 -17.85 10.14
C2 EDO RB . 47.74 -19.38 9.49
O2 EDO RB . 48.65 -20.39 10.04
C1 EDO SB . 40.39 -7.39 2.34
O1 EDO SB . 39.64 -7.32 3.59
C2 EDO SB . 41.67 -8.17 2.66
O2 EDO SB . 42.32 -7.46 3.73
C1 EDO TB . 34.97 7.33 -0.94
O1 EDO TB . 33.92 7.36 0.04
C2 EDO TB . 34.84 6.08 -1.78
O2 EDO TB . 35.33 4.92 -1.07
C1 EDO UB . 48.45 -3.55 11.13
O1 EDO UB . 48.94 -4.91 11.11
C2 EDO UB . 47.87 -3.28 9.74
O2 EDO UB . 48.95 -3.12 8.82
C1 EDO VB . 48.84 -16.83 1.21
O1 EDO VB . 49.46 -16.37 0.00
C2 EDO VB . 48.54 -18.33 1.08
O2 EDO VB . 48.07 -18.58 -0.27
C1 EDO WB . 56.91 -4.80 -6.15
O1 EDO WB . 57.59 -6.09 -6.17
C2 EDO WB . 56.98 -4.19 -7.55
O2 EDO WB . 56.40 -5.05 -8.54
CU1 CUA XB . 14.73 -22.00 -37.96
CU2 CUA XB . 16.72 -21.77 -36.46
C1 CHD YB . 28.87 10.49 -6.43
C2 CHD YB . 30.13 11.37 -6.37
C3 CHD YB . 31.19 10.82 -7.32
O3 CHD YB . 32.34 11.66 -7.14
C4 CHD YB . 31.59 9.39 -6.90
C5 CHD YB . 30.34 8.49 -6.96
C6 CHD YB . 30.70 7.02 -6.64
C7 CHD YB . 31.01 6.78 -5.18
O7 CHD YB . 32.32 7.35 -4.81
C8 CHD YB . 29.90 7.37 -4.28
C9 CHD YB . 29.62 8.85 -4.60
C10 CHD YB . 29.19 9.02 -6.08
C11 CHD YB . 28.61 9.51 -3.64
C12 CHD YB . 28.93 9.29 -2.16
O12 CHD YB . 30.09 10.03 -1.74
C13 CHD YB . 29.15 7.81 -1.85
C14 CHD YB . 30.25 7.23 -2.77
C15 CHD YB . 30.54 5.84 -2.19
C16 CHD YB . 30.26 5.96 -0.65
C17 CHD YB . 29.70 7.40 -0.45
C18 CHD YB . 27.78 7.14 -2.16
C19 CHD YB . 27.85 8.25 -6.33
C20 CHD YB . 28.64 7.33 0.67
C21 CHD YB . 28.10 8.72 0.98
C22 CHD YB . 29.24 6.72 1.98
C23 CHD YB . 30.30 7.66 2.65
O25 CHD YB . 31.82 6.65 4.22
C24 CHD YB . 30.70 7.17 4.03
O26 CHD YB . 29.83 7.13 4.92
CA1 TGL ZB . 41.55 -6.03 -36.07
CA2 TGL ZB . 42.38 -7.02 -35.28
CA3 TGL ZB . 41.82 -7.16 -33.87
CA4 TGL ZB . 42.95 -7.22 -32.84
CA5 TGL ZB . 42.86 -6.02 -31.91
CA6 TGL ZB . 42.93 -6.47 -30.46
CA7 TGL ZB . 44.38 -6.70 -30.03
CA8 TGL ZB . 44.65 -8.15 -29.67
CA9 TGL ZB . 46.08 -8.53 -30.05
OA1 TGL ZB . 42.09 -5.35 -36.93
CB1 TGL ZB . 37.20 -6.54 -34.47
CB2 TGL ZB . 37.59 -7.58 -33.46
CB3 TGL ZB . 37.69 -6.94 -32.08
CB4 TGL ZB . 36.75 -7.56 -31.05
CB5 TGL ZB . 36.57 -6.66 -29.83
CB6 TGL ZB . 37.56 -6.94 -28.72
CB7 TGL ZB . 38.21 -5.62 -28.33
CB8 TGL ZB . 39.15 -5.73 -27.13
CB9 TGL ZB . 40.58 -6.08 -27.52
C10 TGL ZB . 41.52 -5.79 -26.37
C11 TGL ZB . 42.87 -5.28 -26.85
C12 TGL ZB . 43.82 -4.91 -25.69
C13 TGL ZB . 45.22 -4.53 -26.19
C14 TGL ZB . 46.30 -5.53 -25.77
OB1 TGL ZB . 36.46 -5.63 -34.11
OG1 TGL ZB . 40.13 -5.87 -35.82
CG1 TGL ZB . 39.35 -5.01 -36.66
CG2 TGL ZB . 37.86 -5.25 -36.42
OG2 TGL ZB . 37.63 -6.57 -35.87
CG3 TGL ZB . 37.16 -5.08 -37.77
OG3 TGL ZB . 38.00 -4.33 -38.63
CC1 TGL ZB . 37.79 -4.29 -40.08
CC2 TGL ZB . 38.96 -4.14 -41.04
CC3 TGL ZB . 39.97 -5.28 -40.98
CC4 TGL ZB . 41.28 -4.98 -41.72
CC5 TGL ZB . 41.96 -6.26 -42.24
CC6 TGL ZB . 43.44 -6.07 -42.63
CC7 TGL ZB . 44.22 -7.39 -42.64
CC8 TGL ZB . 44.44 -7.97 -41.23
CC9 TGL ZB . 45.18 -9.31 -41.27
C15 TGL ZB . 44.63 -10.37 -40.31
C16 TGL ZB . 45.05 -10.15 -38.87
C17 TGL ZB . 44.76 -11.35 -37.97
C18 TGL ZB . 44.11 -10.95 -36.65
C19 TGL ZB . 44.64 -11.70 -35.41
OC1 TGL ZB . 36.66 -4.38 -40.51
C20 TGL ZB . 46.49 -9.92 -29.57
C21 TGL ZB . 45.95 -11.03 -30.48
C22 TGL ZB . 44.67 -11.66 -29.95
C23 TGL ZB . 44.92 -12.82 -28.98
C24 TGL ZB . 45.15 -12.32 -27.56
C25 TGL ZB . 43.99 -11.42 -27.11
C26 TGL ZB . 44.12 -10.95 -25.68
C27 TGL ZB . 42.79 -10.29 -25.30
C28 TGL ZB . 42.43 -9.20 -26.28
C29 TGL ZB . 46.81 -6.47 -26.85
C30 TGL ZB . 46.78 -7.94 -26.41
C31 TGL ZB . 47.88 -8.32 -25.41
C32 TGL ZB . 47.50 -9.53 -24.55
C33 TGL ZB . 44.05 -13.09 -35.14
C34 TGL ZB . 44.35 -13.55 -33.71
C35 TGL ZB . 43.65 -14.86 -33.30
C36 TGL ZB . 44.03 -15.33 -31.90
C1 DMU AC . 34.22 11.39 -32.14
C2 DMU AC . 33.11 11.44 -33.20
C3 DMU AC . 31.82 12.20 -32.80
C4 DMU AC . 31.46 12.23 -31.29
O5 DMU AC . 32.34 11.34 -30.56
C6 DMU AC . 33.69 11.80 -30.76
O7 DMU AC . 31.89 13.54 -33.30
O16 DMU AC . 34.59 11.37 -29.73
C18 DMU AC . 34.84 9.98 -29.61
C19 DMU AC . 35.27 9.82 -28.16
C22 DMU AC . 36.40 8.86 -27.90
C25 DMU AC . 36.64 8.84 -26.40
C28 DMU AC . 37.57 7.71 -26.06
C31 DMU AC . 37.66 7.61 -24.57
C34 DMU AC . 38.72 6.59 -24.20
C37 DMU AC . 39.05 6.71 -22.73
C40 DMU AC . 40.45 6.19 -22.57
C43 DMU AC . 40.34 4.89 -21.82
O49 DMU AC . 35.31 12.24 -32.55
O55 DMU AC . 32.80 10.08 -33.58
C57 DMU AC . 29.93 12.06 -31.05
O61 DMU AC . 29.43 11.00 -30.19
C1 EDO BC . 25.56 -14.86 -44.75
O1 EDO BC . 25.75 -14.07 -43.52
C2 EDO BC . 26.56 -16.05 -44.77
O2 EDO BC . 27.93 -15.58 -44.65
C1 EDO CC . 22.85 -30.96 -43.68
O1 EDO CC . 22.92 -32.11 -42.83
C2 EDO CC . 24.26 -30.41 -43.95
O2 EDO CC . 25.05 -31.33 -44.72
C1 CHD DC . 10.64 2.56 -20.96
C2 CHD DC . 9.98 2.88 -22.32
C3 CHD DC . 9.08 4.08 -22.01
O3 CHD DC . 8.47 4.51 -23.22
C4 CHD DC . 7.98 3.69 -21.04
C5 CHD DC . 8.59 3.22 -19.71
C6 CHD DC . 7.48 2.84 -18.71
C7 CHD DC . 6.82 1.49 -18.96
O7 CHD DC . 5.93 1.59 -20.08
C8 CHD DC . 7.90 0.40 -19.21
C9 CHD DC . 8.88 0.80 -20.33
C10 CHD DC . 9.63 2.10 -19.92
C11 CHD DC . 9.87 -0.37 -20.71
C12 CHD DC . 9.17 -1.70 -21.01
O12 CHD DC . 8.40 -1.53 -22.23
C13 CHD DC . 8.25 -2.11 -19.86
C14 CHD DC . 7.25 -0.95 -19.59
C15 CHD DC . 6.24 -1.55 -18.59
C16 CHD DC . 6.09 -3.01 -19.09
C17 CHD DC . 7.25 -3.28 -20.09
C18 CHD DC . 9.05 -2.39 -18.62
C19 CHD DC . 10.44 1.93 -18.60
C20 CHD DC . 7.69 -4.73 -19.93
C21 CHD DC . 8.97 -5.05 -20.77
C22 CHD DC . 6.52 -5.55 -20.57
C23 CHD DC . 6.69 -7.03 -20.30
O25 CHD DC . 5.34 -7.67 -22.20
C24 CHD DC . 5.50 -7.72 -20.97
O26 CHD DC . 4.95 -8.60 -20.27
P PEK EC . -10.57 -27.92 -13.64
N PEK EC . -15.08 -27.39 -12.83
C01 PEK EC . -7.14 -28.34 -12.29
C02 PEK EC . -7.82 -27.55 -11.18
C03 PEK EC . -9.00 -26.87 -11.84
C04 PEK EC . -12.67 -26.68 -12.82
C05 PEK EC . -13.94 -27.03 -13.69
O01 PEK EC . -6.87 -26.53 -10.77
O02 PEK EC . -6.67 -27.43 -8.82
O03 PEK EC . -6.10 -29.03 -11.58
O04 PEK EC . -5.11 -29.79 -13.52
O11 PEK EC . -9.89 -27.97 -12.20
O12 PEK EC . -11.52 -26.66 -13.70
O13 PEK EC . -9.51 -27.73 -14.70
O14 PEK EC . -11.37 -29.25 -13.64
C1 PEK EC . -6.23 -26.60 -9.58
C2 PEK EC . -5.07 -25.61 -9.40
C3 PEK EC . -3.70 -26.31 -9.59
C4 PEK EC . -3.02 -26.77 -10.86
C5 PEK EC . -1.55 -26.33 -10.92
C6 PEK EC . -0.65 -26.57 -9.93
C7 PEK EC . -0.71 -25.79 -8.60
C8 PEK EC . -0.11 -26.62 -7.49
C9 PEK EC . -0.84 -27.11 -6.47
C10 PEK EC . -2.06 -27.90 -6.86
C11 PEK EC . -1.97 -29.38 -6.51
C12 PEK EC . -2.95 -30.20 -6.89
C13 PEK EC . -3.97 -30.61 -5.86
C14 PEK EC . -5.31 -30.32 -6.49
C15 PEK EC . -5.80 -29.12 -6.12
C16 PEK EC . -5.57 -28.49 -4.76
C17 PEK EC . -5.42 -26.96 -4.88
C18 PEK EC . -6.10 -26.16 -3.76
C19 PEK EC . -7.56 -25.82 -4.09
C20 PEK EC . -8.34 -25.23 -2.92
C21 PEK EC . -5.25 -29.93 -12.31
C22 PEK EC . -4.58 -31.04 -11.51
C23 PEK EC . -3.20 -30.75 -11.00
C24 PEK EC . -2.71 -31.95 -10.19
C25 PEK EC . -1.20 -32.00 -10.29
C26 PEK EC . -0.61 -30.71 -9.75
C27 PEK EC . 0.42 -30.05 -10.63
C28 PEK EC . 1.73 -30.77 -10.54
C29 PEK EC . 2.80 -29.81 -10.97
C30 PEK EC . 3.33 -29.09 -9.74
C31 PEK EC . 4.64 -28.39 -10.03
C32 PEK EC . 5.13 -27.83 -8.72
C33 PEK EC . 6.33 -26.93 -8.92
C34 PEK EC . 6.56 -26.21 -7.61
C35 PEK EC . 7.78 -25.30 -7.66
C36 PEK EC . 8.12 -24.73 -6.31
C37 PEK EC . 9.44 -23.97 -6.43
C38 PEK EC . 10.55 -24.91 -6.87
P PGV FC . 9.18 -21.04 19.36
C01 PGV FC . 10.83 -21.73 15.64
C02 PGV FC . 9.70 -22.52 16.38
C03 PGV FC . 10.19 -22.94 17.75
C04 PGV FC . 10.08 -21.84 21.71
C05 PGV FC . 9.34 -21.54 23.02
C06 PGV FC . 10.31 -21.28 24.11
O01 PGV FC . 9.58 -23.77 15.70
O02 PGV FC . 7.47 -23.31 15.10
O03 PGV FC . 10.16 -21.36 14.38
O04 PGV FC . 11.56 -22.60 13.19
O05 PGV FC . 8.56 -22.70 23.39
O06 PGV FC . 9.69 -20.58 25.21
O11 PGV FC . 10.32 -21.71 18.48
O12 PGV FC . 9.10 -22.01 20.70
O13 PGV FC . 7.86 -21.33 18.69
O14 PGV FC . 9.55 -19.71 19.85
C1 PGV FC . 8.37 -24.14 15.09
C2 PGV FC . 8.34 -25.52 14.53
C3 PGV FC . 7.06 -25.91 13.82
C4 PGV FC . 7.03 -25.34 12.39
C5 PGV FC . 5.84 -25.94 11.64
C6 PGV FC . 5.71 -25.47 10.19
C7 PGV FC . 4.52 -26.12 9.51
C8 PGV FC . 4.37 -25.58 8.10
C9 PGV FC . 3.23 -26.28 7.34
C10 PGV FC . 3.78 -27.34 6.43
C11 PGV FC . 2.59 -27.95 5.80
C12 PGV FC . 2.71 -28.89 4.89
C13 PGV FC . 3.12 -28.59 3.47
C14 PGV FC . 2.47 -29.70 2.62
C15 PGV FC . 0.93 -29.64 2.72
C16 PGV FC . 0.26 -30.93 3.21
C17 PGV FC . -0.05 -30.97 4.72
C18 PGV FC . -1.54 -31.13 4.94
C19 PGV FC . 10.68 -21.76 13.16
C20 PGV FC . 9.98 -21.17 11.95
C21 PGV FC . 9.93 -22.29 10.95
C22 PGV FC . 9.10 -21.73 9.79
C23 PGV FC . 8.60 -22.78 8.83
C24 PGV FC . 7.70 -22.16 7.73
C25 PGV FC . 7.10 -23.22 6.84
C26 PGV FC . 6.39 -22.74 5.56
C27 PGV FC . 6.48 -23.93 4.60
C28 PGV FC . 6.07 -23.75 3.16
C29 PGV FC . 6.55 -24.95 2.35
C30 PGV FC . 5.96 -24.94 0.92
C31 PGV FC . 6.27 -23.65 0.15
C32 PGV FC . 5.39 -23.37 -1.08
C33 PGV FC . 5.66 -24.22 -2.31
C34 PGV FC . 5.29 -23.47 -3.58
P PGV GC . 2.16 -4.17 -25.61
C01 PGV GC . 2.15 -5.93 -21.43
C02 PGV GC . 1.05 -5.42 -22.37
C03 PGV GC . 1.27 -5.93 -23.80
C04 PGV GC . 0.97 -4.76 -27.97
C05 PGV GC . 1.51 -4.36 -29.36
C06 PGV GC . 1.84 -2.86 -29.38
O01 PGV GC . 1.07 -3.98 -22.35
O02 PGV GC . -1.01 -3.25 -23.20
O03 PGV GC . 1.74 -5.51 -20.12
O04 PGV GC . 1.73 -7.03 -18.44
O05 PGV GC . 0.61 -4.73 -30.43
O06 PGV GC . 2.48 -2.42 -30.60
O11 PGV GC . 2.36 -5.25 -24.41
O12 PGV GC . 2.10 -4.82 -27.09
O13 PGV GC . 0.86 -3.42 -25.41
O14 PGV GC . 3.51 -3.45 -25.62
C1 PGV GC . -0.24 -3.29 -22.23
C2 PGV GC . -0.66 -2.54 -20.97
C3 PGV GC . -0.76 -1.02 -21.10
C4 PGV GC . 0.44 -0.42 -20.38
C5 PGV GC . 0.47 -0.90 -18.92
C6 PGV GC . 1.90 -1.16 -18.42
C7 PGV GC . 1.89 -1.35 -16.90
C8 PGV GC . 3.27 -1.65 -16.32
C9 PGV GC . 3.29 -1.52 -14.80
C10 PGV GC . 4.62 -1.92 -14.14
C11 PGV GC . 5.74 -1.24 -14.89
C12 PGV GC . 6.86 -0.85 -14.27
C13 PGV GC . 7.38 0.55 -14.57
C14 PGV GC . 8.21 1.01 -13.38
C15 PGV GC . 7.31 1.08 -12.13
C16 PGV GC . 8.12 0.98 -10.83
C17 PGV GC . 7.24 0.44 -9.70
C18 PGV GC . 8.09 -0.30 -8.69
C19 PGV GC . 2.28 -6.05 -18.89
C20 PGV GC . 3.40 -5.48 -18.05
C21 PGV GC . 3.46 -6.49 -16.91
C22 PGV GC . 4.37 -6.17 -15.72
C23 PGV GC . 5.86 -5.98 -16.00
C24 PGV GC . 6.56 -5.76 -14.66
C25 PGV GC . 8.07 -5.85 -14.65
C26 PGV GC . 8.56 -5.90 -13.20
C27 PGV GC . 7.96 -7.08 -12.42
C28 PGV GC . 8.42 -7.21 -10.96
C29 PGV GC . 7.63 -6.37 -9.95
C30 PGV GC . 8.11 -6.58 -8.51
C31 PGV GC . 7.00 -6.26 -7.51
C32 PGV GC . 7.37 -6.57 -6.05
C33 PGV GC . 6.13 -7.04 -5.29
C34 PGV GC . 4.96 -6.08 -5.39
C1 CDL HC . 8.55 -33.41 21.28
O1 CDL HC . 8.66 -32.34 20.30
CA2 CDL HC . 9.00 -34.68 20.60
OA2 CDL HC . 7.92 -35.50 20.98
PA1 CDL HC . 7.23 -36.60 20.05
OA3 CDL HC . 7.12 -36.03 18.66
OA4 CDL HC . 7.89 -37.95 20.30
OA5 CDL HC . 5.75 -36.50 20.73
CA3 CDL HC . 4.89 -37.61 20.98
CA4 CDL HC . 3.98 -37.75 19.76
OA6 CDL HC . 2.55 -37.75 19.97
CA5 CDL HC . 1.98 -36.51 20.51
OA7 CDL HC . 2.23 -36.18 21.67
C11 CDL HC . 1.04 -35.68 19.66
C12 CDL HC . 1.81 -35.06 18.49
C13 CDL HC . 2.09 -36.03 17.34
C14 CDL HC . 0.83 -36.33 16.53
C15 CDL HC . 1.13 -37.27 15.37
C16 CDL HC . 2.11 -36.63 14.39
C17 CDL HC . 1.43 -35.66 13.45
C18 CDL HC . 0.71 -36.47 12.41
C19 CDL HC . -0.39 -35.98 11.86
C20 CDL HC . -1.45 -36.93 11.38
C21 CDL HC . -2.71 -36.11 11.18
C22 CDL HC . -3.34 -36.22 10.01
C23 CDL HC . -2.63 -37.01 8.94
C24 CDL HC . -3.10 -36.56 7.56
C25 CDL HC . -2.76 -37.59 6.49
C26 CDL HC . -1.29 -38.02 6.49
C27 CDL HC . -1.11 -39.23 5.60
CA6 CDL HC . 4.52 -39.03 19.08
OA8 CDL HC . 3.63 -39.71 18.20
CA7 CDL HC . 4.15 -40.86 17.46
OA9 CDL HC . 4.32 -41.87 18.13
C31 CDL HC . 4.33 -40.94 15.94
C32 CDL HC . 4.19 -39.67 15.09
C33 CDL HC . 4.16 -40.04 13.58
C34 CDL HC . 4.35 -38.86 12.62
C35 CDL HC . 4.16 -39.19 11.14
C36 CDL HC . 4.31 -37.92 10.29
C37 CDL HC . 3.49 -37.85 8.99
C38 CDL HC . 4.01 -38.72 7.85
C39 CDL HC . 3.17 -39.26 6.96
C40 CDL HC . 3.40 -40.70 6.51
C41 CDL HC . 3.93 -41.52 7.70
C42 CDL HC . 3.56 -42.76 8.03
C43 CDL HC . 4.01 -43.33 9.36
C44 CDL HC . 2.75 -43.63 10.18
C45 CDL HC . 2.08 -42.29 10.50
C46 CDL HC . 0.57 -42.32 10.72
C47 CDL HC . -0.02 -40.93 10.79
CB2 CDL HC . 7.09 -33.60 21.75
OB2 CDL HC . 6.70 -33.14 23.06
PB2 CDL HC . 5.11 -32.86 23.32
OB3 CDL HC . 4.84 -31.64 24.30
OB4 CDL HC . 4.43 -34.22 23.48
OB5 CDL HC . 4.96 -32.47 21.76
CB3 CDL HC . 3.95 -31.71 21.11
CB4 CDL HC . 4.27 -31.77 19.64
OB6 CDL HC . 5.67 -31.61 19.45
CB5 CDL HC . 5.89 -32.43 18.30
OB7 CDL HC . 5.54 -33.60 18.31
C51 CDL HC . 6.53 -31.83 17.10
C52 CDL HC . 5.71 -32.54 16.06
C53 CDL HC . 5.87 -31.93 14.69
C54 CDL HC . 5.51 -30.48 14.74
C55 CDL HC . 5.66 -30.02 13.33
C56 CDL HC . 4.75 -30.78 12.44
C57 CDL HC . 4.96 -30.27 11.05
C58 CDL HC . 3.90 -30.83 10.21
C59 CDL HC . 4.07 -30.86 8.91
C60 CDL HC . 4.25 -32.25 8.40
C61 CDL HC . 3.51 -32.33 7.10
C62 CDL HC . 2.77 -33.42 6.94
C63 CDL HC . 2.03 -33.97 8.15
C64 CDL HC . 0.83 -34.75 7.64
C65 CDL HC . -0.09 -33.78 6.91
C66 CDL HC . -0.81 -34.48 5.77
C67 CDL HC . 0.20 -34.97 4.73
CB6 CDL HC . 3.54 -30.71 18.82
OB8 CDL HC . 2.27 -31.22 18.40
CB7 CDL HC . 1.91 -31.11 16.99
OB9 CDL HC . 2.63 -30.47 16.24
C71 CDL HC . 0.70 -31.78 16.38
C72 CDL HC . 0.79 -31.72 14.86
C73 CDL HC . -0.38 -30.96 14.27
C74 CDL HC . -1.09 -31.79 13.24
C75 CDL HC . -0.31 -31.71 11.94
C76 CDL HC . -1.18 -30.92 10.99
C77 CDL HC . -1.85 -31.81 9.95
C78 CDL HC . -3.24 -31.25 9.76
C79 CDL HC . -3.59 -30.98 8.52
C80 CDL HC . -5.00 -30.64 8.11
C81 CDL HC . -4.77 -29.70 6.94
C82 CDL HC . -5.75 -29.17 6.23
C83 CDL HC . -6.44 -27.94 6.72
C84 CDL HC . -7.14 -27.27 5.54
C85 CDL HC . -7.83 -28.28 4.60
C86 CDL HC . -9.09 -28.93 5.17
C87 CDL HC . -9.87 -29.64 4.08
C1 CHD IC . -13.49 -27.24 20.35
C2 CHD IC . -14.96 -27.02 20.72
C3 CHD IC . -15.49 -25.68 20.24
O3 CHD IC . -16.82 -25.49 20.75
C4 CHD IC . -14.62 -24.56 20.81
C5 CHD IC . -13.16 -24.74 20.38
C6 CHD IC . -12.37 -23.53 20.88
C7 CHD IC . -11.98 -23.59 22.36
O7 CHD IC . -13.12 -23.20 23.13
C8 CHD IC . -11.41 -24.97 22.77
C9 CHD IC . -12.34 -26.11 22.35
C10 CHD IC . -12.58 -26.09 20.82
C11 CHD IC . -11.75 -27.45 22.81
C12 CHD IC . -11.43 -27.51 24.31
O12 CHD IC . -12.63 -27.44 25.08
C13 CHD IC . -10.49 -26.37 24.74
C14 CHD IC . -11.17 -25.08 24.27
C15 CHD IC . -10.41 -23.96 24.98
C16 CHD IC . -10.11 -24.57 26.35
C17 CHD IC . -10.32 -26.10 26.25
C18 CHD IC . -9.12 -26.59 24.10
C19 CHD IC . -11.24 -26.30 20.11
C20 CHD IC . -9.30 -26.94 27.09
C21 CHD IC . -9.46 -28.45 26.96
C22 CHD IC . -9.40 -26.68 28.59
C23 CHD IC . -8.50 -25.57 29.12
O25 CHD IC . -6.62 -27.12 28.97
C24 CHD IC . -7.03 -25.93 29.17
O26 CHD IC . -6.37 -25.10 29.84
C1 DMU JC . -4.54 -37.66 -7.73
C2 DMU JC . -5.39 -38.89 -8.03
C3 DMU JC . -5.36 -39.23 -9.51
C4 DMU JC . -3.87 -39.32 -9.92
O5 DMU JC . -3.13 -38.11 -9.57
C6 DMU JC . -3.08 -37.84 -8.15
O7 DMU JC . -6.10 -40.46 -9.67
O16 DMU JC . -2.40 -36.68 -7.59
C18 DMU JC . -1.38 -35.89 -8.22
C19 DMU JC . -0.57 -35.25 -7.08
C22 DMU JC . 0.22 -33.96 -7.38
C25 DMU JC . 1.41 -33.79 -6.44
C28 DMU JC . 1.93 -32.36 -6.26
C31 DMU JC . 3.47 -32.32 -6.12
C34 DMU JC . 4.02 -31.22 -5.20
C37 DMU JC . 3.81 -29.79 -5.72
C40 DMU JC . 4.06 -28.73 -4.63
C43 DMU JC . 5.53 -28.45 -4.36
O49 DMU JC . -4.57 -37.34 -6.33
O55 DMU JC . -6.74 -38.71 -7.61
C57 DMU JC . -3.73 -39.67 -11.42
O61 DMU JC . -3.61 -41.08 -11.75
C5 DMU JC . -8.37 -40.46 -10.68
C7 DMU JC . -9.11 -41.77 -10.87
C8 DMU JC . -8.74 -42.30 -12.25
C9 DMU JC . -7.27 -42.70 -12.28
O1 DMU JC . -6.38 -41.75 -11.66
C10 DMU JC . -6.86 -40.60 -10.89
O2 DMU JC . -9.56 -43.44 -12.58
O3 DMU JC . -8.65 -39.87 -9.40
O4 DMU JC . -10.53 -41.54 -10.82
C11 DMU JC . -6.85 -43.02 -13.71
O6 DMU JC . -5.46 -42.72 -13.94
C1 EDO KC . 25.31 -25.28 24.52
O1 EDO KC . 24.42 -24.19 24.64
C2 EDO KC . 26.40 -25.05 25.56
O2 EDO KC . 25.96 -24.03 26.47
C1 EDO LC . -2.10 -20.09 -33.51
O1 EDO LC . -3.36 -19.35 -33.46
C2 EDO LC . -0.93 -19.19 -33.99
O2 EDO LC . -1.35 -18.54 -35.21
CA1 TGL MC . 57.95 -11.20 -13.25
CA2 TGL MC . 57.07 -11.44 -14.46
CA3 TGL MC . 55.62 -11.66 -14.01
CA4 TGL MC . 54.64 -11.83 -15.17
CA5 TGL MC . 53.23 -12.17 -14.68
CA6 TGL MC . 52.15 -11.78 -15.68
CA7 TGL MC . 50.77 -11.71 -15.05
CA8 TGL MC . 49.73 -11.91 -16.15
CA9 TGL MC . 48.57 -10.94 -16.04
OA1 TGL MC . 58.89 -10.41 -13.29
CB1 TGL MC . 59.33 -15.39 -12.15
CB2 TGL MC . 58.51 -16.46 -12.86
CB3 TGL MC . 57.13 -15.95 -13.30
CB4 TGL MC . 56.90 -16.03 -14.81
CB5 TGL MC . 55.41 -15.82 -15.15
CB6 TGL MC . 55.10 -15.99 -16.64
CB7 TGL MC . 53.60 -16.14 -16.91
CB8 TGL MC . 53.12 -15.43 -18.17
CB9 TGL MC . 51.74 -15.94 -18.58
C10 TGL MC . 51.09 -15.19 -19.74
C11 TGL MC . 51.29 -15.85 -21.11
C12 TGL MC . 52.21 -17.07 -21.07
C13 TGL MC . 52.83 -17.40 -22.44
C14 TGL MC . 53.86 -18.54 -22.35
OB1 TGL MC . 60.57 -15.32 -12.27
OG1 TGL MC . 57.69 -11.93 -12.01
CG1 TGL MC . 58.66 -12.02 -10.96
CG2 TGL MC . 59.48 -13.31 -11.08
OG2 TGL MC . 58.64 -14.45 -11.27
CG3 TGL MC . 60.43 -13.49 -9.90
OG3 TGL MC . 60.10 -12.54 -8.92
CC1 TGL MC . 61.08 -11.59 -8.46
CC2 TGL MC . 61.00 -10.17 -8.98
CC3 TGL MC . 59.66 -9.57 -8.58
CC4 TGL MC . 59.17 -8.60 -9.65
CC5 TGL MC . 59.50 -7.16 -9.27
CC6 TGL MC . 59.50 -6.25 -10.50
CC7 TGL MC . 59.51 -4.75 -10.16
CC8 TGL MC . 59.57 -3.90 -11.44
CC9 TGL MC . 60.99 -3.77 -11.99
C15 TGL MC . 61.04 -2.95 -13.28
C16 TGL MC . 60.61 -3.77 -14.49
C17 TGL MC . 61.10 -3.12 -15.78
C18 TGL MC . 60.08 -2.12 -16.32
C19 TGL MC . 60.62 -0.69 -16.32
OC1 TGL MC . 61.95 -11.95 -7.67
C20 TGL MC . 47.60 -11.10 -17.21
C21 TGL MC . 47.40 -9.81 -18.01
C22 TGL MC . 47.34 -8.61 -17.09
C23 TGL MC . 48.40 -7.55 -17.38
C24 TGL MC . 49.86 -8.05 -17.36
C25 TGL MC . 50.87 -6.90 -17.50
C26 TGL MC . 52.10 -7.25 -16.68
C27 TGL MC . 53.23 -6.25 -16.89
C28 TGL MC . 54.43 -6.65 -16.07
C29 TGL MC . 53.80 -19.44 -23.57
C30 TGL MC . 53.44 -18.69 -24.85
C31 TGL MC . 53.38 -19.60 -26.08
C32 TGL MC . 52.62 -18.98 -27.24
C33 TGL MC . 59.71 0.28 -15.53
C34 TGL MC . 59.41 1.57 -16.29
C35 TGL MC . 58.59 2.54 -15.44
C36 TGL MC . 59.44 3.25 -14.41
C1 EDO NC . 48.93 -13.47 15.60
O1 EDO NC . 47.88 -12.65 16.16
C2 EDO NC . 50.22 -13.09 16.26
O2 EDO NC . 50.23 -11.70 16.53
C1 EDO OC . 51.03 -15.25 13.24
O1 EDO OC . 52.37 -14.87 12.97
C2 EDO OC . 50.39 -15.51 11.91
O2 EDO OC . 49.18 -16.20 12.21
P PSC PC . 51.68 13.35 2.07
N PSC PC . 54.38 15.71 3.87
C01 PSC PC . 48.10 11.64 0.70
C02 PSC PC . 49.25 11.58 -0.31
C03 PSC PC . 50.22 12.64 0.15
C04 PSC PC . 53.78 13.37 3.47
C05 PSC PC . 53.49 14.63 4.29
C06 PSC PC . 54.76 15.68 2.44
C07 PSC PC . 55.62 15.56 4.62
C08 PSC PC . 53.73 16.98 4.21
O01 PSC PC . 48.69 11.87 -1.60
O02 PSC PC . 50.64 11.18 -2.66
O03 PSC PC . 47.39 10.45 0.41
O04 PSC PC . 45.33 11.49 0.05
O11 PSC PC . 50.89 12.18 1.33
O12 PSC PC . 52.52 12.71 3.29
O13 PSC PC . 50.65 14.28 2.70
O14 PSC PC . 52.70 13.84 1.08
C1 PSC PC . 49.56 11.75 -2.78
C2 PSC PC . 49.08 12.27 -4.13
C3 PSC PC . 47.78 13.09 -4.08
C4 PSC PC . 46.58 12.55 -4.87
C5 PSC PC . 46.53 12.90 -6.37
C6 PSC PC . 45.49 12.02 -7.09
C7 PSC PC . 45.39 12.17 -8.62
C8 PSC PC . 44.85 10.86 -9.20
C9 PSC PC . 44.56 10.83 -10.69
C10 PSC PC . 44.21 9.66 -11.26
C11 PSC PC . 43.27 9.55 -12.46
C12 PSC PC . 43.21 8.11 -12.97
C13 PSC PC . 42.64 7.97 -14.38
C14 PSC PC . 41.19 7.47 -14.52
C15 PSC PC . 40.76 7.36 -15.99
C16 PSC PC . 39.41 6.68 -16.30
C17 PSC PC . 38.98 6.94 -17.75
C18 PSC PC . 37.79 6.14 -18.27
C19 PSC PC . 46.09 10.56 -0.20
C20 PSC PC . 45.76 9.50 -1.20
C21 PSC PC . 46.95 9.49 -2.15
C22 PSC PC . 46.62 8.73 -3.43
C23 PSC PC . 45.28 9.22 -3.96
C24 PSC PC . 45.07 8.66 -5.36
C25 PSC PC . 45.62 7.24 -5.36
C26 PSC PC . 45.03 6.43 -6.49
C27 PSC PC . 45.48 7.10 -7.75
C28 PSC PC . 45.22 6.22 -8.96
C29 PSC PC . 45.98 4.96 -8.76
C30 PSC PC . 46.13 4.28 -10.09
C31 PSC PC . 44.84 3.67 -10.65
C32 PSC PC . 44.29 4.49 -11.80
C33 PSC PC . 43.17 3.77 -12.51
C34 PSC PC . 42.69 4.58 -13.69
ZN ZN QC . 43.85 -0.30 16.73
C1 EDO RC . 38.84 -6.24 7.07
O1 EDO RC . 38.19 -5.38 8.08
C2 EDO RC . 40.33 -6.46 7.56
O2 EDO RC . 40.32 -7.23 8.77
C1 EDO SC . 39.88 2.05 6.43
O1 EDO SC . 39.77 1.80 7.85
C2 EDO SC . 39.36 3.42 6.04
O2 EDO SC . 38.08 3.56 6.66
C1 EDO TC . 37.01 -2.34 28.60
O1 EDO TC . 37.96 -2.73 29.62
C2 EDO TC . 35.84 -3.33 28.54
O2 EDO TC . 36.33 -4.59 28.08
P PEK UC . -18.05 -12.44 27.74
N PEK UC . -15.26 -15.96 27.41
C01 PEK UC . -18.82 -13.40 22.61
C02 PEK UC . -18.53 -13.82 24.06
C03 PEK UC . -18.11 -12.65 24.97
C04 PEK UC . -15.73 -13.79 28.41
C05 PEK UC . -15.18 -15.20 28.66
O01 PEK UC . -17.42 -14.73 24.07
O02 PEK UC . -18.60 -16.33 25.26
O03 PEK UC . -19.76 -14.31 22.00
O04 PEK UC . -21.57 -13.43 20.92
O11 PEK UC . -18.63 -12.92 26.29
O12 PEK UC . -17.17 -13.71 28.30
O13 PEK UC . -17.16 -11.22 27.61
O14 PEK UC . -19.30 -12.35 28.60
C1 PEK UC . -17.77 -16.11 24.40
C2 PEK UC . -17.08 -17.25 23.71
C3 PEK UC . -18.08 -17.85 22.75
C4 PEK UC . -17.66 -17.86 21.29
C5 PEK UC . -18.84 -18.43 20.53
C6 PEK UC . -18.96 -18.39 19.21
C7 PEK UC . -17.82 -18.65 18.26
C8 PEK UC . -18.36 -18.79 16.86
C9 PEK UC . -17.54 -18.64 15.82
C10 PEK UC . -17.16 -19.76 14.87
C11 PEK UC . -16.39 -19.15 13.72
C12 PEK UC . -16.16 -19.80 12.60
C13 PEK UC . -16.89 -19.32 11.37
C14 PEK UC . -16.84 -20.35 10.26
C15 PEK UC . -17.79 -20.32 9.33
C16 PEK UC . -18.65 -21.53 9.02
C17 PEK UC . -19.97 -21.07 8.39
C18 PEK UC . -20.67 -22.23 7.70
C19 PEK UC . -22.02 -21.83 7.12
C20 PEK UC . -22.48 -22.83 6.08
C21 PEK UC . -20.53 -14.04 20.77
C22 PEK UC . -20.24 -14.59 19.36
C23 PEK UC . -21.19 -13.96 18.31
C24 PEK UC . -21.07 -14.39 16.83
C25 PEK UC . -21.34 -13.22 15.87
C26 PEK UC . -21.58 -13.53 14.38
C27 PEK UC . -23.06 -13.66 14.01
C28 PEK UC . -23.77 -12.32 13.86
C29 PEK UC . -25.28 -12.44 14.10
C30 PEK UC . -26.08 -11.38 13.34
C31 PEK UC . -25.71 -9.95 13.71
C32 PEK UC . -25.77 -9.05 12.46
C33 PEK UC . -25.46 -7.60 12.85
C34 PEK UC . -25.02 -6.74 11.67
C35 PEK UC . -25.06 -5.32 12.19
C36 PEK UC . -23.85 -4.40 11.95
C37 PEK UC . -22.54 -5.13 12.11
C38 PEK UC . -21.43 -4.14 12.39
P PEK VC . 1.35 7.71 18.45
N PEK VC . 0.91 3.27 20.44
C01 PEK VC . 2.60 5.16 15.62
C02 PEK VC . 3.51 6.38 15.42
C03 PEK VC . 3.43 7.09 16.77
C04 PEK VC . 1.64 5.57 20.14
C05 PEK VC . 0.70 4.63 20.90
O01 PEK VC . 2.92 7.22 14.40
O02 PEK VC . 4.79 6.93 13.13
O03 PEK VC . 1.45 5.44 14.83
O04 PEK VC . -0.47 6.55 14.90
O11 PEK VC . 2.05 7.11 17.12
O12 PEK VC . 0.84 6.46 19.36
O13 PEK VC . 2.32 8.58 19.22
O14 PEK VC . 0.06 8.29 17.94
C1 PEK VC . 3.59 7.20 13.10
C2 PEK VC . 2.91 7.53 11.77
C3 PEK VC . 2.63 9.01 11.54
C4 PEK VC . 1.93 9.35 10.20
C5 PEK VC . 2.95 9.38 9.05
C6 PEK VC . 2.59 9.78 7.81
C7 PEK VC . 2.67 8.89 6.58
C8 PEK VC . 1.97 9.58 5.43
C9 PEK VC . 1.27 8.86 4.53
C10 PEK VC . 0.18 9.55 3.74
C11 PEK VC . -0.71 8.61 2.97
C12 PEK VC . -1.67 9.19 2.23
C13 PEK VC . -2.18 8.71 0.88
C14 PEK VC . -2.79 9.93 0.24
C15 PEK VC . -3.36 9.98 -0.98
C16 PEK VC . -4.59 9.18 -1.30
C17 PEK VC . -5.40 9.98 -2.29
C18 PEK VC . -5.90 9.10 -3.42
C19 PEK VC . -6.85 8.00 -2.98
C20 PEK VC . -7.37 7.34 -4.23
C21 PEK VC . 0.06 5.52 15.27
C22 PEK VC . -0.77 4.50 16.05
C23 PEK VC . -2.06 5.14 16.64
C24 PEK VC . -3.05 5.79 15.65
C25 PEK VC . -3.74 6.99 16.31
C26 PEK VC . -4.41 7.96 15.35
C27 PEK VC . -5.68 7.45 14.67
C28 PEK VC . -6.84 7.23 15.66
C29 PEK VC . -8.19 7.34 14.93
C30 PEK VC . -9.36 6.83 15.76
C31 PEK VC . -9.42 5.30 15.83
C32 PEK VC . -9.54 4.65 14.43
C33 PEK VC . -10.60 3.55 14.31
C34 PEK VC . -10.12 2.15 14.69
C35 PEK VC . -11.26 1.14 14.61
C36 PEK VC . -12.00 1.12 13.27
C37 PEK VC . -12.83 -0.15 13.12
C38 PEK VC . -13.64 -0.23 11.85
C1 CDL WC . -26.46 -8.35 -7.30
O1 CDL WC . -25.26 -9.10 -7.49
CA2 CDL WC . -27.06 -8.33 -8.69
OA2 CDL WC . -27.56 -9.63 -8.85
PA1 CDL WC . -28.52 -10.08 -10.08
OA3 CDL WC . -28.77 -8.89 -10.98
OA4 CDL WC . -28.02 -11.39 -10.64
OA5 CDL WC . -29.75 -10.36 -9.06
CA3 CDL WC . -31.12 -10.76 -9.24
CA4 CDL WC . -31.67 -10.57 -7.83
OA6 CDL WC . -30.55 -10.77 -6.95
CA5 CDL WC . -30.59 -9.95 -5.74
OA7 CDL WC . -31.49 -10.18 -4.96
C11 CDL WC . -29.53 -8.91 -5.37
C12 CDL WC . -29.53 -8.83 -3.84
C13 CDL WC . -28.62 -7.79 -3.20
C14 CDL WC . -28.35 -8.23 -1.75
C15 CDL WC . -27.62 -7.20 -0.91
C16 CDL WC . -27.25 -7.86 0.42
C17 CDL WC . -26.86 -6.90 1.57
C18 CDL WC . -25.73 -5.94 1.24
C19 CDL WC . -25.36 -5.02 2.14
C20 CDL WC . -24.12 -5.27 2.93
C21 CDL WC . -23.77 -4.17 3.91
C22 CDL WC . -22.90 -4.49 4.88
C23 CDL WC . -21.42 -4.22 4.76
C24 CDL WC . -20.68 -4.87 5.92
C25 CDL WC . -21.38 -4.51 7.23
C26 CDL WC . -20.66 -5.06 8.44
C27 CDL WC . -20.30 -3.89 9.33
CA6 CDL WC . -32.87 -11.49 -7.53
OA8 CDL WC . -33.67 -10.67 -6.66
CA7 CDL WC . -35.11 -10.80 -6.51
OA9 CDL WC . -35.77 -10.27 -7.38
C31 CDL WC . -35.84 -11.41 -5.34
C32 CDL WC . -34.90 -11.94 -4.26
C33 CDL WC . -34.16 -10.81 -3.55
C34 CDL WC . -33.17 -11.32 -2.51
C35 CDL WC . -33.27 -10.43 -1.28
C36 CDL WC . -32.01 -10.44 -0.42
C37 CDL WC . -32.14 -9.40 0.70
C38 CDL WC . -30.84 -9.21 1.43
C39 CDL WC . -30.66 -8.08 2.11
C40 CDL WC . -31.42 -7.84 3.39
C41 CDL WC . -30.96 -6.60 4.13
C42 CDL WC . -30.86 -6.75 5.46
C43 CDL WC . -30.46 -8.14 5.95
C44 CDL WC . -30.12 -8.25 7.42
C45 CDL WC . -29.73 -9.69 7.77
C46 CDL WC . -28.77 -9.73 8.95
C47 CDL WC . -28.31 -11.12 9.33
CB2 CDL WC . -26.10 -6.96 -6.81
OB2 CDL WC . -26.09 -6.97 -5.37
PB2 CDL WC . -24.62 -7.08 -4.71
OB3 CDL WC . -23.67 -6.27 -5.55
OB4 CDL WC . -24.40 -8.58 -4.58
OB5 CDL WC . -24.53 -6.53 -3.19
CB3 CDL WC . -23.28 -5.91 -2.88
CB4 CDL WC . -22.45 -6.68 -1.87
OB6 CDL WC . -22.99 -6.64 -0.54
CB5 CDL WC . -22.68 -7.88 0.16
OB7 CDL WC . -22.74 -8.92 -0.48
C51 CDL WC . -22.34 -7.94 1.63
C52 CDL WC . -20.96 -7.33 1.87
C53 CDL WC . -20.58 -7.43 3.34
C54 CDL WC . -19.20 -6.87 3.70
C55 CDL WC . -18.00 -7.64 3.18
C56 CDL WC . -16.83 -7.38 4.10
C57 CDL WC . -15.48 -7.52 3.39
C58 CDL WC . -15.73 -6.86 2.08
C59 CDL WC . -14.90 -5.99 1.54
C60 CDL WC . -13.96 -6.37 0.43
C61 CDL WC . -13.95 -5.23 -0.56
C62 CDL WC . -12.96 -5.09 -1.43
C63 CDL WC . -11.77 -6.00 -1.32
C64 CDL WC . -10.57 -5.37 -2.02
C65 CDL WC . -9.69 -4.60 -1.03
C66 CDL WC . -8.34 -4.27 -1.65
C67 CDL WC . -7.44 -3.56 -0.66
CB6 CDL WC . -21.07 -6.02 -1.83
OB8 CDL WC . -21.05 -4.99 -0.84
CB7 CDL WC . -19.85 -4.22 -0.49
OB9 CDL WC . -18.80 -4.46 -1.08
C71 CDL WC . -20.04 -3.16 0.57
C72 CDL WC . -18.80 -2.42 1.09
C73 CDL WC . -18.10 -3.12 2.27
C74 CDL WC . -17.20 -2.13 3.02
C75 CDL WC . -16.11 -2.78 3.88
C76 CDL WC . -16.59 -3.68 5.02
C77 CDL WC . -15.37 -4.36 5.65
C78 CDL WC . -15.72 -5.44 6.67
C79 CDL WC . -14.79 -6.36 6.91
C80 CDL WC . -14.39 -6.72 8.31
C81 CDL WC . -13.04 -7.37 8.33
C82 CDL WC . -12.14 -6.84 9.14
C83 CDL WC . -11.21 -5.74 8.66
C84 CDL WC . -10.17 -5.31 9.71
C85 CDL WC . -10.48 -4.02 10.47
C86 CDL WC . -9.33 -3.65 11.43
C87 CDL WC . -9.47 -2.22 11.91
C1 CHD XC . 18.47 -53.26 5.44
C2 CHD XC . 18.69 -54.23 6.59
C3 CHD XC . 17.34 -54.79 7.01
O3 CHD XC . 17.50 -55.83 7.98
C4 CHD XC . 16.56 -53.64 7.60
C5 CHD XC . 16.28 -52.58 6.54
C6 CHD XC . 15.49 -51.45 7.19
C7 CHD XC . 16.34 -50.44 7.95
O7 CHD XC . 16.86 -50.99 9.17
C8 CHD XC . 17.45 -49.89 7.05
C9 CHD XC . 18.32 -51.00 6.46
C10 CHD XC . 17.52 -52.11 5.75
C11 CHD XC . 19.35 -50.39 5.49
C12 CHD XC . 20.22 -49.29 6.11
O12 CHD XC . 21.25 -49.87 6.93
C13 CHD XC . 19.39 -48.25 6.87
C14 CHD XC . 18.38 -48.93 7.78
C15 CHD XC . 17.76 -47.77 8.57
C16 CHD XC . 18.91 -46.78 8.73
C17 CHD XC . 20.08 -47.44 7.98
C18 CHD XC . 18.60 -47.41 5.88
C19 CHD XC . 17.01 -51.58 4.41
C20 CHD XC . 21.37 -46.59 7.76
C21 CHD XC . 21.79 -45.89 9.06
C22 CHD XC . 21.40 -45.60 6.60
C23 CHD XC . 22.86 -45.15 6.41
O25 CHD XC . 23.82 -44.20 4.45
C24 CHD XC . 23.00 -44.04 5.39
O26 CHD XC . 22.58 -42.91 5.70
C1 DMU YC . 8.77 -47.01 -17.00
C2 DMU YC . 7.45 -47.73 -16.83
C3 DMU YC . 7.90 -49.02 -16.17
C4 DMU YC . 8.37 -48.63 -14.76
O5 DMU YC . 9.23 -47.45 -14.70
C6 DMU YC . 9.01 -46.35 -15.63
O7 DMU YC . 6.89 -50.04 -16.21
O16 DMU YC . 10.07 -45.36 -15.62
C18 DMU YC . 9.75 -44.08 -15.01
C19 DMU YC . 10.83 -43.09 -15.47
C22 DMU YC . 10.68 -41.67 -14.94
C25 DMU YC . 11.85 -40.75 -15.31
C28 DMU YC . 13.16 -41.21 -14.70
C31 DMU YC . 13.94 -40.12 -13.97
C34 DMU YC . 15.03 -40.75 -13.14
C37 DMU YC . 15.71 -39.79 -12.18
C40 DMU YC . 16.42 -40.57 -11.08
O49 DMU YC . 8.91 -46.28 -18.25
O55 DMU YC . 6.65 -47.89 -18.02
C57 DMU YC . 9.18 -49.77 -14.21
O61 DMU YC . 10.27 -49.07 -13.60
C5 DMU YC . 5.83 -51.20 -18.13
C7 DMU YC . 5.80 -52.58 -18.79
C8 DMU YC . 6.50 -53.69 -17.99
C9 DMU YC . 7.80 -53.31 -17.27
O1 DMU YC . 8.07 -51.91 -17.07
C10 DMU YC . 7.12 -50.86 -17.36
O2 DMU YC . 5.64 -54.23 -16.99
O3 DMU YC . 4.65 -50.97 -17.33
O4 DMU YC . 6.35 -52.47 -20.12
C11 DMU YC . 9.04 -54.02 -17.87
O6 DMU YC . 9.25 -53.71 -19.27
C1 DMU ZC . 41.99 -44.85 -26.99
C2 DMU ZC . 42.11 -46.25 -27.63
C3 DMU ZC . 42.53 -46.18 -29.08
C4 DMU ZC . 43.80 -45.34 -29.19
O5 DMU ZC . 43.53 -44.06 -28.63
C6 DMU ZC . 43.26 -44.07 -27.23
O7 DMU ZC . 42.77 -47.55 -29.48
O16 DMU ZC . 43.09 -42.74 -26.76
C18 DMU ZC . 44.16 -41.82 -27.01
C19 DMU ZC . 43.67 -40.44 -26.59
C22 DMU ZC . 44.74 -39.37 -26.78
C25 DMU ZC . 44.10 -38.09 -27.30
C28 DMU ZC . 42.68 -37.92 -26.80
C31 DMU ZC . 42.01 -36.80 -27.57
C34 DMU ZC . 41.38 -35.72 -26.69
C37 DMU ZC . 40.04 -36.17 -26.14
C40 DMU ZC . 39.26 -35.03 -25.49
C43 DMU ZC . 38.38 -34.29 -26.47
O49 DMU ZC . 41.82 -44.99 -25.56
O55 DMU ZC . 40.87 -46.96 -27.53
C57 DMU ZC . 44.19 -45.16 -30.66
O61 DMU ZC . 45.38 -44.38 -30.82
C5 DMU ZC . 41.30 -49.27 -30.40
C7 DMU ZC . 42.31 -50.37 -30.08
C8 DMU ZC . 43.33 -50.49 -31.19
C9 DMU ZC . 43.95 -49.14 -31.55
O1 DMU ZC . 42.97 -48.10 -31.73
C10 DMU ZC . 42.05 -47.97 -30.64
O2 DMU ZC . 44.39 -51.35 -30.77
O3 DMU ZC . 40.35 -49.12 -29.35
O4 DMU ZC . 41.63 -51.62 -29.92
C11 DMU ZC . 44.76 -49.32 -32.84
O6 DMU ZC . 45.06 -48.03 -33.41
#